data_8EPP
#
_entry.id   8EPP
#
_cell.length_a   1.00
_cell.length_b   1.00
_cell.length_c   1.00
_cell.angle_alpha   90.00
_cell.angle_beta   90.00
_cell.angle_gamma   90.00
#
_symmetry.space_group_name_H-M   'P 1'
#
loop_
_entity.id
_entity.type
_entity.pdbx_description
1 polymer 'Spike glycoprotein'
2 branched 2-acetamido-2-deoxy-beta-D-glucopyranose-(1-4)-2-acetamido-2-deoxy-beta-D-glucopyranose
3 branched beta-D-mannopyranose-(1-4)-2-acetamido-2-deoxy-beta-D-glucopyranose-(1-4)-2-acetamido-2-deoxy-beta-D-glucopyranose
4 branched alpha-D-mannopyranose-(1-3)-[alpha-D-mannopyranose-(1-6)]beta-D-mannopyranose-(1-4)-2-acetamido-2-deoxy-beta-D-glucopyranose-(1-4)-2-acetamido-2-deoxy-beta-D-glucopyranose
5 non-polymer 2-acetamido-2-deoxy-beta-D-glucopyranose
#
_entity_poly.entity_id   1
_entity_poly.type   'polypeptide(L)'
_entity_poly.pdbx_seq_one_letter_code
;AYTNSFTRGVYYPDKVFRSSVLHSTQDLFLPFFSNVTWFHAIHVSGTNGTKRFDNPVLPFNDGVYFASTEKSNIIRGWIF
GTTLDSKTQSLLIVNNATNVVIKVCEFQFCNDPFLGVYYHKNNKSWMESEFRVYSSANNCTFEYVSQPFLMDLEGKQGNF
KNLREFVFKNIDGYFKIYSKHTPINLVRDLPQGFSALEPLVDLPIGINITRFQTLLALHRSYLTPGDSSSGWTAGAAAYY
VGYLQPRTFLLKYNENGTITDAVDCALDPLSETKCTLKSFTVEKGIYQTSNFRVQPTESIVRFPNITNLCPFGEVFNATR
FASVYAWNRKRISNCVADYSVLYNSASFSTFKCYGVSPTKLNDLCFTNVYADSFVIRGDEVRQIAPGQTGKIADYNYKLP
DDFTGCVIAWNSNNLDSKVGGNYNYLYRLFRKSNLKPFERDISTEIYQAGSTPCNGVEGFNCYFPLQSYGFQPTNGVGYQ
PYRVVVLSFELLHAPATVCGPKKSTNLVKNKCVNFNFNGLTGTGVLTESNKKFLPFQQFGRDIADTTDAVRDPQTLEILD
ITPCSFGGVSVITPGTNTSNQVAVLYQGVNCTEVPVAIHADQLTPTWRVYSTGSNVFQTRAGCLIGAEHVNNSYECDIPI
GAGICASYQTQTNSPGSASSVASQSIIAYTMSLGEENSVAYSNNSIAIPTNFTISVTTEIIPVSMQKVSVDCTMYICGDS
EECSNLLLQYGSFCTQLNRALHEIAVEQDKNTQEVFAQVKQIYKTPPIKDFGGFNFSQILPDPSKPSKRSAIEDLLFNKV
TLADAGFIKGYGDCLGDIAARDLICAQKFNGLTVLPPLLTDEMIAAYTSALLAGTITAGWTFGAGAALQIPFAMQMAYRF
NGIGVTQNVLYENQKLIANQFNKAIGKIQDGLSSTASALGKLQDVVNQNAQALNTLVKQLSSNFGAISSVLNDILSRLDP
PEAEVQIDRLINGRLQALNTYVTQQLIRAAEIRASANLAAEKMSECVLGQSKRVDFCGKGYHLMSFPQSAPHGVVFLHVT
YVPTQYKNFTTAPAICHNGKAHFPREGVFVSNGTHWFVTQRNFYEPQIITTDNTFVSGDCDVVIGIVNNTVYDPLQPELD
S
;
_entity_poly.pdbx_strand_id   A,B,C
#
loop_
_chem_comp.id
_chem_comp.type
_chem_comp.name
_chem_comp.formula
BMA D-saccharide, beta linking beta-D-mannopyranose 'C6 H12 O6'
MAN D-saccharide, alpha linking alpha-D-mannopyranose 'C6 H12 O6'
NAG D-saccharide, beta linking 2-acetamido-2-deoxy-beta-D-glucopyranose 'C8 H15 N O6'
#
# COMPACT_ATOMS: atom_id res chain seq x y z
N ALA A 1 -59.56 17.62 -1.55
CA ALA A 1 -58.97 17.78 -0.22
C ALA A 1 -57.60 17.13 -0.15
N TYR A 2 -56.91 17.34 0.97
CA TYR A 2 -55.58 16.78 1.19
C TYR A 2 -55.52 16.15 2.58
N THR A 3 -54.65 15.15 2.73
CA THR A 3 -54.49 14.47 4.00
C THR A 3 -53.04 13.99 4.12
N ASN A 4 -52.64 13.71 5.37
CA ASN A 4 -51.28 13.30 5.65
C ASN A 4 -51.13 11.80 5.45
N SER A 5 -50.10 11.40 4.69
CA SER A 5 -49.88 9.99 4.41
C SER A 5 -49.39 9.21 5.63
N PHE A 6 -48.73 9.89 6.57
CA PHE A 6 -48.16 9.27 7.77
C PHE A 6 -47.17 8.20 7.32
N THR A 7 -47.15 7.02 7.93
CA THR A 7 -46.15 6.00 7.64
C THR A 7 -46.67 4.89 6.75
N ARG A 8 -47.87 5.02 6.19
CA ARG A 8 -48.43 3.98 5.35
C ARG A 8 -47.70 3.92 4.01
N GLY A 9 -47.91 2.80 3.31
CA GLY A 9 -47.36 2.62 1.98
C GLY A 9 -46.09 1.79 1.90
N VAL A 10 -45.68 1.15 2.99
CA VAL A 10 -44.47 0.33 3.01
C VAL A 10 -44.84 -1.11 2.67
N TYR A 11 -44.06 -1.74 1.80
CA TYR A 11 -44.31 -3.09 1.34
C TYR A 11 -43.00 -3.87 1.36
N TYR A 12 -43.07 -5.12 0.89
CA TYR A 12 -41.88 -5.98 0.84
C TYR A 12 -41.22 -5.82 -0.52
N PRO A 13 -39.97 -5.34 -0.59
CA PRO A 13 -39.34 -5.10 -1.90
C PRO A 13 -38.84 -6.35 -2.60
N ASP A 14 -38.61 -7.45 -1.88
CA ASP A 14 -38.05 -8.64 -2.48
C ASP A 14 -38.48 -9.86 -1.68
N LYS A 15 -38.29 -11.03 -2.27
CA LYS A 15 -38.75 -12.30 -1.70
C LYS A 15 -37.65 -13.02 -0.94
N VAL A 16 -36.74 -12.28 -0.30
CA VAL A 16 -35.63 -12.86 0.44
C VAL A 16 -35.96 -12.81 1.92
N PHE A 17 -35.84 -13.96 2.59
CA PHE A 17 -36.10 -14.04 4.02
C PHE A 17 -34.92 -13.47 4.80
N ARG A 18 -35.22 -12.58 5.74
CA ARG A 18 -34.21 -12.00 6.62
C ARG A 18 -34.78 -11.96 8.04
N SER A 19 -33.97 -12.37 9.01
CA SER A 19 -34.38 -12.40 10.40
C SER A 19 -33.41 -11.60 11.24
N SER A 20 -33.94 -10.63 11.99
CA SER A 20 -33.14 -9.76 12.86
C SER A 20 -32.04 -9.05 12.08
N VAL A 21 -32.37 -8.58 10.88
CA VAL A 21 -31.43 -7.89 10.01
C VAL A 21 -31.96 -6.49 9.76
N LEU A 22 -31.15 -5.48 10.08
CA LEU A 22 -31.48 -4.09 9.77
C LEU A 22 -30.95 -3.79 8.38
N HIS A 23 -31.81 -3.89 7.38
CA HIS A 23 -31.42 -3.80 5.98
C HIS A 23 -31.98 -2.53 5.34
N SER A 24 -31.14 -1.84 4.59
CA SER A 24 -31.53 -0.62 3.88
C SER A 24 -31.54 -0.91 2.38
N THR A 25 -32.61 -0.48 1.72
CA THR A 25 -32.79 -0.76 0.30
C THR A 25 -33.20 0.51 -0.43
N GLN A 26 -32.86 0.56 -1.71
CA GLN A 26 -33.21 1.68 -2.59
C GLN A 26 -34.22 1.21 -3.62
N ASP A 27 -35.40 1.82 -3.61
CA ASP A 27 -36.48 1.45 -4.51
C ASP A 27 -37.52 2.57 -4.49
N LEU A 28 -38.54 2.43 -5.33
CA LEU A 28 -39.63 3.40 -5.37
C LEU A 28 -40.53 3.20 -4.16
N PHE A 29 -40.80 4.29 -3.43
CA PHE A 29 -41.64 4.24 -2.25
C PHE A 29 -42.44 5.53 -2.16
N LEU A 30 -43.39 5.55 -1.23
CA LEU A 30 -44.14 6.76 -0.94
C LEU A 30 -43.43 7.54 0.16
N PRO A 31 -43.01 8.78 -0.11
CA PRO A 31 -42.31 9.55 0.93
C PRO A 31 -43.14 9.71 2.18
N PHE A 32 -42.48 9.66 3.33
CA PHE A 32 -43.17 9.76 4.60
C PHE A 32 -43.79 11.14 4.78
N PHE A 33 -44.99 11.16 5.35
CA PHE A 33 -45.72 12.38 5.69
C PHE A 33 -46.05 13.24 4.47
N SER A 34 -46.07 12.64 3.28
CA SER A 34 -46.37 13.39 2.07
C SER A 34 -47.88 13.64 1.95
N ASN A 35 -48.23 14.60 1.10
CA ASN A 35 -49.62 14.95 0.87
C ASN A 35 -50.31 13.90 0.01
N VAL A 36 -51.58 13.64 0.32
CA VAL A 36 -52.41 12.70 -0.43
C VAL A 36 -53.64 13.44 -0.93
N THR A 37 -53.93 13.29 -2.22
CA THR A 37 -55.06 13.97 -2.86
C THR A 37 -56.34 13.19 -2.58
N TRP A 38 -57.00 13.53 -1.48
CA TRP A 38 -58.26 12.88 -1.13
C TRP A 38 -59.34 13.26 -2.15
N PHE A 39 -60.21 12.31 -2.46
CA PHE A 39 -61.24 12.52 -3.46
C PHE A 39 -62.54 11.85 -3.01
N HIS A 40 -63.65 12.33 -3.57
CA HIS A 40 -64.97 11.73 -3.42
C HIS A 40 -65.52 11.45 -4.81
N ALA A 41 -65.54 10.18 -5.20
CA ALA A 41 -65.96 9.82 -6.55
C ALA A 41 -67.43 10.14 -6.79
N ILE A 42 -68.30 9.69 -5.88
CA ILE A 42 -69.74 9.92 -5.97
C ILE A 42 -70.19 10.67 -4.74
N HIS A 43 -70.90 11.78 -4.95
CA HIS A 43 -71.35 12.62 -3.84
C HIS A 43 -72.85 12.90 -3.96
N LYS A 51 -75.50 15.93 -8.57
CA LYS A 51 -74.74 14.75 -8.95
C LYS A 51 -73.33 15.12 -9.39
N ARG A 52 -72.34 14.48 -8.76
CA ARG A 52 -70.93 14.70 -9.11
C ARG A 52 -70.24 13.34 -9.12
N PHE A 53 -70.21 12.72 -10.30
CA PHE A 53 -69.54 11.43 -10.49
C PHE A 53 -68.10 11.71 -10.90
N ASP A 54 -67.18 11.65 -9.93
CA ASP A 54 -65.78 11.97 -10.17
C ASP A 54 -65.06 10.73 -10.69
N ASN A 55 -64.61 10.80 -11.94
CA ASN A 55 -63.80 9.75 -12.56
C ASN A 55 -62.59 10.41 -13.21
N PRO A 56 -61.69 10.97 -12.40
CA PRO A 56 -60.58 11.74 -12.97
C PRO A 56 -59.54 10.85 -13.64
N VAL A 57 -58.80 11.47 -14.56
CA VAL A 57 -57.70 10.82 -15.26
C VAL A 57 -56.40 11.24 -14.58
N LEU A 58 -55.82 10.35 -13.80
CA LEU A 58 -54.60 10.64 -13.06
C LEU A 58 -53.43 9.90 -13.68
N PRO A 59 -52.37 10.59 -14.09
CA PRO A 59 -51.23 9.90 -14.70
C PRO A 59 -50.61 8.88 -13.76
N PHE A 60 -50.14 7.77 -14.34
CA PHE A 60 -49.50 6.72 -13.54
C PHE A 60 -48.22 7.22 -12.88
N ASN A 61 -47.41 7.95 -13.63
CA ASN A 61 -46.13 8.52 -13.15
C ASN A 61 -45.27 7.36 -12.65
N ASP A 62 -44.79 7.39 -11.40
CA ASP A 62 -43.93 6.36 -10.86
C ASP A 62 -44.69 5.37 -9.98
N GLY A 63 -45.94 5.08 -10.32
CA GLY A 63 -46.77 4.22 -9.50
C GLY A 63 -47.71 5.02 -8.62
N VAL A 64 -48.86 4.44 -8.32
CA VAL A 64 -49.92 5.13 -7.59
C VAL A 64 -50.31 4.30 -6.37
N TYR A 65 -50.27 4.93 -5.20
CA TYR A 65 -50.81 4.34 -3.99
C TYR A 65 -52.32 4.52 -3.95
N PHE A 66 -53.02 3.60 -3.29
CA PHE A 66 -54.47 3.63 -3.29
C PHE A 66 -54.98 3.00 -2.01
N ALA A 67 -56.10 3.53 -1.51
CA ALA A 67 -56.75 2.99 -0.32
C ALA A 67 -58.21 3.41 -0.35
N SER A 68 -59.03 2.67 0.42
CA SER A 68 -60.46 2.94 0.49
C SER A 68 -61.07 2.11 1.61
N THR A 69 -62.14 2.62 2.19
CA THR A 69 -62.91 1.95 3.24
C THR A 69 -64.37 1.93 2.80
N GLU A 70 -64.75 0.90 2.04
CA GLU A 70 -66.09 0.77 1.50
C GLU A 70 -66.64 -0.61 1.82
N LYS A 71 -67.52 -0.68 2.83
CA LYS A 71 -68.26 -1.92 3.05
C LYS A 71 -69.28 -2.14 1.93
N SER A 72 -69.86 -1.06 1.41
CA SER A 72 -70.80 -1.15 0.29
C SER A 72 -70.13 -1.63 -0.99
N ASN A 73 -68.80 -1.60 -1.05
CA ASN A 73 -68.05 -2.06 -2.22
C ASN A 73 -68.45 -1.29 -3.48
N ILE A 74 -68.64 0.03 -3.34
CA ILE A 74 -68.94 0.86 -4.50
C ILE A 74 -67.76 0.87 -5.47
N ILE A 75 -66.54 1.02 -4.93
CA ILE A 75 -65.35 0.90 -5.76
C ILE A 75 -65.17 -0.56 -6.16
N ARG A 76 -64.91 -0.81 -7.43
CA ARG A 76 -64.78 -2.18 -7.89
C ARG A 76 -63.51 -2.45 -8.68
N GLY A 77 -63.06 -1.51 -9.51
CA GLY A 77 -61.96 -1.81 -10.39
C GLY A 77 -61.21 -0.58 -10.85
N TRP A 78 -60.25 -0.82 -11.73
CA TRP A 78 -59.36 0.22 -12.24
C TRP A 78 -59.23 0.09 -13.75
N ILE A 79 -58.82 1.18 -14.39
CA ILE A 79 -58.63 1.24 -15.84
C ILE A 79 -57.23 1.74 -16.12
N PHE A 80 -56.50 1.05 -17.01
CA PHE A 80 -55.15 1.43 -17.37
C PHE A 80 -54.98 1.33 -18.87
N GLY A 81 -54.05 2.11 -19.41
CA GLY A 81 -53.76 2.07 -20.84
C GLY A 81 -52.73 3.13 -21.20
N THR A 82 -52.34 3.11 -22.48
CA THR A 82 -51.38 4.08 -22.97
C THR A 82 -52.07 5.40 -23.32
N THR A 83 -52.97 5.38 -24.30
CA THR A 83 -53.82 6.51 -24.59
C THR A 83 -55.21 6.37 -23.95
N LEU A 84 -55.41 5.31 -23.16
CA LEU A 84 -56.72 5.00 -22.57
C LEU A 84 -57.79 4.90 -23.65
N ASP A 85 -57.42 4.33 -24.80
CA ASP A 85 -58.29 4.26 -25.95
C ASP A 85 -58.11 2.92 -26.65
N SER A 86 -59.05 2.58 -27.54
CA SER A 86 -58.97 1.34 -28.28
C SER A 86 -57.84 1.33 -29.30
N LYS A 87 -57.27 2.49 -29.63
CA LYS A 87 -56.14 2.53 -30.54
C LYS A 87 -54.95 1.76 -30.00
N THR A 88 -54.81 1.70 -28.67
CA THR A 88 -53.77 0.93 -28.01
C THR A 88 -54.42 -0.13 -27.13
N GLN A 89 -53.58 -1.01 -26.61
CA GLN A 89 -54.05 -2.01 -25.65
C GLN A 89 -54.33 -1.37 -24.31
N SER A 90 -55.40 -1.82 -23.65
CA SER A 90 -55.83 -1.25 -22.39
C SER A 90 -55.97 -2.35 -21.35
N LEU A 91 -55.78 -1.97 -20.09
CA LEU A 91 -55.89 -2.88 -18.97
C LEU A 91 -57.21 -2.61 -18.24
N LEU A 92 -58.04 -3.65 -18.13
CA LEU A 92 -59.33 -3.56 -17.45
C LEU A 92 -59.32 -4.51 -16.26
N ILE A 93 -59.55 -3.98 -15.07
CA ILE A 93 -59.55 -4.76 -13.83
C ILE A 93 -60.88 -4.52 -13.12
N VAL A 94 -61.53 -5.61 -12.73
CA VAL A 94 -62.76 -5.55 -11.93
C VAL A 94 -62.71 -6.66 -10.90
N ASN A 95 -62.90 -6.31 -9.63
CA ASN A 95 -62.92 -7.27 -8.53
C ASN A 95 -64.27 -7.21 -7.85
N ASN A 96 -64.92 -8.36 -7.69
CA ASN A 96 -66.21 -8.46 -7.04
C ASN A 96 -66.14 -9.49 -5.92
N ALA A 97 -67.32 -9.84 -5.38
CA ALA A 97 -67.39 -10.69 -4.20
C ALA A 97 -67.25 -12.18 -4.51
N THR A 98 -67.20 -12.57 -5.79
CA THR A 98 -67.07 -13.98 -6.15
C THR A 98 -65.90 -14.28 -7.06
N ASN A 99 -65.53 -13.36 -7.96
CA ASN A 99 -64.44 -13.62 -8.89
C ASN A 99 -63.77 -12.31 -9.26
N VAL A 100 -62.54 -12.42 -9.75
CA VAL A 100 -61.74 -11.27 -10.19
C VAL A 100 -61.46 -11.44 -11.67
N VAL A 101 -61.80 -10.43 -12.46
CA VAL A 101 -61.63 -10.46 -13.91
C VAL A 101 -60.62 -9.40 -14.31
N ILE A 102 -59.62 -9.82 -15.09
CA ILE A 102 -58.61 -8.92 -15.63
C ILE A 102 -58.57 -9.12 -17.14
N LYS A 103 -58.74 -8.05 -17.89
CA LYS A 103 -58.82 -8.10 -19.34
C LYS A 103 -57.84 -7.11 -19.95
N VAL A 104 -57.10 -7.56 -20.96
CA VAL A 104 -56.16 -6.72 -21.70
C VAL A 104 -56.51 -6.88 -23.18
N CYS A 105 -57.37 -5.98 -23.68
CA CYS A 105 -57.78 -5.99 -25.08
C CYS A 105 -57.81 -4.55 -25.57
N GLU A 106 -58.32 -4.35 -26.78
CA GLU A 106 -58.51 -3.02 -27.34
C GLU A 106 -59.95 -2.58 -27.14
N PHE A 107 -60.29 -2.31 -25.89
CA PHE A 107 -61.64 -1.87 -25.56
C PHE A 107 -61.91 -0.48 -26.14
N GLN A 108 -63.03 -0.36 -26.84
CA GLN A 108 -63.51 0.94 -27.31
C GLN A 108 -64.41 1.51 -26.22
N PHE A 109 -63.88 2.48 -25.47
CA PHE A 109 -64.47 2.91 -24.22
C PHE A 109 -65.84 3.55 -24.44
N CYS A 110 -66.51 3.80 -23.32
CA CYS A 110 -67.67 4.69 -23.27
C CYS A 110 -67.22 6.06 -22.75
N ASN A 111 -68.13 7.03 -22.83
CA ASN A 111 -67.81 8.37 -22.33
C ASN A 111 -67.57 8.35 -20.83
N ASP A 112 -68.41 7.64 -20.08
CA ASP A 112 -68.27 7.50 -18.63
C ASP A 112 -68.45 6.03 -18.28
N PRO A 113 -67.37 5.24 -18.34
CA PRO A 113 -67.47 3.82 -17.97
C PRO A 113 -67.95 3.65 -16.54
N PHE A 114 -68.83 2.67 -16.33
CA PHE A 114 -69.42 2.42 -15.03
C PHE A 114 -69.99 1.00 -15.03
N LEU A 115 -70.52 0.58 -13.89
CA LEU A 115 -71.07 -0.75 -13.70
C LEU A 115 -72.51 -0.65 -13.24
N GLY A 116 -73.37 -1.53 -13.77
CA GLY A 116 -74.78 -1.50 -13.45
C GLY A 116 -75.14 -2.19 -12.15
N VAL A 117 -75.45 -1.39 -11.13
CA VAL A 117 -75.86 -1.86 -9.81
C VAL A 117 -77.08 -1.05 -9.40
N TYR A 118 -77.89 -1.60 -8.49
CA TYR A 118 -77.71 -2.92 -7.88
C TYR A 118 -79.03 -3.69 -7.83
N TRP A 126 -79.43 -7.71 -4.32
CA TRP A 126 -78.35 -6.88 -4.82
C TRP A 126 -77.62 -7.58 -5.97
N MET A 127 -78.12 -7.36 -7.18
CA MET A 127 -77.61 -8.01 -8.38
C MET A 127 -76.91 -7.01 -9.28
N GLU A 128 -75.89 -7.48 -10.00
CA GLU A 128 -75.20 -6.64 -10.96
C GLU A 128 -76.00 -6.59 -12.26
N SER A 129 -76.60 -5.43 -12.56
CA SER A 129 -77.51 -5.33 -13.68
C SER A 129 -76.79 -5.38 -15.01
N GLU A 130 -75.69 -4.65 -15.16
CA GLU A 130 -75.02 -4.56 -16.44
C GLU A 130 -73.60 -4.04 -16.24
N PHE A 131 -72.86 -3.98 -17.35
CA PHE A 131 -71.56 -3.33 -17.42
C PHE A 131 -71.53 -2.46 -18.66
N ARG A 132 -70.96 -1.26 -18.52
CA ARG A 132 -70.87 -0.31 -19.63
C ARG A 132 -69.51 0.35 -19.66
N VAL A 133 -68.44 -0.45 -19.49
CA VAL A 133 -67.09 0.10 -19.48
C VAL A 133 -66.51 0.31 -20.87
N TYR A 134 -67.14 -0.26 -21.90
CA TYR A 134 -66.70 -0.04 -23.27
C TYR A 134 -67.88 -0.24 -24.21
N SER A 135 -67.67 0.12 -25.47
CA SER A 135 -68.65 -0.14 -26.52
C SER A 135 -68.28 -1.33 -27.40
N SER A 136 -66.98 -1.61 -27.55
CA SER A 136 -66.52 -2.77 -28.29
C SER A 136 -65.09 -3.07 -27.86
N ALA A 137 -64.61 -4.25 -28.24
CA ALA A 137 -63.26 -4.66 -27.87
C ALA A 137 -62.75 -5.67 -28.88
N ASN A 138 -61.42 -5.82 -28.92
CA ASN A 138 -60.75 -6.76 -29.81
C ASN A 138 -59.30 -6.85 -29.37
N ASN A 139 -58.54 -7.72 -30.04
CA ASN A 139 -57.11 -7.92 -29.77
C ASN A 139 -56.86 -8.28 -28.31
N CYS A 140 -57.64 -9.25 -27.82
CA CYS A 140 -57.54 -9.68 -26.42
C CYS A 140 -56.25 -10.46 -26.24
N THR A 141 -55.22 -9.79 -25.74
CA THR A 141 -53.93 -10.41 -25.53
C THR A 141 -53.80 -11.10 -24.16
N PHE A 142 -54.74 -10.87 -23.25
CA PHE A 142 -54.67 -11.48 -21.94
C PHE A 142 -56.07 -11.55 -21.34
N GLU A 143 -56.26 -12.50 -20.43
CA GLU A 143 -57.51 -12.68 -19.72
C GLU A 143 -57.22 -13.48 -18.46
N TYR A 144 -57.79 -13.04 -17.33
CA TYR A 144 -57.46 -13.63 -16.04
C TYR A 144 -58.72 -13.78 -15.22
N VAL A 145 -58.78 -14.87 -14.45
CA VAL A 145 -59.88 -15.13 -13.52
C VAL A 145 -59.27 -15.68 -12.23
N SER A 146 -59.71 -15.11 -11.10
CA SER A 146 -59.20 -15.52 -9.80
C SER A 146 -60.31 -15.35 -8.77
N GLN A 147 -59.94 -15.38 -7.50
CA GLN A 147 -60.87 -15.26 -6.39
C GLN A 147 -60.72 -13.90 -5.70
N PRO A 148 -61.78 -13.43 -5.01
CA PRO A 148 -61.71 -12.12 -4.36
C PRO A 148 -60.59 -12.02 -3.33
N PHE A 149 -60.01 -10.83 -3.21
CA PHE A 149 -58.95 -10.60 -2.23
C PHE A 149 -59.55 -10.40 -0.84
N LEU A 150 -60.37 -9.36 -0.69
CA LEU A 150 -61.09 -9.08 0.55
C LEU A 150 -62.16 -8.01 0.32
N PHE A 160 -64.79 -0.46 11.89
CA PHE A 160 -64.55 -0.90 10.52
C PHE A 160 -63.61 -2.11 10.54
N LYS A 161 -64.02 -3.18 9.85
CA LYS A 161 -63.29 -4.44 9.95
C LYS A 161 -61.98 -4.40 9.18
N ASN A 162 -61.93 -3.66 8.07
CA ASN A 162 -60.75 -3.70 7.23
C ASN A 162 -60.63 -2.40 6.43
N LEU A 163 -59.38 -2.05 6.12
CA LEU A 163 -59.06 -0.96 5.21
C LEU A 163 -58.23 -1.56 4.08
N ARG A 164 -58.80 -1.59 2.88
CA ARG A 164 -58.11 -2.20 1.75
C ARG A 164 -57.01 -1.26 1.25
N GLU A 165 -55.80 -1.79 1.11
CA GLU A 165 -54.63 -1.01 0.71
C GLU A 165 -54.01 -1.65 -0.52
N PHE A 166 -53.64 -0.83 -1.48
CA PHE A 166 -53.10 -1.32 -2.75
C PHE A 166 -51.93 -0.45 -3.19
N VAL A 167 -51.00 -1.08 -3.92
CA VAL A 167 -49.89 -0.39 -4.56
C VAL A 167 -49.80 -0.88 -5.99
N PHE A 168 -49.91 0.05 -6.94
CA PHE A 168 -49.84 -0.28 -8.36
C PHE A 168 -48.51 0.21 -8.91
N LYS A 169 -47.69 -0.72 -9.40
CA LYS A 169 -46.41 -0.39 -10.00
C LYS A 169 -46.24 -1.16 -11.30
N ASN A 170 -45.46 -0.58 -12.22
CA ASN A 170 -45.16 -1.21 -13.50
C ASN A 170 -43.66 -1.07 -13.74
N ILE A 171 -42.91 -2.13 -13.43
CA ILE A 171 -41.47 -2.18 -13.66
C ILE A 171 -41.18 -3.31 -14.63
N ASP A 172 -40.55 -2.98 -15.75
CA ASP A 172 -40.26 -3.95 -16.81
C ASP A 172 -41.53 -4.66 -17.29
N GLY A 173 -42.63 -3.89 -17.36
CA GLY A 173 -43.89 -4.44 -17.79
C GLY A 173 -44.60 -5.31 -16.78
N TYR A 174 -44.08 -5.44 -15.57
CA TYR A 174 -44.68 -6.26 -14.54
C TYR A 174 -45.61 -5.41 -13.70
N PHE A 175 -46.90 -5.74 -13.71
CA PHE A 175 -47.91 -5.03 -12.91
C PHE A 175 -47.97 -5.71 -11.55
N LYS A 176 -47.25 -5.17 -10.58
CA LYS A 176 -47.13 -5.76 -9.26
C LYS A 176 -48.12 -5.12 -8.30
N ILE A 177 -48.79 -5.95 -7.51
CA ILE A 177 -49.83 -5.49 -6.59
C ILE A 177 -49.55 -6.07 -5.21
N TYR A 178 -49.64 -5.23 -4.18
CA TYR A 178 -49.49 -5.64 -2.80
C TYR A 178 -50.73 -5.20 -2.02
N SER A 179 -50.98 -5.85 -0.88
CA SER A 179 -52.24 -5.62 -0.19
C SER A 179 -52.08 -5.88 1.31
N LYS A 180 -53.05 -5.38 2.06
CA LYS A 180 -53.19 -5.55 3.50
C LYS A 180 -54.55 -5.01 3.90
N HIS A 181 -55.14 -5.60 4.95
CA HIS A 181 -56.50 -5.27 5.34
C HIS A 181 -56.59 -4.33 6.54
N THR A 182 -55.61 -4.35 7.45
CA THR A 182 -55.45 -3.30 8.46
C THR A 182 -56.72 -3.01 9.25
N PRO A 183 -57.09 -3.86 10.21
CA PRO A 183 -58.38 -3.70 10.88
C PRO A 183 -58.44 -2.50 11.80
N ILE A 184 -58.58 -1.31 11.23
CA ILE A 184 -58.59 -0.05 11.98
C ILE A 184 -59.86 0.71 11.62
N ASN A 185 -60.56 1.20 12.64
CA ASN A 185 -61.82 1.93 12.44
C ASN A 185 -61.55 3.43 12.33
N LEU A 186 -60.95 3.81 11.20
CA LEU A 186 -60.71 5.21 10.86
C LEU A 186 -61.19 5.40 9.43
N VAL A 187 -62.48 5.71 9.28
CA VAL A 187 -63.08 5.82 7.95
C VAL A 187 -62.94 7.21 7.33
N ARG A 188 -62.53 8.20 8.11
CA ARG A 188 -62.39 9.57 7.62
C ARG A 188 -60.95 9.99 7.35
N ASP A 189 -59.98 9.30 7.93
CA ASP A 189 -58.58 9.66 7.73
C ASP A 189 -57.74 8.39 7.75
N LEU A 190 -56.56 8.47 7.15
CA LEU A 190 -55.67 7.32 7.09
C LEU A 190 -55.06 7.07 8.47
N PRO A 191 -55.00 5.82 8.92
CA PRO A 191 -54.38 5.52 10.21
C PRO A 191 -52.88 5.76 10.16
N GLN A 192 -52.32 6.09 11.33
CA GLN A 192 -50.91 6.43 11.46
C GLN A 192 -50.02 5.22 11.70
N GLY A 193 -50.58 4.03 11.83
CA GLY A 193 -49.80 2.86 12.17
C GLY A 193 -48.95 2.38 11.01
N PHE A 194 -48.25 1.27 11.26
CA PHE A 194 -47.33 0.69 10.30
C PHE A 194 -47.64 -0.78 10.12
N SER A 195 -47.75 -1.21 8.86
CA SER A 195 -47.94 -2.61 8.53
C SER A 195 -47.53 -2.83 7.08
N ALA A 196 -46.49 -3.63 6.87
CA ALA A 196 -45.96 -3.82 5.53
C ALA A 196 -46.98 -4.52 4.63
N LEU A 197 -47.01 -4.12 3.37
CA LEU A 197 -47.97 -4.66 2.40
C LEU A 197 -47.35 -5.88 1.73
N GLU A 198 -47.83 -7.07 2.12
CA GLU A 198 -47.31 -8.30 1.54
C GLU A 198 -47.67 -8.40 0.07
N PRO A 199 -46.79 -8.95 -0.76
CA PRO A 199 -47.12 -9.14 -2.17
C PRO A 199 -48.23 -10.16 -2.36
N LEU A 200 -49.05 -9.94 -3.38
CA LEU A 200 -50.18 -10.80 -3.65
C LEU A 200 -50.09 -11.50 -5.00
N VAL A 201 -49.90 -10.74 -6.09
CA VAL A 201 -49.88 -11.29 -7.44
C VAL A 201 -48.82 -10.57 -8.26
N ASP A 202 -48.61 -11.06 -9.47
CA ASP A 202 -47.67 -10.46 -10.41
C ASP A 202 -48.27 -10.57 -11.81
N LEU A 203 -48.31 -9.45 -12.52
CA LEU A 203 -48.94 -9.36 -13.84
C LEU A 203 -47.95 -8.78 -14.85
N PRO A 204 -47.19 -9.62 -15.55
CA PRO A 204 -46.32 -9.13 -16.63
C PRO A 204 -47.11 -8.87 -17.90
N ILE A 205 -47.76 -7.70 -17.96
CA ILE A 205 -48.63 -7.38 -19.07
C ILE A 205 -47.89 -6.69 -20.21
N GLY A 206 -46.85 -5.91 -19.91
CA GLY A 206 -46.15 -5.16 -20.95
C GLY A 206 -47.00 -4.07 -21.58
N ILE A 207 -47.76 -3.34 -20.78
CA ILE A 207 -48.62 -2.26 -21.27
C ILE A 207 -47.98 -0.93 -20.89
N ASN A 208 -47.84 -0.04 -21.87
CA ASN A 208 -47.22 1.27 -21.66
C ASN A 208 -48.19 2.14 -20.87
N ILE A 209 -48.27 1.90 -19.56
CA ILE A 209 -49.21 2.60 -18.71
C ILE A 209 -48.83 4.08 -18.63
N THR A 210 -49.81 4.95 -18.86
CA THR A 210 -49.60 6.39 -18.78
C THR A 210 -50.53 7.08 -17.79
N ARG A 211 -51.77 6.63 -17.66
CA ARG A 211 -52.71 7.22 -16.71
C ARG A 211 -53.74 6.16 -16.34
N PHE A 212 -54.47 6.42 -15.25
CA PHE A 212 -55.40 5.44 -14.71
C PHE A 212 -56.67 6.13 -14.23
N GLN A 213 -57.75 5.36 -14.21
CA GLN A 213 -59.03 5.80 -13.69
C GLN A 213 -59.61 4.68 -12.83
N THR A 214 -60.50 5.06 -11.92
CA THR A 214 -61.09 4.12 -10.97
C THR A 214 -62.51 3.79 -11.36
N LEU A 215 -62.80 2.50 -11.48
CA LEU A 215 -64.15 2.03 -11.80
C LEU A 215 -65.00 1.97 -10.54
N LEU A 216 -66.28 2.28 -10.68
CA LEU A 216 -67.18 2.33 -9.53
C LEU A 216 -68.52 1.71 -9.90
N ALA A 217 -69.33 1.47 -8.88
CA ALA A 217 -70.67 0.93 -9.03
C ALA A 217 -71.68 2.06 -8.81
N LEU A 218 -72.58 2.25 -9.77
CA LEU A 218 -73.52 3.36 -9.76
C LEU A 218 -74.94 2.86 -9.90
N HIS A 219 -75.85 3.47 -9.14
CA HIS A 219 -77.26 3.10 -9.18
C HIS A 219 -77.92 3.62 -10.45
N ARG A 220 -79.02 2.97 -10.82
CA ARG A 220 -79.76 3.38 -12.02
C ARG A 220 -80.31 4.79 -11.88
N SER A 221 -80.85 5.11 -10.71
CA SER A 221 -81.40 6.44 -10.47
C SER A 221 -80.31 7.50 -10.38
N ALA A 237 -68.10 6.55 -0.84
CA ALA A 237 -67.47 6.63 -2.16
C ALA A 237 -66.31 7.62 -2.17
N ALA A 238 -65.27 7.31 -1.40
CA ALA A 238 -64.10 8.15 -1.29
C ALA A 238 -62.84 7.30 -1.38
N TYR A 239 -61.76 7.92 -1.84
CA TYR A 239 -60.50 7.21 -2.00
C TYR A 239 -59.34 8.20 -1.85
N TYR A 240 -58.16 7.66 -1.55
CA TYR A 240 -56.95 8.44 -1.35
C TYR A 240 -55.94 8.05 -2.41
N VAL A 241 -55.32 9.05 -3.04
CA VAL A 241 -54.37 8.82 -4.13
C VAL A 241 -53.08 9.56 -3.81
N GLY A 242 -51.99 8.82 -3.70
CA GLY A 242 -50.67 9.38 -3.55
C GLY A 242 -49.81 9.16 -4.78
N TYR A 243 -48.50 9.36 -4.61
CA TYR A 243 -47.56 9.14 -5.70
C TYR A 243 -46.24 8.66 -5.12
N LEU A 244 -45.57 7.77 -5.86
CA LEU A 244 -44.32 7.17 -5.42
C LEU A 244 -43.13 7.89 -6.04
N GLN A 245 -42.03 7.95 -5.29
CA GLN A 245 -40.81 8.59 -5.72
C GLN A 245 -39.63 7.71 -5.36
N PRO A 246 -38.52 7.83 -6.09
CA PRO A 246 -37.33 7.02 -5.76
C PRO A 246 -36.64 7.55 -4.51
N ARG A 247 -36.57 6.70 -3.49
CA ARG A 247 -35.98 7.10 -2.20
C ARG A 247 -35.31 5.88 -1.58
N THR A 248 -34.58 6.13 -0.50
CA THR A 248 -33.87 5.09 0.25
C THR A 248 -34.46 4.99 1.65
N PHE A 249 -34.81 3.77 2.04
CA PHE A 249 -35.39 3.49 3.34
C PHE A 249 -34.43 2.69 4.20
N LEU A 250 -34.90 2.32 5.40
CA LEU A 250 -34.14 1.47 6.31
C LEU A 250 -35.14 0.54 7.00
N LEU A 251 -35.29 -0.66 6.46
CA LEU A 251 -36.26 -1.62 6.97
C LEU A 251 -35.70 -2.38 8.16
N LYS A 252 -36.61 -2.80 9.04
CA LYS A 252 -36.25 -3.60 10.21
C LYS A 252 -37.04 -4.91 10.17
N TYR A 253 -36.33 -6.02 10.36
CA TYR A 253 -36.93 -7.35 10.33
C TYR A 253 -36.90 -7.96 11.72
N ASN A 254 -37.99 -8.62 12.10
CA ASN A 254 -38.06 -9.34 13.35
C ASN A 254 -37.47 -10.74 13.18
N GLU A 255 -37.59 -11.58 14.20
CA GLU A 255 -37.10 -12.95 14.09
C GLU A 255 -37.99 -13.80 13.20
N ASN A 256 -39.21 -13.35 12.92
CA ASN A 256 -40.12 -14.07 12.03
C ASN A 256 -39.86 -13.80 10.55
N GLY A 257 -39.09 -12.77 10.22
CA GLY A 257 -38.97 -12.33 8.85
C GLY A 257 -40.00 -11.32 8.42
N THR A 258 -40.66 -10.66 9.36
CA THR A 258 -41.72 -9.69 9.08
C THR A 258 -41.20 -8.29 9.36
N ILE A 259 -41.49 -7.36 8.44
CA ILE A 259 -41.07 -5.97 8.62
C ILE A 259 -41.93 -5.32 9.70
N THR A 260 -41.28 -4.76 10.71
CA THR A 260 -41.97 -4.10 11.81
C THR A 260 -41.72 -2.61 11.90
N ASP A 261 -40.73 -2.08 11.19
CA ASP A 261 -40.42 -0.66 11.25
C ASP A 261 -39.64 -0.26 10.01
N ALA A 262 -39.64 1.04 9.74
CA ALA A 262 -38.90 1.59 8.61
C ALA A 262 -38.60 3.06 8.88
N VAL A 263 -37.55 3.56 8.23
CA VAL A 263 -37.11 4.93 8.39
C VAL A 263 -36.78 5.51 7.02
N ASP A 264 -37.30 6.70 6.74
CA ASP A 264 -37.00 7.40 5.50
C ASP A 264 -35.71 8.19 5.68
N CYS A 265 -34.71 7.90 4.83
CA CYS A 265 -33.38 8.45 5.04
C CYS A 265 -33.33 9.96 4.78
N ALA A 266 -34.10 10.45 3.82
CA ALA A 266 -34.03 11.84 3.40
C ALA A 266 -35.05 12.74 4.08
N LEU A 267 -35.78 12.22 5.07
CA LEU A 267 -36.83 13.01 5.71
C LEU A 267 -36.26 14.18 6.50
N ASP A 268 -35.28 13.90 7.36
CA ASP A 268 -34.74 14.91 8.26
C ASP A 268 -33.35 14.48 8.69
N PRO A 269 -32.53 15.40 9.22
CA PRO A 269 -31.15 15.04 9.59
C PRO A 269 -31.05 13.91 10.59
N LEU A 270 -32.00 13.77 11.52
CA LEU A 270 -31.95 12.67 12.47
C LEU A 270 -32.07 11.33 11.76
N SER A 271 -32.98 11.24 10.79
CA SER A 271 -33.08 10.02 10.01
C SER A 271 -31.85 9.82 9.13
N GLU A 272 -31.22 10.90 8.68
CA GLU A 272 -29.95 10.76 7.96
C GLU A 272 -28.89 10.13 8.84
N THR A 273 -28.79 10.57 10.09
CA THR A 273 -27.84 9.97 11.03
C THR A 273 -28.19 8.50 11.28
N LYS A 274 -29.48 8.20 11.46
CA LYS A 274 -29.88 6.82 11.70
C LYS A 274 -29.51 5.92 10.52
N CYS A 275 -29.73 6.40 9.29
CA CYS A 275 -29.35 5.63 8.12
C CYS A 275 -27.83 5.49 8.02
N THR A 276 -27.08 6.53 8.38
CA THR A 276 -25.63 6.47 8.33
C THR A 276 -25.09 5.43 9.31
N LEU A 277 -25.63 5.38 10.52
CA LEU A 277 -25.15 4.46 11.54
C LEU A 277 -25.78 3.07 11.44
N LYS A 278 -26.82 2.91 10.61
CA LYS A 278 -27.55 1.64 10.49
C LYS A 278 -28.02 1.14 11.85
N SER A 279 -28.76 2.01 12.54
CA SER A 279 -29.30 1.68 13.86
C SER A 279 -30.48 2.59 14.14
N PHE A 280 -31.43 2.06 14.91
CA PHE A 280 -32.61 2.82 15.29
C PHE A 280 -32.42 3.64 16.56
N THR A 281 -31.28 3.49 17.23
CA THR A 281 -30.96 4.26 18.43
C THR A 281 -29.61 4.94 18.22
N VAL A 282 -29.55 6.24 18.53
CA VAL A 282 -28.35 7.03 18.35
C VAL A 282 -27.92 7.56 19.71
N GLU A 283 -26.67 7.34 20.07
CA GLU A 283 -26.12 7.79 21.34
C GLU A 283 -25.60 9.22 21.22
N LYS A 284 -25.10 9.74 22.34
CA LYS A 284 -24.59 11.11 22.37
C LYS A 284 -23.32 11.24 21.52
N GLY A 285 -23.16 12.40 20.91
CA GLY A 285 -21.98 12.71 20.14
C GLY A 285 -22.35 13.55 18.92
N ILE A 286 -21.35 13.74 18.06
CA ILE A 286 -21.51 14.50 16.82
C ILE A 286 -21.01 13.62 15.68
N TYR A 287 -21.81 13.52 14.61
CA TYR A 287 -21.55 12.58 13.54
C TYR A 287 -21.55 13.30 12.19
N GLN A 288 -20.74 12.79 11.26
CA GLN A 288 -20.72 13.30 9.90
C GLN A 288 -21.78 12.58 9.07
N THR A 289 -22.64 13.35 8.40
CA THR A 289 -23.74 12.79 7.63
C THR A 289 -23.52 12.86 6.13
N SER A 290 -23.25 14.04 5.59
CA SER A 290 -23.10 14.21 4.16
C SER A 290 -22.36 15.51 3.88
N ASN A 291 -22.15 15.79 2.60
CA ASN A 291 -21.51 17.01 2.15
C ASN A 291 -22.56 18.02 1.67
N PHE A 292 -22.11 19.23 1.42
CA PHE A 292 -22.98 20.31 0.98
C PHE A 292 -22.29 21.12 -0.09
N ARG A 293 -23.00 21.40 -1.18
CA ARG A 293 -22.47 22.17 -2.30
C ARG A 293 -23.46 23.26 -2.69
N VAL A 294 -22.93 24.43 -3.03
CA VAL A 294 -23.76 25.52 -3.52
C VAL A 294 -23.97 25.32 -5.01
N GLN A 295 -25.22 25.10 -5.40
CA GLN A 295 -25.54 24.86 -6.80
C GLN A 295 -25.45 26.14 -7.61
N PRO A 296 -25.17 26.03 -8.91
CA PRO A 296 -25.19 27.22 -9.77
C PRO A 296 -26.59 27.84 -9.79
N THR A 297 -26.63 29.17 -9.82
CA THR A 297 -27.89 29.90 -9.76
C THR A 297 -28.30 30.53 -11.09
N GLU A 298 -27.35 30.78 -11.99
CA GLU A 298 -27.64 31.42 -13.27
C GLU A 298 -26.82 30.73 -14.35
N SER A 299 -26.76 31.37 -15.52
CA SER A 299 -25.95 30.85 -16.63
C SER A 299 -25.49 32.05 -17.44
N ILE A 300 -24.23 32.45 -17.27
CA ILE A 300 -23.69 33.65 -17.91
C ILE A 300 -23.12 33.27 -19.26
N VAL A 301 -23.15 34.22 -20.18
CA VAL A 301 -22.62 34.07 -21.53
C VAL A 301 -21.89 35.35 -21.90
N ARG A 302 -20.66 35.23 -22.39
CA ARG A 302 -19.83 36.39 -22.70
C ARG A 302 -19.04 36.10 -23.97
N PHE A 303 -19.38 36.79 -25.05
CA PHE A 303 -18.73 36.61 -26.34
C PHE A 303 -18.40 37.98 -26.92
N PRO A 304 -17.35 38.09 -27.73
CA PRO A 304 -16.89 39.40 -28.20
C PRO A 304 -17.92 40.13 -29.04
N ASN A 305 -17.60 41.38 -29.36
CA ASN A 305 -18.52 42.30 -30.05
C ASN A 305 -18.49 42.03 -31.55
N ILE A 306 -18.99 40.85 -31.91
CA ILE A 306 -19.05 40.42 -33.30
C ILE A 306 -20.47 39.97 -33.61
N THR A 307 -21.06 40.54 -34.65
CA THR A 307 -22.42 40.21 -35.05
C THR A 307 -22.57 39.81 -36.51
N ASN A 308 -21.55 40.00 -37.34
CA ASN A 308 -21.66 39.68 -38.76
C ASN A 308 -21.69 38.17 -38.98
N LEU A 309 -22.46 37.75 -39.98
CA LEU A 309 -22.58 36.34 -40.30
C LEU A 309 -21.31 35.82 -40.96
N CYS A 310 -20.93 34.59 -40.60
CA CYS A 310 -19.75 33.99 -41.19
C CYS A 310 -19.99 33.67 -42.67
N PRO A 311 -18.96 33.77 -43.49
CA PRO A 311 -19.09 33.34 -44.89
C PRO A 311 -19.13 31.82 -45.00
N PHE A 312 -20.04 31.19 -44.28
CA PHE A 312 -20.17 29.74 -44.33
C PHE A 312 -20.59 29.26 -45.71
N GLY A 313 -21.54 29.96 -46.33
CA GLY A 313 -21.96 29.63 -47.68
C GLY A 313 -20.93 29.92 -48.75
N GLU A 314 -19.89 30.70 -48.42
CA GLU A 314 -18.83 30.97 -49.38
C GLU A 314 -18.06 29.71 -49.74
N VAL A 315 -17.99 28.74 -48.83
CA VAL A 315 -17.23 27.52 -49.07
C VAL A 315 -18.15 26.31 -49.03
N PHE A 316 -19.25 26.40 -48.28
CA PHE A 316 -20.23 25.31 -48.27
C PHE A 316 -21.04 25.30 -49.56
N ASN A 317 -21.46 26.47 -50.03
CA ASN A 317 -22.18 26.60 -51.30
C ASN A 317 -21.26 27.04 -52.43
N ALA A 318 -19.98 26.68 -52.36
CA ALA A 318 -19.02 27.09 -53.38
C ALA A 318 -19.32 26.40 -54.70
N THR A 319 -19.20 27.16 -55.79
CA THR A 319 -19.44 26.59 -57.11
C THR A 319 -18.41 25.51 -57.44
N ARG A 320 -17.15 25.76 -57.14
CA ARG A 320 -16.07 24.81 -57.38
C ARG A 320 -15.33 24.51 -56.08
N PHE A 321 -15.03 23.25 -55.85
CA PHE A 321 -14.27 22.80 -54.70
C PHE A 321 -12.88 22.40 -55.15
N ALA A 322 -11.86 22.86 -54.43
CA ALA A 322 -10.49 22.50 -54.76
C ALA A 322 -10.31 20.99 -54.65
N SER A 323 -9.50 20.43 -55.56
CA SER A 323 -9.29 18.99 -55.59
C SER A 323 -8.74 18.50 -54.25
N VAL A 324 -9.00 17.23 -53.95
CA VAL A 324 -8.65 16.70 -52.64
C VAL A 324 -7.15 16.73 -52.41
N TYR A 325 -6.36 16.48 -53.46
CA TYR A 325 -4.91 16.55 -53.35
C TYR A 325 -4.39 17.97 -53.35
N ALA A 326 -5.20 18.93 -53.78
CA ALA A 326 -4.85 20.34 -53.78
C ALA A 326 -5.89 21.15 -53.01
N TRP A 327 -6.28 20.64 -51.84
CA TRP A 327 -7.37 21.25 -51.08
C TRP A 327 -6.98 22.62 -50.57
N ASN A 328 -7.93 23.55 -50.60
CA ASN A 328 -7.73 24.88 -50.05
C ASN A 328 -8.13 24.90 -48.58
N ARG A 329 -7.49 25.78 -47.83
CA ARG A 329 -7.78 25.96 -46.41
C ARG A 329 -8.31 27.38 -46.22
N LYS A 330 -9.63 27.49 -46.04
CA LYS A 330 -10.29 28.77 -45.89
C LYS A 330 -10.43 29.09 -44.41
N ARG A 331 -9.85 30.21 -43.98
CA ARG A 331 -9.87 30.62 -42.59
C ARG A 331 -11.02 31.58 -42.37
N ILE A 332 -11.91 31.24 -41.44
CA ILE A 332 -13.08 32.05 -41.11
C ILE A 332 -12.86 32.66 -39.74
N SER A 333 -13.08 33.96 -39.61
CA SER A 333 -12.83 34.66 -38.36
C SER A 333 -13.67 35.94 -38.32
N ASN A 334 -13.76 36.51 -37.12
CA ASN A 334 -14.48 37.77 -36.88
C ASN A 334 -15.91 37.70 -37.39
N CYS A 335 -16.60 36.63 -37.03
CA CYS A 335 -17.98 36.44 -37.47
C CYS A 335 -18.67 35.46 -36.53
N VAL A 336 -20.00 35.48 -36.59
CA VAL A 336 -20.84 34.57 -35.81
C VAL A 336 -21.86 33.93 -36.76
N ALA A 337 -22.04 32.62 -36.63
CA ALA A 337 -22.96 31.89 -37.49
C ALA A 337 -23.49 30.68 -36.75
N ASP A 338 -24.75 30.35 -37.02
CA ASP A 338 -25.39 29.20 -36.40
C ASP A 338 -24.94 27.92 -37.09
N TYR A 339 -24.27 27.04 -36.33
CA TYR A 339 -23.82 25.77 -36.87
C TYR A 339 -24.96 24.80 -37.13
N SER A 340 -26.17 25.10 -36.64
CA SER A 340 -27.33 24.26 -36.93
C SER A 340 -27.66 24.28 -38.42
N VAL A 341 -27.46 25.42 -39.09
CA VAL A 341 -27.72 25.49 -40.53
C VAL A 341 -26.75 24.58 -41.29
N LEU A 342 -25.54 24.39 -40.76
CA LEU A 342 -24.63 23.40 -41.33
C LEU A 342 -25.08 21.99 -40.97
N TYR A 343 -25.61 21.80 -39.77
CA TYR A 343 -26.12 20.49 -39.37
C TYR A 343 -27.27 20.05 -40.25
N ASN A 344 -28.22 20.96 -40.52
CA ASN A 344 -29.46 20.61 -41.19
C ASN A 344 -29.59 21.29 -42.55
N SER A 345 -28.49 21.43 -43.28
CA SER A 345 -28.57 21.97 -44.63
C SER A 345 -29.18 20.94 -45.58
N ALA A 346 -29.71 21.44 -46.69
CA ALA A 346 -30.39 20.57 -47.64
C ALA A 346 -29.42 19.59 -48.28
N SER A 347 -29.94 18.39 -48.57
CA SER A 347 -29.23 17.32 -49.26
C SER A 347 -27.98 16.86 -48.49
N PHE A 348 -27.94 17.07 -47.19
CA PHE A 348 -26.80 16.67 -46.37
C PHE A 348 -26.99 15.25 -45.86
N SER A 349 -25.94 14.44 -45.99
CA SER A 349 -26.00 13.04 -45.58
C SER A 349 -24.97 12.68 -44.51
N THR A 350 -23.87 13.42 -44.41
CA THR A 350 -22.82 13.14 -43.42
C THR A 350 -22.43 14.44 -42.74
N PHE A 351 -22.85 14.60 -41.48
CA PHE A 351 -22.47 15.73 -40.64
C PHE A 351 -22.07 15.14 -39.29
N LYS A 352 -20.80 14.78 -39.15
CA LYS A 352 -20.28 14.18 -37.92
C LYS A 352 -19.14 15.03 -37.40
N CYS A 353 -19.15 15.31 -36.10
CA CYS A 353 -18.10 16.09 -35.46
C CYS A 353 -17.18 15.14 -34.70
N TYR A 354 -15.99 14.92 -35.25
CA TYR A 354 -14.96 14.13 -34.60
C TYR A 354 -14.15 15.04 -33.69
N GLY A 355 -14.20 14.79 -32.39
CA GLY A 355 -13.57 15.68 -31.44
C GLY A 355 -14.39 16.90 -31.09
N VAL A 356 -15.64 16.98 -31.54
CA VAL A 356 -16.60 17.99 -31.10
C VAL A 356 -17.95 17.30 -30.95
N SER A 357 -18.84 17.94 -30.19
CA SER A 357 -20.21 17.47 -30.08
C SER A 357 -21.13 18.37 -30.90
N PRO A 358 -21.95 17.80 -31.78
CA PRO A 358 -22.90 18.62 -32.53
C PRO A 358 -23.86 19.35 -31.61
N THR A 359 -24.23 20.57 -32.01
CA THR A 359 -25.10 21.50 -31.29
C THR A 359 -24.39 22.10 -30.08
N LYS A 360 -23.21 21.61 -29.73
CA LYS A 360 -22.39 22.22 -28.69
C LYS A 360 -21.45 23.28 -29.25
N LEU A 361 -21.31 23.38 -30.57
CA LEU A 361 -20.47 24.41 -31.16
C LEU A 361 -21.00 25.81 -30.92
N ASN A 362 -22.29 25.95 -30.64
CA ASN A 362 -22.86 27.27 -30.40
C ASN A 362 -22.17 27.95 -29.23
N ASP A 363 -22.10 27.27 -28.08
CA ASP A 363 -21.52 27.83 -26.86
C ASP A 363 -20.00 27.79 -26.86
N LEU A 364 -19.37 27.52 -28.01
CA LEU A 364 -17.91 27.41 -28.10
C LEU A 364 -17.43 28.35 -29.19
N CYS A 365 -16.57 29.29 -28.82
CA CYS A 365 -15.99 30.25 -29.75
C CYS A 365 -14.53 29.89 -30.00
N PHE A 366 -14.11 29.93 -31.26
CA PHE A 366 -12.75 29.58 -31.66
C PHE A 366 -12.04 30.79 -32.25
N THR A 367 -10.73 30.85 -32.05
CA THR A 367 -9.94 31.94 -32.59
C THR A 367 -9.98 31.95 -34.11
N ASN A 368 -9.84 30.79 -34.73
CA ASN A 368 -9.90 30.68 -36.19
C ASN A 368 -10.50 29.33 -36.55
N VAL A 369 -11.31 29.32 -37.61
CA VAL A 369 -11.92 28.10 -38.12
C VAL A 369 -11.46 27.93 -39.56
N TYR A 370 -10.87 26.79 -39.87
CA TYR A 370 -10.33 26.50 -41.19
C TYR A 370 -11.32 25.64 -41.96
N ALA A 371 -11.72 26.11 -43.14
CA ALA A 371 -12.69 25.41 -43.99
C ALA A 371 -11.92 24.77 -45.15
N ASP A 372 -11.83 23.45 -45.13
CA ASP A 372 -11.13 22.69 -46.17
C ASP A 372 -12.17 22.10 -47.12
N SER A 373 -12.23 22.64 -48.33
CA SER A 373 -13.24 22.26 -49.31
C SER A 373 -12.63 21.35 -50.37
N PHE A 374 -13.22 20.18 -50.56
CA PHE A 374 -12.77 19.23 -51.57
C PHE A 374 -13.90 18.27 -51.90
N VAL A 375 -13.73 17.57 -53.02
CA VAL A 375 -14.72 16.61 -53.52
C VAL A 375 -14.05 15.25 -53.65
N ILE A 376 -14.67 14.23 -53.07
CA ILE A 376 -14.18 12.86 -53.10
C ILE A 376 -15.35 11.94 -53.41
N ARG A 377 -15.06 10.64 -53.48
CA ARG A 377 -16.09 9.64 -53.73
C ARG A 377 -16.99 9.48 -52.51
N GLY A 378 -18.11 8.79 -52.71
CA GLY A 378 -18.99 8.47 -51.60
C GLY A 378 -18.34 7.54 -50.59
N ASP A 379 -17.64 6.50 -51.08
CA ASP A 379 -16.94 5.58 -50.20
C ASP A 379 -15.73 6.22 -49.53
N GLU A 380 -15.25 7.34 -50.05
CA GLU A 380 -14.07 8.00 -49.51
C GLU A 380 -14.40 9.01 -48.42
N VAL A 381 -15.69 9.27 -48.15
CA VAL A 381 -16.05 10.21 -47.09
C VAL A 381 -15.63 9.66 -45.73
N ARG A 382 -15.74 8.34 -45.54
CA ARG A 382 -15.35 7.73 -44.27
C ARG A 382 -13.88 7.95 -43.96
N GLN A 383 -13.05 8.08 -44.99
CA GLN A 383 -11.62 8.28 -44.79
C GLN A 383 -11.28 9.67 -44.26
N ILE A 384 -12.21 10.61 -44.33
CA ILE A 384 -11.97 11.96 -43.78
C ILE A 384 -12.44 11.92 -42.33
N ALA A 385 -11.55 11.44 -41.47
CA ALA A 385 -11.79 11.31 -40.03
C ALA A 385 -10.51 10.90 -39.33
N PRO A 386 -10.32 11.29 -38.07
CA PRO A 386 -9.13 10.86 -37.34
C PRO A 386 -9.07 9.34 -37.22
N GLY A 387 -7.86 8.80 -37.35
CA GLY A 387 -7.65 7.37 -37.21
C GLY A 387 -8.13 6.51 -38.35
N GLN A 388 -8.52 7.11 -39.48
CA GLN A 388 -9.03 6.38 -40.62
C GLN A 388 -7.95 6.23 -41.68
N THR A 389 -7.94 5.08 -42.34
CA THR A 389 -6.99 4.78 -43.40
C THR A 389 -7.73 4.47 -44.69
N GLY A 390 -7.08 4.78 -45.81
CA GLY A 390 -7.66 4.55 -47.11
C GLY A 390 -6.89 5.32 -48.17
N LYS A 391 -7.49 5.35 -49.37
CA LYS A 391 -6.86 6.06 -50.48
C LYS A 391 -6.75 7.56 -50.20
N ILE A 392 -7.86 8.19 -49.84
CA ILE A 392 -7.83 9.63 -49.55
C ILE A 392 -7.08 9.89 -48.25
N ALA A 393 -7.28 9.05 -47.24
CA ALA A 393 -6.66 9.25 -45.94
C ALA A 393 -5.16 8.99 -45.94
N ASP A 394 -4.61 8.42 -47.01
CA ASP A 394 -3.18 8.15 -47.07
C ASP A 394 -2.51 8.67 -48.34
N TYR A 395 -3.24 9.33 -49.23
CA TYR A 395 -2.63 9.82 -50.46
C TYR A 395 -2.86 11.31 -50.68
N ASN A 396 -4.03 11.83 -50.33
CA ASN A 396 -4.39 13.21 -50.66
C ASN A 396 -4.63 14.07 -49.43
N TYR A 397 -5.47 13.64 -48.51
CA TYR A 397 -5.92 14.48 -47.40
C TYR A 397 -6.07 13.61 -46.16
N LYS A 398 -5.16 13.75 -45.21
CA LYS A 398 -5.19 13.00 -43.97
C LYS A 398 -5.43 13.94 -42.79
N LEU A 399 -6.47 13.66 -42.00
CA LEU A 399 -6.72 14.44 -40.80
C LEU A 399 -5.86 13.94 -39.65
N PRO A 400 -5.53 14.80 -38.69
CA PRO A 400 -4.78 14.35 -37.52
C PRO A 400 -5.57 13.33 -36.72
N ASP A 401 -4.85 12.42 -36.07
CA ASP A 401 -5.49 11.39 -35.26
C ASP A 401 -6.24 11.97 -34.07
N ASP A 402 -5.91 13.20 -33.68
CA ASP A 402 -6.61 13.92 -32.62
C ASP A 402 -7.42 15.07 -33.19
N PHE A 403 -8.07 14.84 -34.33
CA PHE A 403 -8.82 15.89 -35.01
C PHE A 403 -9.94 16.42 -34.13
N THR A 404 -10.04 17.75 -34.06
CA THR A 404 -11.07 18.44 -33.29
C THR A 404 -11.84 19.30 -34.29
N GLY A 405 -12.88 18.72 -34.88
CA GLY A 405 -13.66 19.44 -35.87
C GLY A 405 -14.78 18.57 -36.40
N CYS A 406 -15.59 19.16 -37.26
CA CYS A 406 -16.72 18.48 -37.87
C CYS A 406 -16.45 18.27 -39.36
N VAL A 407 -16.58 17.03 -39.81
CA VAL A 407 -16.45 16.69 -41.22
C VAL A 407 -17.84 16.71 -41.84
N ILE A 408 -18.03 17.57 -42.84
CA ILE A 408 -19.33 17.77 -43.47
C ILE A 408 -19.23 17.33 -44.92
N ALA A 409 -20.12 16.44 -45.33
CA ALA A 409 -20.14 15.91 -46.68
C ALA A 409 -21.58 15.78 -47.16
N TRP A 410 -21.76 15.92 -48.48
CA TRP A 410 -23.07 15.72 -49.09
C TRP A 410 -22.88 15.30 -50.54
N ASN A 411 -23.88 14.62 -51.07
CA ASN A 411 -23.80 14.12 -52.43
C ASN A 411 -23.87 15.26 -53.43
N SER A 412 -23.01 15.22 -54.44
CA SER A 412 -22.96 16.25 -55.48
C SER A 412 -22.89 15.61 -56.85
N ASN A 413 -23.69 14.56 -57.08
CA ASN A 413 -23.74 13.93 -58.38
C ASN A 413 -24.46 14.79 -59.41
N ASN A 414 -25.28 15.73 -58.97
CA ASN A 414 -25.97 16.65 -59.88
C ASN A 414 -25.11 17.83 -60.30
N LEU A 415 -23.92 17.98 -59.72
CA LEU A 415 -23.03 19.09 -60.02
C LEU A 415 -21.66 18.66 -60.51
N ASP A 416 -21.09 17.60 -59.94
CA ASP A 416 -19.72 17.19 -60.21
C ASP A 416 -19.65 15.86 -60.97
N SER A 417 -20.55 15.65 -61.91
CA SER A 417 -20.58 14.42 -62.70
C SER A 417 -20.54 14.76 -64.19
N LYS A 418 -19.74 13.99 -64.92
CA LYS A 418 -19.65 14.15 -66.38
C LYS A 418 -19.86 12.80 -67.07
N GLY A 421 -16.92 10.88 -67.23
CA GLY A 421 -16.03 11.10 -66.10
C GLY A 421 -15.66 12.55 -65.90
N ASN A 422 -15.85 13.04 -64.67
CA ASN A 422 -15.51 14.41 -64.32
C ASN A 422 -14.00 14.50 -64.17
N TYR A 423 -13.32 14.78 -65.28
CA TYR A 423 -11.86 14.80 -65.31
C TYR A 423 -11.31 16.18 -64.95
N ASN A 424 -11.76 16.71 -63.81
CA ASN A 424 -11.20 17.93 -63.27
C ASN A 424 -10.82 17.70 -61.80
N TYR A 425 -11.56 16.82 -61.14
CA TYR A 425 -11.20 16.39 -59.79
C TYR A 425 -10.19 15.25 -59.86
N LEU A 426 -9.17 15.32 -59.01
CA LEU A 426 -8.08 14.36 -59.04
C LEU A 426 -7.72 13.91 -57.64
N TYR A 427 -7.36 12.64 -57.49
CA TYR A 427 -6.92 12.08 -56.22
C TYR A 427 -5.68 11.23 -56.45
N ARG A 428 -4.70 11.35 -55.56
CA ARG A 428 -3.52 10.52 -55.64
C ARG A 428 -3.86 9.07 -55.33
N LEU A 429 -3.22 8.15 -56.05
CA LEU A 429 -3.48 6.72 -55.89
C LEU A 429 -2.28 5.94 -55.41
N PHE A 430 -1.08 6.53 -55.39
CA PHE A 430 0.12 5.80 -55.02
C PHE A 430 1.03 6.68 -54.18
N ARG A 431 1.59 6.10 -53.12
CA ARG A 431 2.56 6.76 -52.27
C ARG A 431 3.23 5.71 -51.40
N LYS A 432 4.53 5.88 -51.14
CA LYS A 432 5.28 4.87 -50.41
C LYS A 432 4.99 4.92 -48.91
N SER A 433 4.56 6.07 -48.40
CA SER A 433 4.32 6.24 -46.96
C SER A 433 2.98 6.94 -46.78
N ASN A 434 2.71 7.40 -45.55
CA ASN A 434 1.49 8.11 -45.24
C ASN A 434 1.75 9.60 -45.10
N LEU A 435 0.80 10.40 -45.55
CA LEU A 435 0.91 11.85 -45.56
C LEU A 435 0.92 12.40 -44.13
N LYS A 436 1.65 13.50 -43.95
CA LYS A 436 1.53 14.24 -42.70
C LYS A 436 0.16 14.91 -42.62
N PRO A 437 -0.37 15.11 -41.42
CA PRO A 437 -1.68 15.77 -41.30
C PRO A 437 -1.67 17.16 -41.92
N PHE A 438 -2.74 17.46 -42.65
CA PHE A 438 -2.91 18.74 -43.35
C PHE A 438 -1.71 19.05 -44.24
N GLU A 439 -1.50 18.19 -45.23
CA GLU A 439 -0.43 18.32 -46.20
C GLU A 439 -0.96 18.14 -47.63
N ARG A 440 -0.45 18.96 -48.53
CA ARG A 440 -0.83 18.90 -49.94
C ARG A 440 0.30 18.24 -50.73
N ASP A 441 0.00 17.07 -51.31
CA ASP A 441 0.98 16.28 -52.04
C ASP A 441 0.72 16.43 -53.54
N ILE A 442 1.66 17.05 -54.24
CA ILE A 442 1.55 17.27 -55.68
C ILE A 442 2.85 16.91 -56.37
N TYR A 463 2.64 3.15 -62.15
CA TYR A 463 1.51 3.98 -62.52
C TYR A 463 1.73 5.43 -62.06
N PHE A 464 1.02 6.35 -62.69
CA PHE A 464 1.05 7.74 -62.25
C PHE A 464 0.27 7.87 -60.96
N PRO A 465 0.89 8.34 -59.87
CA PRO A 465 0.16 8.42 -58.59
C PRO A 465 -1.10 9.28 -58.65
N LEU A 466 -1.06 10.38 -59.41
CA LEU A 466 -2.18 11.32 -59.47
C LEU A 466 -3.16 10.85 -60.52
N GLN A 467 -4.12 10.01 -60.10
CA GLN A 467 -5.10 9.44 -60.99
C GLN A 467 -6.39 10.25 -60.97
N SER A 468 -6.90 10.59 -62.14
CA SER A 468 -8.09 11.43 -62.24
C SER A 468 -9.33 10.69 -61.75
N TYR A 469 -10.26 11.45 -61.20
CA TYR A 469 -11.52 10.88 -60.74
C TYR A 469 -12.38 10.43 -61.92
N GLY A 470 -12.97 9.25 -61.80
CA GLY A 470 -13.92 8.77 -62.78
C GLY A 470 -15.35 9.09 -62.38
N PHE A 471 -15.61 10.35 -62.03
CA PHE A 471 -16.91 10.75 -61.52
C PHE A 471 -17.94 10.78 -62.64
N GLN A 472 -18.89 9.86 -62.60
CA GLN A 472 -19.94 9.78 -63.61
C GLN A 472 -21.31 9.74 -62.95
N PRO A 473 -22.34 10.28 -63.61
CA PRO A 473 -23.70 10.13 -63.07
C PRO A 473 -24.14 8.68 -62.97
N THR A 474 -23.71 7.82 -63.88
CA THR A 474 -24.03 6.40 -63.83
C THR A 474 -23.29 5.67 -62.71
N ASN A 475 -22.25 6.29 -62.14
CA ASN A 475 -21.52 5.67 -61.06
C ASN A 475 -22.39 5.53 -59.82
N GLY A 476 -22.15 4.48 -59.04
CA GLY A 476 -22.91 4.25 -57.83
C GLY A 476 -22.60 5.27 -56.76
N VAL A 477 -23.36 5.18 -55.65
CA VAL A 477 -23.19 6.12 -54.55
C VAL A 477 -21.79 6.03 -53.96
N GLY A 478 -21.17 4.85 -54.04
CA GLY A 478 -19.78 4.75 -53.62
C GLY A 478 -18.84 5.54 -54.52
N TYR A 479 -19.06 5.48 -55.83
CA TYR A 479 -18.27 6.24 -56.79
C TYR A 479 -18.82 7.63 -57.06
N GLN A 480 -19.96 7.98 -56.46
CA GLN A 480 -20.57 9.28 -56.74
C GLN A 480 -19.73 10.41 -56.16
N PRO A 481 -19.72 11.57 -56.82
CA PRO A 481 -18.99 12.72 -56.28
C PRO A 481 -19.68 13.30 -55.06
N TYR A 482 -18.92 13.56 -54.01
CA TYR A 482 -19.43 14.12 -52.77
C TYR A 482 -18.59 15.34 -52.40
N ARG A 483 -19.26 16.48 -52.18
CA ARG A 483 -18.58 17.68 -51.71
C ARG A 483 -18.36 17.56 -50.21
N VAL A 484 -17.11 17.67 -49.79
CA VAL A 484 -16.73 17.47 -48.39
C VAL A 484 -16.06 18.74 -47.88
N VAL A 485 -16.53 19.22 -46.73
CA VAL A 485 -15.98 20.42 -46.09
C VAL A 485 -15.53 20.03 -44.68
N VAL A 486 -14.31 20.45 -44.32
CA VAL A 486 -13.73 20.16 -43.02
C VAL A 486 -13.57 21.48 -42.27
N LEU A 487 -14.16 21.56 -41.08
CA LEU A 487 -14.05 22.74 -40.23
C LEU A 487 -13.01 22.45 -39.16
N SER A 488 -11.82 23.02 -39.34
CA SER A 488 -10.72 22.84 -38.40
C SER A 488 -10.78 23.94 -37.35
N PHE A 489 -11.10 23.58 -36.11
CA PHE A 489 -11.21 24.54 -35.02
C PHE A 489 -9.91 24.59 -34.23
N GLU A 490 -9.40 25.79 -33.99
CA GLU A 490 -8.20 26.02 -33.20
C GLU A 490 -8.60 26.80 -31.95
N LEU A 491 -8.64 26.11 -30.81
CA LEU A 491 -8.95 26.75 -29.53
C LEU A 491 -7.63 27.20 -28.91
N LEU A 492 -7.20 28.40 -29.29
CA LEU A 492 -5.94 28.97 -28.82
C LEU A 492 -6.19 29.96 -27.69
N HIS A 493 -5.12 30.24 -26.95
CA HIS A 493 -5.23 31.16 -25.82
C HIS A 493 -5.52 32.59 -26.26
N ALA A 494 -5.30 32.91 -27.53
CA ALA A 494 -5.69 34.22 -28.04
C ALA A 494 -7.21 34.34 -28.03
N PRO A 495 -7.74 35.57 -27.95
CA PRO A 495 -9.19 35.74 -27.92
C PRO A 495 -9.86 35.16 -29.16
N ALA A 496 -11.02 34.55 -28.95
CA ALA A 496 -11.74 33.84 -30.01
C ALA A 496 -12.70 34.79 -30.73
N THR A 497 -12.98 34.46 -31.99
CA THR A 497 -13.80 35.34 -32.82
C THR A 497 -14.96 34.61 -33.49
N VAL A 498 -14.78 33.33 -33.82
CA VAL A 498 -15.82 32.55 -34.50
C VAL A 498 -16.72 32.01 -33.41
N CYS A 499 -17.71 32.80 -33.02
CA CYS A 499 -18.46 32.56 -31.79
C CYS A 499 -19.82 31.93 -32.01
N GLY A 500 -20.45 32.16 -33.16
CA GLY A 500 -21.76 31.60 -33.43
C GLY A 500 -22.87 32.33 -32.72
N PRO A 501 -24.06 31.73 -32.67
CA PRO A 501 -25.25 32.39 -32.09
C PRO A 501 -25.28 32.37 -30.57
N LYS A 502 -24.59 33.34 -29.98
CA LYS A 502 -24.52 33.47 -28.52
C LYS A 502 -24.79 34.93 -28.14
N LYS A 503 -25.89 35.14 -27.43
CA LYS A 503 -26.21 36.47 -26.90
C LYS A 503 -25.41 36.66 -25.62
N SER A 504 -24.35 37.45 -25.71
CA SER A 504 -23.48 37.70 -24.56
C SER A 504 -24.28 38.33 -23.42
N THR A 505 -24.47 37.58 -22.34
CA THR A 505 -25.28 38.04 -21.22
C THR A 505 -24.50 39.06 -20.38
N ASN A 506 -25.21 39.67 -19.44
CA ASN A 506 -24.60 40.65 -18.56
C ASN A 506 -23.57 39.99 -17.65
N LEU A 507 -22.50 40.72 -17.36
CA LEU A 507 -21.49 40.22 -16.44
C LEU A 507 -22.07 40.14 -15.03
N VAL A 508 -22.12 38.92 -14.49
CA VAL A 508 -22.76 38.65 -13.21
C VAL A 508 -21.67 38.56 -12.15
N LYS A 509 -21.87 39.24 -11.03
CA LYS A 509 -20.90 39.30 -9.95
C LYS A 509 -21.49 38.72 -8.68
N ASN A 510 -20.63 38.08 -7.88
CA ASN A 510 -20.99 37.52 -6.57
C ASN A 510 -22.11 36.50 -6.68
N LYS A 511 -22.08 35.70 -7.76
CA LYS A 511 -23.04 34.63 -7.95
C LYS A 511 -22.36 33.41 -8.55
N CYS A 512 -22.65 32.24 -7.98
CA CYS A 512 -22.10 30.99 -8.48
C CYS A 512 -22.74 30.68 -9.84
N VAL A 513 -22.00 30.92 -10.91
CA VAL A 513 -22.52 30.86 -12.27
C VAL A 513 -21.57 30.04 -13.13
N ASN A 514 -22.11 29.52 -14.24
CA ASN A 514 -21.33 28.77 -15.21
C ASN A 514 -20.68 29.76 -16.17
N PHE A 515 -19.35 29.70 -16.29
CA PHE A 515 -18.60 30.75 -16.96
C PHE A 515 -18.87 30.79 -18.47
N ASN A 516 -18.48 29.74 -19.17
CA ASN A 516 -18.65 29.64 -20.62
C ASN A 516 -18.09 30.87 -21.33
N PHE A 517 -16.93 31.35 -20.86
CA PHE A 517 -16.29 32.51 -21.48
C PHE A 517 -15.68 32.12 -22.81
N ASN A 518 -16.42 32.32 -23.90
CA ASN A 518 -16.01 31.87 -25.23
C ASN A 518 -15.70 30.37 -25.23
N GLY A 519 -16.52 29.61 -24.51
CA GLY A 519 -16.36 28.18 -24.43
C GLY A 519 -15.45 27.69 -23.32
N LEU A 520 -14.88 28.59 -22.51
CA LEU A 520 -14.06 28.21 -21.38
C LEU A 520 -14.99 27.71 -20.27
N THR A 521 -15.36 26.43 -20.38
CA THR A 521 -16.34 25.86 -19.47
C THR A 521 -15.82 25.85 -18.03
N GLY A 522 -16.69 26.24 -17.12
CA GLY A 522 -16.34 26.30 -15.71
C GLY A 522 -17.47 26.88 -14.91
N THR A 523 -17.24 26.99 -13.61
CA THR A 523 -18.25 27.56 -12.71
C THR A 523 -17.56 28.14 -11.50
N GLY A 524 -18.16 29.21 -10.96
CA GLY A 524 -17.60 29.87 -9.78
C GLY A 524 -18.21 31.24 -9.60
N VAL A 525 -17.47 32.08 -8.88
CA VAL A 525 -17.90 33.44 -8.55
C VAL A 525 -16.96 34.41 -9.23
N LEU A 526 -17.53 35.35 -9.98
CA LEU A 526 -16.76 36.34 -10.73
C LEU A 526 -16.82 37.68 -10.02
N THR A 527 -15.64 38.26 -9.76
CA THR A 527 -15.53 39.57 -9.15
C THR A 527 -14.54 40.42 -9.94
N GLU A 528 -14.39 41.68 -9.54
CA GLU A 528 -13.42 42.55 -10.18
C GLU A 528 -12.00 42.09 -9.84
N SER A 529 -11.09 42.25 -10.80
CA SER A 529 -9.73 41.76 -10.66
C SER A 529 -8.75 42.92 -10.81
N ASN A 530 -7.62 42.80 -10.12
CA ASN A 530 -6.59 43.84 -10.10
C ASN A 530 -5.27 43.40 -10.70
N LYS A 531 -5.24 42.28 -11.42
CA LYS A 531 -4.00 41.81 -12.00
C LYS A 531 -3.53 42.75 -13.09
N LYS A 532 -2.21 42.80 -13.30
CA LYS A 532 -1.61 43.66 -14.32
C LYS A 532 -1.30 42.81 -15.55
N PHE A 533 -2.35 42.51 -16.32
CA PHE A 533 -2.21 41.67 -17.49
C PHE A 533 -1.42 42.37 -18.59
N LEU A 534 -0.62 41.59 -19.32
CA LEU A 534 -0.03 42.10 -20.54
C LEU A 534 -1.08 42.11 -21.66
N PRO A 535 -0.94 42.99 -22.65
CA PRO A 535 -2.01 43.14 -23.65
C PRO A 535 -2.33 41.85 -24.41
N PHE A 536 -1.34 41.01 -24.68
CA PHE A 536 -1.59 39.80 -25.44
C PHE A 536 -2.11 38.64 -24.60
N GLN A 537 -2.07 38.77 -23.27
CA GLN A 537 -2.51 37.70 -22.38
C GLN A 537 -4.01 37.77 -22.18
N GLN A 538 -4.68 36.62 -22.32
CA GLN A 538 -6.12 36.55 -22.21
C GLN A 538 -6.60 36.02 -20.86
N PHE A 539 -5.82 35.17 -20.20
CA PHE A 539 -6.23 34.61 -18.92
C PHE A 539 -4.99 34.32 -18.08
N GLY A 540 -5.20 34.26 -16.77
CA GLY A 540 -4.16 33.95 -15.82
C GLY A 540 -4.31 32.55 -15.25
N ARG A 541 -3.37 32.22 -14.36
CA ARG A 541 -3.34 30.90 -13.74
C ARG A 541 -2.67 31.01 -12.37
N ASP A 542 -2.86 29.97 -11.57
CA ASP A 542 -2.33 29.91 -10.22
C ASP A 542 -1.13 28.96 -10.18
N ILE A 543 -0.49 28.88 -9.01
CA ILE A 543 0.69 28.03 -8.85
C ILE A 543 0.34 26.57 -9.09
N ALA A 544 -0.90 26.17 -8.82
CA ALA A 544 -1.36 24.81 -9.05
C ALA A 544 -1.92 24.60 -10.45
N ASP A 545 -1.59 25.49 -11.39
CA ASP A 545 -2.10 25.41 -12.77
C ASP A 545 -3.62 25.42 -12.80
N THR A 546 -4.22 26.29 -11.98
CA THR A 546 -5.66 26.46 -11.93
C THR A 546 -6.03 27.85 -12.42
N THR A 547 -7.01 27.92 -13.31
CA THR A 547 -7.45 29.21 -13.83
C THR A 547 -8.01 30.07 -12.71
N ASP A 548 -7.60 31.34 -12.68
CA ASP A 548 -8.01 32.24 -11.61
C ASP A 548 -8.63 33.52 -12.16
N ALA A 549 -8.16 33.98 -13.31
CA ALA A 549 -8.66 35.21 -13.90
C ALA A 549 -8.85 35.02 -15.40
N VAL A 550 -9.91 35.63 -15.93
CA VAL A 550 -10.20 35.63 -17.35
C VAL A 550 -10.52 37.06 -17.79
N ARG A 551 -9.97 37.45 -18.94
CA ARG A 551 -10.24 38.76 -19.51
C ARG A 551 -11.46 38.66 -20.43
N ASP A 552 -12.38 39.60 -20.29
CA ASP A 552 -13.58 39.58 -21.10
C ASP A 552 -13.23 39.86 -22.56
N PRO A 553 -13.78 39.09 -23.51
CA PRO A 553 -13.46 39.32 -24.92
C PRO A 553 -13.88 40.69 -25.44
N GLN A 554 -14.98 41.26 -24.94
CA GLN A 554 -15.45 42.54 -25.47
C GLN A 554 -14.65 43.71 -24.88
N THR A 555 -14.74 43.89 -23.56
CA THR A 555 -13.97 44.91 -22.87
C THR A 555 -12.75 44.27 -22.22
N LEU A 556 -11.61 44.94 -22.33
CA LEU A 556 -10.34 44.38 -21.85
C LEU A 556 -10.25 44.50 -20.32
N GLU A 557 -11.24 43.90 -19.65
CA GLU A 557 -11.32 43.86 -18.20
C GLU A 557 -11.18 42.41 -17.75
N ILE A 558 -10.36 42.20 -16.74
CA ILE A 558 -10.11 40.87 -16.18
C ILE A 558 -10.96 40.71 -14.92
N LEU A 559 -11.39 39.47 -14.68
CA LEU A 559 -12.27 39.16 -13.56
C LEU A 559 -11.69 37.99 -12.77
N ASP A 560 -11.72 38.10 -11.45
CA ASP A 560 -11.31 37.01 -10.59
C ASP A 560 -12.31 35.86 -10.66
N ILE A 561 -11.82 34.66 -10.35
CA ILE A 561 -12.64 33.46 -10.30
C ILE A 561 -12.49 32.84 -8.93
N THR A 562 -13.61 32.60 -8.25
CA THR A 562 -13.62 31.93 -6.96
C THR A 562 -14.63 30.81 -7.03
N PRO A 563 -14.25 29.56 -6.75
CA PRO A 563 -15.19 28.45 -6.85
C PRO A 563 -16.30 28.57 -5.82
N CYS A 564 -17.46 28.01 -6.16
CA CYS A 564 -18.62 28.07 -5.29
C CYS A 564 -18.33 27.33 -3.99
N SER A 565 -18.72 27.94 -2.87
CA SER A 565 -18.37 27.43 -1.56
C SER A 565 -19.03 26.09 -1.28
N PHE A 566 -18.34 25.27 -0.50
CA PHE A 566 -18.83 23.95 -0.11
C PHE A 566 -18.23 23.58 1.23
N GLY A 567 -18.56 22.39 1.70
CA GLY A 567 -18.03 21.92 2.97
C GLY A 567 -18.78 20.68 3.43
N GLY A 568 -18.49 20.28 4.67
CA GLY A 568 -19.11 19.14 5.28
C GLY A 568 -20.23 19.54 6.23
N VAL A 569 -21.15 18.59 6.46
CA VAL A 569 -22.30 18.79 7.33
C VAL A 569 -22.26 17.74 8.43
N SER A 570 -22.34 18.19 9.68
CA SER A 570 -22.35 17.32 10.83
C SER A 570 -23.56 17.61 11.69
N VAL A 571 -24.04 16.59 12.40
CA VAL A 571 -25.26 16.67 13.20
C VAL A 571 -24.90 16.42 14.65
N ILE A 572 -25.28 17.35 15.51
CA ILE A 572 -25.11 17.20 16.96
C ILE A 572 -26.39 16.65 17.54
N THR A 573 -26.31 15.51 18.20
CA THR A 573 -27.49 14.87 18.76
C THR A 573 -27.19 14.33 20.14
N PRO A 574 -28.15 14.39 21.06
CA PRO A 574 -28.03 13.67 22.31
C PRO A 574 -28.50 12.23 22.16
N GLY A 575 -28.54 11.48 23.26
CA GLY A 575 -29.05 10.12 23.18
C GLY A 575 -30.51 10.09 22.75
N THR A 576 -30.84 9.14 21.86
CA THR A 576 -32.22 9.01 21.41
C THR A 576 -33.15 8.58 22.54
N ASN A 577 -32.61 8.00 23.62
CA ASN A 577 -33.43 7.64 24.77
C ASN A 577 -33.91 8.85 25.56
N THR A 578 -33.34 10.03 25.33
CA THR A 578 -33.72 11.24 26.05
C THR A 578 -34.72 12.07 25.25
N SER A 579 -34.35 12.47 24.04
CA SER A 579 -35.24 13.26 23.18
C SER A 579 -34.78 13.08 21.74
N ASN A 580 -35.35 13.87 20.83
CA ASN A 580 -35.02 13.80 19.42
C ASN A 580 -34.81 15.19 18.82
N GLN A 581 -34.31 16.13 19.63
CA GLN A 581 -33.93 17.44 19.13
C GLN A 581 -32.47 17.42 18.69
N VAL A 582 -32.20 17.98 17.50
CA VAL A 582 -30.87 17.94 16.92
C VAL A 582 -30.44 19.34 16.52
N ALA A 583 -29.13 19.51 16.40
CA ALA A 583 -28.53 20.76 15.93
C ALA A 583 -27.57 20.42 14.79
N VAL A 584 -27.56 21.26 13.76
CA VAL A 584 -26.79 21.02 12.55
C VAL A 584 -25.72 22.08 12.42
N LEU A 585 -24.49 21.64 12.14
CA LEU A 585 -23.35 22.53 11.97
C LEU A 585 -22.83 22.42 10.55
N TYR A 586 -22.67 23.56 9.90
CA TYR A 586 -22.08 23.64 8.57
C TYR A 586 -20.62 24.07 8.70
N GLN A 587 -19.73 23.34 8.05
CA GLN A 587 -18.29 23.50 8.25
C GLN A 587 -17.70 24.41 7.18
N GLY A 588 -17.11 25.53 7.62
CA GLY A 588 -16.38 26.42 6.74
C GLY A 588 -17.23 27.27 5.82
N VAL A 589 -18.50 27.49 6.13
CA VAL A 589 -19.40 28.27 5.29
C VAL A 589 -19.98 29.41 6.11
N ASN A 590 -20.09 30.59 5.47
CA ASN A 590 -20.68 31.75 6.13
C ASN A 590 -22.14 31.94 5.73
N CYS A 591 -22.42 32.06 4.44
CA CYS A 591 -23.76 32.33 3.94
C CYS A 591 -24.27 31.09 3.22
N THR A 592 -25.20 30.38 3.85
CA THR A 592 -25.77 29.17 3.27
C THR A 592 -26.77 29.51 2.18
N GLU A 593 -27.18 28.49 1.43
CA GLU A 593 -28.23 28.66 0.43
C GLU A 593 -29.62 28.74 1.03
N VAL A 594 -29.77 28.39 2.31
CA VAL A 594 -31.05 28.46 3.00
C VAL A 594 -30.84 29.24 4.30
N PRO A 595 -30.77 30.57 4.24
CA PRO A 595 -30.54 31.36 5.45
C PRO A 595 -31.74 31.43 6.39
N VAL A 596 -32.93 31.06 5.92
CA VAL A 596 -34.12 31.16 6.76
C VAL A 596 -34.04 30.19 7.93
N ALA A 597 -33.62 28.95 7.67
CA ALA A 597 -33.53 27.94 8.72
C ALA A 597 -32.34 28.21 9.64
N ASN A 615 -28.65 38.07 15.85
CA ASN A 615 -29.81 37.21 16.01
C ASN A 615 -29.53 35.80 15.49
N VAL A 616 -28.30 35.58 15.03
CA VAL A 616 -27.88 34.29 14.53
C VAL A 616 -26.52 33.96 15.14
N PHE A 617 -26.15 32.67 15.08
CA PHE A 617 -24.90 32.19 15.64
C PHE A 617 -24.00 31.71 14.51
N GLN A 618 -22.75 32.17 14.52
CA GLN A 618 -21.74 31.74 13.58
C GLN A 618 -20.41 31.57 14.31
N THR A 619 -19.37 31.21 13.55
CA THR A 619 -17.99 31.07 14.01
C THR A 619 -17.84 29.93 15.01
N ARG A 620 -16.65 29.33 15.07
CA ARG A 620 -15.55 29.55 14.14
C ARG A 620 -15.43 28.38 13.17
N ALA A 621 -16.33 27.41 13.33
CA ALA A 621 -16.42 26.30 12.40
C ALA A 621 -17.42 26.54 11.29
N GLY A 622 -18.37 27.47 11.49
CA GLY A 622 -19.36 27.80 10.50
C GLY A 622 -20.68 28.09 11.17
N CYS A 623 -21.74 28.03 10.37
CA CYS A 623 -23.08 28.31 10.88
C CYS A 623 -23.56 27.20 11.80
N LEU A 624 -24.28 27.58 12.85
CA LEU A 624 -24.91 26.65 13.77
C LEU A 624 -26.42 26.81 13.69
N ILE A 625 -27.13 25.69 13.53
CA ILE A 625 -28.56 25.71 13.29
C ILE A 625 -29.24 25.02 14.47
N GLY A 626 -30.28 25.68 15.00
CA GLY A 626 -31.05 25.11 16.09
C GLY A 626 -30.32 24.99 17.41
N ALA A 627 -29.55 26.02 17.78
CA ALA A 627 -28.85 26.04 19.05
C ALA A 627 -28.86 27.45 19.61
N GLU A 628 -28.72 27.56 20.93
CA GLU A 628 -28.75 28.83 21.63
C GLU A 628 -27.41 29.09 22.28
N HIS A 629 -27.13 30.38 22.52
CA HIS A 629 -25.88 30.82 23.11
C HIS A 629 -26.05 31.15 24.59
N VAL A 630 -25.05 30.81 25.38
CA VAL A 630 -25.01 31.11 26.81
C VAL A 630 -23.66 31.70 27.16
N ASN A 631 -23.68 32.79 27.93
CA ASN A 631 -22.44 33.43 28.35
C ASN A 631 -21.66 32.55 29.32
N ASN A 632 -22.35 31.83 30.20
CA ASN A 632 -21.68 31.00 31.19
C ASN A 632 -20.92 29.86 30.51
N SER A 633 -19.73 29.57 31.01
CA SER A 633 -18.91 28.48 30.48
C SER A 633 -19.10 27.21 31.31
N TYR A 634 -18.88 26.07 30.67
CA TYR A 634 -19.06 24.78 31.32
C TYR A 634 -17.98 23.83 30.82
N GLU A 635 -17.89 22.67 31.46
CA GLU A 635 -17.02 21.61 30.97
C GLU A 635 -17.57 21.07 29.65
N CYS A 636 -16.67 20.74 28.73
CA CYS A 636 -17.10 20.30 27.42
C CYS A 636 -17.79 18.95 27.49
N ASP A 637 -18.92 18.83 26.78
CA ASP A 637 -19.65 17.58 26.67
C ASP A 637 -19.60 17.03 25.25
N ILE A 638 -19.99 17.82 24.26
CA ILE A 638 -19.87 17.46 22.85
C ILE A 638 -19.00 18.50 22.16
N PRO A 639 -17.75 18.18 21.82
CA PRO A 639 -16.89 19.18 21.19
C PRO A 639 -17.37 19.56 19.81
N ILE A 640 -17.14 20.82 19.45
CA ILE A 640 -17.52 21.37 18.16
C ILE A 640 -16.30 21.72 17.31
N GLY A 641 -15.37 22.46 17.88
CA GLY A 641 -14.18 22.90 17.18
C GLY A 641 -13.89 24.33 17.55
N ALA A 642 -12.60 24.70 17.52
CA ALA A 642 -12.13 26.03 17.85
C ALA A 642 -12.49 26.44 19.28
N GLY A 643 -12.66 25.47 20.18
CA GLY A 643 -12.84 25.74 21.59
C GLY A 643 -14.27 25.87 22.06
N ILE A 644 -15.25 25.88 21.17
CA ILE A 644 -16.65 25.98 21.57
C ILE A 644 -17.22 24.58 21.75
N CYS A 645 -18.12 24.46 22.72
CA CYS A 645 -18.69 23.17 23.10
C CYS A 645 -20.21 23.27 23.15
N ALA A 646 -20.86 22.12 23.06
CA ALA A 646 -22.32 22.03 23.08
C ALA A 646 -22.75 20.94 24.04
N SER A 647 -23.86 21.16 24.74
CA SER A 647 -24.39 20.21 25.69
C SER A 647 -25.91 20.26 25.63
N TYR A 648 -26.56 19.57 26.57
CA TYR A 648 -28.03 19.46 26.62
C TYR A 648 -28.47 19.77 28.05
N GLN A 649 -28.80 21.03 28.30
CA GLN A 649 -29.24 21.46 29.62
C GLN A 649 -30.36 22.48 29.49
N THR A 650 -31.14 22.64 30.55
CA THR A 650 -32.23 23.61 30.58
C THR A 650 -32.39 24.21 31.97
N ALA A 662 -39.85 25.23 26.88
CA ALA A 662 -38.57 25.88 27.11
C ALA A 662 -37.50 24.88 27.51
N SER A 663 -37.93 23.80 28.16
CA SER A 663 -37.01 22.77 28.61
C SER A 663 -36.47 21.97 27.43
N GLN A 664 -35.33 21.31 27.67
CA GLN A 664 -34.69 20.44 26.68
C GLN A 664 -34.38 21.19 25.38
N SER A 665 -33.47 22.16 25.50
CA SER A 665 -33.00 22.95 24.36
C SER A 665 -31.51 22.71 24.17
N ILE A 666 -31.11 22.47 22.92
CA ILE A 666 -29.70 22.31 22.60
C ILE A 666 -28.97 23.63 22.82
N ILE A 667 -27.81 23.56 23.46
CA ILE A 667 -27.10 24.74 23.92
C ILE A 667 -25.66 24.71 23.40
N ALA A 668 -25.06 25.90 23.33
CA ALA A 668 -23.68 26.07 22.87
C ALA A 668 -22.88 26.86 23.88
N TYR A 669 -21.63 26.46 24.09
CA TYR A 669 -20.77 27.01 25.13
C TYR A 669 -19.43 27.43 24.54
N THR A 670 -18.58 27.99 25.41
CA THR A 670 -17.15 28.11 25.19
C THR A 670 -16.46 27.32 26.29
N MET A 671 -15.53 26.46 25.91
CA MET A 671 -14.96 25.49 26.85
C MET A 671 -14.28 26.19 28.02
N SER A 672 -14.48 25.62 29.22
CA SER A 672 -13.85 26.09 30.43
C SER A 672 -12.80 25.08 30.88
N LEU A 673 -11.66 25.58 31.36
CA LEU A 673 -10.54 24.73 31.72
C LEU A 673 -10.64 24.13 33.12
N GLY A 674 -11.57 24.60 33.94
CA GLY A 674 -11.77 24.08 35.28
C GLY A 674 -11.91 25.20 36.28
N GLU A 675 -11.94 24.83 37.55
CA GLU A 675 -12.09 25.81 38.62
C GLU A 675 -10.74 26.40 38.99
N GLU A 676 -10.77 27.64 39.46
CA GLU A 676 -9.56 28.35 39.85
C GLU A 676 -9.23 28.08 41.30
N ASN A 677 -7.93 28.04 41.61
CA ASN A 677 -7.45 27.80 42.96
C ASN A 677 -6.47 28.90 43.35
N SER A 678 -6.63 29.43 44.55
CA SER A 678 -5.74 30.44 45.10
C SER A 678 -5.02 29.88 46.32
N VAL A 679 -3.90 30.52 46.66
CA VAL A 679 -3.06 30.07 47.76
C VAL A 679 -2.55 31.29 48.52
N ALA A 680 -2.32 31.11 49.81
CA ALA A 680 -1.72 32.17 50.61
C ALA A 680 -0.27 32.38 50.17
N TYR A 681 0.26 33.56 50.48
CA TYR A 681 1.55 33.95 49.96
C TYR A 681 2.54 34.33 51.05
N SER A 682 2.64 33.49 52.09
CA SER A 682 3.61 33.69 53.14
C SER A 682 4.95 33.07 52.75
N ASN A 683 6.03 33.71 53.19
CA ASN A 683 7.38 33.24 52.90
C ASN A 683 7.93 32.29 53.94
N ASN A 684 7.18 32.01 55.01
CA ASN A 684 7.68 31.15 56.08
C ASN A 684 6.60 30.19 56.57
N SER A 685 5.70 29.77 55.68
CA SER A 685 4.61 28.88 56.04
C SER A 685 4.70 27.60 55.22
N ILE A 686 4.46 26.46 55.89
CA ILE A 686 4.48 25.16 55.24
C ILE A 686 3.24 24.38 55.66
N ALA A 687 2.86 23.42 54.84
CA ALA A 687 1.70 22.58 55.09
C ALA A 687 2.13 21.13 55.14
N ILE A 688 1.76 20.43 56.21
CA ILE A 688 2.15 19.03 56.40
C ILE A 688 0.90 18.20 56.67
N PRO A 689 0.68 17.12 55.92
CA PRO A 689 -0.52 16.30 56.16
C PRO A 689 -0.46 15.59 57.51
N THR A 690 -1.64 15.41 58.11
CA THR A 690 -1.77 14.68 59.36
C THR A 690 -2.64 13.43 59.21
N ASN A 691 -2.99 13.06 57.98
CA ASN A 691 -3.85 11.91 57.73
C ASN A 691 -3.69 11.53 56.27
N PHE A 692 -4.09 10.31 55.93
CA PHE A 692 -3.90 9.80 54.57
C PHE A 692 -5.04 8.84 54.25
N THR A 693 -4.91 8.20 53.08
CA THR A 693 -5.91 7.24 52.62
C THR A 693 -5.24 6.25 51.67
N ILE A 694 -5.90 5.12 51.45
CA ILE A 694 -5.43 4.08 50.55
C ILE A 694 -6.40 4.00 49.38
N SER A 695 -5.87 4.14 48.17
CA SER A 695 -6.68 4.15 46.95
C SER A 695 -6.23 3.03 46.02
N VAL A 696 -7.19 2.47 45.29
CA VAL A 696 -6.94 1.42 44.31
C VAL A 696 -7.61 1.83 43.00
N THR A 697 -6.87 1.72 41.90
CA THR A 697 -7.36 2.14 40.58
C THR A 697 -7.27 0.97 39.61
N THR A 698 -7.54 1.25 38.33
CA THR A 698 -7.63 0.21 37.31
C THR A 698 -6.93 0.67 36.05
N GLU A 699 -6.32 -0.28 35.34
CA GLU A 699 -5.62 0.00 34.09
C GLU A 699 -5.79 -1.18 33.15
N ILE A 700 -6.14 -0.89 31.90
CA ILE A 700 -6.45 -1.90 30.91
C ILE A 700 -5.55 -1.69 29.69
N ILE A 701 -4.88 -2.76 29.26
CA ILE A 701 -3.95 -2.69 28.14
C ILE A 701 -4.19 -3.87 27.20
N PRO A 702 -4.53 -3.64 25.93
CA PRO A 702 -4.62 -4.74 24.97
C PRO A 702 -3.26 -5.35 24.71
N VAL A 703 -3.26 -6.65 24.39
CA VAL A 703 -2.03 -7.43 24.22
C VAL A 703 -1.96 -8.08 22.86
N SER A 704 -3.02 -8.80 22.46
CA SER A 704 -2.96 -9.64 21.27
C SER A 704 -4.15 -9.36 20.36
N MET A 705 -3.95 -9.61 19.07
CA MET A 705 -4.98 -9.49 18.05
C MET A 705 -5.60 -10.86 17.75
N GLN A 706 -6.37 -10.92 16.68
CA GLN A 706 -7.01 -12.15 16.23
C GLN A 706 -6.27 -12.69 15.01
N LYS A 707 -5.88 -13.97 15.08
CA LYS A 707 -5.14 -14.60 14.00
C LYS A 707 -6.06 -14.92 12.83
N VAL A 708 -5.62 -14.61 11.62
CA VAL A 708 -6.42 -14.79 10.41
C VAL A 708 -5.55 -15.39 9.31
N SER A 709 -6.09 -16.37 8.60
CA SER A 709 -5.43 -16.95 7.43
C SER A 709 -6.38 -16.88 6.25
N VAL A 710 -5.84 -16.52 5.08
CA VAL A 710 -6.64 -16.30 3.88
C VAL A 710 -6.03 -17.09 2.73
N ASP A 711 -6.87 -17.80 1.98
CA ASP A 711 -6.45 -18.47 0.76
C ASP A 711 -6.72 -17.55 -0.42
N CYS A 712 -5.65 -17.16 -1.11
CA CYS A 712 -5.78 -16.16 -2.17
C CYS A 712 -6.50 -16.72 -3.38
N THR A 713 -6.14 -17.92 -3.82
CA THR A 713 -6.75 -18.49 -5.02
C THR A 713 -8.24 -18.73 -4.83
N MET A 714 -8.63 -19.26 -3.68
CA MET A 714 -10.05 -19.52 -3.42
C MET A 714 -10.84 -18.22 -3.36
N TYR A 715 -10.27 -17.19 -2.74
CA TYR A 715 -10.99 -15.91 -2.64
C TYR A 715 -11.14 -15.25 -4.00
N ILE A 716 -10.07 -15.21 -4.80
CA ILE A 716 -10.11 -14.44 -6.03
C ILE A 716 -10.84 -15.22 -7.13
N CYS A 717 -10.48 -16.49 -7.32
CA CYS A 717 -10.99 -17.24 -8.46
C CYS A 717 -11.63 -18.55 -8.01
N GLY A 718 -12.47 -18.50 -6.98
CA GLY A 718 -13.01 -19.71 -6.38
C GLY A 718 -13.83 -20.60 -7.29
N ASP A 719 -13.42 -21.87 -7.38
CA ASP A 719 -14.14 -22.96 -8.06
C ASP A 719 -14.09 -22.87 -9.59
N SER A 720 -13.50 -21.83 -10.15
CA SER A 720 -13.36 -21.67 -11.60
C SER A 720 -11.91 -21.89 -12.00
N GLU A 721 -11.65 -22.95 -12.76
CA GLU A 721 -10.28 -23.25 -13.17
C GLU A 721 -9.77 -22.29 -14.23
N GLU A 722 -10.66 -21.72 -15.05
CA GLU A 722 -10.23 -20.72 -16.02
C GLU A 722 -9.66 -19.49 -15.32
N CYS A 723 -10.32 -19.04 -14.25
CA CYS A 723 -9.83 -17.88 -13.51
C CYS A 723 -8.49 -18.17 -12.87
N SER A 724 -8.31 -19.38 -12.34
CA SER A 724 -7.01 -19.75 -11.76
C SER A 724 -5.93 -19.79 -12.82
N ASN A 725 -6.25 -20.31 -14.01
CA ASN A 725 -5.27 -20.35 -15.09
C ASN A 725 -4.87 -18.94 -15.51
N LEU A 726 -5.83 -18.03 -15.57
CA LEU A 726 -5.50 -16.63 -15.88
C LEU A 726 -4.68 -16.00 -14.77
N LEU A 727 -4.99 -16.32 -13.51
CA LEU A 727 -4.26 -15.76 -12.38
C LEU A 727 -2.83 -16.29 -12.32
N LEU A 728 -2.58 -17.46 -12.92
CA LEU A 728 -1.24 -18.04 -12.88
C LEU A 728 -0.18 -17.13 -13.50
N GLN A 729 -0.58 -16.18 -14.33
CA GLN A 729 0.36 -15.29 -14.99
C GLN A 729 0.74 -14.08 -14.14
N TYR A 730 0.14 -13.91 -12.96
CA TYR A 730 0.32 -12.70 -12.17
C TYR A 730 1.47 -12.78 -11.17
N GLY A 731 2.13 -13.92 -11.04
CA GLY A 731 3.32 -14.02 -10.22
C GLY A 731 3.03 -14.68 -8.87
N SER A 732 3.53 -14.07 -7.79
CA SER A 732 3.48 -14.66 -6.46
C SER A 732 2.83 -13.72 -5.45
N PHE A 733 1.81 -12.97 -5.89
CA PHE A 733 1.11 -12.07 -4.97
C PHE A 733 0.45 -12.84 -3.84
N CYS A 734 -0.19 -13.97 -4.17
CA CYS A 734 -0.82 -14.79 -3.14
C CYS A 734 0.21 -15.31 -2.15
N THR A 735 1.37 -15.73 -2.64
CA THR A 735 2.43 -16.20 -1.74
C THR A 735 2.88 -15.08 -0.80
N GLN A 736 3.08 -13.88 -1.33
CA GLN A 736 3.48 -12.76 -0.48
C GLN A 736 2.44 -12.46 0.58
N LEU A 737 1.16 -12.43 0.19
CA LEU A 737 0.10 -12.14 1.15
C LEU A 737 0.03 -13.20 2.24
N ASN A 738 0.12 -14.48 1.85
CA ASN A 738 0.09 -15.55 2.84
C ASN A 738 1.28 -15.46 3.79
N ARG A 739 2.47 -15.13 3.26
CA ARG A 739 3.64 -14.99 4.10
C ARG A 739 3.45 -13.87 5.13
N ALA A 740 2.94 -12.72 4.68
CA ALA A 740 2.72 -11.61 5.60
C ALA A 740 1.73 -11.98 6.69
N LEU A 741 0.63 -12.64 6.30
CA LEU A 741 -0.37 -13.03 7.29
C LEU A 741 0.20 -14.03 8.29
N HIS A 742 1.03 -14.96 7.81
CA HIS A 742 1.64 -15.93 8.72
C HIS A 742 2.59 -15.26 9.70
N GLU A 743 3.38 -14.28 9.23
CA GLU A 743 4.25 -13.56 10.15
C GLU A 743 3.44 -12.84 11.22
N ILE A 744 2.34 -12.21 10.82
CA ILE A 744 1.49 -11.53 11.81
C ILE A 744 0.94 -12.54 12.82
N ALA A 745 0.50 -13.70 12.33
CA ALA A 745 -0.05 -14.72 13.23
C ALA A 745 0.98 -15.20 14.23
N VAL A 746 2.22 -15.42 13.79
CA VAL A 746 3.27 -15.87 14.70
C VAL A 746 3.57 -14.79 15.74
N GLU A 747 3.66 -13.54 15.31
CA GLU A 747 3.93 -12.46 16.24
C GLU A 747 2.81 -12.33 17.28
N GLN A 748 1.58 -12.68 16.91
CA GLN A 748 0.47 -12.60 17.84
C GLN A 748 0.70 -13.51 19.06
N ASP A 749 1.16 -14.74 18.82
CA ASP A 749 1.44 -15.62 19.94
C ASP A 749 2.72 -15.23 20.66
N LYS A 750 3.71 -14.70 19.92
CA LYS A 750 4.93 -14.26 20.58
C LYS A 750 4.66 -13.16 21.59
N ASN A 751 3.70 -12.27 21.28
CA ASN A 751 3.35 -11.20 22.21
C ASN A 751 2.85 -11.76 23.54
N THR A 752 1.90 -12.71 23.49
CA THR A 752 1.37 -13.29 24.71
C THR A 752 2.45 -14.05 25.47
N GLN A 753 3.30 -14.78 24.75
CA GLN A 753 4.39 -15.50 25.41
C GLN A 753 5.31 -14.55 26.14
N GLU A 754 5.65 -13.41 25.53
CA GLU A 754 6.50 -12.43 26.20
C GLU A 754 5.81 -11.82 27.41
N VAL A 755 4.51 -11.51 27.29
CA VAL A 755 3.84 -10.78 28.36
C VAL A 755 3.62 -11.67 29.58
N PHE A 756 3.08 -12.87 29.38
CA PHE A 756 2.61 -13.68 30.51
C PHE A 756 3.61 -14.72 30.99
N ALA A 757 4.29 -15.42 30.08
CA ALA A 757 5.20 -16.50 30.46
C ALA A 757 6.52 -15.89 30.93
N GLN A 758 6.54 -15.45 32.18
CA GLN A 758 7.72 -14.83 32.77
C GLN A 758 8.34 -15.64 33.90
N VAL A 759 7.57 -16.49 34.57
CA VAL A 759 8.06 -17.30 35.68
C VAL A 759 7.88 -18.77 35.30
N LYS A 760 8.95 -19.55 35.46
CA LYS A 760 8.94 -20.97 35.12
C LYS A 760 8.51 -21.85 36.28
N GLN A 761 8.25 -21.28 37.46
CA GLN A 761 7.81 -22.03 38.62
C GLN A 761 6.35 -21.68 38.92
N ILE A 762 5.65 -22.64 39.52
CA ILE A 762 4.24 -22.51 39.86
C ILE A 762 4.08 -22.60 41.36
N TYR A 763 3.38 -21.63 41.94
CA TYR A 763 3.11 -21.60 43.37
C TYR A 763 1.64 -21.93 43.64
N LYS A 764 1.38 -22.54 44.79
CA LYS A 764 0.03 -22.89 45.19
C LYS A 764 -0.57 -21.78 46.03
N THR A 765 -1.90 -21.70 46.00
CA THR A 765 -2.59 -20.76 46.85
C THR A 765 -2.40 -21.14 48.31
N PRO A 766 -2.07 -20.20 49.19
CA PRO A 766 -1.88 -20.52 50.61
C PRO A 766 -3.16 -21.06 51.21
N PRO A 767 -3.12 -22.27 51.78
CA PRO A 767 -4.33 -22.86 52.38
C PRO A 767 -4.85 -22.10 53.59
N ILE A 768 -4.08 -21.17 54.15
CA ILE A 768 -4.52 -20.36 55.27
C ILE A 768 -4.77 -18.94 54.76
N LYS A 769 -5.65 -18.23 55.46
CA LYS A 769 -6.03 -16.87 55.11
C LYS A 769 -5.69 -15.90 56.23
N ASP A 770 -4.50 -16.04 56.80
CA ASP A 770 -4.03 -15.14 57.86
C ASP A 770 -3.08 -14.14 57.23
N PHE A 771 -3.65 -13.08 56.66
CA PHE A 771 -2.89 -12.02 56.00
C PHE A 771 -2.86 -10.74 56.80
N GLY A 772 -3.16 -10.81 58.10
CA GLY A 772 -3.12 -9.62 58.93
C GLY A 772 -4.27 -8.67 58.75
N GLY A 773 -5.40 -9.14 58.21
CA GLY A 773 -6.58 -8.33 58.04
C GLY A 773 -6.96 -8.08 56.60
N PHE A 774 -6.04 -8.26 55.66
CA PHE A 774 -6.34 -8.09 54.25
C PHE A 774 -6.95 -9.37 53.70
N ASN A 775 -8.04 -9.24 52.94
CA ASN A 775 -8.61 -10.37 52.23
C ASN A 775 -8.42 -10.20 50.73
N PHE A 776 -7.93 -11.25 50.08
CA PHE A 776 -7.77 -11.30 48.63
C PHE A 776 -8.71 -12.33 48.01
N SER A 777 -9.86 -12.58 48.65
CA SER A 777 -10.77 -13.61 48.17
C SER A 777 -11.32 -13.29 46.79
N GLN A 778 -11.65 -12.02 46.55
CA GLN A 778 -12.19 -11.62 45.26
C GLN A 778 -11.14 -11.62 44.15
N ILE A 779 -9.86 -11.74 44.50
CA ILE A 779 -8.78 -11.71 43.52
C ILE A 779 -8.18 -13.10 43.32
N LEU A 780 -8.02 -13.87 44.39
CA LEU A 780 -7.49 -15.22 44.27
C LEU A 780 -8.55 -16.18 43.75
N PRO A 781 -8.15 -17.20 42.99
CA PRO A 781 -9.12 -18.17 42.50
C PRO A 781 -9.72 -18.99 43.64
N ASP A 782 -10.99 -19.36 43.46
CA ASP A 782 -11.74 -20.11 44.46
C ASP A 782 -11.70 -21.60 44.15
N PRO A 783 -11.40 -22.46 45.13
CA PRO A 783 -11.38 -23.91 44.85
C PRO A 783 -12.73 -24.48 44.44
N SER A 784 -13.84 -23.80 44.75
CA SER A 784 -15.18 -24.30 44.44
C SER A 784 -15.42 -24.21 42.94
N LYS A 785 -14.88 -25.19 42.21
CA LYS A 785 -14.93 -25.15 40.76
C LYS A 785 -16.37 -25.34 40.27
N PRO A 786 -16.72 -24.71 39.14
CA PRO A 786 -15.87 -23.88 38.28
C PRO A 786 -15.65 -22.49 38.85
N SER A 787 -14.45 -22.26 39.39
CA SER A 787 -14.04 -20.96 39.89
C SER A 787 -12.57 -20.71 39.62
N LYS A 788 -12.05 -21.30 38.53
CA LYS A 788 -10.64 -21.13 38.16
C LYS A 788 -10.29 -19.65 38.04
N ARG A 789 -11.22 -18.84 37.54
CA ARG A 789 -11.06 -17.40 37.54
C ARG A 789 -11.66 -16.83 38.83
N SER A 790 -11.14 -15.66 39.23
CA SER A 790 -11.70 -14.98 40.38
C SER A 790 -13.01 -14.30 40.00
N ALA A 791 -13.63 -13.64 40.98
CA ALA A 791 -14.88 -12.93 40.70
C ALA A 791 -14.65 -11.78 39.72
N ILE A 792 -13.56 -11.04 39.89
CA ILE A 792 -13.28 -9.91 39.02
C ILE A 792 -13.01 -10.38 37.60
N GLU A 793 -12.28 -11.48 37.45
CA GLU A 793 -12.02 -12.01 36.11
C GLU A 793 -13.31 -12.46 35.44
N ASP A 794 -14.21 -13.08 36.19
CA ASP A 794 -15.51 -13.45 35.64
C ASP A 794 -16.30 -12.23 35.21
N LEU A 795 -16.29 -11.18 36.03
CA LEU A 795 -16.98 -9.95 35.68
C LEU A 795 -16.43 -9.35 34.40
N LEU A 796 -15.09 -9.32 34.27
CA LEU A 796 -14.47 -8.79 33.05
C LEU A 796 -14.83 -9.63 31.83
N PHE A 797 -14.78 -10.96 31.97
CA PHE A 797 -15.10 -11.82 30.84
C PHE A 797 -16.55 -11.69 30.41
N ASN A 798 -17.45 -11.46 31.37
CA ASN A 798 -18.84 -11.22 31.01
C ASN A 798 -19.05 -9.83 30.41
N LYS A 799 -18.29 -8.84 30.87
CA LYS A 799 -18.39 -7.50 30.31
C LYS A 799 -17.94 -7.48 28.85
N VAL A 800 -16.84 -8.19 28.54
CA VAL A 800 -16.43 -8.32 27.15
C VAL A 800 -17.45 -9.11 26.34
N THR A 801 -18.23 -9.96 27.00
CA THR A 801 -19.19 -10.87 26.35
C THR A 801 -18.45 -11.86 25.45
N LEU A 802 -17.39 -12.45 25.96
CA LEU A 802 -16.62 -13.45 25.23
C LEU A 802 -16.83 -14.83 25.85
N GLN A 827 -15.96 -21.07 9.41
CA GLN A 827 -16.62 -19.90 8.83
C GLN A 827 -17.22 -20.22 7.46
N LYS A 828 -17.81 -19.21 6.84
CA LYS A 828 -18.48 -19.37 5.56
C LYS A 828 -17.76 -18.67 4.41
N PHE A 829 -16.86 -17.74 4.71
CA PHE A 829 -16.29 -16.80 3.75
C PHE A 829 -15.31 -17.44 2.77
N ASN A 830 -15.27 -18.78 2.68
CA ASN A 830 -14.47 -19.50 1.70
C ASN A 830 -12.99 -19.41 2.02
N GLY A 831 -12.37 -18.26 1.73
CA GLY A 831 -10.94 -18.12 1.95
C GLY A 831 -10.55 -17.72 3.34
N LEU A 832 -11.45 -17.11 4.10
CA LEU A 832 -11.12 -16.55 5.41
C LEU A 832 -11.27 -17.62 6.48
N THR A 833 -10.25 -17.73 7.35
CA THR A 833 -10.27 -18.68 8.45
C THR A 833 -9.59 -18.03 9.65
N VAL A 834 -10.03 -18.41 10.85
CA VAL A 834 -9.49 -17.90 12.09
C VAL A 834 -8.84 -19.05 12.84
N LEU A 835 -7.56 -18.91 13.16
CA LEU A 835 -6.85 -19.94 13.88
C LEU A 835 -6.92 -19.71 15.39
N PRO A 836 -6.93 -20.78 16.18
CA PRO A 836 -7.03 -20.62 17.63
C PRO A 836 -5.71 -20.18 18.23
N PRO A 837 -5.74 -19.47 19.37
CA PRO A 837 -4.48 -19.09 20.02
C PRO A 837 -3.75 -20.30 20.58
N LEU A 838 -2.42 -20.16 20.66
CA LEU A 838 -1.60 -21.27 21.16
C LEU A 838 -1.86 -21.52 22.64
N LEU A 839 -2.05 -20.47 23.42
CA LEU A 839 -2.29 -20.59 24.86
C LEU A 839 -3.79 -20.38 25.13
N THR A 840 -4.43 -21.40 25.67
CA THR A 840 -5.81 -21.26 26.09
C THR A 840 -5.89 -20.34 27.31
N ASP A 841 -7.06 -19.72 27.49
CA ASP A 841 -7.22 -18.76 28.57
C ASP A 841 -7.12 -19.40 29.96
N GLU A 842 -7.36 -20.71 30.06
CA GLU A 842 -7.10 -21.41 31.32
C GLU A 842 -5.63 -21.30 31.70
N MET A 843 -4.73 -21.49 30.73
CA MET A 843 -3.31 -21.38 31.01
C MET A 843 -2.92 -19.97 31.39
N ILE A 844 -3.52 -18.97 30.75
CA ILE A 844 -3.24 -17.58 31.10
C ILE A 844 -3.71 -17.28 32.52
N ALA A 845 -4.90 -17.77 32.88
CA ALA A 845 -5.39 -17.58 34.24
C ALA A 845 -4.48 -18.27 35.25
N ALA A 846 -3.98 -19.47 34.91
CA ALA A 846 -3.06 -20.17 35.79
C ALA A 846 -1.77 -19.39 35.97
N TYR A 847 -1.24 -18.82 34.89
CA TYR A 847 -0.02 -18.01 34.98
C TYR A 847 -0.25 -16.81 35.88
N THR A 848 -1.38 -16.12 35.69
CA THR A 848 -1.68 -14.95 36.51
C THR A 848 -1.83 -15.33 37.98
N SER A 849 -2.51 -16.44 38.26
CA SER A 849 -2.67 -16.89 39.64
C SER A 849 -1.34 -17.25 40.26
N ALA A 850 -0.45 -17.90 39.49
CA ALA A 850 0.86 -18.24 40.01
C ALA A 850 1.66 -16.98 40.33
N LEU A 851 1.64 -15.99 39.45
CA LEU A 851 2.34 -14.74 39.72
C LEU A 851 1.79 -14.07 40.98
N LEU A 852 0.46 -14.01 41.11
CA LEU A 852 -0.15 -13.37 42.26
C LEU A 852 0.22 -14.09 43.55
N ALA A 853 0.15 -15.42 43.54
CA ALA A 853 0.48 -16.19 44.74
C ALA A 853 1.95 -16.02 45.11
N GLY A 854 2.83 -16.03 44.11
CA GLY A 854 4.25 -15.85 44.40
C GLY A 854 4.54 -14.49 45.01
N THR A 855 3.98 -13.44 44.42
CA THR A 855 4.23 -12.10 44.94
C THR A 855 3.53 -11.85 46.26
N ILE A 856 2.47 -12.60 46.57
CA ILE A 856 1.78 -12.42 47.84
C ILE A 856 2.38 -13.27 48.96
N THR A 857 3.10 -14.34 48.63
CA THR A 857 3.68 -15.23 49.63
C THR A 857 5.17 -14.96 49.83
N ALA A 858 5.97 -15.03 48.76
CA ALA A 858 7.42 -14.95 48.90
C ALA A 858 7.92 -13.55 49.22
N GLY A 859 7.13 -12.52 48.93
CA GLY A 859 7.58 -11.16 49.21
C GLY A 859 8.74 -10.78 48.31
N TRP A 860 9.85 -10.37 48.91
CA TRP A 860 11.03 -9.95 48.18
C TRP A 860 11.97 -11.10 47.86
N THR A 861 11.58 -12.33 48.17
CA THR A 861 12.38 -13.52 47.87
C THR A 861 11.73 -14.34 46.76
N PHE A 862 11.03 -13.68 45.84
CA PHE A 862 10.33 -14.36 44.76
C PHE A 862 11.31 -14.62 43.61
N GLY A 863 11.56 -15.89 43.34
CA GLY A 863 12.46 -16.27 42.28
C GLY A 863 13.61 -17.13 42.75
N ALA A 864 14.15 -16.82 43.93
CA ALA A 864 15.25 -17.57 44.50
C ALA A 864 14.72 -18.83 45.18
N GLY A 865 15.56 -19.49 45.97
CA GLY A 865 15.14 -20.69 46.67
C GLY A 865 14.01 -20.45 47.65
N ALA A 866 14.29 -19.73 48.73
CA ALA A 866 13.29 -19.30 49.70
C ALA A 866 12.40 -20.45 50.15
N ALA A 867 11.22 -20.56 49.54
CA ALA A 867 10.23 -21.60 49.82
C ALA A 867 9.66 -21.49 51.24
N LEU A 868 9.56 -20.28 51.76
CA LEU A 868 8.90 -20.02 53.02
C LEU A 868 8.07 -18.74 52.90
N GLN A 869 7.06 -18.63 53.76
CA GLN A 869 6.13 -17.51 53.69
C GLN A 869 6.62 -16.36 54.56
N ILE A 870 6.87 -15.21 53.94
CA ILE A 870 7.19 -14.00 54.68
C ILE A 870 5.90 -13.34 55.13
N PRO A 871 5.79 -12.88 56.38
CA PRO A 871 4.56 -12.24 56.83
C PRO A 871 4.22 -11.01 55.98
N PHE A 872 2.91 -10.85 55.71
CA PHE A 872 2.46 -9.78 54.82
C PHE A 872 2.74 -8.41 55.40
N ALA A 873 2.51 -8.24 56.70
CA ALA A 873 2.75 -6.94 57.33
C ALA A 873 4.19 -6.50 57.19
N MET A 874 5.13 -7.45 57.13
CA MET A 874 6.52 -7.10 56.93
C MET A 874 6.74 -6.49 55.54
N GLN A 875 6.12 -7.09 54.51
CA GLN A 875 6.21 -6.51 53.17
C GLN A 875 5.57 -5.14 53.12
N MET A 876 4.42 -4.98 53.79
CA MET A 876 3.75 -3.69 53.81
C MET A 876 4.62 -2.63 54.48
N ALA A 877 5.27 -2.99 55.59
CA ALA A 877 6.16 -2.05 56.27
C ALA A 877 7.37 -1.70 55.40
N TYR A 878 7.92 -2.70 54.70
CA TYR A 878 9.04 -2.44 53.81
C TYR A 878 8.66 -1.46 52.71
N ARG A 879 7.48 -1.66 52.10
CA ARG A 879 7.08 -0.75 51.03
C ARG A 879 6.64 0.61 51.56
N PHE A 880 6.15 0.66 52.80
CA PHE A 880 5.90 1.95 53.45
C PHE A 880 7.19 2.72 53.65
N ASN A 881 8.25 2.02 54.09
CA ASN A 881 9.56 2.66 54.20
C ASN A 881 10.08 3.06 52.83
N GLY A 882 9.70 2.34 51.79
CA GLY A 882 10.17 2.65 50.44
C GLY A 882 9.73 4.01 49.93
N ILE A 883 8.69 4.60 50.49
CA ILE A 883 8.20 5.90 50.04
C ILE A 883 8.43 6.94 51.12
N GLY A 884 9.45 6.73 51.95
CA GLY A 884 9.80 7.70 52.98
C GLY A 884 8.79 7.85 54.09
N VAL A 885 8.17 6.76 54.54
CA VAL A 885 7.30 6.76 55.70
C VAL A 885 7.75 5.64 56.63
N THR A 886 7.99 6.01 57.89
CA THR A 886 8.48 5.03 58.89
C THR A 886 7.51 3.87 59.01
N GLN A 887 7.98 2.73 59.51
CA GLN A 887 7.17 1.53 59.63
C GLN A 887 6.19 1.58 60.80
N ASN A 888 6.49 2.40 61.80
CA ASN A 888 5.62 2.49 63.01
C ASN A 888 4.20 2.89 62.57
N VAL A 889 4.09 3.75 61.55
CA VAL A 889 2.78 4.22 61.10
C VAL A 889 1.90 3.04 60.72
N LEU A 890 2.43 2.14 59.88
CA LEU A 890 1.67 0.95 59.52
C LEU A 890 1.46 0.05 60.73
N TYR A 891 2.51 -0.15 61.53
CA TYR A 891 2.38 -1.05 62.68
C TYR A 891 1.39 -0.54 63.71
N GLU A 892 1.02 0.74 63.66
CA GLU A 892 0.02 1.29 64.56
C GLU A 892 -1.34 1.49 63.93
N ASN A 893 -1.42 1.55 62.59
CA ASN A 893 -2.71 1.76 61.92
C ASN A 893 -3.15 0.57 61.09
N GLN A 894 -2.52 -0.60 61.28
CA GLN A 894 -2.81 -1.81 60.52
C GLN A 894 -4.29 -2.07 60.29
N LYS A 895 -5.11 -1.99 61.34
CA LYS A 895 -6.52 -2.32 61.21
C LYS A 895 -7.23 -1.37 60.26
N LEU A 896 -6.99 -0.07 60.43
CA LEU A 896 -7.60 0.92 59.55
C LEU A 896 -7.12 0.76 58.12
N ILE A 897 -5.82 0.45 57.94
CA ILE A 897 -5.29 0.26 56.60
C ILE A 897 -5.96 -0.91 55.92
N ALA A 898 -6.11 -2.02 56.63
CA ALA A 898 -6.76 -3.20 56.07
C ALA A 898 -8.22 -2.92 55.73
N ASN A 899 -8.91 -2.19 56.61
CA ASN A 899 -10.31 -1.86 56.33
C ASN A 899 -10.43 -0.99 55.09
N GLN A 900 -9.55 0.00 54.94
CA GLN A 900 -9.59 0.86 53.77
C GLN A 900 -9.29 0.07 52.50
N PHE A 901 -8.33 -0.84 52.56
CA PHE A 901 -8.01 -1.65 51.38
C PHE A 901 -9.19 -2.52 50.98
N ASN A 902 -9.83 -3.17 51.96
CA ASN A 902 -10.98 -4.01 51.67
C ASN A 902 -12.14 -3.19 51.09
N LYS A 903 -12.38 -1.99 51.65
CA LYS A 903 -13.43 -1.14 51.14
C LYS A 903 -13.15 -0.72 49.70
N ALA A 904 -11.90 -0.38 49.39
CA ALA A 904 -11.56 0.00 48.03
C ALA A 904 -11.76 -1.17 47.07
N ILE A 905 -11.37 -2.37 47.47
CA ILE A 905 -11.57 -3.54 46.62
C ILE A 905 -13.07 -3.77 46.37
N GLY A 906 -13.88 -3.65 47.42
CA GLY A 906 -15.31 -3.82 47.24
C GLY A 906 -15.92 -2.75 46.33
N LYS A 907 -15.46 -1.51 46.46
CA LYS A 907 -15.95 -0.44 45.60
C LYS A 907 -15.59 -0.71 44.15
N ILE A 908 -14.37 -1.19 43.89
CA ILE A 908 -13.98 -1.52 42.53
C ILE A 908 -14.85 -2.64 41.98
N GLN A 909 -15.11 -3.67 42.79
CA GLN A 909 -15.97 -4.76 42.35
C GLN A 909 -17.37 -4.26 41.99
N ASP A 910 -17.95 -3.41 42.84
CA ASP A 910 -19.28 -2.88 42.56
C ASP A 910 -19.29 -2.03 41.31
N GLY A 911 -18.28 -1.18 41.14
CA GLY A 911 -18.21 -0.35 39.95
C GLY A 911 -18.08 -1.17 38.67
N LEU A 912 -17.29 -2.24 38.73
CA LEU A 912 -17.19 -3.13 37.58
C LEU A 912 -18.54 -3.81 37.31
N SER A 913 -19.23 -4.23 38.36
CA SER A 913 -20.50 -4.94 38.18
C SER A 913 -21.61 -4.00 37.68
N SER A 914 -21.46 -2.70 37.89
CA SER A 914 -22.53 -1.76 37.53
C SER A 914 -22.38 -1.25 36.09
N THR A 915 -21.28 -0.56 35.80
CA THR A 915 -21.10 0.08 34.50
C THR A 915 -20.59 -0.92 33.47
N ALA A 916 -21.16 -0.86 32.26
CA ALA A 916 -20.83 -1.78 31.20
C ALA A 916 -19.96 -1.18 30.10
N SER A 917 -19.44 0.03 30.30
CA SER A 917 -18.65 0.73 29.28
C SER A 917 -17.22 0.98 29.75
N ALA A 918 -16.59 -0.03 30.35
CA ALA A 918 -15.25 0.13 30.89
C ALA A 918 -14.16 -0.49 30.01
N LEU A 919 -14.52 -1.44 29.16
CA LEU A 919 -13.54 -2.20 28.37
C LEU A 919 -13.53 -1.76 26.90
N GLY A 920 -13.74 -0.46 26.68
CA GLY A 920 -13.76 0.06 25.33
C GLY A 920 -12.43 -0.10 24.61
N LYS A 921 -11.33 -0.15 25.35
CA LYS A 921 -10.02 -0.29 24.73
C LYS A 921 -9.91 -1.57 23.94
N LEU A 922 -10.43 -2.68 24.48
CA LEU A 922 -10.45 -3.94 23.75
C LEU A 922 -11.63 -4.02 22.79
N GLN A 923 -12.76 -3.43 23.18
CA GLN A 923 -13.92 -3.45 22.29
C GLN A 923 -13.61 -2.77 20.96
N ASP A 924 -12.81 -1.70 20.99
CA ASP A 924 -12.45 -1.01 19.77
C ASP A 924 -11.61 -1.88 18.84
N VAL A 925 -10.66 -2.63 19.40
CA VAL A 925 -9.85 -3.53 18.58
C VAL A 925 -10.73 -4.58 17.93
N VAL A 926 -11.64 -5.18 18.72
CA VAL A 926 -12.53 -6.20 18.17
C VAL A 926 -13.39 -5.61 17.06
N ASN A 927 -13.94 -4.42 17.29
CA ASN A 927 -14.81 -3.79 16.30
C ASN A 927 -14.05 -3.46 15.02
N GLN A 928 -12.81 -2.97 15.15
CA GLN A 928 -12.02 -2.64 13.97
C GLN A 928 -11.73 -3.89 13.14
N ASN A 929 -11.35 -4.98 13.80
CA ASN A 929 -11.09 -6.21 13.06
C ASN A 929 -12.36 -6.71 12.37
N ALA A 930 -13.49 -6.67 13.07
CA ALA A 930 -14.74 -7.10 12.47
C ALA A 930 -15.12 -6.24 11.27
N GLN A 931 -14.94 -4.92 11.40
CA GLN A 931 -15.25 -4.02 10.29
C GLN A 931 -14.37 -4.30 9.08
N ALA A 932 -13.08 -4.54 9.30
CA ALA A 932 -12.18 -4.84 8.19
C ALA A 932 -12.61 -6.12 7.49
N LEU A 933 -12.94 -7.17 8.27
CA LEU A 933 -13.37 -8.42 7.66
C LEU A 933 -14.67 -8.24 6.88
N ASN A 934 -15.61 -7.48 7.45
CA ASN A 934 -16.89 -7.27 6.77
C ASN A 934 -16.70 -6.50 5.47
N THR A 935 -15.84 -5.48 5.46
CA THR A 935 -15.56 -4.74 4.24
C THR A 935 -14.94 -5.65 3.18
N LEU A 936 -13.98 -6.49 3.59
CA LEU A 936 -13.36 -7.40 2.64
C LEU A 936 -14.39 -8.37 2.07
N VAL A 937 -15.30 -8.86 2.90
CA VAL A 937 -16.33 -9.78 2.41
C VAL A 937 -17.27 -9.07 1.44
N LYS A 938 -17.71 -7.86 1.80
CA LYS A 938 -18.67 -7.14 0.96
C LYS A 938 -18.07 -6.72 -0.36
N GLN A 939 -16.75 -6.52 -0.43
CA GLN A 939 -16.12 -6.11 -1.67
C GLN A 939 -16.26 -7.15 -2.78
N LEU A 940 -16.62 -8.40 -2.46
CA LEU A 940 -16.69 -9.46 -3.45
C LEU A 940 -17.84 -9.29 -4.44
N SER A 941 -18.78 -8.39 -4.18
CA SER A 941 -19.94 -8.22 -5.05
C SER A 941 -19.81 -7.03 -6.00
N SER A 942 -18.69 -6.32 -5.97
CA SER A 942 -18.53 -5.15 -6.84
C SER A 942 -18.31 -5.58 -8.28
N ASN A 943 -18.96 -4.87 -9.20
CA ASN A 943 -18.83 -5.18 -10.62
C ASN A 943 -17.50 -4.72 -11.19
N PHE A 944 -16.99 -3.57 -10.72
CA PHE A 944 -15.80 -2.94 -11.27
C PHE A 944 -15.95 -2.64 -12.76
N GLY A 945 -17.18 -2.40 -13.19
CA GLY A 945 -17.45 -2.12 -14.59
C GLY A 945 -17.10 -3.27 -15.52
N ALA A 946 -17.51 -4.48 -15.14
CA ALA A 946 -17.18 -5.69 -15.88
C ALA A 946 -18.41 -6.56 -16.08
N ILE A 947 -19.50 -5.95 -16.54
CA ILE A 947 -20.72 -6.63 -16.94
C ILE A 947 -21.45 -7.20 -15.73
N SER A 948 -20.81 -8.12 -15.02
CA SER A 948 -21.44 -8.75 -13.87
C SER A 948 -20.36 -9.22 -12.91
N SER A 949 -20.78 -9.50 -11.68
CA SER A 949 -19.87 -9.90 -10.60
C SER A 949 -19.86 -11.40 -10.35
N VAL A 950 -20.43 -12.19 -11.26
CA VAL A 950 -20.49 -13.64 -11.12
C VAL A 950 -19.73 -14.27 -12.29
N LEU A 951 -18.82 -15.19 -11.97
CA LEU A 951 -17.95 -15.78 -13.00
C LEU A 951 -18.74 -16.69 -13.92
N ASN A 952 -19.68 -17.46 -13.35
CA ASN A 952 -20.48 -18.40 -14.17
C ASN A 952 -21.28 -17.58 -15.20
N ASP A 953 -21.84 -16.46 -14.77
CA ASP A 953 -22.59 -15.57 -15.71
C ASP A 953 -21.64 -15.15 -16.84
N ILE A 954 -20.44 -14.67 -16.50
CA ILE A 954 -19.50 -14.17 -17.53
C ILE A 954 -19.10 -15.32 -18.46
N LEU A 955 -18.72 -16.47 -17.90
CA LEU A 955 -18.23 -17.59 -18.76
C LEU A 955 -19.39 -18.16 -19.58
N SER A 956 -20.61 -18.13 -19.05
CA SER A 956 -21.77 -18.74 -19.75
C SER A 956 -22.44 -17.70 -20.65
N ARG A 957 -21.94 -16.46 -20.65
CA ARG A 957 -22.59 -15.38 -21.44
C ARG A 957 -21.55 -14.70 -22.34
N LEU A 958 -20.27 -15.01 -22.15
CA LEU A 958 -19.21 -14.30 -22.92
C LEU A 958 -18.19 -15.28 -23.51
N ASP A 959 -17.99 -15.24 -24.83
CA ASP A 959 -16.95 -16.04 -25.46
C ASP A 959 -15.61 -15.78 -24.82
N PRO A 960 -14.66 -16.69 -24.95
CA PRO A 960 -13.35 -16.55 -24.28
C PRO A 960 -12.65 -15.23 -24.58
N PRO A 961 -12.59 -14.76 -25.84
CA PRO A 961 -11.75 -13.58 -26.11
C PRO A 961 -12.14 -12.31 -25.36
N GLU A 962 -13.38 -12.20 -24.89
CA GLU A 962 -13.81 -11.06 -24.09
C GLU A 962 -14.15 -11.42 -22.66
N ALA A 963 -14.62 -12.64 -22.40
CA ALA A 963 -14.76 -13.10 -21.03
C ALA A 963 -13.44 -13.08 -20.30
N GLU A 964 -12.33 -13.30 -21.02
CA GLU A 964 -11.01 -13.21 -20.40
C GLU A 964 -10.72 -11.78 -19.94
N VAL A 965 -11.13 -10.79 -20.72
CA VAL A 965 -10.94 -9.39 -20.31
C VAL A 965 -11.79 -9.06 -19.09
N GLN A 966 -13.04 -9.53 -19.09
CA GLN A 966 -13.90 -9.29 -17.94
C GLN A 966 -13.33 -9.94 -16.68
N ILE A 967 -12.83 -11.17 -16.81
CA ILE A 967 -12.23 -11.88 -15.69
C ILE A 967 -10.97 -11.16 -15.23
N ASP A 968 -10.21 -10.59 -16.17
CA ASP A 968 -9.03 -9.81 -15.80
C ASP A 968 -9.42 -8.60 -14.95
N ARG A 969 -10.47 -7.90 -15.34
CA ARG A 969 -10.92 -6.75 -14.55
C ARG A 969 -11.34 -7.17 -13.15
N LEU A 970 -12.12 -8.26 -13.06
CA LEU A 970 -12.53 -8.75 -11.74
C LEU A 970 -11.34 -9.16 -10.89
N ILE A 971 -10.36 -9.82 -11.51
CA ILE A 971 -9.17 -10.27 -10.79
C ILE A 971 -8.42 -9.07 -10.23
N ASN A 972 -8.26 -8.03 -11.04
CA ASN A 972 -7.55 -6.84 -10.59
C ASN A 972 -8.27 -6.20 -9.40
N GLY A 973 -9.59 -6.08 -9.47
CA GLY A 973 -10.32 -5.49 -8.36
C GLY A 973 -10.18 -6.29 -7.07
N ARG A 974 -10.36 -7.61 -7.17
CA ARG A 974 -10.27 -8.47 -5.98
C ARG A 974 -8.88 -8.40 -5.36
N LEU A 975 -7.84 -8.42 -6.20
CA LEU A 975 -6.48 -8.38 -5.70
C LEU A 975 -6.16 -7.04 -5.05
N GLN A 976 -6.68 -5.93 -5.61
CA GLN A 976 -6.49 -4.64 -4.97
C GLN A 976 -7.12 -4.62 -3.58
N ALA A 977 -8.33 -5.17 -3.46
CA ALA A 977 -8.97 -5.23 -2.15
C ALA A 977 -8.15 -6.04 -1.16
N LEU A 978 -7.63 -7.19 -1.60
CA LEU A 978 -6.81 -8.02 -0.73
C LEU A 978 -5.56 -7.26 -0.27
N ASN A 979 -4.90 -6.56 -1.19
CA ASN A 979 -3.69 -5.81 -0.84
C ASN A 979 -4.00 -4.74 0.21
N THR A 980 -5.10 -4.02 0.03
CA THR A 980 -5.47 -2.99 0.98
C THR A 980 -5.70 -3.58 2.37
N TYR A 981 -6.44 -4.69 2.42
CA TYR A 981 -6.70 -5.33 3.72
C TYR A 981 -5.40 -5.76 4.39
N VAL A 982 -4.48 -6.34 3.63
CA VAL A 982 -3.23 -6.82 4.22
C VAL A 982 -2.42 -5.66 4.79
N THR A 983 -2.34 -4.54 4.05
CA THR A 983 -1.58 -3.40 4.54
C THR A 983 -2.18 -2.85 5.84
N GLN A 984 -3.51 -2.71 5.89
CA GLN A 984 -4.13 -2.23 7.12
C GLN A 984 -3.84 -3.17 8.29
N GLN A 985 -3.91 -4.48 8.05
CA GLN A 985 -3.62 -5.44 9.10
C GLN A 985 -2.18 -5.31 9.59
N LEU A 986 -1.24 -5.08 8.68
CA LEU A 986 0.16 -4.92 9.08
C LEU A 986 0.33 -3.72 10.01
N ILE A 987 -0.29 -2.58 9.67
CA ILE A 987 -0.16 -1.40 10.52
C ILE A 987 -0.78 -1.65 11.89
N ARG A 988 -1.97 -2.28 11.92
CA ARG A 988 -2.60 -2.60 13.19
C ARG A 988 -1.71 -3.53 14.02
N ALA A 989 -1.04 -4.48 13.37
CA ALA A 989 -0.15 -5.38 14.08
C ALA A 989 1.01 -4.63 14.71
N ALA A 990 1.57 -3.65 13.99
CA ALA A 990 2.64 -2.84 14.58
C ALA A 990 2.16 -2.13 15.85
N GLU A 991 0.97 -1.53 15.78
CA GLU A 991 0.45 -0.83 16.96
C GLU A 991 0.24 -1.80 18.12
N ILE A 992 -0.31 -2.99 17.84
CA ILE A 992 -0.57 -3.96 18.89
C ILE A 992 0.74 -4.44 19.52
N ARG A 993 1.78 -4.61 18.70
CA ARG A 993 3.07 -5.01 19.24
C ARG A 993 3.63 -3.95 20.18
N ALA A 994 3.51 -2.68 19.82
CA ALA A 994 3.95 -1.62 20.72
C ALA A 994 3.20 -1.67 22.04
N SER A 995 1.88 -1.85 21.98
CA SER A 995 1.09 -1.94 23.20
C SER A 995 1.50 -3.12 24.07
N ALA A 996 1.77 -4.27 23.43
CA ALA A 996 2.19 -5.45 24.19
C ALA A 996 3.53 -5.23 24.87
N ASN A 997 4.47 -4.56 24.18
CA ASN A 997 5.74 -4.23 24.81
C ASN A 997 5.53 -3.35 26.04
N LEU A 998 4.65 -2.35 25.93
CA LEU A 998 4.36 -1.51 27.09
C LEU A 998 3.77 -2.33 28.23
N ALA A 999 2.88 -3.27 27.91
CA ALA A 999 2.27 -4.10 28.95
C ALA A 999 3.31 -4.96 29.65
N ALA A 1000 4.23 -5.55 28.88
CA ALA A 1000 5.29 -6.37 29.49
C ALA A 1000 6.17 -5.53 30.39
N GLU A 1001 6.53 -4.32 29.95
CA GLU A 1001 7.33 -3.45 30.80
C GLU A 1001 6.61 -3.10 32.09
N LYS A 1002 5.30 -2.80 31.99
CA LYS A 1002 4.54 -2.47 33.19
C LYS A 1002 4.49 -3.65 34.15
N MET A 1003 4.25 -4.86 33.63
CA MET A 1003 4.25 -6.03 34.48
C MET A 1003 5.57 -6.17 35.21
N SER A 1004 6.68 -6.12 34.47
CA SER A 1004 7.99 -6.34 35.08
C SER A 1004 8.32 -5.28 36.12
N GLU A 1005 8.00 -4.02 35.85
CA GLU A 1005 8.40 -2.95 36.74
C GLU A 1005 7.41 -2.66 37.86
N CYS A 1006 6.20 -3.20 37.81
CA CYS A 1006 5.22 -2.90 38.85
C CYS A 1006 4.81 -4.12 39.65
N VAL A 1007 4.57 -5.27 39.01
CA VAL A 1007 4.14 -6.44 39.77
C VAL A 1007 5.29 -6.99 40.59
N LEU A 1008 6.48 -7.05 40.01
CA LEU A 1008 7.63 -7.69 40.65
C LEU A 1008 8.50 -6.72 41.43
N GLY A 1009 8.10 -5.47 41.56
CA GLY A 1009 8.90 -4.51 42.32
C GLY A 1009 8.15 -3.21 42.50
N GLN A 1010 8.77 -2.32 43.26
CA GLN A 1010 8.21 -1.00 43.53
C GLN A 1010 8.82 0.02 42.59
N SER A 1011 7.98 0.79 41.92
CA SER A 1011 8.42 1.77 40.94
C SER A 1011 8.43 3.16 41.55
N LYS A 1012 9.47 3.94 41.21
CA LYS A 1012 9.59 5.31 41.68
C LYS A 1012 9.33 6.33 40.59
N ARG A 1013 9.05 5.89 39.36
CA ARG A 1013 8.69 6.81 38.29
C ARG A 1013 7.31 7.41 38.57
N VAL A 1014 7.20 8.73 38.44
CA VAL A 1014 5.98 9.41 38.82
C VAL A 1014 4.88 9.11 37.80
N ASP A 1015 3.71 8.72 38.29
CA ASP A 1015 2.51 8.49 37.49
C ASP A 1015 2.69 7.37 36.47
N PHE A 1016 3.71 6.54 36.61
CA PHE A 1016 3.87 5.39 35.74
C PHE A 1016 3.09 4.18 36.24
N CYS A 1017 2.80 4.11 37.54
CA CYS A 1017 2.12 2.98 38.16
C CYS A 1017 1.00 3.47 39.05
N GLY A 1018 0.18 4.38 38.53
CA GLY A 1018 -0.92 4.96 39.27
C GLY A 1018 -0.63 6.41 39.64
N LYS A 1019 -1.64 7.05 40.22
CA LYS A 1019 -1.57 8.46 40.59
C LYS A 1019 -1.23 8.55 42.07
N GLY A 1020 0.03 8.90 42.36
CA GLY A 1020 0.47 9.01 43.73
C GLY A 1020 1.69 8.15 44.04
N TYR A 1021 1.97 7.94 45.31
CA TYR A 1021 3.07 7.07 45.72
C TYR A 1021 2.66 5.62 45.59
N HIS A 1022 3.49 4.82 44.92
CA HIS A 1022 3.14 3.45 44.57
C HIS A 1022 3.51 2.48 45.69
N LEU A 1023 2.62 1.52 45.93
CA LEU A 1023 2.86 0.47 46.93
C LEU A 1023 2.99 -0.91 46.29
N MET A 1024 1.97 -1.36 45.56
CA MET A 1024 2.04 -2.65 44.86
C MET A 1024 1.01 -2.65 43.75
N SER A 1025 0.96 -3.76 43.02
CA SER A 1025 -0.01 -3.94 41.94
C SER A 1025 -0.31 -5.42 41.81
N PHE A 1026 -1.49 -5.74 41.27
CA PHE A 1026 -1.92 -7.11 41.08
C PHE A 1026 -2.43 -7.28 39.64
N PRO A 1027 -2.03 -8.32 38.93
CA PRO A 1027 -2.53 -8.54 37.57
C PRO A 1027 -3.76 -9.42 37.52
N GLN A 1028 -4.61 -9.14 36.54
CA GLN A 1028 -5.78 -9.96 36.25
C GLN A 1028 -5.92 -10.12 34.74
N SER A 1029 -6.24 -11.33 34.32
CA SER A 1029 -6.34 -11.62 32.90
C SER A 1029 -7.63 -11.07 32.31
N ALA A 1030 -7.64 -10.93 30.99
CA ALA A 1030 -8.78 -10.38 30.28
C ALA A 1030 -8.70 -10.86 28.83
N PRO A 1031 -9.82 -10.85 28.10
CA PRO A 1031 -9.77 -11.26 26.69
C PRO A 1031 -8.88 -10.35 25.87
N HIS A 1032 -7.80 -10.91 25.33
CA HIS A 1032 -6.85 -10.19 24.50
C HIS A 1032 -6.22 -9.01 25.23
N GLY A 1033 -6.04 -9.13 26.54
CA GLY A 1033 -5.49 -8.03 27.29
C GLY A 1033 -5.20 -8.43 28.73
N VAL A 1034 -4.80 -7.42 29.51
CA VAL A 1034 -4.49 -7.60 30.92
C VAL A 1034 -5.00 -6.39 31.69
N VAL A 1035 -5.26 -6.59 32.98
CA VAL A 1035 -5.80 -5.55 33.84
C VAL A 1035 -4.91 -5.45 35.08
N PHE A 1036 -4.55 -4.23 35.45
CA PHE A 1036 -3.71 -3.98 36.62
C PHE A 1036 -4.51 -3.20 37.67
N LEU A 1037 -4.33 -3.59 38.93
CA LEU A 1037 -4.93 -2.89 40.06
C LEU A 1037 -3.81 -2.28 40.89
N HIS A 1038 -3.67 -0.96 40.82
CA HIS A 1038 -2.58 -0.26 41.50
C HIS A 1038 -3.04 0.25 42.85
N VAL A 1039 -2.26 -0.02 43.88
CA VAL A 1039 -2.55 0.42 45.25
C VAL A 1039 -1.56 1.52 45.59
N THR A 1040 -2.08 2.71 45.88
CA THR A 1040 -1.26 3.90 46.10
C THR A 1040 -1.53 4.49 47.48
N TYR A 1041 -0.81 5.57 47.79
CA TYR A 1041 -0.90 6.25 49.06
C TYR A 1041 -1.16 7.73 48.80
N VAL A 1042 -2.15 8.30 49.47
CA VAL A 1042 -2.55 9.69 49.24
C VAL A 1042 -2.78 10.41 50.57
N PRO A 1043 -2.03 11.47 50.86
CA PRO A 1043 -2.33 12.28 52.06
C PRO A 1043 -3.60 13.08 51.87
N THR A 1044 -4.32 13.27 52.97
CA THR A 1044 -5.66 13.88 52.90
C THR A 1044 -5.75 15.21 53.64
N GLN A 1045 -5.46 15.24 54.94
CA GLN A 1045 -5.80 16.38 55.79
C GLN A 1045 -4.55 17.21 56.06
N TYR A 1046 -4.59 18.48 55.68
CA TYR A 1046 -3.44 19.37 55.76
C TYR A 1046 -3.66 20.43 56.84
N LYS A 1047 -2.66 20.60 57.69
CA LYS A 1047 -2.60 21.70 58.65
C LYS A 1047 -1.28 22.43 58.46
N ASN A 1048 -1.33 23.76 58.52
CA ASN A 1048 -0.15 24.55 58.25
C ASN A 1048 0.56 24.96 59.55
N PHE A 1049 1.88 25.08 59.46
CA PHE A 1049 2.71 25.50 60.58
C PHE A 1049 3.69 26.55 60.08
N THR A 1050 4.47 27.10 61.01
CA THR A 1050 5.58 27.99 60.68
C THR A 1050 6.86 27.19 60.66
N THR A 1051 7.76 27.55 59.75
CA THR A 1051 8.97 26.77 59.50
C THR A 1051 10.18 27.69 59.46
N ALA A 1052 11.35 27.10 59.23
CA ALA A 1052 12.62 27.82 59.20
C ALA A 1052 13.64 26.96 58.49
N PRO A 1053 14.63 27.56 57.82
CA PRO A 1053 15.63 26.76 57.11
C PRO A 1053 16.68 26.15 58.03
N ALA A 1054 17.04 26.84 59.11
CA ALA A 1054 18.08 26.37 59.99
C ALA A 1054 17.87 26.94 61.38
N ILE A 1055 18.55 26.35 62.36
CA ILE A 1055 18.49 26.76 63.76
C ILE A 1055 19.88 27.13 64.22
N CYS A 1056 20.00 28.30 64.85
CA CYS A 1056 21.29 28.83 65.26
C CYS A 1056 21.55 28.49 66.73
N HIS A 1057 22.65 27.80 67.00
CA HIS A 1057 23.13 27.60 68.36
C HIS A 1057 24.16 28.70 68.66
N ASN A 1058 24.94 28.52 69.74
CA ASN A 1058 25.89 29.53 70.17
C ASN A 1058 27.03 29.60 69.15
N GLY A 1059 26.77 30.33 68.07
CA GLY A 1059 27.73 30.52 66.99
C GLY A 1059 27.67 29.47 65.90
N LYS A 1060 26.86 28.44 66.05
CA LYS A 1060 26.77 27.37 65.06
C LYS A 1060 25.35 27.28 64.51
N ALA A 1061 25.25 26.84 63.25
CA ALA A 1061 23.98 26.65 62.57
C ALA A 1061 23.67 25.17 62.48
N HIS A 1062 22.41 24.81 62.72
CA HIS A 1062 21.98 23.43 62.73
C HIS A 1062 21.02 23.17 61.57
N PHE A 1063 21.32 22.13 60.78
CA PHE A 1063 20.46 21.66 59.71
C PHE A 1063 19.97 20.26 60.02
N PRO A 1064 18.68 19.97 59.80
CA PRO A 1064 18.15 18.65 60.14
C PRO A 1064 18.76 17.56 59.27
N ARG A 1065 18.92 16.38 59.87
CA ARG A 1065 19.42 15.23 59.12
C ARG A 1065 18.45 14.84 58.01
N GLU A 1066 17.18 14.63 58.37
CA GLU A 1066 16.15 14.28 57.39
C GLU A 1066 14.82 14.75 57.96
N GLY A 1067 14.35 15.89 57.49
CA GLY A 1067 13.11 16.45 57.98
C GLY A 1067 13.08 17.95 57.75
N VAL A 1068 12.06 18.58 58.32
CA VAL A 1068 11.86 20.02 58.22
C VAL A 1068 11.56 20.58 59.61
N PHE A 1069 12.20 21.70 59.95
CA PHE A 1069 11.91 22.37 61.20
C PHE A 1069 10.51 22.99 61.13
N VAL A 1070 9.70 22.72 62.15
CA VAL A 1070 8.35 23.26 62.21
C VAL A 1070 8.15 23.90 63.58
N SER A 1071 7.20 24.83 63.63
CA SER A 1071 6.90 25.58 64.85
C SER A 1071 5.52 25.18 65.35
N ASN A 1072 5.48 24.70 66.59
CA ASN A 1072 4.21 24.42 67.26
C ASN A 1072 3.41 25.68 67.52
N GLY A 1073 4.05 26.86 67.43
CA GLY A 1073 3.50 28.12 67.87
C GLY A 1073 4.25 28.70 69.06
N THR A 1074 4.81 27.83 69.90
CA THR A 1074 5.69 28.19 71.00
C THR A 1074 7.01 27.41 70.96
N HIS A 1075 6.98 26.15 70.54
CA HIS A 1075 8.16 25.31 70.48
C HIS A 1075 8.47 24.95 69.04
N TRP A 1076 9.63 24.31 68.85
CA TRP A 1076 10.10 23.93 67.52
C TRP A 1076 10.38 22.43 67.51
N PHE A 1077 9.98 21.76 66.42
CA PHE A 1077 10.16 20.34 66.26
C PHE A 1077 10.68 20.04 64.87
N VAL A 1078 11.15 18.80 64.68
CA VAL A 1078 11.59 18.29 63.39
C VAL A 1078 10.72 17.09 63.03
N THR A 1079 10.19 17.09 61.81
CA THR A 1079 9.28 16.04 61.38
C THR A 1079 9.48 15.75 59.90
N GLN A 1080 8.97 14.61 59.47
CA GLN A 1080 9.06 14.19 58.07
C GLN A 1080 8.10 15.02 57.22
N ARG A 1081 8.22 14.85 55.90
CA ARG A 1081 7.47 15.67 54.94
C ARG A 1081 6.22 14.97 54.41
N ASN A 1082 5.85 13.82 54.97
CA ASN A 1082 4.66 13.12 54.50
C ASN A 1082 3.74 12.66 55.62
N PHE A 1083 4.12 12.86 56.88
CA PHE A 1083 3.26 12.51 58.01
C PHE A 1083 3.67 13.34 59.20
N TYR A 1084 2.69 13.85 59.93
CA TYR A 1084 2.98 14.73 61.06
C TYR A 1084 3.40 13.89 62.26
N GLU A 1085 4.65 14.06 62.69
CA GLU A 1085 5.20 13.32 63.82
C GLU A 1085 6.31 14.14 64.45
N PRO A 1086 5.96 15.15 65.23
CA PRO A 1086 6.99 16.04 65.79
C PRO A 1086 7.88 15.33 66.80
N GLN A 1087 9.14 15.77 66.84
CA GLN A 1087 10.10 15.33 67.83
C GLN A 1087 10.84 16.55 68.37
N ILE A 1088 11.22 16.49 69.65
CA ILE A 1088 11.96 17.58 70.25
C ILE A 1088 13.35 17.64 69.64
N ILE A 1089 13.85 18.87 69.46
CA ILE A 1089 15.15 19.05 68.81
C ILE A 1089 16.24 18.43 69.66
N THR A 1090 17.09 17.63 69.02
CA THR A 1090 18.18 16.95 69.70
C THR A 1090 19.41 16.96 68.80
N THR A 1091 20.58 16.83 69.41
CA THR A 1091 21.83 16.76 68.66
C THR A 1091 21.84 15.59 67.68
N ASP A 1092 21.20 14.48 68.02
CA ASP A 1092 21.16 13.32 67.13
C ASP A 1092 20.35 13.58 65.86
N ASN A 1093 19.43 14.54 65.89
CA ASN A 1093 18.56 14.79 64.74
C ASN A 1093 19.07 15.87 63.81
N THR A 1094 19.97 16.73 64.27
CA THR A 1094 20.45 17.85 63.47
C THR A 1094 21.90 17.66 63.04
N PHE A 1095 22.30 18.43 62.04
CA PHE A 1095 23.64 18.40 61.48
C PHE A 1095 24.20 19.81 61.51
N VAL A 1096 25.42 19.95 62.02
CA VAL A 1096 26.01 21.25 62.34
C VAL A 1096 27.09 21.57 61.32
N SER A 1097 27.08 22.81 60.83
CA SER A 1097 28.09 23.31 59.91
C SER A 1097 27.96 24.81 59.79
N GLY A 1098 29.08 25.46 59.47
CA GLY A 1098 29.07 26.88 59.16
C GLY A 1098 28.87 27.78 60.37
N ASP A 1099 28.51 29.03 60.06
CA ASP A 1099 28.29 30.08 61.03
C ASP A 1099 26.90 30.68 60.83
N CYS A 1100 26.41 31.38 61.86
CA CYS A 1100 25.06 31.89 61.89
C CYS A 1100 24.87 33.18 61.10
N ASP A 1101 25.79 33.50 60.19
CA ASP A 1101 25.76 34.75 59.43
C ASP A 1101 25.25 34.55 58.01
N VAL A 1102 25.65 33.46 57.35
CA VAL A 1102 25.50 33.32 55.90
C VAL A 1102 24.25 32.51 55.54
N VAL A 1103 23.26 32.45 56.42
CA VAL A 1103 21.99 31.78 56.15
C VAL A 1103 20.87 32.81 56.32
N ILE A 1104 20.04 32.94 55.29
CA ILE A 1104 18.92 33.89 55.29
C ILE A 1104 17.69 33.21 55.88
N GLY A 1105 17.03 33.87 56.81
CA GLY A 1105 15.86 33.30 57.46
C GLY A 1105 16.15 32.43 58.66
N ILE A 1106 17.39 32.39 59.13
CA ILE A 1106 17.71 31.56 60.28
C ILE A 1106 16.98 32.07 61.52
N VAL A 1107 16.56 31.15 62.38
CA VAL A 1107 15.82 31.46 63.60
C VAL A 1107 16.57 30.85 64.78
N ASN A 1108 16.42 31.47 65.94
CA ASN A 1108 17.18 31.11 67.12
C ASN A 1108 16.35 30.26 68.08
N ASN A 1109 16.93 29.16 68.54
CA ASN A 1109 16.33 28.27 69.53
C ASN A 1109 17.45 27.51 70.21
N THR A 1110 17.10 26.47 70.96
CA THR A 1110 18.05 25.69 71.73
C THR A 1110 18.11 24.26 71.21
N VAL A 1111 19.31 23.76 70.98
CA VAL A 1111 19.54 22.37 70.60
C VAL A 1111 19.99 21.61 71.84
N TYR A 1112 19.21 20.61 72.23
CA TYR A 1112 19.44 19.91 73.49
C TYR A 1112 20.53 18.86 73.35
N ASP A 1113 20.98 18.35 74.50
CA ASP A 1113 21.98 17.29 74.56
C ASP A 1113 21.61 16.32 75.67
N PRO A 1114 21.27 15.06 75.35
CA PRO A 1114 20.87 14.11 76.39
C PRO A 1114 22.02 13.59 77.23
N LEU A 1115 23.26 13.77 76.80
CA LEU A 1115 24.40 13.22 77.53
C LEU A 1115 24.73 14.00 78.80
N GLN A 1116 24.35 15.27 78.88
CA GLN A 1116 24.70 16.08 80.05
C GLN A 1116 24.11 15.54 81.35
N PRO A 1117 22.82 15.19 81.43
CA PRO A 1117 22.33 14.58 82.68
C PRO A 1117 23.04 13.29 83.05
N GLU A 1118 23.40 12.48 82.05
CA GLU A 1118 24.12 11.23 82.33
C GLU A 1118 25.51 11.54 82.90
N LEU A 1119 26.21 12.52 82.33
CA LEU A 1119 27.52 12.90 82.84
C LEU A 1119 27.42 13.46 84.25
N ASP A 1120 26.42 14.30 84.51
CA ASP A 1120 26.27 14.91 85.82
C ASP A 1120 25.92 13.87 86.89
N SER A 1121 25.14 12.85 86.53
CA SER A 1121 24.76 11.81 87.48
C SER A 1121 25.95 10.93 87.82
N ALA B 1 34.22 37.75 -36.57
CA ALA B 1 33.50 36.55 -36.16
C ALA B 1 33.39 36.47 -34.64
N TYR B 2 32.75 37.48 -34.05
CA TYR B 2 32.54 37.50 -32.61
C TYR B 2 31.69 36.30 -32.19
N THR B 3 32.10 35.65 -31.11
CA THR B 3 31.57 34.34 -30.72
C THR B 3 31.06 34.41 -29.28
N ASN B 4 29.77 34.74 -29.11
CA ASN B 4 29.13 34.69 -27.80
C ASN B 4 27.63 34.77 -27.99
N SER B 5 26.90 34.33 -26.97
CA SER B 5 25.44 34.39 -26.97
C SER B 5 24.92 35.04 -25.69
N PHE B 6 25.66 34.86 -24.59
CA PHE B 6 25.32 35.42 -23.28
C PHE B 6 23.95 34.88 -22.87
N THR B 7 23.05 35.70 -22.36
CA THR B 7 21.75 35.23 -21.86
C THR B 7 20.60 35.89 -22.59
N ARG B 8 20.68 35.94 -23.92
CA ARG B 8 19.67 36.58 -24.75
C ARG B 8 19.07 35.56 -25.70
N GLY B 9 17.78 35.71 -25.98
CA GLY B 9 17.09 34.80 -26.88
C GLY B 9 15.99 34.01 -26.20
N VAL B 10 15.37 34.58 -25.18
CA VAL B 10 14.31 33.94 -24.42
C VAL B 10 13.03 34.75 -24.61
N TYR B 11 11.96 34.06 -25.00
CA TYR B 11 10.66 34.67 -25.26
C TYR B 11 9.63 34.12 -24.28
N TYR B 12 8.43 34.69 -24.34
CA TYR B 12 7.33 34.18 -23.54
C TYR B 12 6.77 32.91 -24.18
N PRO B 13 6.83 31.76 -23.51
CA PRO B 13 6.43 30.51 -24.18
C PRO B 13 4.99 30.49 -24.65
N ASP B 14 4.08 31.15 -23.93
CA ASP B 14 2.67 31.14 -24.29
C ASP B 14 2.02 32.40 -23.73
N LYS B 15 0.81 32.67 -24.22
CA LYS B 15 0.06 33.86 -23.82
C LYS B 15 -0.58 33.72 -22.44
N VAL B 16 -0.30 32.65 -21.71
CA VAL B 16 -0.89 32.44 -20.40
C VAL B 16 -0.21 33.35 -19.39
N PHE B 17 -1.02 34.08 -18.63
CA PHE B 17 -0.50 34.94 -17.58
C PHE B 17 -0.21 34.14 -16.32
N ARG B 18 0.79 34.60 -15.57
CA ARG B 18 1.14 34.04 -14.26
C ARG B 18 2.04 35.02 -13.54
N SER B 19 1.85 35.17 -12.24
CA SER B 19 2.59 36.12 -11.45
C SER B 19 3.07 35.47 -10.16
N SER B 20 4.29 35.81 -9.75
CA SER B 20 4.92 35.29 -8.54
C SER B 20 4.92 33.76 -8.54
N VAL B 21 5.58 33.20 -9.55
CA VAL B 21 5.65 31.76 -9.74
C VAL B 21 6.96 31.41 -10.42
N LEU B 22 7.54 30.28 -10.05
CA LEU B 22 8.75 29.75 -10.66
C LEU B 22 8.33 28.56 -11.53
N HIS B 23 8.24 28.78 -12.83
CA HIS B 23 7.71 27.80 -13.76
C HIS B 23 8.83 27.22 -14.63
N SER B 24 8.75 25.92 -14.87
CA SER B 24 9.69 25.21 -15.73
C SER B 24 8.94 24.66 -16.95
N THR B 25 9.56 24.77 -18.12
CA THR B 25 8.92 24.34 -19.34
C THR B 25 9.98 23.85 -20.32
N GLN B 26 9.53 23.07 -21.30
CA GLN B 26 10.37 22.58 -22.38
C GLN B 26 9.96 23.27 -23.66
N ASP B 27 10.91 23.97 -24.29
CA ASP B 27 10.65 24.65 -25.56
C ASP B 27 12.00 24.92 -26.21
N LEU B 28 11.93 25.33 -27.48
CA LEU B 28 13.12 25.53 -28.31
C LEU B 28 13.66 26.92 -28.06
N PHE B 29 14.76 27.02 -27.31
CA PHE B 29 15.46 28.27 -27.04
C PHE B 29 16.85 28.21 -27.64
N LEU B 30 17.59 29.32 -27.48
CA LEU B 30 19.00 29.35 -27.83
C LEU B 30 19.82 28.97 -26.60
N PRO B 31 20.69 27.96 -26.68
CA PRO B 31 21.42 27.53 -25.50
C PRO B 31 22.26 28.64 -24.90
N PHE B 32 22.29 28.70 -23.58
CA PHE B 32 23.00 29.76 -22.88
C PHE B 32 24.50 29.62 -23.07
N PHE B 33 25.18 30.78 -23.10
CA PHE B 33 26.63 30.88 -23.23
C PHE B 33 27.15 30.18 -24.48
N SER B 34 26.30 29.98 -25.48
CA SER B 34 26.75 29.51 -26.78
C SER B 34 27.50 30.63 -27.49
N ASN B 35 27.93 30.37 -28.72
CA ASN B 35 28.52 31.41 -29.54
C ASN B 35 27.82 31.46 -30.90
N VAL B 36 27.60 32.68 -31.39
CA VAL B 36 26.82 32.91 -32.58
C VAL B 36 27.76 33.32 -33.72
N THR B 37 27.31 33.09 -34.95
CA THR B 37 28.11 33.38 -36.14
C THR B 37 27.93 34.83 -36.52
N TRP B 38 28.92 35.66 -36.17
CA TRP B 38 28.91 37.05 -36.60
C TRP B 38 29.02 37.12 -38.12
N PHE B 39 28.24 38.02 -38.73
CA PHE B 39 28.12 38.07 -40.18
C PHE B 39 28.26 39.50 -40.68
N HIS B 40 28.64 39.61 -41.95
CA HIS B 40 28.69 40.90 -42.65
C HIS B 40 28.32 40.61 -44.11
N ALA B 41 27.05 40.84 -44.45
CA ALA B 41 26.57 40.48 -45.78
C ALA B 41 27.29 41.26 -46.87
N ILE B 42 27.48 42.56 -46.66
CA ILE B 42 28.18 43.41 -47.62
C ILE B 42 29.36 44.05 -46.91
N HIS B 43 30.56 43.77 -47.40
CA HIS B 43 31.77 44.29 -46.78
C HIS B 43 32.30 45.51 -47.54
N ARG B 52 32.33 43.56 -51.85
CA ARG B 52 32.14 42.15 -51.55
C ARG B 52 30.78 41.91 -50.90
N PHE B 53 30.02 40.96 -51.46
CA PHE B 53 28.68 40.65 -50.99
C PHE B 53 28.54 39.15 -50.78
N ASP B 54 27.76 38.77 -49.78
CA ASP B 54 27.40 37.37 -49.57
C ASP B 54 26.05 37.30 -48.89
N ASN B 55 25.13 36.53 -49.48
CA ASN B 55 23.81 36.29 -48.92
C ASN B 55 23.49 34.80 -49.06
N PRO B 56 24.16 33.95 -48.30
CA PRO B 56 23.93 32.50 -48.42
C PRO B 56 22.54 32.12 -47.95
N VAL B 57 22.04 31.03 -48.53
CA VAL B 57 20.72 30.50 -48.18
C VAL B 57 20.94 29.57 -46.99
N LEU B 58 20.94 30.14 -45.79
CA LEU B 58 21.20 29.37 -44.58
C LEU B 58 20.04 28.42 -44.30
N PRO B 59 20.32 27.23 -43.79
CA PRO B 59 19.23 26.28 -43.49
C PRO B 59 18.37 26.77 -42.34
N PHE B 60 17.09 26.38 -42.37
CA PHE B 60 16.18 26.73 -41.29
C PHE B 60 16.34 25.81 -40.09
N ASN B 61 16.48 24.51 -40.35
CA ASN B 61 16.63 23.49 -39.29
C ASN B 61 15.42 23.58 -38.37
N ASP B 62 15.59 23.76 -37.07
CA ASP B 62 14.48 23.87 -36.14
C ASP B 62 14.05 25.31 -35.92
N GLY B 63 15.01 26.21 -35.75
CA GLY B 63 14.69 27.62 -35.54
C GLY B 63 15.92 28.46 -35.75
N VAL B 64 15.70 29.76 -35.89
CA VAL B 64 16.77 30.71 -36.21
C VAL B 64 16.62 31.94 -35.33
N TYR B 65 17.72 32.37 -34.73
CA TYR B 65 17.79 33.63 -34.01
C TYR B 65 18.36 34.71 -34.93
N PHE B 66 17.98 35.96 -34.66
CA PHE B 66 18.40 37.07 -35.51
C PHE B 66 18.37 38.36 -34.70
N ALA B 67 19.35 39.21 -34.96
CA ALA B 67 19.44 40.50 -34.27
C ALA B 67 20.34 41.43 -35.08
N SER B 68 20.16 42.73 -34.87
CA SER B 68 20.97 43.75 -35.53
C SER B 68 20.61 45.12 -34.97
N THR B 69 21.57 46.04 -35.06
CA THR B 69 21.36 47.45 -34.73
C THR B 69 21.79 48.28 -35.92
N GLU B 70 20.89 49.08 -36.45
CA GLU B 70 21.22 49.95 -37.58
C GLU B 70 20.19 51.06 -37.68
N LYS B 71 20.55 52.09 -38.43
CA LYS B 71 19.67 53.24 -38.69
C LYS B 71 19.36 53.45 -40.16
N SER B 72 20.28 53.10 -41.06
CA SER B 72 20.05 53.25 -42.49
C SER B 72 19.04 52.26 -43.05
N ASN B 73 18.61 51.27 -42.24
CA ASN B 73 17.62 50.29 -42.65
C ASN B 73 18.08 49.49 -43.87
N ILE B 74 19.36 49.10 -43.87
CA ILE B 74 19.86 48.21 -44.91
C ILE B 74 19.12 46.88 -44.90
N ILE B 75 18.81 46.39 -43.70
CA ILE B 75 18.01 45.18 -43.55
C ILE B 75 16.55 45.51 -43.82
N ARG B 76 15.95 44.83 -44.78
CA ARG B 76 14.58 45.12 -45.20
C ARG B 76 13.65 43.92 -45.16
N GLY B 77 14.16 42.70 -45.04
CA GLY B 77 13.29 41.55 -44.99
C GLY B 77 14.07 40.25 -45.05
N TRP B 78 13.33 39.15 -45.16
CA TRP B 78 13.88 37.82 -45.19
C TRP B 78 13.20 37.01 -46.28
N ILE B 79 13.87 35.92 -46.70
CA ILE B 79 13.37 35.06 -47.76
C ILE B 79 13.38 33.62 -47.22
N PHE B 80 12.19 33.08 -46.96
CA PHE B 80 12.04 31.71 -46.49
C PHE B 80 11.50 30.82 -47.60
N GLY B 81 11.78 29.52 -47.49
CA GLY B 81 11.27 28.57 -48.46
C GLY B 81 11.83 27.20 -48.21
N THR B 82 11.32 26.23 -48.99
CA THR B 82 11.79 24.86 -48.93
C THR B 82 12.79 24.55 -50.04
N THR B 83 12.39 24.73 -51.29
CA THR B 83 13.29 24.59 -52.42
C THR B 83 13.89 25.91 -52.87
N LEU B 84 13.41 27.03 -52.33
CA LEU B 84 13.89 28.37 -52.68
C LEU B 84 13.84 28.59 -54.19
N ASP B 85 12.73 28.21 -54.80
CA ASP B 85 12.54 28.37 -56.24
C ASP B 85 11.04 28.48 -56.51
N SER B 86 10.70 28.63 -57.79
CA SER B 86 9.31 28.76 -58.20
C SER B 86 8.58 27.43 -58.26
N LYS B 87 9.30 26.30 -58.09
CA LYS B 87 8.64 25.00 -58.11
C LYS B 87 7.65 24.86 -56.96
N THR B 88 8.03 25.33 -55.78
CA THR B 88 7.19 25.27 -54.59
C THR B 88 7.06 26.65 -53.98
N GLN B 89 6.01 26.84 -53.19
CA GLN B 89 5.76 28.14 -52.57
C GLN B 89 6.90 28.52 -51.62
N SER B 90 7.26 29.80 -51.64
CA SER B 90 8.30 30.33 -50.77
C SER B 90 7.78 31.57 -50.06
N LEU B 91 8.29 31.80 -48.86
CA LEU B 91 7.82 32.88 -48.01
C LEU B 91 8.70 34.12 -48.20
N LEU B 92 8.05 35.28 -48.28
CA LEU B 92 8.73 36.56 -48.43
C LEU B 92 8.18 37.55 -47.42
N ILE B 93 9.07 38.27 -46.75
CA ILE B 93 8.70 39.35 -45.84
C ILE B 93 9.51 40.58 -46.23
N VAL B 94 8.83 41.70 -46.40
CA VAL B 94 9.47 42.96 -46.76
C VAL B 94 9.03 44.03 -45.77
N ASN B 95 9.99 44.71 -45.15
CA ASN B 95 9.74 45.77 -44.18
C ASN B 95 10.06 47.11 -44.83
N ASN B 96 9.01 47.88 -45.11
CA ASN B 96 9.15 49.21 -45.68
C ASN B 96 8.53 50.23 -44.71
N ALA B 97 8.95 51.49 -44.88
CA ALA B 97 8.55 52.54 -43.95
C ALA B 97 7.04 52.77 -43.93
N THR B 98 6.31 52.33 -44.95
CA THR B 98 4.87 52.50 -44.99
C THR B 98 4.15 51.35 -44.28
N ASN B 99 4.40 50.12 -44.72
CA ASN B 99 3.73 48.95 -44.14
C ASN B 99 4.65 47.75 -44.31
N VAL B 100 4.10 46.56 -44.06
CA VAL B 100 4.84 45.30 -44.10
C VAL B 100 4.17 44.38 -45.11
N VAL B 101 4.98 43.77 -45.98
CA VAL B 101 4.48 42.93 -47.06
C VAL B 101 4.81 41.48 -46.74
N ILE B 102 3.78 40.63 -46.74
CA ILE B 102 3.93 39.19 -46.62
C ILE B 102 3.39 38.57 -47.90
N LYS B 103 4.23 37.77 -48.57
CA LYS B 103 3.85 37.15 -49.84
C LYS B 103 4.45 35.74 -49.86
N VAL B 104 3.62 34.74 -49.58
CA VAL B 104 4.03 33.34 -49.60
C VAL B 104 3.45 32.73 -50.87
N CYS B 105 4.24 32.71 -51.94
CA CYS B 105 3.81 32.19 -53.22
C CYS B 105 4.97 31.43 -53.85
N GLU B 106 4.68 30.80 -54.99
CA GLU B 106 5.72 30.13 -55.77
C GLU B 106 6.55 31.18 -56.51
N PHE B 107 7.53 31.74 -55.82
CA PHE B 107 8.29 32.89 -56.30
C PHE B 107 9.55 32.42 -57.01
N GLN B 108 9.83 33.01 -58.17
CA GLN B 108 11.03 32.71 -58.95
C GLN B 108 12.06 33.81 -58.69
N PHE B 109 13.05 33.52 -57.86
CA PHE B 109 14.08 34.50 -57.57
C PHE B 109 15.12 34.54 -58.67
N CYS B 110 15.78 35.70 -58.78
CA CYS B 110 16.86 35.89 -59.75
C CYS B 110 18.19 35.51 -59.09
N ASN B 111 19.30 35.86 -59.75
CA ASN B 111 20.62 35.52 -59.23
C ASN B 111 20.91 36.26 -57.93
N ASP B 112 20.62 37.56 -57.89
CA ASP B 112 20.89 38.40 -56.72
C ASP B 112 19.64 39.19 -56.38
N PRO B 113 18.74 38.62 -55.57
CA PRO B 113 17.56 39.36 -55.13
C PRO B 113 17.94 40.55 -54.25
N PHE B 114 17.32 41.70 -54.52
CA PHE B 114 17.51 42.88 -53.69
C PHE B 114 16.34 43.83 -53.93
N LEU B 115 16.16 44.74 -52.97
CA LEU B 115 15.13 45.77 -53.08
C LEU B 115 15.75 47.04 -53.64
N GLY B 116 15.46 47.33 -54.91
CA GLY B 116 16.01 48.51 -55.55
C GLY B 116 15.46 49.80 -55.01
N VAL B 117 16.33 50.66 -54.48
CA VAL B 117 15.92 51.94 -53.93
C VAL B 117 16.36 53.07 -54.85
N GLU B 130 11.89 49.40 -57.77
CA GLU B 130 11.86 48.19 -58.58
C GLU B 130 11.76 46.95 -57.70
N PHE B 131 11.44 45.81 -58.32
CA PHE B 131 11.36 44.53 -57.63
C PHE B 131 12.24 43.54 -58.39
N ARG B 132 13.52 43.52 -58.04
CA ARG B 132 14.48 42.58 -58.61
C ARG B 132 14.62 41.31 -57.78
N VAL B 133 13.88 41.21 -56.67
CA VAL B 133 13.97 40.02 -55.83
C VAL B 133 13.39 38.81 -56.55
N TYR B 134 12.31 38.99 -57.31
CA TYR B 134 11.62 37.90 -57.97
C TYR B 134 11.22 38.35 -59.38
N SER B 135 10.99 37.36 -60.24
CA SER B 135 10.63 37.61 -61.62
C SER B 135 9.13 37.57 -61.87
N SER B 136 8.39 36.72 -61.16
CA SER B 136 6.95 36.62 -61.35
C SER B 136 6.30 36.12 -60.06
N ALA B 137 5.05 36.53 -59.86
CA ALA B 137 4.26 36.11 -58.70
C ALA B 137 3.10 35.26 -59.19
N ASN B 138 3.01 34.03 -58.68
CA ASN B 138 1.95 33.11 -59.08
C ASN B 138 1.65 32.16 -57.94
N ASN B 139 0.46 31.57 -57.98
CA ASN B 139 -0.01 30.62 -56.97
C ASN B 139 0.07 31.23 -55.57
N CYS B 140 -0.29 32.51 -55.47
CA CYS B 140 -0.22 33.19 -54.18
C CYS B 140 -1.33 32.73 -53.26
N THR B 141 -0.98 32.48 -52.00
CA THR B 141 -1.92 31.96 -51.01
C THR B 141 -2.14 32.91 -49.85
N PHE B 142 -1.07 33.39 -49.21
CA PHE B 142 -1.17 34.19 -47.99
C PHE B 142 -0.57 35.56 -48.23
N GLU B 143 -1.30 36.60 -47.84
CA GLU B 143 -0.82 37.97 -47.87
C GLU B 143 -1.30 38.68 -46.61
N TYR B 144 -0.45 39.55 -46.06
CA TYR B 144 -0.77 40.22 -44.80
C TYR B 144 -0.02 41.55 -44.75
N VAL B 145 -0.67 42.57 -44.19
CA VAL B 145 -0.11 43.91 -44.10
C VAL B 145 -0.42 44.46 -42.72
N SER B 146 0.57 45.10 -42.09
CA SER B 146 0.39 45.69 -40.77
C SER B 146 1.39 46.83 -40.60
N GLN B 147 1.49 47.33 -39.38
CA GLN B 147 2.40 48.44 -39.08
C GLN B 147 3.85 47.98 -39.22
N PRO B 148 4.73 48.83 -39.75
CA PRO B 148 6.15 48.47 -39.82
C PRO B 148 6.78 48.38 -38.43
N PHE B 149 7.80 47.55 -38.33
CA PHE B 149 8.57 47.39 -37.10
C PHE B 149 10.06 47.61 -37.30
N LEU B 150 10.62 47.20 -38.44
CA LEU B 150 12.05 47.32 -38.68
C LEU B 150 12.48 48.78 -38.78
N PHE B 160 21.93 53.64 -34.47
CA PHE B 160 22.78 52.45 -34.61
C PHE B 160 23.01 51.79 -33.25
N LYS B 161 21.97 51.79 -32.41
CA LYS B 161 22.06 51.19 -31.08
C LYS B 161 20.90 50.28 -30.72
N ASN B 162 19.75 50.40 -31.39
CA ASN B 162 18.56 49.65 -31.00
C ASN B 162 18.63 48.24 -31.58
N LEU B 163 18.74 47.25 -30.70
CA LEU B 163 18.65 45.86 -31.13
C LEU B 163 17.22 45.51 -31.49
N ARG B 164 17.04 44.77 -32.58
CA ARG B 164 15.73 44.30 -33.03
C ARG B 164 15.83 42.79 -33.23
N GLU B 165 15.53 42.05 -32.17
CA GLU B 165 15.62 40.60 -32.19
C GLU B 165 14.33 39.99 -32.72
N PHE B 166 14.47 38.93 -33.52
CA PHE B 166 13.33 38.25 -34.11
C PHE B 166 13.59 36.75 -34.07
N VAL B 167 12.66 36.01 -33.45
CA VAL B 167 12.76 34.56 -33.38
C VAL B 167 11.81 33.98 -34.42
N PHE B 168 12.36 33.21 -35.36
CA PHE B 168 11.58 32.63 -36.44
C PHE B 168 11.35 31.15 -36.14
N LYS B 169 10.09 30.75 -36.06
CA LYS B 169 9.73 29.38 -35.68
C LYS B 169 8.71 28.82 -36.65
N ASN B 170 8.71 27.50 -36.78
CA ASN B 170 7.73 26.75 -37.58
C ASN B 170 7.09 25.71 -36.67
N ILE B 171 5.89 25.99 -36.20
CA ILE B 171 5.18 25.13 -35.27
C ILE B 171 3.78 24.87 -35.79
N ASP B 172 3.39 23.59 -35.85
CA ASP B 172 2.02 23.18 -36.13
C ASP B 172 1.46 23.82 -37.40
N GLY B 173 2.31 23.89 -38.43
CA GLY B 173 1.85 24.37 -39.72
C GLY B 173 1.61 25.86 -39.82
N TYR B 174 2.10 26.66 -38.88
CA TYR B 174 2.01 28.11 -38.96
C TYR B 174 3.40 28.70 -38.77
N PHE B 175 3.47 30.02 -38.94
CA PHE B 175 4.73 30.76 -38.84
C PHE B 175 4.62 31.78 -37.71
N LYS B 176 5.69 31.85 -36.90
CA LYS B 176 5.67 32.67 -35.69
C LYS B 176 6.90 33.58 -35.67
N ILE B 177 6.70 34.82 -35.22
CA ILE B 177 7.76 35.81 -35.13
C ILE B 177 7.60 36.59 -33.84
N TYR B 178 8.70 36.80 -33.13
CA TYR B 178 8.74 37.63 -31.93
C TYR B 178 9.52 38.91 -32.21
N SER B 179 9.44 39.85 -31.27
CA SER B 179 10.09 41.14 -31.45
C SER B 179 10.45 41.73 -30.10
N LYS B 180 11.43 42.64 -30.13
CA LYS B 180 11.85 43.40 -28.97
C LYS B 180 12.78 44.51 -29.44
N HIS B 181 12.61 45.71 -28.88
CA HIS B 181 13.41 46.87 -29.26
C HIS B 181 14.03 47.47 -28.00
N THR B 182 15.34 47.63 -28.01
CA THR B 182 16.06 48.21 -26.87
C THR B 182 17.42 48.70 -27.35
N PRO B 183 17.94 49.81 -26.82
CA PRO B 183 19.23 50.32 -27.29
C PRO B 183 20.41 49.70 -26.55
N ILE B 184 21.45 49.38 -27.30
CA ILE B 184 22.70 48.85 -26.77
C ILE B 184 23.86 49.57 -27.45
N ASN B 185 24.89 49.89 -26.66
CA ASN B 185 26.02 50.66 -27.14
C ASN B 185 27.15 49.81 -27.68
N LEU B 186 26.99 48.48 -27.72
CA LEU B 186 27.98 47.57 -28.28
C LEU B 186 27.34 46.83 -29.44
N VAL B 187 27.77 47.15 -30.66
CA VAL B 187 27.12 46.61 -31.84
C VAL B 187 27.83 45.37 -32.39
N ARG B 188 29.16 45.29 -32.24
CA ARG B 188 29.89 44.16 -32.79
C ARG B 188 29.70 42.90 -31.96
N ASP B 189 29.45 43.05 -30.65
CA ASP B 189 29.28 41.92 -29.75
C ASP B 189 28.00 42.08 -28.96
N LEU B 190 27.28 40.98 -28.76
CA LEU B 190 26.06 41.02 -27.97
C LEU B 190 26.41 41.19 -26.49
N PRO B 191 25.69 42.03 -25.75
CA PRO B 191 26.00 42.26 -24.34
C PRO B 191 25.36 41.20 -23.46
N GLN B 192 25.51 41.39 -22.15
CA GLN B 192 24.87 40.53 -21.17
C GLN B 192 23.50 41.11 -20.81
N GLY B 193 22.88 40.58 -19.76
CA GLY B 193 21.56 41.00 -19.36
C GLY B 193 20.48 40.11 -19.93
N PHE B 194 19.25 40.36 -19.47
CA PHE B 194 18.10 39.57 -19.87
C PHE B 194 16.99 40.49 -20.35
N SER B 195 16.43 40.18 -21.51
CA SER B 195 15.33 40.95 -22.10
C SER B 195 14.40 39.96 -22.79
N ALA B 196 13.27 39.67 -22.16
CA ALA B 196 12.33 38.70 -22.70
C ALA B 196 11.67 39.24 -23.96
N LEU B 197 11.41 38.34 -24.92
CA LEU B 197 10.80 38.72 -26.19
C LEU B 197 9.30 38.53 -26.15
N GLU B 198 8.57 39.49 -26.75
CA GLU B 198 7.11 39.46 -26.76
C GLU B 198 6.59 38.91 -28.08
N PRO B 199 5.46 38.20 -28.06
CA PRO B 199 4.91 37.67 -29.31
C PRO B 199 4.30 38.77 -30.16
N LEU B 200 4.47 38.64 -31.48
CA LEU B 200 3.97 39.64 -32.42
C LEU B 200 2.90 39.08 -33.35
N VAL B 201 3.20 37.99 -34.08
CA VAL B 201 2.30 37.48 -35.10
C VAL B 201 2.16 35.98 -34.95
N ASP B 202 1.09 35.45 -35.55
CA ASP B 202 0.86 34.01 -35.64
C ASP B 202 0.18 33.76 -36.99
N LEU B 203 0.97 33.43 -38.00
CA LEU B 203 0.47 33.36 -39.37
C LEU B 203 0.23 31.91 -39.76
N PRO B 204 -1.02 31.46 -39.91
CA PRO B 204 -1.30 30.07 -40.34
C PRO B 204 -1.09 29.89 -41.84
N ILE B 205 0.18 29.86 -42.24
CA ILE B 205 0.51 29.81 -43.66
C ILE B 205 0.43 28.38 -44.20
N GLY B 206 0.95 27.41 -43.44
CA GLY B 206 1.03 26.05 -43.92
C GLY B 206 2.21 25.75 -44.80
N ILE B 207 3.18 26.65 -44.87
CA ILE B 207 4.37 26.45 -45.71
C ILE B 207 5.41 25.65 -44.94
N ASN B 208 6.05 24.72 -45.63
CA ASN B 208 7.20 24.02 -45.10
C ASN B 208 8.46 24.85 -45.36
N ILE B 209 9.23 25.10 -44.31
CA ILE B 209 10.42 25.93 -44.40
C ILE B 209 11.63 25.07 -44.07
N THR B 210 12.61 25.04 -44.98
CA THR B 210 13.84 24.31 -44.79
C THR B 210 15.09 25.18 -44.84
N ARG B 211 15.09 26.25 -45.62
CA ARG B 211 16.23 27.16 -45.72
C ARG B 211 15.70 28.59 -45.83
N PHE B 212 16.56 29.54 -45.42
CA PHE B 212 16.18 30.95 -45.43
C PHE B 212 17.41 31.79 -45.77
N GLN B 213 17.15 33.03 -46.16
CA GLN B 213 18.21 33.97 -46.53
C GLN B 213 17.76 35.39 -46.25
N THR B 214 18.63 36.19 -45.66
CA THR B 214 18.31 37.58 -45.37
C THR B 214 18.21 38.38 -46.65
N LEU B 215 17.20 39.24 -46.73
CA LEU B 215 16.97 40.09 -47.89
C LEU B 215 17.39 41.51 -47.58
N LEU B 216 18.19 42.10 -48.46
CA LEU B 216 18.75 43.43 -48.27
C LEU B 216 18.40 44.32 -49.46
N ALA B 217 18.35 45.63 -49.20
CA ALA B 217 18.03 46.60 -50.24
C ALA B 217 19.31 47.21 -50.79
N LEU B 218 19.41 47.26 -52.12
CA LEU B 218 20.56 47.82 -52.81
C LEU B 218 20.15 49.10 -53.53
N HIS B 219 20.86 50.19 -53.26
CA HIS B 219 20.58 51.46 -53.90
C HIS B 219 21.07 51.45 -55.35
N ALA B 237 25.70 46.41 -42.52
CA ALA B 237 25.18 45.16 -43.08
C ALA B 237 25.67 43.96 -42.29
N ALA B 238 25.61 44.07 -40.96
CA ALA B 238 26.07 43.02 -40.07
C ALA B 238 24.89 42.43 -39.31
N TYR B 239 24.87 41.10 -39.19
CA TYR B 239 23.80 40.41 -38.50
C TYR B 239 24.37 39.14 -37.86
N TYR B 240 23.48 38.36 -37.25
CA TYR B 240 23.86 37.13 -36.56
C TYR B 240 22.85 36.05 -36.89
N VAL B 241 23.28 34.79 -36.76
CA VAL B 241 22.42 33.64 -37.01
C VAL B 241 22.75 32.56 -35.99
N GLY B 242 21.78 32.24 -35.13
CA GLY B 242 21.89 31.13 -34.22
C GLY B 242 20.98 29.97 -34.63
N TYR B 243 20.84 29.02 -33.71
CA TYR B 243 19.96 27.89 -33.96
C TYR B 243 19.33 27.45 -32.65
N LEU B 244 18.08 27.00 -32.74
CA LEU B 244 17.30 26.61 -31.57
C LEU B 244 17.36 25.09 -31.39
N GLN B 245 17.47 24.67 -30.14
CA GLN B 245 17.51 23.25 -29.79
C GLN B 245 16.55 22.97 -28.65
N PRO B 246 16.00 21.76 -28.58
CA PRO B 246 15.09 21.42 -27.48
C PRO B 246 15.80 21.43 -26.14
N ARG B 247 15.44 22.37 -25.27
CA ARG B 247 16.07 22.52 -23.97
C ARG B 247 15.01 22.82 -22.92
N THR B 248 15.33 22.47 -21.68
CA THR B 248 14.46 22.75 -20.54
C THR B 248 14.97 23.99 -19.82
N PHE B 249 14.06 24.92 -19.52
CA PHE B 249 14.42 26.19 -18.91
C PHE B 249 13.59 26.42 -17.65
N LEU B 250 14.18 27.15 -16.71
CA LEU B 250 13.51 27.56 -15.49
C LEU B 250 13.15 29.04 -15.63
N LEU B 251 11.87 29.34 -15.78
CA LEU B 251 11.40 30.69 -16.04
C LEU B 251 10.87 31.30 -14.74
N LYS B 252 11.42 32.44 -14.35
CA LYS B 252 10.96 33.18 -13.19
C LYS B 252 10.03 34.29 -13.65
N TYR B 253 8.85 34.38 -13.04
CA TYR B 253 7.83 35.34 -13.43
C TYR B 253 7.67 36.38 -12.32
N ASN B 254 7.76 37.65 -12.70
CA ASN B 254 7.56 38.75 -11.75
C ASN B 254 6.09 38.86 -11.36
N GLU B 255 5.85 39.58 -10.27
CA GLU B 255 4.48 39.81 -9.83
C GLU B 255 3.68 40.61 -10.85
N ASN B 256 4.35 41.35 -11.73
CA ASN B 256 3.71 42.02 -12.85
C ASN B 256 3.53 41.12 -14.06
N GLY B 257 3.97 39.86 -13.98
CA GLY B 257 3.84 38.96 -15.09
C GLY B 257 4.97 39.04 -16.10
N THR B 258 6.13 39.54 -15.69
CA THR B 258 7.27 39.72 -16.58
C THR B 258 8.34 38.68 -16.27
N ILE B 259 8.91 38.08 -17.32
CA ILE B 259 9.99 37.11 -17.16
C ILE B 259 11.27 37.89 -16.95
N THR B 260 11.79 37.88 -15.72
CA THR B 260 12.97 38.64 -15.37
C THR B 260 14.25 37.79 -15.33
N ASP B 261 14.12 36.47 -15.22
CA ASP B 261 15.30 35.62 -15.10
C ASP B 261 15.00 34.27 -15.75
N ALA B 262 16.08 33.57 -16.10
CA ALA B 262 15.96 32.25 -16.70
C ALA B 262 17.18 31.42 -16.30
N VAL B 263 17.01 30.10 -16.38
CA VAL B 263 18.07 29.16 -16.04
C VAL B 263 18.12 28.07 -17.11
N ASP B 264 19.30 27.83 -17.66
CA ASP B 264 19.52 26.76 -18.63
C ASP B 264 19.81 25.48 -17.87
N CYS B 265 18.88 24.53 -17.89
CA CYS B 265 18.95 23.38 -17.01
C CYS B 265 20.19 22.54 -17.28
N ALA B 266 20.52 22.33 -18.56
CA ALA B 266 21.63 21.45 -18.93
C ALA B 266 22.94 22.20 -19.11
N LEU B 267 23.04 23.42 -18.60
CA LEU B 267 24.27 24.20 -18.76
C LEU B 267 25.42 23.58 -17.98
N ASP B 268 25.20 23.29 -16.70
CA ASP B 268 26.25 22.77 -15.83
C ASP B 268 25.59 22.13 -14.62
N PRO B 269 26.34 21.36 -13.83
CA PRO B 269 25.73 20.68 -12.67
C PRO B 269 25.05 21.61 -11.68
N LEU B 270 25.56 22.83 -11.49
CA LEU B 270 24.88 23.78 -10.62
C LEU B 270 23.50 24.14 -11.17
N SER B 271 23.40 24.32 -12.48
CA SER B 271 22.10 24.58 -13.10
C SER B 271 21.16 23.39 -12.94
N GLU B 272 21.69 22.16 -13.07
CA GLU B 272 20.87 20.99 -12.84
C GLU B 272 20.37 20.93 -11.41
N THR B 273 21.22 21.29 -10.44
CA THR B 273 20.81 21.35 -9.06
C THR B 273 19.70 22.38 -8.85
N LYS B 274 19.85 23.55 -9.47
CA LYS B 274 18.81 24.57 -9.36
C LYS B 274 17.50 24.10 -9.96
N CYS B 275 17.56 23.42 -11.11
CA CYS B 275 16.36 22.91 -11.75
C CYS B 275 15.69 21.84 -10.89
N THR B 276 16.48 20.97 -10.26
CA THR B 276 15.91 19.92 -9.42
C THR B 276 15.20 20.50 -8.22
N LEU B 277 15.78 21.52 -7.58
CA LEU B 277 15.19 22.11 -6.39
C LEU B 277 14.13 23.16 -6.69
N LYS B 278 13.96 23.55 -7.95
CA LYS B 278 13.01 24.59 -8.35
C LYS B 278 13.25 25.87 -7.56
N SER B 279 14.50 26.31 -7.52
CA SER B 279 14.87 27.50 -6.78
C SER B 279 16.11 28.12 -7.42
N PHE B 280 16.37 29.37 -7.07
CA PHE B 280 17.53 30.10 -7.56
C PHE B 280 18.67 30.15 -6.55
N THR B 281 18.45 29.66 -5.33
CA THR B 281 19.48 29.59 -4.31
C THR B 281 19.57 28.17 -3.79
N VAL B 282 20.80 27.68 -3.62
CA VAL B 282 21.05 26.32 -3.17
C VAL B 282 21.83 26.38 -1.87
N GLU B 283 21.33 25.67 -0.85
CA GLU B 283 21.97 25.66 0.45
C GLU B 283 23.08 24.61 0.50
N LYS B 284 23.86 24.66 1.57
CA LYS B 284 24.95 23.71 1.75
C LYS B 284 24.41 22.29 1.88
N GLY B 285 25.04 21.36 1.17
CA GLY B 285 24.65 19.97 1.23
C GLY B 285 25.04 19.25 -0.04
N ILE B 286 24.61 18.00 -0.13
CA ILE B 286 24.86 17.15 -1.29
C ILE B 286 23.51 16.62 -1.79
N TYR B 287 23.29 16.74 -3.09
CA TYR B 287 22.00 16.41 -3.68
C TYR B 287 22.19 15.50 -4.88
N GLN B 288 21.28 14.54 -5.04
CA GLN B 288 21.25 13.69 -6.23
C GLN B 288 20.43 14.39 -7.31
N THR B 289 21.01 14.51 -8.50
CA THR B 289 20.39 15.25 -9.59
C THR B 289 19.90 14.36 -10.72
N SER B 290 20.74 13.46 -11.21
CA SER B 290 20.38 12.66 -12.38
C SER B 290 21.02 11.28 -12.24
N ASN B 291 21.04 10.53 -13.33
CA ASN B 291 21.59 9.18 -13.37
C ASN B 291 22.62 9.10 -14.49
N PHE B 292 23.56 8.18 -14.33
CA PHE B 292 24.67 8.01 -15.26
C PHE B 292 24.66 6.59 -15.81
N ARG B 293 24.79 6.47 -17.12
CA ARG B 293 24.82 5.18 -17.80
C ARG B 293 25.90 5.22 -18.87
N VAL B 294 26.69 4.16 -18.96
CA VAL B 294 27.68 4.04 -20.02
C VAL B 294 26.98 3.53 -21.27
N GLN B 295 27.04 4.31 -22.33
CA GLN B 295 26.38 3.92 -23.57
C GLN B 295 27.21 2.87 -24.31
N PRO B 296 26.57 1.95 -25.01
CA PRO B 296 27.32 0.96 -25.80
C PRO B 296 28.00 1.64 -26.98
N THR B 297 29.29 1.31 -27.17
CA THR B 297 30.09 1.95 -28.21
C THR B 297 30.22 1.10 -29.46
N GLU B 298 30.01 -0.21 -29.37
CA GLU B 298 30.15 -1.10 -30.52
C GLU B 298 28.99 -2.09 -30.52
N SER B 299 28.69 -2.59 -31.72
CA SER B 299 27.65 -3.59 -31.92
C SER B 299 28.31 -4.85 -32.46
N ILE B 300 28.35 -5.90 -31.64
CA ILE B 300 28.98 -7.17 -32.01
C ILE B 300 27.87 -8.22 -32.12
N VAL B 301 27.77 -8.84 -33.28
CA VAL B 301 26.75 -9.85 -33.56
C VAL B 301 27.45 -11.08 -34.12
N ARG B 302 27.35 -12.20 -33.41
CA ARG B 302 28.11 -13.41 -33.73
C ARG B 302 27.18 -14.60 -33.83
N PHE B 303 27.64 -15.63 -34.53
CA PHE B 303 26.84 -16.80 -34.83
C PHE B 303 27.79 -17.98 -34.99
N PRO B 304 27.26 -19.22 -35.02
CA PRO B 304 28.14 -20.39 -35.20
C PRO B 304 28.84 -20.41 -36.55
N ASN B 305 29.68 -21.43 -36.75
CA ASN B 305 30.48 -21.52 -37.97
C ASN B 305 29.60 -21.56 -39.20
N ILE B 306 30.03 -20.85 -40.24
CA ILE B 306 29.34 -20.87 -41.53
C ILE B 306 29.65 -22.12 -42.32
N THR B 307 30.43 -23.05 -41.77
CA THR B 307 30.73 -24.30 -42.44
C THR B 307 29.46 -25.13 -42.60
N ASN B 308 29.56 -26.16 -43.45
CA ASN B 308 28.42 -27.00 -43.84
C ASN B 308 27.34 -26.16 -44.51
N LEU B 309 27.72 -25.54 -45.62
CA LEU B 309 26.82 -24.68 -46.37
C LEU B 309 25.68 -25.49 -47.00
N CYS B 310 24.54 -24.85 -47.17
CA CYS B 310 23.38 -25.50 -47.76
C CYS B 310 23.63 -25.84 -49.23
N PRO B 311 23.03 -26.91 -49.73
CA PRO B 311 23.22 -27.30 -51.15
C PRO B 311 22.25 -26.59 -52.10
N PHE B 312 22.50 -25.30 -52.33
CA PHE B 312 21.70 -24.53 -53.27
C PHE B 312 22.34 -24.41 -54.64
N GLY B 313 23.66 -24.46 -54.73
CA GLY B 313 24.33 -24.43 -56.01
C GLY B 313 24.16 -25.69 -56.83
N GLU B 314 23.66 -26.76 -56.22
CA GLU B 314 23.35 -27.97 -56.98
C GLU B 314 22.13 -27.80 -57.87
N VAL B 315 21.26 -26.85 -57.56
CA VAL B 315 20.07 -26.57 -58.35
C VAL B 315 20.19 -25.23 -59.09
N PHE B 316 20.67 -24.19 -58.40
CA PHE B 316 20.80 -22.88 -59.03
C PHE B 316 21.79 -22.91 -60.19
N ASN B 317 22.91 -23.62 -60.01
CA ASN B 317 23.98 -23.69 -61.00
C ASN B 317 23.87 -24.90 -61.92
N ALA B 318 22.76 -25.63 -61.85
CA ALA B 318 22.61 -26.85 -62.64
C ALA B 318 22.69 -26.57 -64.13
N THR B 319 23.33 -27.48 -64.86
CA THR B 319 23.43 -27.32 -66.31
C THR B 319 22.05 -27.39 -66.98
N ARG B 320 21.19 -28.27 -66.49
CA ARG B 320 19.85 -28.44 -67.04
C ARG B 320 18.81 -28.11 -65.98
N PHE B 321 17.77 -27.38 -66.39
CA PHE B 321 16.64 -27.06 -65.54
C PHE B 321 15.41 -27.79 -66.04
N ALA B 322 14.61 -28.32 -65.12
CA ALA B 322 13.45 -29.12 -65.49
C ALA B 322 12.39 -28.25 -66.15
N SER B 323 11.38 -28.91 -66.71
CA SER B 323 10.30 -28.21 -67.38
C SER B 323 9.39 -27.54 -66.34
N VAL B 324 8.56 -26.61 -66.84
CA VAL B 324 7.66 -25.88 -65.95
C VAL B 324 6.48 -26.74 -65.49
N TYR B 325 6.11 -27.77 -66.25
CA TYR B 325 5.02 -28.63 -65.81
C TYR B 325 5.44 -29.51 -64.65
N ALA B 326 6.72 -29.87 -64.57
CA ALA B 326 7.26 -30.69 -63.48
C ALA B 326 8.51 -30.00 -62.95
N TRP B 327 8.35 -29.23 -61.87
CA TRP B 327 9.48 -28.50 -61.28
C TRP B 327 10.45 -29.47 -60.63
N ASN B 328 11.74 -29.14 -60.71
CA ASN B 328 12.80 -29.98 -60.14
C ASN B 328 12.91 -29.66 -58.65
N ARG B 329 12.04 -30.27 -57.86
CA ARG B 329 12.03 -30.05 -56.42
C ARG B 329 13.16 -30.80 -55.75
N LYS B 330 13.84 -30.13 -54.81
CA LYS B 330 14.91 -30.72 -54.03
C LYS B 330 14.71 -30.36 -52.56
N ARG B 331 14.82 -31.35 -51.69
CA ARG B 331 14.65 -31.11 -50.25
C ARG B 331 16.00 -30.69 -49.66
N ILE B 332 16.02 -29.54 -49.00
CA ILE B 332 17.21 -28.98 -48.37
C ILE B 332 16.92 -28.76 -46.89
N SER B 333 17.79 -29.31 -46.03
CA SER B 333 17.59 -29.19 -44.60
C SER B 333 18.93 -29.39 -43.89
N ASN B 334 18.98 -28.92 -42.64
CA ASN B 334 20.11 -29.13 -41.74
C ASN B 334 21.41 -28.58 -42.32
N CYS B 335 21.43 -27.27 -42.53
CA CYS B 335 22.60 -26.59 -43.07
C CYS B 335 22.45 -25.10 -42.86
N VAL B 336 23.47 -24.34 -43.27
CA VAL B 336 23.48 -22.89 -43.21
C VAL B 336 23.57 -22.34 -44.63
N ALA B 337 22.70 -21.40 -44.96
CA ALA B 337 22.61 -20.83 -46.29
C ALA B 337 22.78 -19.32 -46.24
N ASP B 338 23.71 -18.79 -47.04
CA ASP B 338 23.90 -17.36 -47.18
C ASP B 338 23.02 -16.88 -48.33
N TYR B 339 21.80 -16.45 -47.99
CA TYR B 339 20.87 -15.97 -49.01
C TYR B 339 21.38 -14.70 -49.69
N SER B 340 22.18 -13.90 -48.99
CA SER B 340 22.77 -12.72 -49.60
C SER B 340 23.73 -13.11 -50.74
N VAL B 341 24.35 -14.28 -50.63
CA VAL B 341 25.19 -14.77 -51.73
C VAL B 341 24.34 -15.00 -52.97
N LEU B 342 23.16 -15.61 -52.80
CA LEU B 342 22.23 -15.77 -53.92
C LEU B 342 21.79 -14.41 -54.45
N TYR B 343 21.53 -13.45 -53.55
CA TYR B 343 21.19 -12.11 -53.99
C TYR B 343 22.37 -11.43 -54.67
N ASN B 344 23.59 -11.81 -54.32
CA ASN B 344 24.79 -11.31 -54.96
C ASN B 344 25.36 -12.27 -56.00
N SER B 345 24.63 -13.34 -56.32
CA SER B 345 25.11 -14.29 -57.31
C SER B 345 25.16 -13.67 -58.69
N ALA B 346 26.20 -14.02 -59.45
CA ALA B 346 26.43 -13.41 -60.74
C ALA B 346 25.36 -13.82 -61.75
N SER B 347 25.12 -12.93 -62.72
CA SER B 347 24.19 -13.18 -63.82
C SER B 347 22.78 -13.52 -63.32
N PHE B 348 22.37 -12.86 -62.24
CA PHE B 348 21.03 -13.02 -61.69
C PHE B 348 20.26 -11.71 -61.86
N SER B 349 19.08 -11.81 -62.47
CA SER B 349 18.30 -10.62 -62.80
C SER B 349 16.99 -10.50 -62.05
N THR B 350 16.47 -11.58 -61.48
CA THR B 350 15.23 -11.57 -60.74
C THR B 350 15.50 -11.99 -59.30
N PHE B 351 15.20 -11.12 -58.35
CA PHE B 351 15.37 -11.42 -56.93
C PHE B 351 14.38 -10.56 -56.14
N LYS B 352 13.25 -11.16 -55.75
CA LYS B 352 12.28 -10.50 -54.90
C LYS B 352 11.65 -11.57 -54.01
N CYS B 353 12.16 -11.72 -52.80
CA CYS B 353 11.65 -12.70 -51.86
C CYS B 353 10.32 -12.24 -51.29
N TYR B 354 9.41 -13.19 -51.10
CA TYR B 354 8.07 -12.91 -50.62
C TYR B 354 7.91 -13.48 -49.21
N GLY B 355 7.37 -12.67 -48.30
CA GLY B 355 7.34 -12.99 -46.89
C GLY B 355 8.66 -12.79 -46.18
N VAL B 356 9.77 -12.76 -46.91
CA VAL B 356 11.09 -12.51 -46.35
C VAL B 356 11.80 -11.50 -47.25
N SER B 357 12.88 -10.92 -46.74
CA SER B 357 13.57 -9.95 -47.57
C SER B 357 14.82 -10.58 -48.18
N PRO B 358 15.26 -10.07 -49.34
CA PRO B 358 16.48 -10.63 -49.97
C PRO B 358 17.71 -10.56 -49.08
N THR B 359 17.85 -9.51 -48.27
CA THR B 359 18.99 -9.35 -47.38
C THR B 359 18.69 -9.72 -45.94
N LYS B 360 17.47 -9.45 -45.46
CA LYS B 360 17.09 -9.83 -44.10
C LYS B 360 17.06 -11.35 -43.93
N LEU B 361 17.01 -12.11 -45.03
CA LEU B 361 17.03 -13.56 -44.95
C LEU B 361 18.27 -14.07 -44.23
N ASN B 362 19.35 -13.29 -44.22
CA ASN B 362 20.59 -13.71 -43.59
C ASN B 362 20.36 -14.05 -42.12
N ASP B 363 19.51 -13.29 -41.43
CA ASP B 363 19.24 -13.48 -40.01
C ASP B 363 17.97 -14.31 -39.75
N LEU B 364 17.63 -15.21 -40.68
CA LEU B 364 16.44 -16.03 -40.55
C LEU B 364 16.80 -17.49 -40.74
N CYS B 365 15.95 -18.36 -40.20
CA CYS B 365 16.15 -19.81 -40.27
C CYS B 365 14.82 -20.47 -40.60
N PHE B 366 14.89 -21.66 -41.19
CA PHE B 366 13.70 -22.40 -41.60
C PHE B 366 13.87 -23.88 -41.26
N THR B 367 12.76 -24.54 -40.99
CA THR B 367 12.79 -25.97 -40.71
C THR B 367 13.14 -26.76 -41.96
N ASN B 368 12.47 -26.47 -43.07
CA ASN B 368 12.71 -27.15 -44.33
C ASN B 368 12.67 -26.15 -45.47
N VAL B 369 13.58 -26.31 -46.43
CA VAL B 369 13.64 -25.45 -47.60
C VAL B 369 13.67 -26.33 -48.84
N TYR B 370 12.83 -26.01 -49.82
CA TYR B 370 12.71 -26.79 -51.04
C TYR B 370 13.06 -25.91 -52.23
N ALA B 371 13.99 -26.37 -53.07
CA ALA B 371 14.40 -25.68 -54.27
C ALA B 371 13.76 -26.35 -55.47
N ASP B 372 12.91 -25.61 -56.19
CA ASP B 372 12.18 -26.13 -57.35
C ASP B 372 12.68 -25.43 -58.59
N SER B 373 13.32 -26.19 -59.49
CA SER B 373 13.92 -25.65 -60.70
C SER B 373 12.97 -25.80 -61.87
N PHE B 374 12.83 -24.75 -62.66
CA PHE B 374 11.93 -24.76 -63.82
C PHE B 374 12.34 -23.68 -64.79
N VAL B 375 11.84 -23.78 -66.01
CA VAL B 375 12.15 -22.85 -67.10
C VAL B 375 10.84 -22.19 -67.54
N ILE B 376 10.82 -20.86 -67.52
CA ILE B 376 9.69 -20.08 -68.00
C ILE B 376 10.22 -18.94 -68.86
N ARG B 377 9.31 -18.30 -69.59
CA ARG B 377 9.67 -17.18 -70.45
C ARG B 377 9.86 -15.92 -69.61
N GLY B 378 10.21 -14.82 -70.30
CA GLY B 378 10.47 -13.57 -69.60
C GLY B 378 9.23 -12.99 -68.94
N ASP B 379 8.07 -13.15 -69.57
CA ASP B 379 6.85 -12.53 -69.04
C ASP B 379 6.34 -13.23 -67.79
N GLU B 380 6.54 -14.54 -67.69
CA GLU B 380 6.02 -15.29 -66.56
C GLU B 380 6.84 -15.11 -65.29
N VAL B 381 8.05 -14.53 -65.38
CA VAL B 381 8.88 -14.38 -64.20
C VAL B 381 8.28 -13.37 -63.23
N ARG B 382 7.53 -12.39 -63.73
CA ARG B 382 6.88 -11.42 -62.86
C ARG B 382 5.68 -12.00 -62.14
N GLN B 383 5.10 -13.08 -62.67
CA GLN B 383 3.90 -13.68 -62.11
C GLN B 383 4.19 -14.79 -61.11
N ILE B 384 5.46 -15.08 -60.83
CA ILE B 384 5.81 -16.09 -59.81
C ILE B 384 5.85 -15.34 -58.48
N ALA B 385 4.68 -15.17 -57.90
CA ALA B 385 4.52 -14.44 -56.64
C ALA B 385 3.21 -14.86 -56.00
N PRO B 386 3.08 -14.75 -54.68
CA PRO B 386 1.81 -15.11 -54.04
C PRO B 386 0.66 -14.26 -54.54
N GLY B 387 -0.50 -14.91 -54.73
CA GLY B 387 -1.70 -14.21 -55.14
C GLY B 387 -1.74 -13.76 -56.57
N GLN B 388 -0.82 -14.23 -57.41
CA GLN B 388 -0.78 -13.80 -58.81
C GLN B 388 -1.56 -14.78 -59.69
N THR B 389 -1.93 -14.28 -60.86
CA THR B 389 -2.70 -15.06 -61.83
C THR B 389 -1.96 -15.08 -63.17
N GLY B 390 -2.11 -16.20 -63.88
CA GLY B 390 -1.45 -16.37 -65.15
C GLY B 390 -1.46 -17.83 -65.54
N LYS B 391 -0.76 -18.11 -66.65
CA LYS B 391 -0.67 -19.49 -67.12
C LYS B 391 0.07 -20.36 -66.11
N ILE B 392 1.27 -19.95 -65.72
CA ILE B 392 2.05 -20.73 -64.76
C ILE B 392 1.43 -20.67 -63.38
N ALA B 393 0.92 -19.49 -62.99
CA ALA B 393 0.39 -19.32 -61.64
C ALA B 393 -0.83 -20.22 -61.40
N ASP B 394 -1.68 -20.38 -62.41
CA ASP B 394 -2.93 -21.13 -62.26
C ASP B 394 -2.82 -22.58 -62.70
N TYR B 395 -2.10 -22.86 -63.78
CA TYR B 395 -2.12 -24.19 -64.38
C TYR B 395 -0.99 -25.09 -63.90
N ASN B 396 0.24 -24.57 -63.83
CA ASN B 396 1.41 -25.39 -63.54
C ASN B 396 1.79 -25.44 -62.07
N TYR B 397 1.66 -24.32 -61.35
CA TYR B 397 2.10 -24.27 -59.96
C TYR B 397 1.46 -23.06 -59.30
N LYS B 398 0.83 -23.29 -58.14
CA LYS B 398 0.11 -22.26 -57.42
C LYS B 398 0.81 -21.98 -56.10
N LEU B 399 1.38 -20.78 -55.97
CA LEU B 399 2.06 -20.38 -54.75
C LEU B 399 1.05 -20.10 -53.64
N PRO B 400 1.40 -20.37 -52.39
CA PRO B 400 0.49 -20.08 -51.28
C PRO B 400 0.29 -18.59 -51.09
N ASP B 401 -0.88 -18.24 -50.54
CA ASP B 401 -1.17 -16.83 -50.28
C ASP B 401 -0.25 -16.25 -49.22
N ASP B 402 0.23 -17.09 -48.30
CA ASP B 402 1.19 -16.69 -47.26
C ASP B 402 2.59 -17.16 -47.61
N PHE B 403 2.95 -17.09 -48.89
CA PHE B 403 4.22 -17.62 -49.38
C PHE B 403 5.42 -17.01 -48.69
N THR B 404 6.14 -17.82 -47.92
CA THR B 404 7.43 -17.43 -47.36
C THR B 404 8.50 -18.08 -48.23
N GLY B 405 9.12 -17.29 -49.10
CA GLY B 405 10.10 -17.82 -50.01
C GLY B 405 10.59 -16.74 -50.96
N CYS B 406 11.54 -17.14 -51.81
CA CYS B 406 12.14 -16.24 -52.78
C CYS B 406 12.06 -16.87 -54.17
N VAL B 407 11.89 -16.01 -55.17
CA VAL B 407 11.86 -16.42 -56.57
C VAL B 407 13.08 -15.81 -57.25
N ILE B 408 13.96 -16.66 -57.76
CA ILE B 408 15.24 -16.24 -58.32
C ILE B 408 15.36 -16.80 -59.73
N ALA B 409 15.71 -15.93 -60.69
CA ALA B 409 15.80 -16.32 -62.08
C ALA B 409 17.07 -15.76 -62.71
N TRP B 410 17.55 -16.44 -63.73
CA TRP B 410 18.69 -15.99 -64.52
C TRP B 410 18.42 -16.29 -65.99
N ASN B 411 18.77 -15.34 -66.85
CA ASN B 411 18.53 -15.49 -68.28
C ASN B 411 19.33 -16.66 -68.84
N SER B 412 18.68 -17.47 -69.68
CA SER B 412 19.30 -18.64 -70.27
C SER B 412 18.94 -18.74 -71.75
N ASN B 413 18.87 -17.60 -72.43
CA ASN B 413 18.55 -17.58 -73.85
C ASN B 413 19.74 -18.09 -74.69
N TYR B 427 4.41 -26.84 -71.08
CA TYR B 427 3.65 -26.06 -70.10
C TYR B 427 2.18 -26.50 -70.11
N ARG B 428 1.57 -26.52 -68.93
CA ARG B 428 0.16 -26.87 -68.80
C ARG B 428 -0.69 -25.72 -69.31
N LEU B 429 -1.39 -25.95 -70.42
CA LEU B 429 -2.26 -24.94 -71.00
C LEU B 429 -3.72 -25.09 -70.60
N PHE B 430 -4.16 -26.32 -70.33
CA PHE B 430 -5.52 -26.59 -69.88
C PHE B 430 -5.47 -27.41 -68.60
N ARG B 431 -6.31 -27.05 -67.64
CA ARG B 431 -6.38 -27.76 -66.37
C ARG B 431 -7.83 -27.99 -65.98
N LYS B 432 -8.04 -28.99 -65.13
CA LYS B 432 -9.38 -29.36 -64.70
C LYS B 432 -9.78 -28.72 -63.37
N SER B 433 -8.81 -28.36 -62.53
CA SER B 433 -9.11 -27.80 -61.22
C SER B 433 -7.93 -26.96 -60.76
N ASN B 434 -8.16 -26.18 -59.71
CA ASN B 434 -7.11 -25.36 -59.13
C ASN B 434 -6.08 -26.23 -58.41
N LEU B 435 -4.93 -25.64 -58.12
CA LEU B 435 -3.79 -26.36 -57.58
C LEU B 435 -3.60 -26.07 -56.09
N LYS B 436 -3.16 -27.09 -55.37
CA LYS B 436 -2.81 -26.95 -53.97
C LYS B 436 -1.47 -26.23 -53.84
N PRO B 437 -1.20 -25.63 -52.68
CA PRO B 437 0.13 -25.03 -52.46
C PRO B 437 1.23 -26.09 -52.51
N PHE B 438 2.36 -25.71 -53.10
CA PHE B 438 3.52 -26.60 -53.23
C PHE B 438 3.14 -27.89 -53.95
N GLU B 439 2.47 -27.76 -55.08
CA GLU B 439 2.00 -28.89 -55.86
C GLU B 439 2.51 -28.82 -57.29
N ARG B 440 2.92 -29.96 -57.83
CA ARG B 440 3.31 -30.10 -59.23
C ARG B 440 2.41 -31.14 -59.88
N ASP B 441 1.76 -30.75 -60.97
CA ASP B 441 0.83 -31.63 -61.68
C ASP B 441 1.56 -32.24 -62.88
N ILE B 442 1.65 -33.56 -62.91
CA ILE B 442 2.33 -34.27 -63.98
C ILE B 442 1.32 -35.05 -64.82
N PHE B 464 -4.25 -31.62 -75.62
CA PHE B 464 -3.39 -32.03 -74.52
C PHE B 464 -3.18 -30.88 -73.54
N PRO B 465 -3.27 -31.16 -72.24
CA PRO B 465 -3.00 -30.12 -71.24
C PRO B 465 -1.60 -29.53 -71.35
N LEU B 466 -0.60 -30.35 -71.68
CA LEU B 466 0.78 -29.90 -71.81
C LEU B 466 1.04 -29.54 -73.26
N GLN B 467 1.42 -28.29 -73.51
CA GLN B 467 1.70 -27.82 -74.87
C GLN B 467 3.15 -27.38 -75.00
N PRO B 481 13.67 -17.25 -72.63
CA PRO B 481 13.45 -18.17 -71.50
C PRO B 481 14.28 -17.77 -70.27
N TYR B 482 13.70 -17.94 -69.09
CA TYR B 482 14.37 -17.61 -67.84
C TYR B 482 14.36 -18.84 -66.94
N ARG B 483 15.54 -19.23 -66.46
CA ARG B 483 15.68 -20.37 -65.56
C ARG B 483 15.42 -19.89 -64.14
N VAL B 484 14.34 -20.37 -63.54
CA VAL B 484 13.85 -19.88 -62.25
C VAL B 484 13.85 -21.02 -61.25
N VAL B 485 14.31 -20.72 -60.03
CA VAL B 485 14.28 -21.68 -58.93
C VAL B 485 13.48 -21.06 -57.80
N VAL B 486 12.47 -21.79 -57.31
CA VAL B 486 11.63 -21.35 -56.21
C VAL B 486 12.14 -21.98 -54.93
N LEU B 487 12.43 -21.15 -53.93
CA LEU B 487 12.94 -21.59 -52.64
C LEU B 487 11.78 -21.61 -51.64
N SER B 488 11.15 -22.77 -51.50
CA SER B 488 10.01 -22.93 -50.60
C SER B 488 10.51 -23.02 -49.17
N PHE B 489 10.37 -21.94 -48.41
CA PHE B 489 10.79 -21.89 -47.02
C PHE B 489 9.64 -22.39 -46.16
N GLU B 490 9.70 -23.65 -45.75
CA GLU B 490 8.66 -24.26 -44.91
C GLU B 490 9.14 -24.30 -43.47
N LEU B 491 8.36 -23.72 -42.57
CA LEU B 491 8.69 -23.66 -41.15
C LEU B 491 7.69 -24.47 -40.35
N LEU B 492 8.19 -25.26 -39.40
CA LEU B 492 7.37 -26.11 -38.55
C LEU B 492 7.49 -25.65 -37.10
N HIS B 493 6.59 -26.19 -36.26
CA HIS B 493 6.66 -25.90 -34.84
C HIS B 493 7.96 -26.38 -34.22
N ALA B 494 8.62 -27.37 -34.84
CA ALA B 494 9.92 -27.82 -34.40
C ALA B 494 10.97 -26.74 -34.64
N PRO B 495 12.07 -26.77 -33.91
CA PRO B 495 13.13 -25.77 -34.14
C PRO B 495 13.64 -25.84 -35.58
N ALA B 496 13.91 -24.65 -36.14
CA ALA B 496 14.31 -24.56 -37.53
C ALA B 496 15.71 -25.16 -37.74
N THR B 497 15.94 -25.67 -38.95
CA THR B 497 17.19 -26.33 -39.28
C THR B 497 17.93 -25.68 -40.44
N VAL B 498 17.20 -25.15 -41.42
CA VAL B 498 17.85 -24.45 -42.56
C VAL B 498 18.11 -22.99 -42.16
N CYS B 499 19.24 -22.72 -41.51
CA CYS B 499 19.54 -21.35 -41.02
C CYS B 499 20.38 -20.58 -42.04
N GLY B 500 20.63 -19.29 -41.78
CA GLY B 500 21.49 -18.49 -42.66
C GLY B 500 22.71 -17.99 -41.92
N PRO B 501 23.95 -18.38 -42.33
CA PRO B 501 25.15 -17.99 -41.60
C PRO B 501 25.42 -16.49 -41.73
N LYS B 502 25.96 -15.87 -40.67
CA LYS B 502 26.23 -14.40 -40.69
C LYS B 502 27.74 -14.17 -40.73
N LYS B 503 28.22 -13.13 -40.06
CA LYS B 503 29.67 -12.78 -40.11
C LYS B 503 30.28 -12.83 -38.71
N SER B 504 29.50 -13.27 -37.71
CA SER B 504 29.99 -13.33 -36.31
C SER B 504 30.99 -12.18 -36.08
N THR B 505 30.52 -10.93 -36.16
CA THR B 505 31.40 -9.75 -36.02
C THR B 505 32.48 -10.02 -34.97
N ASN B 506 33.73 -9.65 -35.26
CA ASN B 506 34.85 -9.89 -34.31
C ASN B 506 34.42 -9.51 -32.90
N LEU B 507 34.97 -10.20 -31.89
CA LEU B 507 34.61 -9.93 -30.51
C LEU B 507 35.69 -9.11 -29.82
N VAL B 508 35.26 -8.27 -28.87
CA VAL B 508 36.15 -7.44 -28.08
C VAL B 508 35.88 -7.73 -26.61
N LYS B 509 36.74 -7.17 -25.75
CA LYS B 509 36.66 -7.44 -24.32
C LYS B 509 36.81 -6.14 -23.53
N ASN B 510 36.29 -6.17 -22.31
CA ASN B 510 36.47 -5.11 -21.32
C ASN B 510 35.87 -3.77 -21.75
N LYS B 511 34.91 -3.78 -22.66
CA LYS B 511 34.24 -2.55 -23.07
C LYS B 511 32.78 -2.85 -23.39
N CYS B 512 31.91 -1.91 -23.05
CA CYS B 512 30.47 -2.11 -23.20
C CYS B 512 30.09 -2.15 -24.67
N VAL B 513 29.71 -3.33 -25.16
CA VAL B 513 29.23 -3.51 -26.53
C VAL B 513 27.98 -4.37 -26.50
N ASN B 514 27.26 -4.38 -27.61
CA ASN B 514 26.13 -5.29 -27.75
C ASN B 514 26.65 -6.72 -27.94
N PHE B 515 26.13 -7.65 -27.15
CA PHE B 515 26.58 -9.04 -27.21
C PHE B 515 25.58 -9.94 -27.92
N ASN B 516 24.84 -9.40 -28.89
CA ASN B 516 23.80 -10.18 -29.57
C ASN B 516 24.40 -11.42 -30.21
N PHE B 517 23.76 -12.56 -29.94
CA PHE B 517 24.23 -13.86 -30.42
C PHE B 517 23.10 -14.59 -31.14
N ASN B 518 23.30 -15.89 -31.40
CA ASN B 518 22.27 -16.67 -32.07
C ASN B 518 20.95 -16.64 -31.31
N GLY B 519 21.02 -16.71 -29.97
CA GLY B 519 19.80 -16.72 -29.18
C GLY B 519 19.74 -15.65 -28.10
N LEU B 520 20.82 -14.91 -27.92
CA LEU B 520 20.91 -13.90 -26.87
C LEU B 520 20.95 -12.50 -27.47
N THR B 521 20.36 -11.55 -26.76
CA THR B 521 20.31 -10.16 -27.19
C THR B 521 20.54 -9.26 -25.98
N GLY B 522 21.33 -8.22 -26.17
CA GLY B 522 21.61 -7.27 -25.11
C GLY B 522 22.98 -6.67 -25.29
N THR B 523 23.35 -5.83 -24.32
CA THR B 523 24.63 -5.15 -24.32
C THR B 523 25.29 -5.30 -22.96
N GLY B 524 26.63 -5.38 -22.97
CA GLY B 524 27.36 -5.58 -21.75
C GLY B 524 28.84 -5.72 -22.02
N VAL B 525 29.56 -6.15 -20.99
CA VAL B 525 31.01 -6.33 -21.05
C VAL B 525 31.31 -7.83 -21.09
N LEU B 526 32.06 -8.26 -22.09
CA LEU B 526 32.40 -9.67 -22.29
C LEU B 526 33.87 -9.87 -21.97
N THR B 527 34.14 -10.59 -20.89
CA THR B 527 35.50 -10.94 -20.49
C THR B 527 35.70 -12.45 -20.67
N GLU B 528 36.88 -12.92 -20.26
CA GLU B 528 37.23 -14.33 -20.35
C GLU B 528 36.96 -15.01 -19.01
N SER B 529 36.24 -16.12 -19.05
CA SER B 529 35.88 -16.87 -17.86
C SER B 529 36.20 -18.34 -18.04
N ASN B 530 36.44 -19.03 -16.92
CA ASN B 530 36.89 -20.42 -16.92
C ASN B 530 35.83 -21.35 -16.33
N LYS B 531 34.57 -21.13 -16.66
CA LYS B 531 33.51 -22.02 -16.20
C LYS B 531 33.65 -23.39 -16.88
N LYS B 532 33.11 -24.41 -16.22
CA LYS B 532 33.17 -25.78 -16.73
C LYS B 532 31.86 -26.14 -17.44
N PHE B 533 31.71 -25.58 -18.64
CA PHE B 533 30.52 -25.82 -19.43
C PHE B 533 30.46 -27.26 -19.92
N LEU B 534 29.25 -27.79 -20.00
CA LEU B 534 29.02 -29.12 -20.54
C LEU B 534 28.92 -29.06 -22.05
N PRO B 535 29.21 -30.17 -22.75
CA PRO B 535 29.15 -30.16 -24.22
C PRO B 535 27.78 -29.81 -24.77
N PHE B 536 26.71 -30.04 -24.01
CA PHE B 536 25.36 -29.72 -24.46
C PHE B 536 24.79 -28.50 -23.75
N GLN B 537 25.61 -27.79 -22.97
CA GLN B 537 25.20 -26.56 -22.31
C GLN B 537 25.88 -25.38 -22.98
N GLN B 538 25.10 -24.36 -23.31
CA GLN B 538 25.62 -23.20 -24.04
C GLN B 538 25.33 -21.88 -23.34
N PHE B 539 24.60 -21.87 -22.23
CA PHE B 539 24.33 -20.65 -21.50
C PHE B 539 24.41 -20.91 -20.00
N GLY B 540 24.81 -19.88 -19.25
CA GLY B 540 24.80 -19.91 -17.81
C GLY B 540 23.74 -18.97 -17.26
N ARG B 541 23.50 -19.09 -15.96
CA ARG B 541 22.50 -18.26 -15.30
C ARG B 541 22.92 -17.99 -13.87
N ASP B 542 22.38 -16.91 -13.31
CA ASP B 542 22.67 -16.50 -11.95
C ASP B 542 21.70 -17.19 -10.98
N ILE B 543 21.92 -16.96 -9.68
CA ILE B 543 21.02 -17.48 -8.67
C ILE B 543 19.61 -16.90 -8.82
N ALA B 544 19.49 -15.73 -9.45
CA ALA B 544 18.20 -15.13 -9.76
C ALA B 544 17.78 -15.38 -11.21
N ASP B 545 18.45 -16.31 -11.89
CA ASP B 545 18.14 -16.69 -13.27
C ASP B 545 18.27 -15.49 -14.23
N THR B 546 19.48 -14.96 -14.27
CA THR B 546 19.85 -13.93 -15.24
C THR B 546 21.07 -14.40 -16.00
N THR B 547 21.12 -14.05 -17.29
CA THR B 547 22.24 -14.49 -18.13
C THR B 547 23.56 -13.99 -17.59
N ASP B 548 24.53 -14.90 -17.47
CA ASP B 548 25.83 -14.57 -16.91
C ASP B 548 27.02 -15.10 -17.72
N ALA B 549 26.81 -16.03 -18.64
CA ALA B 549 27.89 -16.54 -19.46
C ALA B 549 27.32 -17.11 -20.75
N VAL B 550 28.17 -17.24 -21.76
CA VAL B 550 27.77 -17.80 -23.04
C VAL B 550 28.99 -18.33 -23.77
N ARG B 551 28.88 -19.53 -24.31
CA ARG B 551 29.94 -20.07 -25.15
C ARG B 551 29.93 -19.40 -26.51
N ASP B 552 31.09 -18.99 -26.98
CA ASP B 552 31.19 -18.36 -28.29
C ASP B 552 30.80 -19.37 -29.36
N PRO B 553 29.84 -19.06 -30.23
CA PRO B 553 29.28 -20.09 -31.12
C PRO B 553 30.28 -20.67 -32.12
N GLN B 554 31.38 -19.99 -32.40
CA GLN B 554 32.37 -20.50 -33.34
C GLN B 554 33.56 -21.15 -32.65
N THR B 555 34.24 -20.42 -31.77
CA THR B 555 35.31 -20.96 -30.94
C THR B 555 34.73 -21.19 -29.55
N LEU B 556 34.58 -22.46 -29.17
CA LEU B 556 33.82 -22.82 -27.98
C LEU B 556 34.62 -22.44 -26.74
N GLU B 557 34.50 -21.17 -26.35
CA GLU B 557 35.09 -20.64 -25.14
C GLU B 557 34.03 -19.88 -24.35
N ILE B 558 34.24 -19.81 -23.04
CA ILE B 558 33.23 -19.28 -22.13
C ILE B 558 33.50 -17.80 -21.88
N LEU B 559 32.50 -16.96 -22.18
CA LEU B 559 32.62 -15.52 -22.07
C LEU B 559 31.71 -15.04 -20.94
N ASP B 560 32.31 -14.49 -19.89
CA ASP B 560 31.52 -13.90 -18.81
C ASP B 560 30.84 -12.62 -19.30
N ILE B 561 29.62 -12.39 -18.82
CA ILE B 561 28.85 -11.21 -19.19
C ILE B 561 28.64 -10.37 -17.93
N THR B 562 29.05 -9.11 -18.01
CA THR B 562 28.89 -8.15 -16.93
C THR B 562 28.05 -6.98 -17.41
N PRO B 563 27.00 -6.60 -16.67
CA PRO B 563 26.17 -5.48 -17.10
C PRO B 563 26.97 -4.18 -17.16
N CYS B 564 26.55 -3.30 -18.06
CA CYS B 564 27.25 -2.04 -18.26
C CYS B 564 27.19 -1.19 -17.00
N SER B 565 28.25 -0.43 -16.77
CA SER B 565 28.36 0.35 -15.55
C SER B 565 27.28 1.44 -15.51
N PHE B 566 26.75 1.67 -14.31
CA PHE B 566 25.75 2.71 -14.09
C PHE B 566 25.76 3.08 -12.62
N GLY B 567 25.17 4.24 -12.33
CA GLY B 567 25.09 4.69 -10.96
C GLY B 567 24.57 6.12 -10.83
N GLY B 568 24.16 6.49 -9.63
CA GLY B 568 23.64 7.83 -9.41
C GLY B 568 24.73 8.88 -9.45
N VAL B 569 24.31 10.11 -9.74
CA VAL B 569 25.20 11.26 -9.80
C VAL B 569 24.76 12.26 -8.75
N SER B 570 25.69 12.66 -7.89
CA SER B 570 25.41 13.61 -6.83
C SER B 570 26.42 14.75 -6.89
N VAL B 571 25.99 15.93 -6.43
CA VAL B 571 26.78 17.14 -6.52
C VAL B 571 26.93 17.73 -5.12
N ILE B 572 28.16 18.11 -4.76
CA ILE B 572 28.45 18.72 -3.48
C ILE B 572 28.60 20.22 -3.70
N THR B 573 27.89 21.01 -2.87
CA THR B 573 27.84 22.44 -3.10
C THR B 573 27.58 23.14 -1.79
N PRO B 574 28.12 24.34 -1.58
CA PRO B 574 27.81 25.09 -0.36
C PRO B 574 26.53 25.88 -0.52
N GLY B 575 26.21 26.71 0.47
CA GLY B 575 25.25 27.77 0.21
C GLY B 575 25.78 28.69 -0.88
N THR B 576 24.90 29.03 -1.82
CA THR B 576 25.35 29.86 -2.94
C THR B 576 25.74 31.27 -2.48
N ASN B 577 25.40 31.64 -1.26
CA ASN B 577 25.80 32.90 -0.64
C ASN B 577 27.28 32.95 -0.29
N THR B 578 28.07 31.95 -0.68
CA THR B 578 29.49 31.94 -0.37
C THR B 578 30.37 31.73 -1.61
N SER B 579 29.94 30.91 -2.55
CA SER B 579 30.71 30.65 -3.76
C SER B 579 29.77 30.06 -4.82
N ASN B 580 30.35 29.62 -5.93
CA ASN B 580 29.59 29.01 -7.02
C ASN B 580 30.30 27.80 -7.60
N GLN B 581 31.19 27.17 -6.83
CA GLN B 581 31.93 25.99 -7.26
C GLN B 581 31.23 24.74 -6.76
N VAL B 582 31.26 23.69 -7.57
CA VAL B 582 30.63 22.42 -7.23
C VAL B 582 31.58 21.28 -7.55
N ALA B 583 31.36 20.16 -6.88
CA ALA B 583 32.09 18.91 -7.12
C ALA B 583 31.10 17.80 -7.40
N VAL B 584 31.43 16.96 -8.38
CA VAL B 584 30.53 15.92 -8.85
C VAL B 584 31.09 14.56 -8.46
N LEU B 585 30.25 13.75 -7.81
CA LEU B 585 30.62 12.41 -7.37
C LEU B 585 29.80 11.38 -8.14
N TYR B 586 30.50 10.42 -8.75
CA TYR B 586 29.85 9.33 -9.49
C TYR B 586 29.85 8.09 -8.60
N GLN B 587 28.67 7.69 -8.16
CA GLN B 587 28.56 6.65 -7.14
C GLN B 587 28.78 5.26 -7.73
N GLY B 588 29.62 4.47 -7.07
CA GLY B 588 29.74 3.06 -7.37
C GLY B 588 30.47 2.71 -8.66
N VAL B 589 31.25 3.64 -9.21
CA VAL B 589 32.03 3.38 -10.41
C VAL B 589 33.45 3.91 -10.20
N ASN B 590 34.38 3.37 -10.97
CA ASN B 590 35.76 3.83 -10.95
C ASN B 590 36.01 4.66 -12.21
N CYS B 591 36.67 5.79 -12.03
CA CYS B 591 36.81 6.81 -13.07
C CYS B 591 37.75 6.40 -14.20
N THR B 592 38.18 5.14 -14.29
CA THR B 592 38.87 4.68 -15.48
C THR B 592 37.96 4.67 -16.70
N GLU B 593 36.64 4.78 -16.51
CA GLU B 593 35.69 4.80 -17.61
C GLU B 593 34.65 5.90 -17.51
N VAL B 594 34.77 6.81 -16.54
CA VAL B 594 33.80 7.89 -16.36
C VAL B 594 33.86 8.96 -17.43
N PRO B 595 34.99 9.26 -18.09
CA PRO B 595 34.96 10.32 -19.12
C PRO B 595 34.04 10.01 -20.29
N VAL B 596 33.64 8.75 -20.47
CA VAL B 596 32.74 8.39 -21.57
C VAL B 596 31.41 9.14 -21.44
N ALA B 597 30.86 9.16 -20.23
CA ALA B 597 29.61 9.86 -19.99
C ALA B 597 29.83 11.08 -19.08
N ASN B 615 42.24 16.65 -11.00
CA ASN B 615 41.19 16.87 -10.03
C ASN B 615 40.43 15.59 -9.71
N VAL B 616 40.83 14.50 -10.37
CA VAL B 616 40.20 13.21 -10.14
C VAL B 616 40.83 12.55 -8.93
N PHE B 617 40.05 11.70 -8.24
CA PHE B 617 40.53 11.01 -7.06
C PHE B 617 39.57 9.86 -6.76
N GLN B 618 40.10 8.66 -6.63
CA GLN B 618 39.28 7.47 -6.42
C GLN B 618 39.11 7.23 -4.92
N THR B 619 37.86 7.17 -4.49
CA THR B 619 37.50 6.87 -3.11
C THR B 619 36.76 5.54 -3.05
N ARG B 620 36.28 5.19 -1.86
CA ARG B 620 35.52 3.96 -1.67
C ARG B 620 34.05 4.11 -2.01
N ALA B 621 33.61 5.31 -2.40
CA ALA B 621 32.24 5.56 -2.81
C ALA B 621 32.13 5.93 -4.28
N GLY B 622 33.21 5.77 -5.05
CA GLY B 622 33.23 6.16 -6.45
C GLY B 622 34.49 6.93 -6.80
N CYS B 623 34.38 7.87 -7.72
CA CYS B 623 35.47 8.79 -8.04
C CYS B 623 34.96 10.22 -7.90
N LEU B 624 35.72 11.03 -7.19
CA LEU B 624 35.34 12.41 -6.89
C LEU B 624 36.08 13.36 -7.84
N ILE B 625 35.32 14.26 -8.46
CA ILE B 625 35.86 15.21 -9.44
C ILE B 625 35.76 16.61 -8.86
N GLY B 626 36.87 17.35 -8.91
CA GLY B 626 36.90 18.71 -8.41
C GLY B 626 37.23 18.86 -6.95
N ALA B 627 37.84 17.85 -6.33
CA ALA B 627 38.17 17.88 -4.91
C ALA B 627 39.68 17.78 -4.72
N GLU B 628 40.19 18.49 -3.72
CA GLU B 628 41.61 18.52 -3.39
C GLU B 628 41.86 17.58 -2.22
N HIS B 629 42.56 16.48 -2.47
CA HIS B 629 42.78 15.47 -1.45
C HIS B 629 43.76 15.98 -0.38
N VAL B 630 43.43 15.71 0.88
CA VAL B 630 44.28 16.02 2.02
C VAL B 630 44.34 14.80 2.92
N ASN B 631 45.43 14.67 3.66
CA ASN B 631 45.59 13.60 4.64
C ASN B 631 45.66 14.15 6.06
N ASN B 632 44.82 15.14 6.36
CA ASN B 632 44.56 15.56 7.73
C ASN B 632 43.21 14.98 8.16
N SER B 633 42.75 15.36 9.35
CA SER B 633 41.48 14.86 9.87
C SER B 633 40.74 15.99 10.56
N TYR B 634 39.48 16.19 10.17
CA TYR B 634 38.61 17.17 10.80
C TYR B 634 37.22 16.55 10.97
N GLU B 635 36.30 17.33 11.52
CA GLU B 635 34.92 16.89 11.65
C GLU B 635 34.24 16.92 10.28
N CYS B 636 33.07 16.28 10.22
CA CYS B 636 32.31 16.19 8.98
C CYS B 636 31.41 17.40 8.83
N ASP B 637 31.51 18.08 7.69
CA ASP B 637 30.59 19.14 7.30
C ASP B 637 29.60 18.67 6.24
N ILE B 638 30.07 17.90 5.25
CA ILE B 638 29.20 17.34 4.22
C ILE B 638 29.52 15.85 4.08
N PRO B 639 28.64 14.95 4.48
CA PRO B 639 28.93 13.53 4.37
C PRO B 639 28.99 13.06 2.93
N ILE B 640 29.84 12.06 2.69
CA ILE B 640 30.00 11.44 1.38
C ILE B 640 29.74 9.94 1.44
N GLY B 641 30.38 9.25 2.36
CA GLY B 641 30.22 7.82 2.51
C GLY B 641 31.56 7.15 2.74
N ALA B 642 31.52 5.99 3.41
CA ALA B 642 32.71 5.19 3.70
C ALA B 642 33.73 5.99 4.50
N GLY B 643 33.25 6.83 5.41
CA GLY B 643 34.12 7.61 6.27
C GLY B 643 34.76 8.82 5.63
N ILE B 644 34.35 9.19 4.42
CA ILE B 644 34.90 10.34 3.72
C ILE B 644 33.92 11.49 3.83
N CYS B 645 34.44 12.68 4.11
CA CYS B 645 33.61 13.87 4.29
C CYS B 645 34.31 15.06 3.65
N ALA B 646 33.52 16.01 3.16
CA ALA B 646 34.03 17.12 2.37
C ALA B 646 33.61 18.45 2.98
N SER B 647 34.38 19.50 2.69
CA SER B 647 34.11 20.81 3.25
C SER B 647 34.73 21.88 2.37
N TYR B 648 34.33 23.12 2.63
CA TYR B 648 34.80 24.30 1.90
C TYR B 648 35.63 25.17 2.84
N GLN B 649 36.94 25.17 2.66
CA GLN B 649 37.84 26.03 3.40
C GLN B 649 38.92 26.58 2.49
N THR B 650 39.32 27.83 2.74
CA THR B 650 40.33 28.50 1.95
C THR B 650 41.72 27.95 2.26
N ALA B 662 43.71 32.53 -0.60
CA ALA B 662 43.36 31.24 -1.19
C ALA B 662 41.86 31.17 -1.46
N SER B 663 41.50 30.64 -2.63
CA SER B 663 40.09 30.49 -2.98
C SER B 663 39.45 29.37 -2.18
N GLN B 664 38.13 29.42 -2.10
CA GLN B 664 37.36 28.47 -1.30
C GLN B 664 37.12 27.21 -2.13
N SER B 665 37.95 26.19 -1.90
CA SER B 665 37.93 24.97 -2.70
C SER B 665 37.60 23.75 -1.84
N ILE B 666 37.25 22.65 -2.51
CA ILE B 666 37.01 21.39 -1.84
C ILE B 666 38.28 20.90 -1.16
N ILE B 667 38.13 20.26 0.00
CA ILE B 667 39.17 19.39 0.55
C ILE B 667 38.48 18.11 0.99
N ALA B 668 38.99 16.97 0.53
CA ALA B 668 38.43 15.66 0.82
C ALA B 668 39.31 14.95 1.83
N TYR B 669 38.74 14.61 2.98
CA TYR B 669 39.52 14.13 4.11
C TYR B 669 38.80 12.99 4.79
N THR B 670 39.57 12.15 5.49
CA THR B 670 39.00 11.09 6.31
C THR B 670 38.41 11.65 7.59
N MET B 671 37.31 11.06 8.02
CA MET B 671 36.60 11.55 9.20
C MET B 671 37.45 11.37 10.46
N SER B 672 37.22 12.24 11.43
CA SER B 672 37.87 12.19 12.73
C SER B 672 36.81 11.98 13.80
N LEU B 673 37.08 11.10 14.75
CA LEU B 673 36.10 10.71 15.76
C LEU B 673 36.16 11.57 17.02
N GLY B 674 37.12 12.48 17.12
CA GLY B 674 37.23 13.36 18.27
C GLY B 674 38.68 13.57 18.64
N GLU B 675 38.88 14.20 19.80
CA GLU B 675 40.20 14.51 20.30
C GLU B 675 40.59 13.55 21.42
N GLU B 676 41.88 13.23 21.50
CA GLU B 676 42.35 12.28 22.49
C GLU B 676 42.42 12.92 23.87
N ASN B 677 42.12 12.12 24.89
CA ASN B 677 42.25 12.53 26.28
C ASN B 677 43.18 11.54 26.99
N SER B 678 44.25 12.05 27.58
CA SER B 678 45.27 11.22 28.23
C SER B 678 45.11 11.37 29.74
N VAL B 679 44.36 10.45 30.34
CA VAL B 679 44.19 10.44 31.79
C VAL B 679 45.36 9.70 32.42
N ALA B 680 45.98 10.32 33.43
CA ALA B 680 47.13 9.73 34.09
C ALA B 680 46.73 8.42 34.79
N TYR B 681 47.73 7.68 35.24
CA TYR B 681 47.50 6.31 35.73
C TYR B 681 48.09 6.17 37.13
N SER B 682 47.23 6.22 38.14
CA SER B 682 47.62 5.97 39.52
C SER B 682 46.58 5.07 40.16
N ASN B 683 47.04 4.13 40.98
CA ASN B 683 46.16 3.14 41.61
C ASN B 683 45.74 3.54 43.02
N ASN B 684 46.14 4.72 43.50
CA ASN B 684 45.76 5.17 44.83
C ASN B 684 45.39 6.65 44.85
N SER B 685 44.91 7.18 43.72
CA SER B 685 44.60 8.60 43.60
C SER B 685 43.16 8.78 43.18
N ILE B 686 42.55 9.87 43.67
CA ILE B 686 41.17 10.20 43.37
C ILE B 686 41.09 11.69 43.01
N ALA B 687 40.01 12.05 42.32
CA ALA B 687 39.75 13.43 41.94
C ALA B 687 38.37 13.82 42.44
N ILE B 688 38.29 14.98 43.11
CA ILE B 688 37.03 15.42 43.69
C ILE B 688 36.75 16.86 43.27
N PRO B 689 35.56 17.16 42.76
CA PRO B 689 35.25 18.54 42.36
C PRO B 689 35.20 19.48 43.55
N THR B 690 35.53 20.75 43.28
CA THR B 690 35.48 21.79 44.29
C THR B 690 34.56 22.95 43.92
N ASN B 691 33.86 22.84 42.79
CA ASN B 691 32.96 23.90 42.33
C ASN B 691 31.89 23.25 41.47
N PHE B 692 30.95 24.05 41.00
CA PHE B 692 29.87 23.53 40.16
C PHE B 692 29.32 24.66 39.30
N THR B 693 28.27 24.37 38.55
CA THR B 693 27.61 25.34 37.70
C THR B 693 26.18 24.86 37.44
N ILE B 694 25.36 25.79 36.95
CA ILE B 694 23.96 25.50 36.63
C ILE B 694 23.79 25.69 35.12
N SER B 695 23.31 24.64 34.46
CA SER B 695 23.14 24.64 33.01
C SER B 695 21.67 24.49 32.66
N VAL B 696 21.27 25.11 31.54
CA VAL B 696 19.91 25.05 31.04
C VAL B 696 19.96 24.67 29.57
N THR B 697 19.22 23.64 29.18
CA THR B 697 19.21 23.13 27.82
C THR B 697 17.81 23.24 27.23
N THR B 698 17.64 22.70 26.03
CA THR B 698 16.38 22.77 25.30
C THR B 698 16.09 21.40 24.68
N GLU B 699 14.80 21.05 24.66
CA GLU B 699 14.36 19.84 24.00
C GLU B 699 13.04 20.13 23.29
N ILE B 700 12.92 19.70 22.04
CA ILE B 700 11.76 19.97 21.21
C ILE B 700 11.17 18.64 20.75
N ILE B 701 9.88 18.46 20.99
CA ILE B 701 9.18 17.22 20.66
C ILE B 701 7.89 17.57 19.93
N PRO B 702 7.69 17.12 18.69
CA PRO B 702 6.40 17.33 18.03
C PRO B 702 5.30 16.52 18.71
N VAL B 703 4.09 17.05 18.68
CA VAL B 703 2.94 16.46 19.37
C VAL B 703 1.78 16.20 18.40
N SER B 704 1.40 17.21 17.62
CA SER B 704 0.21 17.13 16.80
C SER B 704 0.56 17.24 15.31
N MET B 705 -0.45 16.99 14.48
CA MET B 705 -0.30 17.07 13.03
C MET B 705 -1.46 17.86 12.46
N GLN B 706 -1.60 17.90 11.14
CA GLN B 706 -2.67 18.65 10.49
C GLN B 706 -3.87 17.73 10.23
N LYS B 707 -5.05 18.18 10.64
CA LYS B 707 -6.29 17.43 10.41
C LYS B 707 -6.82 17.77 9.04
N VAL B 708 -6.93 16.77 8.17
CA VAL B 708 -7.31 16.97 6.78
C VAL B 708 -8.46 16.03 6.44
N SER B 709 -9.50 16.57 5.80
CA SER B 709 -10.61 15.78 5.31
C SER B 709 -10.74 15.97 3.80
N VAL B 710 -10.93 14.86 3.08
CA VAL B 710 -10.99 14.87 1.63
C VAL B 710 -12.27 14.18 1.19
N ASP B 711 -13.05 14.86 0.35
CA ASP B 711 -14.25 14.26 -0.23
C ASP B 711 -13.84 13.48 -1.47
N CYS B 712 -14.00 12.16 -1.40
CA CYS B 712 -13.51 11.29 -2.48
C CYS B 712 -14.23 11.56 -3.79
N THR B 713 -15.57 11.71 -3.73
CA THR B 713 -16.35 11.85 -4.95
C THR B 713 -15.98 13.11 -5.72
N MET B 714 -15.88 14.24 -5.00
CA MET B 714 -15.57 15.50 -5.67
C MET B 714 -14.16 15.48 -6.26
N TYR B 715 -13.20 14.90 -5.54
CA TYR B 715 -11.84 14.83 -6.07
C TYR B 715 -11.78 13.93 -7.32
N ILE B 716 -12.46 12.79 -7.27
CA ILE B 716 -12.37 11.85 -8.39
C ILE B 716 -13.09 12.40 -9.62
N CYS B 717 -14.30 12.94 -9.43
CA CYS B 717 -15.16 13.29 -10.55
C CYS B 717 -15.33 14.79 -10.76
N GLY B 718 -15.38 15.58 -9.69
CA GLY B 718 -15.64 16.99 -9.86
C GLY B 718 -17.03 17.32 -10.35
N ASP B 719 -18.05 16.67 -9.78
CA ASP B 719 -19.45 16.92 -10.10
C ASP B 719 -19.76 16.64 -11.58
N SER B 720 -19.54 15.38 -11.97
CA SER B 720 -19.96 14.87 -13.28
C SER B 720 -20.84 13.67 -13.04
N GLU B 721 -22.09 13.76 -13.50
CA GLU B 721 -23.08 12.72 -13.18
C GLU B 721 -22.68 11.38 -13.78
N GLU B 722 -22.21 11.37 -15.02
CA GLU B 722 -21.75 10.13 -15.63
C GLU B 722 -20.57 9.55 -14.86
N CYS B 723 -19.63 10.42 -14.45
CA CYS B 723 -18.50 9.95 -13.65
C CYS B 723 -18.96 9.39 -12.32
N SER B 724 -19.93 10.02 -11.67
CA SER B 724 -20.43 9.51 -10.40
C SER B 724 -21.10 8.15 -10.57
N ASN B 725 -21.92 8.00 -11.61
CA ASN B 725 -22.58 6.72 -11.84
C ASN B 725 -21.59 5.63 -12.21
N LEU B 726 -20.49 5.99 -12.88
CA LEU B 726 -19.46 5.00 -13.18
C LEU B 726 -18.68 4.64 -11.92
N LEU B 727 -18.39 5.61 -11.06
CA LEU B 727 -17.66 5.36 -9.83
C LEU B 727 -18.48 4.54 -8.85
N LEU B 728 -19.81 4.63 -8.91
CA LEU B 728 -20.65 3.87 -8.00
C LEU B 728 -20.45 2.37 -8.13
N GLN B 729 -19.91 1.90 -9.26
CA GLN B 729 -19.66 0.48 -9.46
C GLN B 729 -18.39 -0.02 -8.78
N TYR B 730 -17.59 0.88 -8.20
CA TYR B 730 -16.30 0.53 -7.62
C TYR B 730 -16.37 0.25 -6.12
N GLY B 731 -17.54 -0.12 -5.61
CA GLY B 731 -17.65 -0.52 -4.21
C GLY B 731 -17.68 0.64 -3.24
N SER B 732 -16.98 0.48 -2.11
CA SER B 732 -17.01 1.43 -1.01
C SER B 732 -15.62 1.97 -0.68
N PHE B 733 -14.85 2.35 -1.71
CA PHE B 733 -13.51 2.87 -1.49
C PHE B 733 -13.55 4.19 -0.74
N CYS B 734 -14.41 5.11 -1.18
CA CYS B 734 -14.41 6.47 -0.64
C CYS B 734 -14.79 6.46 0.83
N THR B 735 -15.76 5.62 1.22
CA THR B 735 -16.16 5.56 2.62
C THR B 735 -15.00 5.10 3.50
N GLN B 736 -14.24 4.09 3.05
CA GLN B 736 -13.10 3.63 3.83
C GLN B 736 -12.04 4.71 3.96
N LEU B 737 -11.76 5.43 2.85
CA LEU B 737 -10.77 6.50 2.93
C LEU B 737 -11.21 7.59 3.90
N ASN B 738 -12.48 7.98 3.84
CA ASN B 738 -12.99 9.01 4.75
C ASN B 738 -12.92 8.53 6.19
N ARG B 739 -13.24 7.26 6.44
CA ARG B 739 -13.18 6.72 7.80
C ARG B 739 -11.75 6.77 8.34
N ALA B 740 -10.78 6.38 7.52
CA ALA B 740 -9.38 6.42 7.97
C ALA B 740 -8.96 7.84 8.28
N LEU B 741 -9.30 8.79 7.41
CA LEU B 741 -8.92 10.18 7.65
C LEU B 741 -9.57 10.71 8.92
N HIS B 742 -10.83 10.36 9.16
CA HIS B 742 -11.51 10.81 10.37
C HIS B 742 -10.87 10.23 11.62
N GLU B 743 -10.45 8.95 11.55
CA GLU B 743 -9.75 8.35 12.68
C GLU B 743 -8.46 9.10 12.99
N ILE B 744 -7.70 9.45 11.94
CA ILE B 744 -6.46 10.21 12.14
C ILE B 744 -6.78 11.57 12.78
N ALA B 745 -7.82 12.23 12.29
CA ALA B 745 -8.18 13.55 12.83
C ALA B 745 -8.54 13.46 14.30
N VAL B 746 -9.30 12.44 14.69
CA VAL B 746 -9.64 12.27 16.10
C VAL B 746 -8.39 11.97 16.92
N GLU B 747 -7.49 11.14 16.39
CA GLU B 747 -6.28 10.79 17.11
C GLU B 747 -5.40 12.00 17.40
N GLN B 748 -5.39 12.98 16.49
CA GLN B 748 -4.60 14.19 16.73
C GLN B 748 -5.05 14.90 18.00
N ASP B 749 -6.36 15.16 18.12
CA ASP B 749 -6.87 15.82 19.32
C ASP B 749 -6.71 14.95 20.55
N LYS B 750 -6.80 13.63 20.40
CA LYS B 750 -6.52 12.75 21.53
C LYS B 750 -5.09 12.94 22.03
N ASN B 751 -4.14 13.01 21.10
CA ASN B 751 -2.74 13.22 21.47
C ASN B 751 -2.57 14.55 22.21
N THR B 752 -3.19 15.61 21.69
CA THR B 752 -3.06 16.92 22.35
C THR B 752 -3.64 16.88 23.76
N GLN B 753 -4.82 16.27 23.92
CA GLN B 753 -5.43 16.17 25.24
C GLN B 753 -4.58 15.35 26.20
N GLU B 754 -3.99 14.26 25.71
CA GLU B 754 -3.12 13.44 26.56
C GLU B 754 -1.90 14.24 27.01
N VAL B 755 -1.29 14.99 26.11
CA VAL B 755 -0.07 15.72 26.46
C VAL B 755 -0.36 16.83 27.45
N PHE B 756 -1.37 17.66 27.17
CA PHE B 756 -1.52 18.91 27.92
C PHE B 756 -2.56 18.87 29.03
N ALA B 757 -3.67 18.14 28.85
CA ALA B 757 -4.74 18.15 29.84
C ALA B 757 -4.40 17.16 30.96
N GLN B 758 -3.61 17.65 31.92
CA GLN B 758 -3.21 16.86 33.08
C GLN B 758 -3.58 17.50 34.40
N VAL B 759 -3.42 18.82 34.54
CA VAL B 759 -3.74 19.50 35.79
C VAL B 759 -5.26 19.68 35.88
N LYS B 760 -5.80 19.41 37.07
CA LYS B 760 -7.25 19.51 37.27
C LYS B 760 -7.70 20.93 37.62
N GLN B 761 -6.82 21.75 38.19
CA GLN B 761 -7.17 23.08 38.64
C GLN B 761 -6.47 24.14 37.79
N ILE B 762 -6.84 25.39 38.03
CA ILE B 762 -6.23 26.53 37.37
C ILE B 762 -5.59 27.40 38.44
N TYR B 763 -4.28 27.62 38.31
CA TYR B 763 -3.54 28.41 39.27
C TYR B 763 -3.25 29.80 38.71
N LYS B 764 -3.04 30.75 39.62
CA LYS B 764 -2.72 32.13 39.27
C LYS B 764 -1.33 32.47 39.79
N THR B 765 -0.58 33.20 38.98
CA THR B 765 0.75 33.64 39.40
C THR B 765 0.62 34.56 40.61
N PRO B 766 1.52 34.44 41.58
CA PRO B 766 1.45 35.29 42.77
C PRO B 766 1.59 36.76 42.41
N PRO B 767 0.88 37.64 43.10
CA PRO B 767 1.02 39.08 42.83
C PRO B 767 2.43 39.60 43.08
N ILE B 768 3.19 38.95 43.96
CA ILE B 768 4.55 39.36 44.26
C ILE B 768 5.51 38.31 43.66
N LYS B 769 6.79 38.67 43.60
CA LYS B 769 7.80 37.79 43.04
C LYS B 769 8.85 37.44 44.09
N ASP B 770 8.41 37.09 45.30
CA ASP B 770 9.33 36.68 46.37
C ASP B 770 9.60 35.18 46.21
N PHE B 771 10.38 34.85 45.19
CA PHE B 771 10.75 33.48 44.87
C PHE B 771 12.18 33.16 45.30
N GLY B 772 12.62 33.73 46.43
CA GLY B 772 14.02 33.73 46.72
C GLY B 772 14.84 34.58 45.76
N GLY B 773 14.17 35.36 44.92
CA GLY B 773 14.82 36.20 43.95
C GLY B 773 15.66 35.47 42.92
N PHE B 774 15.15 34.40 42.33
CA PHE B 774 15.96 33.78 41.29
C PHE B 774 15.84 34.58 40.00
N ASN B 775 14.76 34.34 39.24
CA ASN B 775 14.12 35.30 38.36
C ASN B 775 13.02 34.52 37.64
N PHE B 776 11.87 35.11 37.34
CA PHE B 776 10.85 34.36 36.61
C PHE B 776 10.06 35.22 35.62
N SER B 777 10.57 36.38 35.24
CA SER B 777 9.76 37.28 34.40
C SER B 777 9.61 36.77 32.98
N GLN B 778 10.62 36.09 32.43
CA GLN B 778 10.66 35.80 31.01
C GLN B 778 9.95 34.51 30.62
N ILE B 779 9.45 33.72 31.57
CA ILE B 779 8.76 32.49 31.21
C ILE B 779 7.32 32.54 31.69
N LEU B 780 7.07 33.31 32.75
CA LEU B 780 5.70 33.49 33.21
C LEU B 780 4.95 34.45 32.28
N PRO B 781 3.64 34.27 32.13
CA PRO B 781 2.89 35.13 31.21
C PRO B 781 2.91 36.59 31.64
N ASP B 782 2.91 37.48 30.65
CA ASP B 782 2.93 38.91 30.89
C ASP B 782 1.55 39.48 30.61
N PRO B 783 0.86 40.05 31.62
CA PRO B 783 -0.49 40.57 31.43
C PRO B 783 -0.55 41.93 30.72
N SER B 784 0.16 42.04 29.60
CA SER B 784 0.17 43.28 28.83
C SER B 784 0.13 43.03 27.33
N LYS B 785 -0.35 41.86 26.90
CA LYS B 785 -0.42 41.49 25.50
C LYS B 785 -1.79 40.92 25.20
N PRO B 786 -2.25 40.99 23.94
CA PRO B 786 -3.54 40.38 23.60
C PRO B 786 -3.58 38.89 23.89
N SER B 787 -2.47 38.18 23.69
CA SER B 787 -2.32 36.80 24.08
C SER B 787 -1.39 36.71 25.28
N LYS B 788 -1.83 36.02 26.33
CA LYS B 788 -1.08 35.96 27.58
C LYS B 788 0.02 34.90 27.51
N ARG B 789 0.91 35.09 26.54
CA ARG B 789 2.05 34.21 26.36
C ARG B 789 3.24 34.73 27.18
N SER B 790 4.41 34.16 26.95
CA SER B 790 5.66 34.66 27.50
C SER B 790 6.55 35.14 26.35
N ALA B 791 7.68 35.74 26.73
CA ALA B 791 8.64 36.18 25.72
C ALA B 791 9.18 35.01 24.93
N ILE B 792 9.54 33.92 25.62
CA ILE B 792 10.04 32.73 24.94
C ILE B 792 8.96 32.14 24.04
N GLU B 793 7.72 32.10 24.53
CA GLU B 793 6.63 31.57 23.72
C GLU B 793 6.41 32.42 22.46
N ASP B 794 6.47 33.75 22.62
CA ASP B 794 6.31 34.63 21.46
C ASP B 794 7.43 34.42 20.46
N LEU B 795 8.67 34.29 20.93
CA LEU B 795 9.79 34.04 20.03
C LEU B 795 9.60 32.72 19.29
N LEU B 796 9.21 31.67 20.02
CA LEU B 796 9.02 30.37 19.39
C LEU B 796 7.91 30.41 18.35
N PHE B 797 6.82 31.11 18.65
CA PHE B 797 5.72 31.22 17.69
C PHE B 797 6.15 32.01 16.46
N ASN B 798 6.98 33.04 16.64
CA ASN B 798 7.43 33.83 15.50
C ASN B 798 8.44 33.07 14.65
N LYS B 799 9.24 32.19 15.24
CA LYS B 799 10.31 31.51 14.53
C LYS B 799 9.83 30.34 13.66
N VAL B 800 8.53 30.24 13.39
CA VAL B 800 7.99 29.18 12.55
C VAL B 800 7.55 29.79 11.23
N THR B 801 7.58 28.98 10.17
CA THR B 801 7.22 29.45 8.85
C THR B 801 5.73 29.78 8.78
N LEU B 802 5.36 30.53 7.75
CA LEU B 802 3.98 30.95 7.56
C LEU B 802 3.14 29.79 7.01
N GLN B 827 -7.14 27.36 -4.60
CA GLN B 827 -6.98 26.01 -4.06
C GLN B 827 -8.04 25.79 -2.98
N LYS B 828 -8.00 24.65 -2.30
CA LYS B 828 -8.94 24.25 -1.25
C LYS B 828 -10.36 24.08 -1.79
N PHE B 829 -10.53 24.01 -3.10
CA PHE B 829 -11.85 23.89 -3.70
C PHE B 829 -11.90 22.76 -4.73
N ASN B 830 -11.27 21.64 -4.43
CA ASN B 830 -11.36 20.43 -5.24
C ASN B 830 -11.62 19.21 -4.36
N GLY B 831 -12.27 19.43 -3.21
CA GLY B 831 -12.54 18.38 -2.25
C GLY B 831 -11.61 18.37 -1.05
N LEU B 832 -10.57 19.20 -1.06
CA LEU B 832 -9.57 19.21 0.01
C LEU B 832 -9.92 20.29 1.03
N THR B 833 -10.03 19.90 2.30
CA THR B 833 -10.34 20.82 3.37
C THR B 833 -9.43 20.54 4.55
N VAL B 834 -9.25 21.57 5.37
CA VAL B 834 -8.44 21.49 6.58
C VAL B 834 -9.31 21.89 7.76
N LEU B 835 -9.33 21.05 8.80
CA LEU B 835 -10.19 21.34 9.94
C LEU B 835 -9.39 21.97 11.08
N PRO B 836 -9.99 22.87 11.83
CA PRO B 836 -9.27 23.54 12.92
C PRO B 836 -9.09 22.61 14.10
N PRO B 837 -8.06 22.83 14.92
CA PRO B 837 -7.90 22.03 16.13
C PRO B 837 -8.98 22.34 17.16
N LEU B 838 -9.29 21.35 17.99
CA LEU B 838 -10.32 21.53 19.00
C LEU B 838 -9.88 22.54 20.06
N LEU B 839 -8.63 22.47 20.49
CA LEU B 839 -8.10 23.36 21.51
C LEU B 839 -7.29 24.47 20.84
N THR B 840 -7.67 25.71 21.07
CA THR B 840 -6.96 26.84 20.50
C THR B 840 -5.62 27.04 21.20
N ASP B 841 -4.81 27.95 20.64
CA ASP B 841 -3.50 28.22 21.22
C ASP B 841 -3.61 28.89 22.58
N GLU B 842 -4.62 29.73 22.78
CA GLU B 842 -4.78 30.40 24.06
C GLU B 842 -5.04 29.39 25.18
N MET B 843 -5.86 28.38 24.90
CA MET B 843 -6.13 27.36 25.93
C MET B 843 -4.88 26.57 26.27
N ILE B 844 -4.08 26.22 25.26
CA ILE B 844 -2.84 25.49 25.52
C ILE B 844 -1.87 26.34 26.32
N ALA B 845 -1.76 27.63 25.98
CA ALA B 845 -0.89 28.53 26.74
C ALA B 845 -1.37 28.66 28.18
N ALA B 846 -2.68 28.73 28.39
CA ALA B 846 -3.22 28.80 29.74
C ALA B 846 -2.92 27.53 30.51
N TYR B 847 -3.04 26.37 29.87
CA TYR B 847 -2.69 25.11 30.52
C TYR B 847 -1.23 25.09 30.94
N THR B 848 -0.34 25.50 30.04
CA THR B 848 1.08 25.51 30.35
C THR B 848 1.39 26.48 31.49
N SER B 849 0.78 27.67 31.46
CA SER B 849 1.00 28.65 32.52
C SER B 849 0.51 28.14 33.86
N ALA B 850 -0.66 27.50 33.87
CA ALA B 850 -1.18 26.93 35.11
C ALA B 850 -0.25 25.85 35.66
N LEU B 851 0.25 24.97 34.78
CA LEU B 851 1.17 23.95 35.22
C LEU B 851 2.43 24.55 35.82
N LEU B 852 3.01 25.55 35.13
CA LEU B 852 4.23 26.17 35.61
C LEU B 852 4.02 26.86 36.95
N ALA B 853 2.92 27.61 37.08
CA ALA B 853 2.64 28.32 38.33
C ALA B 853 2.40 27.34 39.47
N GLY B 854 1.67 26.26 39.21
CA GLY B 854 1.43 25.27 40.24
C GLY B 854 2.69 24.58 40.70
N THR B 855 3.56 24.22 39.76
CA THR B 855 4.83 23.59 40.13
C THR B 855 5.73 24.55 40.89
N ILE B 856 5.73 25.84 40.52
CA ILE B 856 6.58 26.82 41.20
C ILE B 856 6.08 27.09 42.61
N THR B 857 4.76 27.24 42.78
CA THR B 857 4.21 27.69 44.05
C THR B 857 3.94 26.55 45.03
N ALA B 858 3.35 25.45 44.58
CA ALA B 858 2.90 24.41 45.49
C ALA B 858 4.02 23.48 45.95
N GLY B 859 5.18 23.52 45.32
CA GLY B 859 6.26 22.63 45.72
C GLY B 859 5.88 21.17 45.51
N TRP B 860 6.09 20.35 46.53
CA TRP B 860 5.77 18.94 46.43
C TRP B 860 4.31 18.65 46.73
N THR B 861 3.57 19.60 47.28
CA THR B 861 2.13 19.45 47.52
C THR B 861 1.32 20.00 46.35
N PHE B 862 1.61 19.52 45.15
CA PHE B 862 0.96 20.06 43.96
C PHE B 862 -0.46 19.56 43.81
N GLY B 863 -0.64 18.26 43.62
CA GLY B 863 -1.96 17.70 43.40
C GLY B 863 -2.88 17.83 44.59
N ALA B 864 -2.56 17.07 45.65
CA ALA B 864 -3.27 17.01 46.93
C ALA B 864 -4.61 17.71 46.97
N GLY B 865 -4.74 18.70 47.87
CA GLY B 865 -5.96 19.48 47.98
C GLY B 865 -5.65 20.95 48.20
N ALA B 866 -6.22 21.53 49.25
CA ALA B 866 -5.86 22.89 49.62
C ALA B 866 -4.39 22.96 50.01
N ALA B 867 -3.72 24.04 49.60
CA ALA B 867 -2.29 24.15 49.80
C ALA B 867 -1.92 25.60 50.08
N LEU B 868 -0.67 25.79 50.47
CA LEU B 868 -0.08 27.11 50.71
C LEU B 868 1.12 27.28 49.78
N GLN B 869 1.87 28.36 49.99
CA GLN B 869 3.06 28.63 49.19
C GLN B 869 4.28 28.09 49.92
N ILE B 870 4.84 27.01 49.39
CA ILE B 870 6.12 26.50 49.90
C ILE B 870 7.25 27.37 49.36
N PRO B 871 8.14 27.88 50.20
CA PRO B 871 9.21 28.74 49.70
C PRO B 871 10.10 28.03 48.69
N PHE B 872 10.55 28.78 47.70
CA PHE B 872 11.30 28.20 46.59
C PHE B 872 12.63 27.63 47.06
N ALA B 873 13.30 28.31 47.99
CA ALA B 873 14.59 27.85 48.47
C ALA B 873 14.48 26.46 49.10
N MET B 874 13.37 26.17 49.77
CA MET B 874 13.20 24.84 50.34
C MET B 874 13.05 23.79 49.26
N GLN B 875 12.35 24.11 48.17
CA GLN B 875 12.26 23.20 47.04
C GLN B 875 13.64 22.94 46.45
N MET B 876 14.45 23.99 46.32
CA MET B 876 15.81 23.82 45.80
C MET B 876 16.65 22.97 46.74
N ALA B 877 16.47 23.14 48.05
CA ALA B 877 17.20 22.33 49.01
C ALA B 877 16.82 20.86 48.90
N TYR B 878 15.52 20.59 48.75
CA TYR B 878 15.08 19.22 48.57
C TYR B 878 15.65 18.61 47.29
N ARG B 879 15.66 19.38 46.20
CA ARG B 879 16.23 18.89 44.96
C ARG B 879 17.74 18.66 45.09
N PHE B 880 18.44 19.52 45.83
CA PHE B 880 19.86 19.30 46.08
C PHE B 880 20.09 18.03 46.88
N ASN B 881 19.26 17.77 47.89
CA ASN B 881 19.33 16.51 48.60
C ASN B 881 19.04 15.34 47.68
N GLY B 882 18.25 15.56 46.63
CA GLY B 882 17.92 14.49 45.72
C GLY B 882 19.14 13.89 45.04
N ILE B 883 20.12 14.72 44.68
CA ILE B 883 21.29 14.27 43.94
C ILE B 883 22.48 14.04 44.87
N GLY B 884 22.25 13.84 46.16
CA GLY B 884 23.32 13.54 47.10
C GLY B 884 24.23 14.69 47.43
N VAL B 885 23.69 15.89 47.58
CA VAL B 885 24.43 17.06 48.03
C VAL B 885 23.69 17.64 49.23
N THR B 886 24.45 17.88 50.30
CA THR B 886 23.87 18.45 51.54
C THR B 886 23.16 19.77 51.19
N GLN B 887 22.15 20.12 51.97
CA GLN B 887 21.36 21.32 51.69
C GLN B 887 22.05 22.61 52.13
N ASN B 888 23.10 22.50 52.94
CA ASN B 888 23.82 23.70 53.44
C ASN B 888 24.47 24.44 52.26
N VAL B 889 24.82 23.71 51.19
CA VAL B 889 25.50 24.31 50.04
C VAL B 889 24.61 25.35 49.38
N LEU B 890 23.33 25.03 49.19
CA LEU B 890 22.40 25.98 48.61
C LEU B 890 22.21 27.20 49.51
N TYR B 891 22.03 26.95 50.81
CA TYR B 891 21.82 28.07 51.73
C TYR B 891 23.06 28.94 51.89
N GLU B 892 24.22 28.46 51.45
CA GLU B 892 25.43 29.26 51.49
C GLU B 892 25.82 29.86 50.14
N ASN B 893 25.27 29.35 49.04
CA ASN B 893 25.59 29.89 47.72
C ASN B 893 24.34 30.25 46.94
N GLN B 894 23.27 30.64 47.66
CA GLN B 894 22.02 31.05 47.02
C GLN B 894 22.23 32.14 45.97
N LYS B 895 22.98 33.18 46.33
CA LYS B 895 23.16 34.31 45.41
C LYS B 895 23.87 33.87 44.14
N LEU B 896 24.93 33.07 44.28
CA LEU B 896 25.66 32.60 43.11
C LEU B 896 24.78 31.71 42.24
N ILE B 897 24.00 30.82 42.86
CA ILE B 897 23.13 29.93 42.08
C ILE B 897 22.09 30.73 41.32
N ALA B 898 21.49 31.73 41.99
CA ALA B 898 20.48 32.55 41.33
C ALA B 898 21.08 33.32 40.17
N ASN B 899 22.28 33.90 40.36
CA ASN B 899 22.92 34.64 39.28
C ASN B 899 23.23 33.75 38.10
N GLN B 900 23.74 32.54 38.36
CA GLN B 900 24.03 31.62 37.26
C GLN B 900 22.77 31.22 36.52
N PHE B 901 21.69 30.94 37.25
CA PHE B 901 20.43 30.58 36.61
C PHE B 901 19.91 31.72 35.74
N ASN B 902 19.97 32.95 36.24
CA ASN B 902 19.50 34.10 35.46
C ASN B 902 20.35 34.31 34.22
N LYS B 903 21.67 34.17 34.35
CA LYS B 903 22.53 34.33 33.19
C LYS B 903 22.26 33.26 32.15
N ALA B 904 22.00 32.02 32.60
CA ALA B 904 21.64 30.96 31.66
C ALA B 904 20.34 31.27 30.93
N ILE B 905 19.35 31.79 31.67
CA ILE B 905 18.07 32.14 31.04
C ILE B 905 18.26 33.25 30.02
N GLY B 906 19.03 34.27 30.37
CA GLY B 906 19.31 35.33 29.41
C GLY B 906 20.03 34.82 28.17
N LYS B 907 21.01 33.95 28.36
CA LYS B 907 21.74 33.40 27.22
C LYS B 907 20.83 32.58 26.31
N ILE B 908 19.96 31.76 26.90
CA ILE B 908 19.10 30.93 26.06
C ILE B 908 18.08 31.79 25.31
N GLN B 909 17.56 32.84 25.96
CA GLN B 909 16.66 33.74 25.26
C GLN B 909 17.37 34.44 24.11
N ASP B 910 18.59 34.92 24.33
CA ASP B 910 19.34 35.58 23.26
C ASP B 910 19.64 34.62 22.12
N GLY B 911 20.01 33.38 22.44
CA GLY B 911 20.27 32.41 21.40
C GLY B 911 19.04 32.09 20.57
N LEU B 912 17.88 31.97 21.23
CA LEU B 912 16.64 31.77 20.49
C LEU B 912 16.33 32.97 19.60
N SER B 913 16.54 34.18 20.12
CA SER B 913 16.22 35.38 19.33
C SER B 913 17.12 35.50 18.12
N SER B 914 18.42 35.19 18.26
CA SER B 914 19.35 35.42 17.16
C SER B 914 19.17 34.43 16.03
N THR B 915 19.00 33.15 16.35
CA THR B 915 18.95 32.08 15.36
C THR B 915 17.53 31.54 15.23
N ALA B 916 17.05 31.40 14.00
CA ALA B 916 15.72 30.90 13.72
C ALA B 916 15.72 29.47 13.21
N SER B 917 16.84 28.76 13.28
CA SER B 917 16.96 27.41 12.76
C SER B 917 16.98 26.35 13.85
N ALA B 918 16.19 26.54 14.91
CA ALA B 918 16.15 25.59 16.02
C ALA B 918 14.91 24.71 16.02
N LEU B 919 13.91 25.00 15.19
CA LEU B 919 12.66 24.25 15.17
C LEU B 919 12.59 23.29 13.99
N GLY B 920 13.71 22.63 13.71
CA GLY B 920 13.83 21.83 12.50
C GLY B 920 12.85 20.67 12.44
N LYS B 921 12.57 20.05 13.58
CA LYS B 921 11.67 18.89 13.58
C LYS B 921 10.25 19.30 13.21
N LEU B 922 9.73 20.36 13.83
CA LEU B 922 8.41 20.86 13.48
C LEU B 922 8.37 21.33 12.04
N GLN B 923 9.43 22.03 11.60
CA GLN B 923 9.48 22.47 10.21
C GLN B 923 9.46 21.30 9.25
N ASP B 924 10.17 20.21 9.58
CA ASP B 924 10.18 19.03 8.74
C ASP B 924 8.79 18.40 8.66
N VAL B 925 8.09 18.33 9.79
CA VAL B 925 6.74 17.77 9.78
C VAL B 925 5.83 18.59 8.87
N VAL B 926 5.88 19.92 9.03
CA VAL B 926 5.05 20.80 8.21
C VAL B 926 5.39 20.65 6.73
N ASN B 927 6.69 20.61 6.42
CA ASN B 927 7.13 20.50 5.03
C ASN B 927 6.69 19.17 4.41
N GLN B 928 6.78 18.08 5.18
CA GLN B 928 6.35 16.79 4.65
C GLN B 928 4.86 16.79 4.35
N ASN B 929 4.05 17.33 5.27
CA ASN B 929 2.62 17.40 5.01
C ASN B 929 2.31 18.25 3.78
N ALA B 930 2.97 19.42 3.66
CA ALA B 930 2.73 20.30 2.53
C ALA B 930 3.14 19.64 1.22
N GLN B 931 4.27 18.93 1.21
CA GLN B 931 4.73 18.27 0.00
C GLN B 931 3.79 17.15 -0.41
N ALA B 932 3.28 16.38 0.57
CA ALA B 932 2.31 15.34 0.24
C ALA B 932 1.06 15.94 -0.39
N LEU B 933 0.56 17.03 0.19
CA LEU B 933 -0.63 17.68 -0.38
C LEU B 933 -0.35 18.22 -1.77
N ASN B 934 0.84 18.79 -1.98
CA ASN B 934 1.19 19.33 -3.28
C ASN B 934 1.25 18.23 -4.33
N THR B 935 1.84 17.08 -3.98
CA THR B 935 1.88 15.96 -4.92
C THR B 935 0.47 15.47 -5.24
N LEU B 936 -0.38 15.37 -4.23
CA LEU B 936 -1.76 14.93 -4.48
C LEU B 936 -2.48 15.90 -5.42
N VAL B 937 -2.30 17.20 -5.22
CA VAL B 937 -2.94 18.18 -6.08
C VAL B 937 -2.39 18.09 -7.50
N LYS B 938 -1.06 17.98 -7.64
CA LYS B 938 -0.44 17.98 -8.96
C LYS B 938 -0.80 16.72 -9.75
N GLN B 939 -1.09 15.61 -9.06
CA GLN B 939 -1.43 14.38 -9.77
C GLN B 939 -2.73 14.49 -10.55
N LEU B 940 -3.53 15.53 -10.32
CA LEU B 940 -4.84 15.66 -10.95
C LEU B 940 -4.78 15.96 -12.45
N SER B 941 -3.61 16.34 -12.98
CA SER B 941 -3.49 16.76 -14.37
C SER B 941 -2.78 15.73 -15.23
N SER B 942 -2.83 14.46 -14.86
CA SER B 942 -2.18 13.41 -15.63
C SER B 942 -3.19 12.69 -16.51
N ASN B 943 -2.76 12.40 -17.75
CA ASN B 943 -3.60 11.71 -18.71
C ASN B 943 -3.78 10.24 -18.40
N PHE B 944 -2.74 9.58 -17.89
CA PHE B 944 -2.73 8.15 -17.60
C PHE B 944 -3.03 7.32 -18.85
N GLY B 945 -2.80 7.88 -20.04
CA GLY B 945 -3.09 7.21 -21.28
C GLY B 945 -4.34 7.67 -21.98
N ALA B 946 -5.19 8.45 -21.31
CA ALA B 946 -6.41 8.93 -21.93
C ALA B 946 -6.10 10.06 -22.91
N ILE B 947 -7.14 10.47 -23.65
CA ILE B 947 -6.96 11.53 -24.64
C ILE B 947 -6.62 12.85 -23.96
N SER B 948 -7.31 13.18 -22.87
CA SER B 948 -7.10 14.44 -22.19
C SER B 948 -7.33 14.25 -20.70
N SER B 949 -6.80 15.19 -19.92
CA SER B 949 -6.96 15.20 -18.47
C SER B 949 -8.15 16.02 -18.02
N VAL B 950 -8.90 16.61 -18.93
CA VAL B 950 -10.08 17.41 -18.60
C VAL B 950 -11.31 16.56 -18.87
N LEU B 951 -12.13 16.39 -17.84
CA LEU B 951 -13.33 15.55 -17.97
C LEU B 951 -14.33 16.16 -18.94
N ASN B 952 -14.51 17.48 -18.89
CA ASN B 952 -15.53 18.12 -19.72
C ASN B 952 -15.21 17.96 -21.20
N ASP B 953 -13.93 18.07 -21.57
CA ASP B 953 -13.56 17.91 -22.97
C ASP B 953 -13.88 16.50 -23.47
N ILE B 954 -13.54 15.49 -22.68
CA ILE B 954 -13.84 14.11 -23.06
C ILE B 954 -15.35 13.91 -23.16
N LEU B 955 -16.10 14.50 -22.24
CA LEU B 955 -17.56 14.38 -22.27
C LEU B 955 -18.14 15.01 -23.53
N SER B 956 -17.63 16.18 -23.91
CA SER B 956 -18.19 16.94 -25.02
C SER B 956 -17.50 16.66 -26.36
N ARG B 957 -16.58 15.70 -26.42
CA ARG B 957 -15.90 15.38 -27.67
C ARG B 957 -16.10 13.95 -28.15
N LEU B 958 -16.61 13.06 -27.31
CA LEU B 958 -16.64 11.64 -27.63
C LEU B 958 -18.04 11.06 -27.42
N ASP B 959 -18.30 9.95 -28.10
CA ASP B 959 -19.49 9.16 -27.88
C ASP B 959 -19.38 8.36 -26.59
N PRO B 960 -20.50 7.94 -26.02
CA PRO B 960 -20.47 7.20 -24.74
C PRO B 960 -19.58 5.95 -24.78
N PRO B 961 -19.62 5.14 -25.86
CA PRO B 961 -18.86 3.87 -25.80
C PRO B 961 -17.37 4.03 -25.54
N GLU B 962 -16.73 5.07 -26.09
CA GLU B 962 -15.31 5.29 -25.83
C GLU B 962 -15.08 6.16 -24.62
N ALA B 963 -15.98 7.12 -24.38
CA ALA B 963 -15.88 7.96 -23.19
C ALA B 963 -15.91 7.13 -21.92
N GLU B 964 -16.65 6.02 -21.92
CA GLU B 964 -16.65 5.14 -20.76
C GLU B 964 -15.25 4.61 -20.48
N VAL B 965 -14.55 4.16 -21.51
CA VAL B 965 -13.19 3.63 -21.33
C VAL B 965 -12.26 4.73 -20.83
N GLN B 966 -12.35 5.92 -21.43
CA GLN B 966 -11.47 7.02 -21.02
C GLN B 966 -11.70 7.38 -19.55
N ILE B 967 -12.97 7.48 -19.16
CA ILE B 967 -13.29 7.84 -17.78
C ILE B 967 -12.85 6.74 -16.82
N ASP B 968 -13.01 5.48 -17.23
CA ASP B 968 -12.54 4.37 -16.40
C ASP B 968 -11.04 4.49 -16.13
N ARG B 969 -10.27 4.76 -17.19
CA ARG B 969 -8.83 4.91 -17.04
C ARG B 969 -8.48 6.06 -16.09
N LEU B 970 -9.13 7.20 -16.29
CA LEU B 970 -8.83 8.39 -15.49
C LEU B 970 -9.15 8.14 -14.01
N ILE B 971 -10.32 7.55 -13.73
CA ILE B 971 -10.70 7.33 -12.34
C ILE B 971 -9.83 6.26 -11.71
N ASN B 972 -9.37 5.26 -12.48
CA ASN B 972 -8.44 4.29 -11.92
C ASN B 972 -7.15 4.97 -11.46
N GLY B 973 -6.60 5.84 -12.30
CA GLY B 973 -5.39 6.55 -11.92
C GLY B 973 -5.59 7.40 -10.68
N ARG B 974 -6.69 8.16 -10.65
CA ARG B 974 -6.94 9.05 -9.51
C ARG B 974 -7.15 8.25 -8.22
N LEU B 975 -7.84 7.11 -8.32
CA LEU B 975 -8.02 6.25 -7.14
C LEU B 975 -6.68 5.73 -6.63
N GLN B 976 -5.78 5.34 -7.54
CA GLN B 976 -4.46 4.89 -7.11
C GLN B 976 -3.73 5.99 -6.34
N ALA B 977 -3.78 7.22 -6.87
CA ALA B 977 -3.10 8.33 -6.21
C ALA B 977 -3.67 8.57 -4.81
N LEU B 978 -4.99 8.56 -4.70
CA LEU B 978 -5.63 8.80 -3.41
C LEU B 978 -5.25 7.71 -2.40
N ASN B 979 -5.24 6.45 -2.84
CA ASN B 979 -4.89 5.35 -1.95
C ASN B 979 -3.46 5.50 -1.43
N THR B 980 -2.53 5.86 -2.32
CA THR B 980 -1.16 6.06 -1.89
C THR B 980 -1.06 7.16 -0.84
N TYR B 981 -1.75 8.29 -1.09
CA TYR B 981 -1.72 9.38 -0.13
C TYR B 981 -2.24 8.95 1.24
N VAL B 982 -3.35 8.19 1.25
CA VAL B 982 -3.94 7.77 2.53
C VAL B 982 -2.96 6.86 3.29
N THR B 983 -2.32 5.94 2.59
CA THR B 983 -1.39 5.02 3.27
C THR B 983 -0.23 5.79 3.89
N GLN B 984 0.35 6.73 3.13
CA GLN B 984 1.45 7.52 3.68
C GLN B 984 1.00 8.31 4.90
N GLN B 985 -0.19 8.90 4.85
CA GLN B 985 -0.71 9.64 5.99
C GLN B 985 -0.86 8.75 7.21
N LEU B 986 -1.34 7.51 7.02
CA LEU B 986 -1.48 6.60 8.14
C LEU B 986 -0.14 6.33 8.81
N ILE B 987 0.89 6.05 8.01
CA ILE B 987 2.20 5.76 8.60
C ILE B 987 2.73 6.97 9.37
N ARG B 988 2.61 8.16 8.78
CA ARG B 988 3.09 9.36 9.45
C ARG B 988 2.33 9.62 10.75
N ALA B 989 1.01 9.35 10.75
CA ALA B 989 0.22 9.51 11.96
C ALA B 989 0.68 8.57 13.07
N ALA B 990 1.02 7.32 12.70
CA ALA B 990 1.55 6.40 13.71
C ALA B 990 2.84 6.94 14.32
N GLU B 991 3.75 7.44 13.49
CA GLU B 991 4.98 8.00 14.02
C GLU B 991 4.71 9.18 14.96
N ILE B 992 3.78 10.06 14.58
CA ILE B 992 3.46 11.21 15.40
C ILE B 992 2.87 10.77 16.74
N ARG B 993 2.05 9.71 16.72
CA ARG B 993 1.48 9.20 17.96
C ARG B 993 2.58 8.70 18.90
N ALA B 994 3.57 7.99 18.35
CA ALA B 994 4.68 7.55 19.19
C ALA B 994 5.41 8.75 19.80
N SER B 995 5.67 9.78 19.00
CA SER B 995 6.34 10.96 19.52
C SER B 995 5.52 11.63 20.63
N ALA B 996 4.20 11.70 20.45
CA ALA B 996 3.34 12.32 21.47
C ALA B 996 3.35 11.51 22.76
N ASN B 997 3.37 10.18 22.66
CA ASN B 997 3.48 9.36 23.86
C ASN B 997 4.79 9.65 24.59
N LEU B 998 5.89 9.77 23.86
CA LEU B 998 7.16 10.11 24.49
C LEU B 998 7.08 11.47 25.18
N ALA B 999 6.46 12.45 24.53
CA ALA B 999 6.36 13.78 25.11
C ALA B 999 5.54 13.77 26.40
N ALA B 1000 4.43 13.04 26.40
CA ALA B 1000 3.61 12.95 27.62
C ALA B 1000 4.38 12.28 28.74
N GLU B 1001 5.12 11.21 28.43
CA GLU B 1001 5.93 10.55 29.46
C GLU B 1001 6.97 11.50 30.03
N LYS B 1002 7.65 12.26 29.16
CA LYS B 1002 8.66 13.20 29.64
C LYS B 1002 8.04 14.27 30.51
N MET B 1003 6.88 14.81 30.11
CA MET B 1003 6.21 15.80 30.94
C MET B 1003 5.92 15.25 32.33
N SER B 1004 5.30 14.07 32.39
CA SER B 1004 4.92 13.52 33.68
C SER B 1004 6.15 13.21 34.55
N GLU B 1005 7.21 12.69 33.95
CA GLU B 1005 8.36 12.26 34.74
C GLU B 1005 9.28 13.41 35.12
N CYS B 1006 9.27 14.52 34.39
CA CYS B 1006 10.23 15.58 34.62
C CYS B 1006 9.61 16.82 35.27
N VAL B 1007 8.46 17.28 34.77
CA VAL B 1007 7.90 18.52 35.28
C VAL B 1007 7.36 18.33 36.70
N LEU B 1008 6.69 17.21 36.96
CA LEU B 1008 6.02 16.98 38.23
C LEU B 1008 6.88 16.25 39.25
N GLY B 1009 8.13 15.96 38.94
CA GLY B 1009 8.99 15.28 39.88
C GLY B 1009 10.44 15.44 39.51
N GLN B 1010 11.28 14.60 40.12
CA GLN B 1010 12.70 14.56 39.84
C GLN B 1010 13.07 13.18 39.33
N SER B 1011 13.78 13.13 38.22
CA SER B 1011 14.12 11.87 37.57
C SER B 1011 15.54 11.46 37.91
N LYS B 1012 15.74 10.15 38.11
CA LYS B 1012 17.05 9.60 38.37
C LYS B 1012 17.60 8.79 37.21
N ARG B 1013 16.86 8.69 36.10
CA ARG B 1013 17.37 8.01 34.92
C ARG B 1013 18.45 8.86 34.26
N VAL B 1014 19.55 8.21 33.87
CA VAL B 1014 20.70 8.94 33.35
C VAL B 1014 20.41 9.41 31.93
N ASP B 1015 20.66 10.69 31.68
CA ASP B 1015 20.54 11.30 30.35
C ASP B 1015 19.12 11.19 29.80
N PHE B 1016 18.13 11.21 30.68
CA PHE B 1016 16.73 11.24 30.26
C PHE B 1016 16.12 12.63 30.31
N CYS B 1017 16.57 13.46 31.24
CA CYS B 1017 16.04 14.81 31.43
C CYS B 1017 17.17 15.82 31.39
N GLY B 1018 18.04 15.70 30.40
CA GLY B 1018 19.20 16.56 30.28
C GLY B 1018 20.48 15.85 30.69
N LYS B 1019 21.61 16.40 30.23
CA LYS B 1019 22.92 15.83 30.50
C LYS B 1019 23.43 16.36 31.84
N GLY B 1020 23.50 15.50 32.83
CA GLY B 1020 23.95 15.87 34.16
C GLY B 1020 22.99 15.34 35.20
N TYR B 1021 23.04 15.94 36.38
CA TYR B 1021 22.14 15.58 37.47
C TYR B 1021 20.90 16.47 37.41
N HIS B 1022 19.76 15.87 37.14
CA HIS B 1022 18.53 16.63 36.92
C HIS B 1022 18.06 17.29 38.20
N LEU B 1023 17.63 18.55 38.09
CA LEU B 1023 17.06 19.30 39.20
C LEU B 1023 15.58 19.62 39.00
N MET B 1024 15.23 20.28 37.90
CA MET B 1024 13.84 20.55 37.57
C MET B 1024 13.77 20.93 36.09
N SER B 1025 12.55 21.13 35.60
CA SER B 1025 12.35 21.54 34.22
C SER B 1025 11.01 22.27 34.12
N PHE B 1026 10.91 23.10 33.08
CA PHE B 1026 9.70 23.89 32.84
C PHE B 1026 9.23 23.71 31.42
N PRO B 1027 7.91 23.60 31.20
CA PRO B 1027 7.39 23.46 29.84
C PRO B 1027 7.00 24.79 29.21
N GLN B 1028 7.09 24.82 27.88
CA GLN B 1028 6.63 25.95 27.09
C GLN B 1028 5.90 25.43 25.86
N SER B 1029 4.86 26.15 25.45
CA SER B 1029 4.08 25.73 24.29
C SER B 1029 4.78 26.12 22.99
N ALA B 1030 4.35 25.49 21.92
CA ALA B 1030 4.93 25.71 20.60
C ALA B 1030 3.95 25.21 19.55
N PRO B 1031 4.08 25.66 18.29
CA PRO B 1031 3.19 25.15 17.25
C PRO B 1031 3.34 23.66 17.02
N HIS B 1032 2.30 22.90 17.33
CA HIS B 1032 2.28 21.45 17.16
C HIS B 1032 3.43 20.78 17.91
N GLY B 1033 3.71 21.25 19.12
CA GLY B 1033 4.80 20.68 19.88
C GLY B 1033 4.88 21.28 21.27
N VAL B 1034 6.00 20.99 21.93
CA VAL B 1034 6.26 21.47 23.28
C VAL B 1034 7.76 21.58 23.45
N VAL B 1035 8.19 22.50 24.33
CA VAL B 1035 9.60 22.78 24.57
C VAL B 1035 9.85 22.71 26.07
N PHE B 1036 10.89 21.97 26.45
CA PHE B 1036 11.28 21.83 27.85
C PHE B 1036 12.60 22.56 28.10
N LEU B 1037 12.72 23.11 29.31
CA LEU B 1037 13.93 23.80 29.76
C LEU B 1037 14.47 23.03 30.96
N HIS B 1038 15.40 22.11 30.70
CA HIS B 1038 15.95 21.28 31.75
C HIS B 1038 17.03 22.02 32.52
N VAL B 1039 16.97 21.97 33.84
CA VAL B 1039 17.97 22.59 34.70
C VAL B 1039 18.73 21.46 35.40
N THR B 1040 20.05 21.44 35.21
CA THR B 1040 20.89 20.35 35.71
C THR B 1040 21.98 20.91 36.62
N TYR B 1041 22.87 20.02 37.05
CA TYR B 1041 23.98 20.36 37.94
C TYR B 1041 25.24 19.74 37.37
N VAL B 1042 26.30 20.54 37.25
CA VAL B 1042 27.54 20.08 36.63
C VAL B 1042 28.74 20.50 37.47
N PRO B 1043 29.56 19.57 37.95
CA PRO B 1043 30.79 19.95 38.66
C PRO B 1043 31.88 20.39 37.69
N THR B 1044 32.70 21.32 38.15
CA THR B 1044 33.67 21.98 37.27
C THR B 1044 35.12 21.76 37.67
N GLN B 1045 35.50 22.09 38.90
CA GLN B 1045 36.91 22.21 39.29
C GLN B 1045 37.34 20.98 40.08
N TYR B 1046 38.12 20.11 39.44
CA TYR B 1046 38.63 18.90 40.08
C TYR B 1046 40.02 19.14 40.66
N LYS B 1047 40.34 18.39 41.72
CA LYS B 1047 41.62 18.53 42.40
C LYS B 1047 42.18 17.14 42.69
N ASN B 1048 43.51 17.09 42.83
CA ASN B 1048 44.20 15.85 43.13
C ASN B 1048 44.10 15.51 44.60
N PHE B 1049 43.95 14.21 44.90
CA PHE B 1049 43.92 13.73 46.27
C PHE B 1049 44.39 12.28 46.30
N THR B 1050 44.77 11.84 47.50
CA THR B 1050 45.16 10.47 47.75
C THR B 1050 44.15 9.82 48.69
N THR B 1051 43.82 8.57 48.43
CA THR B 1051 42.73 7.91 49.13
C THR B 1051 43.13 6.51 49.57
N ALA B 1052 42.27 5.88 50.36
CA ALA B 1052 42.48 4.53 50.86
C ALA B 1052 41.12 3.90 51.11
N PRO B 1053 41.02 2.57 51.01
CA PRO B 1053 39.70 1.92 51.18
C PRO B 1053 39.24 1.87 52.62
N ALA B 1054 40.14 1.65 53.57
CA ALA B 1054 39.77 1.48 54.96
C ALA B 1054 40.83 2.14 55.86
N ILE B 1055 40.51 2.23 57.14
CA ILE B 1055 41.39 2.80 58.16
C ILE B 1055 41.70 1.72 59.18
N CYS B 1056 42.99 1.50 59.44
CA CYS B 1056 43.43 0.47 60.36
C CYS B 1056 43.66 1.09 61.74
N HIS B 1057 42.76 0.80 62.67
CA HIS B 1057 42.93 1.21 64.06
C HIS B 1057 43.63 0.08 64.82
N ASN B 1058 43.63 0.14 66.15
CA ASN B 1058 44.35 -0.83 66.97
C ASN B 1058 43.62 -2.16 66.92
N GLY B 1059 43.92 -2.94 65.87
CA GLY B 1059 43.37 -4.26 65.69
C GLY B 1059 42.11 -4.34 64.86
N LYS B 1060 41.41 -3.22 64.67
CA LYS B 1060 40.16 -3.20 63.93
C LYS B 1060 40.31 -2.36 62.67
N ALA B 1061 39.35 -2.54 61.77
CA ALA B 1061 39.27 -1.77 60.52
C ALA B 1061 38.03 -0.89 60.57
N HIS B 1062 38.16 0.33 60.05
CA HIS B 1062 37.09 1.31 60.06
C HIS B 1062 36.73 1.70 58.63
N PHE B 1063 35.45 1.57 58.29
CA PHE B 1063 34.93 1.98 57.00
C PHE B 1063 34.01 3.18 57.17
N PRO B 1064 33.98 4.10 56.21
CA PRO B 1064 33.10 5.27 56.34
C PRO B 1064 31.65 4.92 56.10
N ARG B 1065 30.77 5.60 56.85
CA ARG B 1065 29.34 5.43 56.64
C ARG B 1065 28.94 5.90 55.25
N GLU B 1066 29.46 7.03 54.80
CA GLU B 1066 29.23 7.53 53.47
C GLU B 1066 30.43 8.38 53.06
N GLY B 1067 30.59 8.55 51.75
CA GLY B 1067 31.72 9.29 51.25
C GLY B 1067 32.97 8.44 51.14
N VAL B 1068 34.10 9.12 50.98
CA VAL B 1068 35.39 8.47 50.78
C VAL B 1068 36.41 9.08 51.72
N PHE B 1069 37.48 8.34 51.98
CA PHE B 1069 38.60 8.81 52.77
C PHE B 1069 39.59 9.52 51.85
N VAL B 1070 39.88 10.78 52.14
CA VAL B 1070 40.80 11.56 51.33
C VAL B 1070 41.94 12.07 52.20
N SER B 1071 43.13 12.17 51.62
CA SER B 1071 44.33 12.56 52.33
C SER B 1071 44.89 13.84 51.74
N ASN B 1072 45.21 14.80 52.60
CA ASN B 1072 45.90 16.02 52.21
C ASN B 1072 47.41 15.83 52.18
N GLY B 1073 47.91 14.65 52.54
CA GLY B 1073 49.31 14.40 52.72
C GLY B 1073 49.77 14.46 54.17
N THR B 1074 49.01 15.14 55.03
CA THR B 1074 49.26 15.18 56.46
C THR B 1074 48.11 14.62 57.27
N HIS B 1075 46.88 15.02 56.97
CA HIS B 1075 45.70 14.58 57.70
C HIS B 1075 44.75 13.86 56.77
N TRP B 1076 43.97 12.94 57.35
CA TRP B 1076 43.00 12.15 56.61
C TRP B 1076 41.59 12.60 57.01
N PHE B 1077 40.76 12.89 56.00
CA PHE B 1077 39.40 13.33 56.21
C PHE B 1077 38.44 12.42 55.43
N VAL B 1078 37.16 12.52 55.77
CA VAL B 1078 36.08 11.86 55.06
C VAL B 1078 35.18 12.93 54.48
N THR B 1079 34.89 12.83 53.18
CA THR B 1079 34.11 13.83 52.47
C THR B 1079 33.20 13.17 51.45
N GLN B 1080 32.19 13.92 51.02
CA GLN B 1080 31.25 13.43 50.02
C GLN B 1080 31.93 13.32 48.66
N ARG B 1081 31.19 12.76 47.70
CA ARG B 1081 31.77 12.38 46.41
C ARG B 1081 31.62 13.43 45.33
N ASN B 1082 30.73 14.40 45.49
CA ASN B 1082 30.46 15.38 44.44
C ASN B 1082 30.72 16.81 44.88
N PHE B 1083 31.27 17.02 46.08
CA PHE B 1083 31.61 18.37 46.54
C PHE B 1083 32.62 18.28 47.68
N TYR B 1084 33.75 18.96 47.52
CA TYR B 1084 34.81 18.88 48.52
C TYR B 1084 34.39 19.58 49.81
N GLU B 1085 34.16 18.79 50.86
CA GLU B 1085 33.83 19.33 52.17
C GLU B 1085 34.39 18.37 53.21
N PRO B 1086 35.65 18.54 53.58
CA PRO B 1086 36.29 17.58 54.49
C PRO B 1086 35.78 17.73 55.92
N GLN B 1087 35.48 16.58 56.53
CA GLN B 1087 35.12 16.50 57.93
C GLN B 1087 36.23 15.78 58.69
N ILE B 1088 36.43 16.18 59.95
CA ILE B 1088 37.44 15.54 60.78
C ILE B 1088 37.03 14.10 61.06
N ILE B 1089 37.98 13.19 60.94
CA ILE B 1089 37.68 11.77 61.11
C ILE B 1089 37.24 11.50 62.53
N THR B 1090 36.10 10.83 62.68
CA THR B 1090 35.48 10.67 63.99
C THR B 1090 34.72 9.34 64.00
N THR B 1091 34.53 8.79 65.20
CA THR B 1091 33.84 7.52 65.35
C THR B 1091 32.37 7.59 64.95
N ASP B 1092 31.80 8.79 64.83
CA ASP B 1092 30.43 8.92 64.36
C ASP B 1092 30.32 8.69 62.86
N ASN B 1093 31.35 9.04 62.10
CA ASN B 1093 31.33 8.91 60.65
C ASN B 1093 31.76 7.54 60.15
N THR B 1094 32.24 6.67 61.03
CA THR B 1094 32.82 5.40 60.62
C THR B 1094 31.95 4.24 61.07
N PHE B 1095 32.39 3.04 60.69
CA PHE B 1095 31.69 1.79 60.97
C PHE B 1095 32.72 0.68 61.03
N VAL B 1096 32.65 -0.14 62.07
CA VAL B 1096 33.69 -1.11 62.39
C VAL B 1096 33.29 -2.49 61.90
N SER B 1097 34.26 -3.24 61.38
CA SER B 1097 34.03 -4.60 60.91
C SER B 1097 35.35 -5.35 60.71
N GLY B 1098 35.45 -6.54 61.28
CA GLY B 1098 36.60 -7.41 61.04
C GLY B 1098 37.89 -6.89 61.67
N ASP B 1099 39.01 -7.33 61.06
CA ASP B 1099 40.34 -6.96 61.54
C ASP B 1099 41.17 -6.37 60.41
N CYS B 1100 42.47 -6.17 60.67
CA CYS B 1100 43.36 -5.47 59.75
C CYS B 1100 44.21 -6.42 58.92
N ASP B 1101 43.65 -7.56 58.49
CA ASP B 1101 44.40 -8.52 57.71
C ASP B 1101 43.77 -8.89 56.38
N VAL B 1102 42.48 -8.66 56.19
CA VAL B 1102 41.78 -9.11 54.99
C VAL B 1102 41.32 -7.95 54.13
N VAL B 1103 41.95 -6.78 54.27
CA VAL B 1103 41.63 -5.60 53.46
C VAL B 1103 42.91 -5.14 52.80
N ILE B 1104 42.90 -5.07 51.48
CA ILE B 1104 44.08 -4.64 50.71
C ILE B 1104 44.13 -3.13 50.65
N GLY B 1105 45.31 -2.56 50.85
CA GLY B 1105 45.48 -1.13 50.80
C GLY B 1105 45.07 -0.38 52.04
N ILE B 1106 44.89 -1.07 53.16
CA ILE B 1106 44.50 -0.39 54.40
C ILE B 1106 45.65 0.49 54.88
N VAL B 1107 45.31 1.56 55.58
CA VAL B 1107 46.26 2.61 55.95
C VAL B 1107 46.16 2.85 57.45
N ASN B 1108 47.32 2.90 58.11
CA ASN B 1108 47.36 3.23 59.54
C ASN B 1108 46.96 4.68 59.75
N ASN B 1109 46.16 4.92 60.79
CA ASN B 1109 45.81 6.27 61.22
C ASN B 1109 45.20 6.16 62.61
N THR B 1110 44.76 7.30 63.14
CA THR B 1110 44.14 7.39 64.46
C THR B 1110 42.72 7.89 64.30
N VAL B 1111 41.76 7.16 64.87
CA VAL B 1111 40.36 7.55 64.87
C VAL B 1111 40.06 8.22 66.20
N TYR B 1112 39.70 9.49 66.16
CA TYR B 1112 39.45 10.25 67.37
C TYR B 1112 38.09 9.89 67.97
N ASP B 1113 37.85 10.40 69.17
CA ASP B 1113 36.60 10.13 69.87
C ASP B 1113 36.26 11.30 70.78
N PRO B 1114 35.20 12.06 70.48
CA PRO B 1114 34.83 13.19 71.34
C PRO B 1114 34.20 12.77 72.65
N LEU B 1115 33.89 11.49 72.82
CA LEU B 1115 33.23 11.04 74.05
C LEU B 1115 34.16 11.16 75.26
N GLN B 1116 35.46 10.92 75.06
CA GLN B 1116 36.40 10.95 76.19
C GLN B 1116 36.51 12.33 76.82
N PRO B 1117 36.69 13.44 76.08
CA PRO B 1117 36.68 14.75 76.74
C PRO B 1117 35.36 15.07 77.43
N GLU B 1118 34.24 14.63 76.87
CA GLU B 1118 32.94 14.87 77.50
C GLU B 1118 32.84 14.14 78.82
N LEU B 1119 33.31 12.89 78.88
CA LEU B 1119 33.19 12.09 80.09
C LEU B 1119 34.30 12.37 81.11
N ASP B 1120 35.37 13.04 80.70
CA ASP B 1120 36.49 13.33 81.60
C ASP B 1120 36.46 14.78 82.10
N SER B 1121 36.44 15.74 81.19
CA SER B 1121 36.48 17.15 81.56
C SER B 1121 35.20 17.57 82.28
N ALA C 1 5.06 -59.39 -15.05
CA ALA C 1 5.84 -59.14 -13.85
C ALA C 1 5.92 -57.63 -13.58
N TYR C 2 6.09 -57.29 -12.30
CA TYR C 2 6.17 -55.89 -11.87
C TYR C 2 7.45 -55.70 -11.06
N THR C 3 8.09 -54.55 -11.25
CA THR C 3 9.33 -54.23 -10.54
C THR C 3 9.27 -52.79 -10.07
N ASN C 4 10.04 -52.52 -9.01
CA ASN C 4 10.10 -51.18 -8.43
C ASN C 4 10.94 -50.27 -9.33
N SER C 5 10.40 -49.09 -9.64
CA SER C 5 11.11 -48.14 -10.49
C SER C 5 12.21 -47.40 -9.74
N PHE C 6 12.16 -47.38 -8.41
CA PHE C 6 13.17 -46.72 -7.56
C PHE C 6 13.21 -45.25 -7.92
N THR C 7 14.37 -44.68 -8.26
CA THR C 7 14.53 -43.25 -8.52
C THR C 7 15.23 -43.02 -9.85
N ARG C 8 14.78 -43.71 -10.89
CA ARG C 8 15.38 -43.60 -12.21
C ARG C 8 14.48 -42.81 -13.14
N GLY C 9 15.08 -42.31 -14.22
CA GLY C 9 14.34 -41.59 -15.23
C GLY C 9 14.40 -40.08 -15.10
N VAL C 10 15.58 -39.54 -14.84
CA VAL C 10 15.81 -38.11 -14.72
C VAL C 10 16.76 -37.67 -15.83
N TYR C 11 16.37 -36.64 -16.58
CA TYR C 11 17.16 -36.14 -17.69
C TYR C 11 17.26 -34.62 -17.58
N TYR C 12 18.01 -34.02 -18.51
CA TYR C 12 18.21 -32.58 -18.51
C TYR C 12 17.12 -31.90 -19.30
N PRO C 13 16.28 -31.06 -18.67
CA PRO C 13 15.20 -30.40 -19.42
C PRO C 13 15.64 -29.21 -20.24
N ASP C 14 16.85 -28.70 -20.05
CA ASP C 14 17.30 -27.51 -20.74
C ASP C 14 18.80 -27.61 -21.00
N LYS C 15 19.34 -26.61 -21.68
CA LYS C 15 20.75 -26.53 -22.03
C LYS C 15 21.45 -25.39 -21.30
N VAL C 16 21.04 -25.14 -20.06
CA VAL C 16 21.56 -24.02 -19.27
C VAL C 16 22.53 -24.56 -18.22
N PHE C 17 23.72 -23.98 -18.18
CA PHE C 17 24.72 -24.37 -17.19
C PHE C 17 24.43 -23.65 -15.87
N ARG C 18 24.10 -24.43 -14.85
CA ARG C 18 23.81 -23.90 -13.53
C ARG C 18 24.65 -24.65 -12.50
N SER C 19 25.22 -23.91 -11.56
CA SER C 19 26.15 -24.46 -10.58
C SER C 19 25.70 -24.13 -9.17
N SER C 20 25.68 -25.16 -8.31
CA SER C 20 25.42 -24.99 -6.87
C SER C 20 24.10 -24.27 -6.61
N VAL C 21 23.09 -24.57 -7.42
CA VAL C 21 21.78 -23.96 -7.30
C VAL C 21 20.72 -25.04 -7.37
N LEU C 22 19.77 -25.01 -6.44
CA LEU C 22 18.62 -25.91 -6.46
C LEU C 22 17.51 -25.27 -7.29
N HIS C 23 17.02 -25.99 -8.28
CA HIS C 23 16.06 -25.46 -9.24
C HIS C 23 14.85 -26.35 -9.33
N SER C 24 13.71 -25.75 -9.64
CA SER C 24 12.43 -26.46 -9.74
C SER C 24 11.85 -26.24 -11.13
N THR C 25 11.24 -27.30 -11.67
CA THR C 25 10.64 -27.24 -12.99
C THR C 25 9.48 -28.22 -13.07
N GLN C 26 8.56 -27.97 -14.00
CA GLN C 26 7.38 -28.80 -14.21
C GLN C 26 7.39 -29.27 -15.67
N ASP C 27 7.81 -30.52 -15.88
CA ASP C 27 7.81 -31.12 -17.21
C ASP C 27 7.32 -32.56 -17.07
N LEU C 28 7.56 -33.36 -18.10
CA LEU C 28 7.18 -34.76 -18.10
C LEU C 28 8.30 -35.57 -17.44
N PHE C 29 7.95 -36.34 -16.42
CA PHE C 29 8.92 -37.13 -15.68
C PHE C 29 8.32 -38.49 -15.33
N LEU C 30 9.20 -39.41 -14.95
CA LEU C 30 8.77 -40.73 -14.49
C LEU C 30 8.57 -40.68 -12.97
N PRO C 31 7.38 -41.02 -12.47
CA PRO C 31 7.14 -40.93 -11.03
C PRO C 31 8.07 -41.84 -10.24
N PHE C 32 8.49 -41.37 -9.07
CA PHE C 32 9.34 -42.17 -8.19
C PHE C 32 8.56 -43.34 -7.62
N PHE C 33 9.23 -44.50 -7.53
CA PHE C 33 8.65 -45.72 -6.96
C PHE C 33 7.33 -46.08 -7.65
N SER C 34 7.33 -46.01 -8.98
CA SER C 34 6.14 -46.32 -9.76
C SER C 34 6.14 -47.80 -10.13
N ASN C 35 5.23 -48.19 -11.02
CA ASN C 35 5.13 -49.57 -11.48
C ASN C 35 5.82 -49.71 -12.83
N VAL C 36 6.47 -50.85 -13.03
CA VAL C 36 7.21 -51.14 -14.25
C VAL C 36 6.60 -52.36 -14.91
N THR C 37 6.22 -52.23 -16.18
CA THR C 37 5.62 -53.32 -16.96
C THR C 37 6.71 -54.07 -17.71
N TRP C 38 7.35 -55.01 -17.02
CA TRP C 38 8.44 -55.78 -17.60
C TRP C 38 7.90 -56.72 -18.68
N PHE C 39 8.66 -56.83 -19.77
CA PHE C 39 8.26 -57.58 -20.94
C PHE C 39 9.35 -58.56 -21.33
N HIS C 40 8.96 -59.59 -22.09
CA HIS C 40 9.88 -60.56 -22.67
C HIS C 40 9.61 -60.64 -24.16
N ALA C 41 10.56 -60.15 -24.98
CA ALA C 41 10.37 -60.11 -26.42
C ALA C 41 10.21 -61.51 -27.00
N ILE C 42 11.25 -62.33 -26.89
CA ILE C 42 11.24 -63.69 -27.42
C ILE C 42 11.27 -64.65 -26.25
N HIS C 43 10.20 -65.43 -26.10
CA HIS C 43 10.09 -66.38 -25.00
C HIS C 43 9.92 -67.80 -25.52
N ARG C 52 7.23 -68.39 -29.10
CA ARG C 52 6.33 -67.33 -28.63
C ARG C 52 7.02 -65.97 -28.64
N PHE C 53 6.52 -65.07 -29.48
CA PHE C 53 7.04 -63.72 -29.58
C PHE C 53 6.03 -62.75 -28.97
N ASP C 54 6.52 -61.91 -28.06
CA ASP C 54 5.67 -60.95 -27.34
C ASP C 54 6.20 -59.54 -27.61
N ASN C 55 5.53 -58.82 -28.51
CA ASN C 55 5.85 -57.42 -28.80
C ASN C 55 4.65 -56.78 -29.45
N PRO C 56 3.61 -56.48 -28.68
CA PRO C 56 2.37 -55.93 -29.25
C PRO C 56 2.49 -54.42 -29.44
N VAL C 57 1.38 -53.82 -29.86
CA VAL C 57 1.31 -52.38 -30.07
C VAL C 57 1.02 -51.72 -28.73
N LEU C 58 2.03 -51.06 -28.16
CA LEU C 58 1.79 -50.37 -26.90
C LEU C 58 1.47 -48.89 -27.16
N PRO C 59 0.52 -48.32 -26.43
CA PRO C 59 0.23 -46.89 -26.61
C PRO C 59 1.37 -46.02 -26.14
N PHE C 60 1.67 -44.97 -26.91
CA PHE C 60 2.75 -44.06 -26.54
C PHE C 60 2.35 -43.13 -25.40
N ASN C 61 1.08 -42.70 -25.37
CA ASN C 61 0.58 -41.71 -24.40
C ASN C 61 1.41 -40.44 -24.60
N ASP C 62 1.97 -39.84 -23.56
CA ASP C 62 2.79 -38.64 -23.69
C ASP C 62 4.27 -38.95 -23.75
N GLY C 63 4.66 -40.20 -23.66
CA GLY C 63 6.06 -40.59 -23.68
C GLY C 63 6.26 -41.91 -22.95
N VAL C 64 7.18 -42.72 -23.46
CA VAL C 64 7.48 -44.03 -22.92
C VAL C 64 8.96 -44.07 -22.54
N TYR C 65 9.24 -44.44 -21.30
CA TYR C 65 10.61 -44.57 -20.81
C TYR C 65 11.08 -45.99 -21.07
N PHE C 66 12.09 -46.13 -21.92
CA PHE C 66 12.61 -47.42 -22.33
C PHE C 66 14.03 -47.57 -21.81
N ALA C 67 14.29 -48.69 -21.13
CA ALA C 67 15.61 -48.95 -20.56
C ALA C 67 15.83 -50.46 -20.55
N SER C 68 16.59 -50.95 -21.51
CA SER C 68 16.86 -52.38 -21.65
C SER C 68 18.36 -52.63 -21.47
N THR C 69 18.67 -53.83 -21.01
CA THR C 69 20.04 -54.29 -20.87
C THR C 69 20.25 -55.52 -21.72
N GLU C 70 21.39 -55.58 -22.41
CA GLU C 70 21.69 -56.67 -23.34
C GLU C 70 23.17 -56.59 -23.71
N LYS C 71 23.64 -57.62 -24.40
CA LYS C 71 25.00 -57.64 -24.92
C LYS C 71 25.08 -58.17 -26.34
N SER C 72 24.02 -58.78 -26.86
CA SER C 72 24.05 -59.43 -28.16
C SER C 72 23.46 -58.58 -29.28
N ASN C 73 23.14 -57.31 -29.01
CA ASN C 73 22.61 -56.40 -30.03
C ASN C 73 21.34 -56.96 -30.66
N ILE C 74 20.43 -57.43 -29.83
CA ILE C 74 19.16 -57.99 -30.31
C ILE C 74 18.16 -56.89 -30.67
N ILE C 75 18.21 -55.77 -29.98
CA ILE C 75 17.33 -54.63 -30.27
C ILE C 75 18.08 -53.65 -31.17
N ARG C 76 17.46 -53.30 -32.29
CA ARG C 76 18.08 -52.43 -33.29
C ARG C 76 17.29 -51.16 -33.55
N GLY C 77 16.32 -50.82 -32.71
CA GLY C 77 15.58 -49.60 -32.87
C GLY C 77 14.16 -49.75 -32.37
N TRP C 78 13.29 -48.87 -32.84
CA TRP C 78 11.91 -48.84 -32.41
C TRP C 78 11.03 -48.35 -33.56
N ILE C 79 9.71 -48.40 -33.34
CA ILE C 79 8.74 -47.96 -34.33
C ILE C 79 7.79 -46.98 -33.66
N PHE C 80 7.54 -45.85 -34.32
CA PHE C 80 6.71 -44.79 -33.77
C PHE C 80 5.71 -44.33 -34.81
N GLY C 81 4.45 -44.24 -34.43
CA GLY C 81 3.41 -43.77 -35.33
C GLY C 81 2.09 -43.70 -34.60
N THR C 82 1.12 -43.04 -35.26
CA THR C 82 -0.22 -42.90 -34.70
C THR C 82 -1.12 -44.07 -35.08
N THR C 83 -1.30 -44.28 -36.38
CA THR C 83 -2.10 -45.39 -36.89
C THR C 83 -1.25 -46.47 -37.56
N LEU C 84 0.06 -46.25 -37.67
CA LEU C 84 1.03 -47.20 -38.24
C LEU C 84 0.52 -47.88 -39.50
N ASP C 85 -0.16 -47.13 -40.36
CA ASP C 85 -0.67 -47.65 -41.63
C ASP C 85 -0.07 -46.85 -42.79
N SER C 86 -0.41 -47.25 -44.01
CA SER C 86 0.12 -46.63 -45.20
C SER C 86 -0.50 -45.26 -45.49
N LYS C 87 -1.57 -44.89 -44.81
CA LYS C 87 -2.24 -43.62 -45.04
C LYS C 87 -1.66 -42.48 -44.22
N THR C 88 -0.66 -42.73 -43.39
CA THR C 88 -0.04 -41.69 -42.58
C THR C 88 1.47 -41.92 -42.54
N GLN C 89 2.19 -40.85 -42.20
CA GLN C 89 3.63 -40.94 -42.06
C GLN C 89 3.99 -41.78 -40.85
N SER C 90 4.99 -42.63 -41.00
CA SER C 90 5.46 -43.50 -39.93
C SER C 90 6.96 -43.34 -39.77
N LEU C 91 7.44 -43.55 -38.55
CA LEU C 91 8.85 -43.39 -38.21
C LEU C 91 9.49 -44.76 -38.06
N LEU C 92 10.71 -44.89 -38.59
CA LEU C 92 11.45 -46.15 -38.58
C LEU C 92 12.87 -45.89 -38.14
N ILE C 93 13.26 -46.48 -37.01
CA ILE C 93 14.62 -46.37 -36.49
C ILE C 93 15.26 -47.75 -36.59
N VAL C 94 16.27 -47.88 -37.44
CA VAL C 94 17.01 -49.13 -37.63
C VAL C 94 18.48 -48.86 -37.33
N ASN C 95 19.06 -49.69 -36.48
CA ASN C 95 20.47 -49.56 -36.12
C ASN C 95 21.26 -50.66 -36.81
N ASN C 96 22.21 -50.26 -37.65
CA ASN C 96 23.11 -51.18 -38.34
C ASN C 96 24.54 -50.86 -37.97
N ALA C 97 25.45 -51.77 -38.36
CA ALA C 97 26.84 -51.66 -37.93
C ALA C 97 27.49 -50.36 -38.39
N THR C 98 27.09 -49.84 -39.56
CA THR C 98 27.66 -48.60 -40.05
C THR C 98 27.20 -47.41 -39.23
N ASN C 99 25.88 -47.17 -39.21
CA ASN C 99 25.32 -46.03 -38.49
C ASN C 99 23.83 -46.28 -38.28
N VAL C 100 23.23 -45.42 -37.46
CA VAL C 100 21.80 -45.48 -37.17
C VAL C 100 21.06 -44.62 -38.19
N VAL C 101 19.90 -45.10 -38.63
CA VAL C 101 19.10 -44.44 -39.65
C VAL C 101 17.71 -44.15 -39.09
N ILE C 102 17.10 -43.07 -39.56
CA ILE C 102 15.74 -42.69 -39.21
C ILE C 102 14.98 -42.43 -40.49
N LYS C 103 13.92 -43.19 -40.74
CA LYS C 103 13.15 -43.10 -41.97
C LYS C 103 11.73 -42.67 -41.67
N VAL C 104 11.20 -41.77 -42.49
CA VAL C 104 9.85 -41.24 -42.34
C VAL C 104 9.17 -41.34 -43.72
N CYS C 105 8.43 -42.42 -43.95
CA CYS C 105 7.68 -42.60 -45.18
C CYS C 105 6.30 -43.16 -44.82
N GLU C 106 5.50 -43.44 -45.85
CA GLU C 106 4.17 -44.00 -45.66
C GLU C 106 4.26 -45.52 -45.57
N PHE C 107 4.86 -45.99 -44.47
CA PHE C 107 5.07 -47.41 -44.28
C PHE C 107 3.75 -48.13 -44.01
N GLN C 108 3.61 -49.30 -44.62
CA GLN C 108 2.48 -50.20 -44.36
C GLN C 108 3.02 -51.41 -43.62
N PHE C 109 2.96 -51.37 -42.29
CA PHE C 109 3.61 -52.36 -41.46
C PHE C 109 2.94 -53.72 -41.61
N CYS C 110 3.75 -54.78 -41.47
CA CYS C 110 3.28 -56.15 -41.59
C CYS C 110 2.68 -56.60 -40.25
N ASN C 111 2.16 -57.83 -40.24
CA ASN C 111 1.59 -58.39 -39.02
C ASN C 111 2.63 -58.69 -37.96
N ASP C 112 3.90 -58.82 -38.34
CA ASP C 112 4.98 -59.13 -37.40
C ASP C 112 6.24 -58.38 -37.82
N PRO C 113 6.63 -57.36 -37.07
CA PRO C 113 7.88 -56.65 -37.38
C PRO C 113 9.09 -57.49 -36.95
N PHE C 114 10.01 -57.71 -37.88
CA PHE C 114 11.22 -58.46 -37.58
C PHE C 114 12.32 -58.01 -38.53
N LEU C 115 13.56 -58.20 -38.10
CA LEU C 115 14.75 -57.87 -38.87
C LEU C 115 15.55 -59.15 -39.08
N GLY C 116 15.60 -59.62 -40.32
CA GLY C 116 16.29 -60.85 -40.63
C GLY C 116 17.78 -60.70 -40.79
N VAL C 117 18.55 -61.29 -39.88
CA VAL C 117 20.01 -61.27 -39.93
C VAL C 117 20.51 -62.70 -39.91
N TYR C 118 21.66 -62.93 -40.54
CA TYR C 118 22.23 -64.27 -40.64
C TYR C 118 23.71 -64.20 -41.02
N MET C 127 25.36 -60.53 -41.63
CA MET C 127 24.78 -59.40 -42.34
C MET C 127 23.26 -59.55 -42.45
N GLU C 128 22.56 -58.43 -42.62
CA GLU C 128 21.11 -58.46 -42.72
C GLU C 128 20.67 -59.18 -43.99
N SER C 129 19.62 -60.00 -43.85
CA SER C 129 19.11 -60.78 -44.97
C SER C 129 18.02 -60.05 -45.73
N GLU C 130 16.94 -59.70 -45.03
CA GLU C 130 15.81 -59.03 -45.65
C GLU C 130 15.10 -58.18 -44.62
N PHE C 131 14.44 -57.11 -45.09
CA PHE C 131 13.60 -56.28 -44.26
C PHE C 131 12.13 -56.56 -44.60
N ARG C 132 11.32 -56.76 -43.55
CA ARG C 132 9.89 -57.00 -43.76
C ARG C 132 9.04 -56.27 -42.72
N VAL C 133 9.56 -55.20 -42.10
CA VAL C 133 8.78 -54.46 -41.14
C VAL C 133 7.55 -53.84 -41.79
N TYR C 134 7.73 -53.25 -42.97
CA TYR C 134 6.63 -52.73 -43.77
C TYR C 134 6.70 -53.31 -45.17
N SER C 135 5.53 -53.65 -45.73
CA SER C 135 5.49 -54.30 -47.04
C SER C 135 5.92 -53.33 -48.13
N SER C 136 5.38 -52.12 -48.15
CA SER C 136 5.72 -51.13 -49.15
C SER C 136 5.44 -49.75 -48.57
N ALA C 137 6.05 -48.74 -49.19
CA ALA C 137 5.93 -47.37 -48.70
C ALA C 137 6.26 -46.40 -49.82
N ASN C 138 5.97 -45.13 -49.56
CA ASN C 138 6.24 -44.03 -50.48
C ASN C 138 6.14 -42.75 -49.66
N ASN C 139 6.35 -41.60 -50.31
CA ASN C 139 6.24 -40.29 -49.68
C ASN C 139 7.22 -40.14 -48.52
N CYS C 140 8.47 -40.52 -48.76
CA CYS C 140 9.50 -40.39 -47.74
C CYS C 140 9.77 -38.92 -47.45
N THR C 141 9.90 -38.61 -46.16
CA THR C 141 10.04 -37.23 -45.70
C THR C 141 11.43 -36.89 -45.18
N PHE C 142 12.08 -37.81 -44.48
CA PHE C 142 13.40 -37.56 -43.92
C PHE C 142 14.21 -38.84 -43.92
N GLU C 143 15.54 -38.69 -43.88
CA GLU C 143 16.45 -39.79 -43.64
C GLU C 143 17.65 -39.22 -42.88
N TYR C 144 17.59 -39.28 -41.56
CA TYR C 144 18.61 -38.70 -40.70
C TYR C 144 19.57 -39.81 -40.26
N VAL C 145 20.87 -39.56 -40.44
CA VAL C 145 21.90 -40.53 -40.11
C VAL C 145 22.95 -39.85 -39.24
N SER C 146 23.34 -40.49 -38.15
CA SER C 146 24.37 -39.96 -37.27
C SER C 146 25.14 -41.09 -36.59
N PHE C 160 24.56 -58.98 -18.39
CA PHE C 160 24.65 -57.87 -19.33
C PHE C 160 24.96 -56.56 -18.60
N LYS C 161 26.24 -56.19 -18.57
CA LYS C 161 26.65 -54.98 -17.87
C LYS C 161 26.10 -53.72 -18.55
N ASN C 162 25.87 -53.77 -19.86
CA ASN C 162 25.47 -52.59 -20.59
C ASN C 162 24.00 -52.26 -20.33
N LEU C 163 23.75 -51.03 -19.90
CA LEU C 163 22.39 -50.52 -19.74
C LEU C 163 22.18 -49.41 -20.77
N ARG C 164 21.11 -49.53 -21.55
CA ARG C 164 20.76 -48.57 -22.59
C ARG C 164 19.45 -47.90 -22.19
N GLU C 165 19.57 -46.79 -21.46
CA GLU C 165 18.42 -46.06 -20.95
C GLU C 165 18.02 -44.98 -21.94
N PHE C 166 16.78 -45.02 -22.40
CA PHE C 166 16.27 -44.08 -23.39
C PHE C 166 15.00 -43.40 -22.89
N VAL C 167 14.73 -42.23 -23.46
CA VAL C 167 13.49 -41.49 -23.23
C VAL C 167 12.99 -40.99 -24.57
N PHE C 168 11.72 -41.25 -24.87
CA PHE C 168 11.10 -40.83 -26.12
C PHE C 168 9.93 -39.91 -25.81
N LYS C 169 9.86 -38.79 -26.53
CA LYS C 169 8.85 -37.76 -26.27
C LYS C 169 8.55 -37.01 -27.56
N ASN C 170 7.27 -36.65 -27.74
CA ASN C 170 6.83 -35.85 -28.87
C ASN C 170 6.15 -34.58 -28.36
N ILE C 171 6.81 -33.44 -28.56
CA ILE C 171 6.26 -32.14 -28.19
C ILE C 171 6.51 -31.16 -29.33
N ASP C 172 5.49 -30.36 -29.65
CA ASP C 172 5.61 -29.28 -30.63
C ASP C 172 6.11 -29.79 -31.98
N GLY C 173 5.64 -30.98 -32.37
CA GLY C 173 5.92 -31.49 -33.69
C GLY C 173 7.34 -31.94 -33.94
N TYR C 174 8.10 -32.29 -32.90
CA TYR C 174 9.42 -32.88 -33.10
C TYR C 174 9.61 -34.04 -32.14
N PHE C 175 10.29 -35.08 -32.62
CA PHE C 175 10.62 -36.25 -31.82
C PHE C 175 11.91 -35.99 -31.05
N LYS C 176 11.86 -36.13 -29.74
CA LYS C 176 12.99 -35.86 -28.87
C LYS C 176 13.44 -37.15 -28.21
N ILE C 177 14.76 -37.37 -28.17
CA ILE C 177 15.33 -38.60 -27.66
C ILE C 177 16.39 -38.27 -26.60
N TYR C 178 16.61 -39.22 -25.70
CA TYR C 178 17.65 -39.14 -24.69
C TYR C 178 18.29 -40.52 -24.55
N SER C 179 19.54 -40.54 -24.09
CA SER C 179 20.25 -41.81 -23.96
C SER C 179 21.34 -41.68 -22.91
N LYS C 180 21.75 -42.83 -22.38
CA LYS C 180 22.89 -42.93 -21.47
C LYS C 180 23.31 -44.38 -21.30
N HIS C 181 24.61 -44.65 -21.43
CA HIS C 181 25.16 -45.99 -21.29
C HIS C 181 25.94 -46.05 -19.98
N THR C 182 25.57 -47.01 -19.11
CA THR C 182 26.17 -47.12 -17.80
C THR C 182 26.25 -48.58 -17.39
N PRO C 183 27.38 -49.03 -16.83
CA PRO C 183 27.47 -50.41 -16.36
C PRO C 183 26.55 -50.67 -15.17
N ILE C 184 26.10 -51.91 -15.06
CA ILE C 184 25.20 -52.36 -14.01
C ILE C 184 25.66 -53.72 -13.51
N ASN C 185 24.89 -54.28 -12.57
CA ASN C 185 25.22 -55.58 -12.00
C ASN C 185 24.02 -56.53 -12.05
N LEU C 186 22.81 -55.99 -11.98
CA LEU C 186 21.59 -56.78 -11.98
C LEU C 186 20.86 -56.57 -13.30
N VAL C 187 20.26 -57.65 -13.81
CA VAL C 187 19.66 -57.63 -15.14
C VAL C 187 18.16 -57.84 -15.07
N ARG C 188 17.69 -58.51 -14.00
CA ARG C 188 16.26 -58.78 -13.87
C ARG C 188 15.50 -57.62 -13.26
N ASP C 189 16.20 -56.66 -12.65
CA ASP C 189 15.55 -55.47 -12.11
C ASP C 189 16.50 -54.30 -12.24
N LEU C 190 15.93 -53.10 -12.35
CA LEU C 190 16.75 -51.90 -12.48
C LEU C 190 17.27 -51.50 -11.10
N PRO C 191 18.59 -51.43 -10.91
CA PRO C 191 19.13 -51.08 -9.59
C PRO C 191 18.90 -49.62 -9.26
N GLN C 192 18.92 -49.34 -7.96
CA GLN C 192 18.80 -47.96 -7.49
C GLN C 192 20.09 -47.19 -7.74
N GLY C 193 19.95 -45.88 -7.87
CA GLY C 193 21.07 -45.01 -8.18
C GLY C 193 20.60 -43.87 -9.06
N PHE C 194 21.42 -42.81 -9.10
CA PHE C 194 21.10 -41.61 -9.84
C PHE C 194 22.13 -41.36 -10.92
N SER C 195 21.65 -41.19 -12.16
CA SER C 195 22.52 -40.86 -13.28
C SER C 195 21.65 -40.17 -14.33
N ALA C 196 21.81 -38.86 -14.47
CA ALA C 196 20.96 -38.07 -15.36
C ALA C 196 21.32 -38.30 -16.81
N LEU C 197 20.32 -38.16 -17.68
CA LEU C 197 20.47 -38.45 -19.11
C LEU C 197 20.69 -37.14 -19.86
N GLU C 198 21.95 -36.71 -19.90
CA GLU C 198 22.30 -35.48 -20.60
C GLU C 198 22.06 -35.53 -22.10
N PRO C 199 22.52 -36.55 -22.85
CA PRO C 199 22.43 -36.48 -24.31
C PRO C 199 20.99 -36.34 -24.80
N LEU C 200 20.83 -35.54 -25.85
CA LEU C 200 19.53 -35.33 -26.47
C LEU C 200 19.72 -34.91 -27.91
N VAL C 201 18.81 -35.36 -28.78
CA VAL C 201 18.81 -35.00 -30.19
C VAL C 201 17.37 -34.70 -30.60
N ASP C 202 17.17 -33.57 -31.28
CA ASP C 202 15.84 -33.16 -31.72
C ASP C 202 15.65 -33.56 -33.18
N LEU C 203 14.48 -34.14 -33.48
CA LEU C 203 14.15 -34.56 -34.84
C LEU C 203 12.98 -33.73 -35.35
N PRO C 204 13.23 -32.72 -36.19
CA PRO C 204 12.15 -31.84 -36.69
C PRO C 204 11.33 -32.52 -37.80
N ILE C 205 10.49 -33.46 -37.40
CA ILE C 205 9.73 -34.26 -38.35
C ILE C 205 8.32 -33.71 -38.50
N GLY C 206 7.58 -33.65 -37.40
CA GLY C 206 6.17 -33.31 -37.44
C GLY C 206 5.24 -34.50 -37.50
N ILE C 207 5.75 -35.71 -37.27
CA ILE C 207 4.94 -36.92 -37.37
C ILE C 207 4.14 -37.09 -36.09
N ASN C 208 2.84 -37.34 -36.24
CA ASN C 208 2.00 -37.70 -35.10
C ASN C 208 2.29 -39.15 -34.71
N ILE C 209 2.51 -39.37 -33.42
CA ILE C 209 2.84 -40.69 -32.90
C ILE C 209 1.96 -40.98 -31.69
N THR C 210 1.21 -42.07 -31.74
CA THR C 210 0.42 -42.53 -30.59
C THR C 210 0.62 -44.01 -30.28
N ARG C 211 1.35 -44.76 -31.10
CA ARG C 211 1.54 -46.18 -30.89
C ARG C 211 3.03 -46.49 -30.90
N PHE C 212 3.42 -47.51 -30.13
CA PHE C 212 4.82 -47.86 -29.92
C PHE C 212 5.00 -49.35 -30.21
N GLN C 213 5.93 -49.66 -31.11
CA GLN C 213 6.31 -51.03 -31.41
C GLN C 213 7.81 -51.16 -31.25
N THR C 214 8.25 -52.16 -30.49
CA THR C 214 9.68 -52.39 -30.27
C THR C 214 10.26 -53.12 -31.47
N LEU C 215 11.26 -52.52 -32.11
CA LEU C 215 11.92 -53.10 -33.27
C LEU C 215 13.12 -53.90 -32.81
N LEU C 216 13.01 -55.23 -32.87
CA LEU C 216 14.02 -56.12 -32.36
C LEU C 216 14.46 -57.10 -33.45
N ALA C 217 15.76 -57.31 -33.54
CA ALA C 217 16.34 -58.18 -34.56
C ALA C 217 16.12 -59.63 -34.19
N LEU C 218 15.68 -60.44 -35.16
CA LEU C 218 15.45 -61.86 -34.98
C LEU C 218 16.36 -62.61 -35.93
N HIS C 219 17.09 -63.60 -35.41
CA HIS C 219 17.98 -64.42 -36.23
C HIS C 219 17.20 -65.24 -37.24
N ALA C 237 16.71 -61.87 -24.15
CA ALA C 237 16.26 -60.51 -24.39
C ALA C 237 15.18 -60.11 -23.38
N ALA C 238 15.34 -58.96 -22.75
CA ALA C 238 14.38 -58.45 -21.78
C ALA C 238 14.46 -56.94 -21.76
N TYR C 239 13.35 -56.29 -21.41
CA TYR C 239 13.29 -54.85 -21.39
C TYR C 239 12.16 -54.41 -20.46
N TYR C 240 12.17 -53.13 -20.12
CA TYR C 240 11.19 -52.52 -19.24
C TYR C 240 10.52 -51.35 -19.94
N VAL C 241 9.25 -51.11 -19.61
CA VAL C 241 8.48 -50.03 -20.20
C VAL C 241 7.85 -49.22 -19.08
N GLY C 242 8.12 -47.92 -19.07
CA GLY C 242 7.51 -46.99 -18.15
C GLY C 242 6.78 -45.88 -18.89
N TYR C 243 6.07 -45.06 -18.12
CA TYR C 243 5.29 -43.97 -18.68
C TYR C 243 5.53 -42.70 -17.88
N LEU C 244 5.68 -41.58 -18.59
CA LEU C 244 5.93 -40.29 -17.97
C LEU C 244 4.61 -39.58 -17.67
N GLN C 245 4.67 -38.67 -16.71
CA GLN C 245 3.51 -37.88 -16.31
C GLN C 245 3.98 -36.46 -15.99
N PRO C 246 3.09 -35.47 -16.14
CA PRO C 246 3.44 -34.08 -15.80
C PRO C 246 3.48 -33.88 -14.30
N ARG C 247 4.70 -33.75 -13.75
CA ARG C 247 4.86 -33.55 -12.31
C ARG C 247 5.77 -32.35 -12.04
N THR C 248 6.14 -32.17 -10.77
CA THR C 248 7.07 -31.12 -10.36
C THR C 248 8.26 -31.75 -9.67
N PHE C 249 9.46 -31.30 -10.02
CA PHE C 249 10.70 -31.87 -9.50
C PHE C 249 11.59 -30.77 -8.95
N LEU C 250 12.57 -31.19 -8.15
CA LEU C 250 13.58 -30.30 -7.58
C LEU C 250 14.95 -30.88 -7.89
N LEU C 251 15.58 -30.35 -8.94
CA LEU C 251 16.87 -30.86 -9.39
C LEU C 251 18.01 -30.14 -8.66
N LYS C 252 19.05 -30.90 -8.33
CA LYS C 252 20.23 -30.37 -7.66
C LYS C 252 21.40 -30.39 -8.62
N TYR C 253 21.98 -29.23 -8.88
CA TYR C 253 23.14 -29.09 -9.76
C TYR C 253 24.39 -28.90 -8.91
N ASN C 254 25.46 -29.62 -9.26
CA ASN C 254 26.73 -29.43 -8.59
C ASN C 254 27.46 -28.24 -9.20
N GLU C 255 28.66 -27.96 -8.69
CA GLU C 255 29.44 -26.84 -9.21
C GLU C 255 29.94 -27.08 -10.63
N ASN C 256 29.97 -28.34 -11.09
CA ASN C 256 30.31 -28.62 -12.47
C ASN C 256 29.11 -28.52 -13.41
N GLY C 257 27.91 -28.31 -12.88
CA GLY C 257 26.73 -28.25 -13.72
C GLY C 257 26.11 -29.58 -14.05
N THR C 258 26.38 -30.62 -13.27
CA THR C 258 25.85 -31.96 -13.51
C THR C 258 24.79 -32.27 -12.47
N ILE C 259 23.67 -32.82 -12.91
CA ILE C 259 22.58 -33.17 -11.99
C ILE C 259 22.99 -34.36 -11.15
N THR C 260 23.00 -34.19 -9.83
CA THR C 260 23.39 -35.25 -8.92
C THR C 260 22.26 -35.77 -8.03
N ASP C 261 21.18 -35.00 -7.88
CA ASP C 261 20.08 -35.40 -7.00
C ASP C 261 18.81 -34.71 -7.46
N ALA C 262 17.70 -35.44 -7.40
CA ALA C 262 16.39 -34.91 -7.74
C ALA C 262 15.37 -35.39 -6.71
N VAL C 263 14.33 -34.57 -6.50
CA VAL C 263 13.29 -34.86 -5.53
C VAL C 263 11.94 -34.65 -6.20
N ASP C 264 11.07 -35.65 -6.12
CA ASP C 264 9.71 -35.52 -6.62
C ASP C 264 8.86 -34.81 -5.57
N CYS C 265 8.11 -33.80 -6.00
CA CYS C 265 7.39 -32.96 -5.05
C CYS C 265 6.17 -33.68 -4.47
N ALA C 266 5.42 -34.39 -5.30
CA ALA C 266 4.14 -34.96 -4.89
C ALA C 266 4.25 -36.41 -4.40
N LEU C 267 5.45 -36.84 -4.00
CA LEU C 267 5.61 -38.22 -3.55
C LEU C 267 4.99 -38.43 -2.18
N ASP C 268 5.25 -37.53 -1.24
CA ASP C 268 4.82 -37.70 0.14
C ASP C 268 4.92 -36.34 0.84
N PRO C 269 4.33 -36.21 2.04
CA PRO C 269 4.39 -34.90 2.73
C PRO C 269 5.80 -34.38 2.97
N LEU C 270 6.76 -35.27 3.26
CA LEU C 270 8.13 -34.82 3.44
C LEU C 270 8.69 -34.24 2.15
N SER C 271 8.35 -34.85 1.02
CA SER C 271 8.78 -34.33 -0.27
C SER C 271 8.17 -32.95 -0.54
N GLU C 272 6.90 -32.78 -0.19
CA GLU C 272 6.26 -31.47 -0.35
C GLU C 272 6.93 -30.43 0.53
N THR C 273 7.27 -30.80 1.78
CA THR C 273 7.98 -29.88 2.67
C THR C 273 9.33 -29.49 2.08
N LYS C 274 10.06 -30.46 1.54
CA LYS C 274 11.35 -30.15 0.93
C LYS C 274 11.19 -29.24 -0.28
N CYS C 275 10.17 -29.50 -1.11
CA CYS C 275 9.94 -28.68 -2.29
C CYS C 275 9.56 -27.25 -1.92
N THR C 276 8.76 -27.07 -0.87
CA THR C 276 8.32 -25.73 -0.49
C THR C 276 9.49 -24.87 -0.05
N LEU C 277 10.43 -25.45 0.71
CA LEU C 277 11.55 -24.69 1.23
C LEU C 277 12.71 -24.60 0.24
N LYS C 278 12.62 -25.25 -0.91
CA LYS C 278 13.68 -25.25 -1.92
C LYS C 278 15.01 -25.70 -1.31
N SER C 279 14.94 -26.73 -0.46
CA SER C 279 16.12 -27.23 0.24
C SER C 279 16.06 -28.75 0.31
N PHE C 280 17.19 -29.36 0.67
CA PHE C 280 17.28 -30.80 0.83
C PHE C 280 17.34 -31.23 2.29
N THR C 281 17.56 -30.31 3.22
CA THR C 281 17.60 -30.61 4.64
C THR C 281 16.55 -29.77 5.35
N VAL C 282 15.77 -30.41 6.21
CA VAL C 282 14.65 -29.76 6.90
C VAL C 282 14.91 -29.84 8.39
N GLU C 283 14.79 -28.70 9.07
CA GLU C 283 14.99 -28.62 10.50
C GLU C 283 13.68 -28.93 11.25
N LYS C 284 13.80 -29.15 12.55
CA LYS C 284 12.64 -29.47 13.37
C LYS C 284 11.66 -28.30 13.41
N GLY C 285 10.38 -28.61 13.29
CA GLY C 285 9.34 -27.62 13.35
C GLY C 285 8.09 -28.09 12.63
N ILE C 286 7.16 -27.16 12.45
CA ILE C 286 5.89 -27.41 11.77
C ILE C 286 5.72 -26.37 10.68
N TYR C 287 5.36 -26.83 9.48
CA TYR C 287 5.30 -25.96 8.31
C TYR C 287 3.98 -26.15 7.59
N GLN C 288 3.50 -25.06 6.96
CA GLN C 288 2.28 -25.10 6.16
C GLN C 288 2.65 -25.46 4.72
N THR C 289 1.88 -26.39 4.15
CA THR C 289 2.19 -26.89 2.81
C THR C 289 1.13 -26.52 1.78
N SER C 290 -0.13 -26.88 2.01
CA SER C 290 -1.18 -26.65 1.03
C SER C 290 -2.52 -26.63 1.75
N ASN C 291 -3.61 -26.68 0.99
CA ASN C 291 -4.96 -26.65 1.54
C ASN C 291 -5.78 -27.80 0.96
N PHE C 292 -6.60 -28.40 1.80
CA PHE C 292 -7.52 -29.43 1.34
C PHE C 292 -8.90 -28.84 1.08
N ARG C 293 -9.61 -29.46 0.13
CA ARG C 293 -10.92 -28.97 -0.29
C ARG C 293 -11.78 -30.16 -0.66
N VAL C 294 -12.84 -30.39 0.11
CA VAL C 294 -13.71 -31.55 -0.12
C VAL C 294 -14.43 -31.39 -1.45
N GLN C 295 -14.12 -32.27 -2.40
CA GLN C 295 -14.71 -32.19 -3.71
C GLN C 295 -16.19 -32.57 -3.65
N PRO C 296 -17.05 -31.93 -4.46
CA PRO C 296 -18.44 -32.37 -4.54
C PRO C 296 -18.55 -33.75 -5.15
N THR C 297 -19.58 -34.49 -4.72
CA THR C 297 -19.77 -35.86 -5.17
C THR C 297 -21.00 -36.05 -6.05
N GLU C 298 -22.05 -35.25 -5.88
CA GLU C 298 -23.27 -35.39 -6.66
C GLU C 298 -23.70 -34.00 -7.12
N SER C 299 -24.77 -33.95 -7.92
CA SER C 299 -25.32 -32.68 -8.39
C SER C 299 -26.85 -32.82 -8.37
N ILE C 300 -27.45 -32.39 -7.25
CA ILE C 300 -28.91 -32.39 -7.17
C ILE C 300 -29.47 -31.14 -7.83
N VAL C 301 -30.78 -31.16 -8.05
CA VAL C 301 -31.47 -30.08 -8.75
C VAL C 301 -32.38 -29.30 -7.81
N ARG C 302 -33.32 -29.97 -7.16
CA ARG C 302 -34.38 -29.31 -6.40
C ARG C 302 -35.20 -28.39 -7.29
N PHE C 303 -35.81 -28.97 -8.34
CA PHE C 303 -36.69 -28.24 -9.24
C PHE C 303 -38.02 -28.98 -9.38
N PRO C 304 -38.79 -29.09 -8.30
CA PRO C 304 -40.12 -29.71 -8.38
C PRO C 304 -41.28 -28.73 -8.50
N ASN C 305 -41.01 -27.45 -8.72
CA ASN C 305 -42.05 -26.44 -8.81
C ASN C 305 -42.83 -26.54 -10.12
N ILE C 306 -42.59 -27.62 -10.87
CA ILE C 306 -43.29 -27.83 -12.12
C ILE C 306 -44.78 -27.99 -11.85
N THR C 307 -45.57 -27.06 -12.36
CA THR C 307 -47.02 -27.15 -12.28
C THR C 307 -47.53 -28.05 -13.41
N ASN C 308 -48.84 -28.20 -13.51
CA ASN C 308 -49.40 -29.07 -14.53
C ASN C 308 -49.22 -28.46 -15.92
N LEU C 309 -49.25 -29.33 -16.92
CA LEU C 309 -48.95 -28.93 -18.29
C LEU C 309 -50.17 -28.30 -18.94
N CYS C 310 -50.04 -27.98 -20.22
CA CYS C 310 -51.11 -27.42 -21.04
C CYS C 310 -51.24 -28.23 -22.32
N PRO C 311 -52.44 -28.26 -22.92
CA PRO C 311 -52.66 -29.16 -24.06
C PRO C 311 -51.96 -28.72 -25.34
N PHE C 312 -50.66 -29.01 -25.44
CA PHE C 312 -49.97 -28.84 -26.72
C PHE C 312 -50.40 -29.89 -27.73
N GLY C 313 -50.80 -31.08 -27.25
CA GLY C 313 -51.29 -32.11 -28.13
C GLY C 313 -52.63 -31.78 -28.78
N GLU C 314 -53.36 -30.82 -28.23
CA GLU C 314 -54.58 -30.37 -28.87
C GLU C 314 -54.30 -29.74 -30.23
N VAL C 315 -53.09 -29.23 -30.43
CA VAL C 315 -52.66 -28.74 -31.73
C VAL C 315 -51.76 -29.74 -32.44
N PHE C 316 -50.88 -30.40 -31.70
CA PHE C 316 -49.95 -31.36 -32.31
C PHE C 316 -50.70 -32.53 -32.93
N ASN C 317 -51.69 -33.07 -32.23
CA ASN C 317 -52.44 -34.21 -32.73
C ASN C 317 -53.93 -33.88 -32.84
N ALA C 318 -54.23 -32.72 -33.40
CA ALA C 318 -55.61 -32.28 -33.53
C ALA C 318 -56.35 -33.11 -34.57
N THR C 319 -57.67 -33.21 -34.40
CA THR C 319 -58.50 -33.84 -35.41
C THR C 319 -58.68 -32.93 -36.62
N ARG C 320 -58.62 -31.62 -36.43
CA ARG C 320 -58.77 -30.64 -37.49
C ARG C 320 -57.57 -29.72 -37.53
N PHE C 321 -57.05 -29.47 -38.73
CA PHE C 321 -55.93 -28.57 -38.95
C PHE C 321 -56.34 -27.49 -39.94
N ALA C 322 -55.83 -26.28 -39.71
CA ALA C 322 -56.13 -25.16 -40.59
C ALA C 322 -55.21 -25.17 -41.81
N SER C 323 -55.59 -24.39 -42.81
CA SER C 323 -54.79 -24.26 -44.02
C SER C 323 -53.53 -23.44 -43.75
N VAL C 324 -52.56 -23.55 -44.66
CA VAL C 324 -51.29 -22.86 -44.47
C VAL C 324 -51.47 -21.35 -44.60
N TYR C 325 -52.35 -20.91 -45.51
CA TYR C 325 -52.59 -19.48 -45.67
C TYR C 325 -53.41 -18.92 -44.52
N ALA C 326 -54.07 -19.77 -43.74
CA ALA C 326 -54.85 -19.39 -42.58
C ALA C 326 -54.40 -20.17 -41.35
N TRP C 327 -53.08 -20.21 -41.15
CA TRP C 327 -52.50 -21.02 -40.08
C TRP C 327 -53.05 -20.61 -38.71
N ASN C 328 -53.43 -21.60 -37.92
CA ASN C 328 -53.94 -21.34 -36.58
C ASN C 328 -52.84 -20.79 -35.68
N ARG C 329 -53.24 -19.95 -34.74
CA ARG C 329 -52.31 -19.36 -33.76
C ARG C 329 -52.96 -19.49 -32.38
N LYS C 330 -52.58 -20.52 -31.64
CA LYS C 330 -53.09 -20.75 -30.30
C LYS C 330 -52.22 -20.02 -29.29
N ARG C 331 -52.79 -19.04 -28.61
CA ARG C 331 -52.07 -18.23 -27.64
C ARG C 331 -51.93 -19.04 -26.35
N ILE C 332 -50.79 -19.71 -26.19
CA ILE C 332 -50.52 -20.53 -25.01
C ILE C 332 -49.80 -19.68 -23.99
N SER C 333 -50.33 -19.64 -22.77
CA SER C 333 -49.73 -18.87 -21.69
C SER C 333 -50.20 -19.43 -20.36
N ASN C 334 -49.41 -19.17 -19.32
CA ASN C 334 -49.72 -19.58 -17.94
C ASN C 334 -49.94 -21.08 -17.86
N CYS C 335 -48.90 -21.84 -18.21
CA CYS C 335 -48.96 -23.29 -18.23
C CYS C 335 -47.54 -23.83 -18.22
N VAL C 336 -47.41 -25.14 -18.44
CA VAL C 336 -46.12 -25.81 -18.56
C VAL C 336 -46.08 -26.50 -19.92
N ALA C 337 -45.07 -26.19 -20.72
CA ALA C 337 -44.90 -26.74 -22.06
C ALA C 337 -43.95 -27.93 -21.98
N ASP C 338 -44.51 -29.14 -21.97
CA ASP C 338 -43.73 -30.37 -21.91
C ASP C 338 -43.07 -30.57 -23.28
N TYR C 339 -41.93 -29.91 -23.46
CA TYR C 339 -41.29 -29.87 -24.77
C TYR C 339 -40.75 -31.23 -25.19
N SER C 340 -40.00 -31.89 -24.29
CA SER C 340 -39.30 -33.11 -24.65
C SER C 340 -40.25 -34.21 -25.11
N VAL C 341 -41.43 -34.29 -24.48
CA VAL C 341 -42.42 -35.27 -24.91
C VAL C 341 -42.87 -35.00 -26.33
N LEU C 342 -43.12 -33.73 -26.65
CA LEU C 342 -43.53 -33.37 -28.01
C LEU C 342 -42.43 -33.69 -29.02
N TYR C 343 -41.17 -33.42 -28.66
CA TYR C 343 -40.08 -33.70 -29.59
C TYR C 343 -39.77 -35.18 -29.69
N ASN C 344 -39.99 -35.94 -28.62
CA ASN C 344 -39.86 -37.38 -28.63
C ASN C 344 -41.14 -38.09 -29.07
N SER C 345 -42.18 -37.33 -29.42
CA SER C 345 -43.44 -37.92 -29.83
C SER C 345 -43.27 -38.70 -31.13
N ALA C 346 -43.94 -39.86 -31.19
CA ALA C 346 -43.88 -40.70 -32.38
C ALA C 346 -44.85 -40.18 -33.45
N SER C 347 -44.90 -40.91 -34.57
CA SER C 347 -45.75 -40.55 -35.70
C SER C 347 -45.40 -39.18 -36.26
N PHE C 348 -44.15 -38.76 -36.13
CA PHE C 348 -43.67 -37.50 -36.67
C PHE C 348 -42.41 -37.75 -37.49
N SER C 349 -42.30 -37.04 -38.61
CA SER C 349 -41.15 -37.22 -39.50
C SER C 349 -39.98 -36.32 -39.12
N THR C 350 -40.23 -35.16 -38.53
CA THR C 350 -39.16 -34.23 -38.18
C THR C 350 -39.61 -33.38 -37.01
N PHE C 351 -38.65 -33.05 -36.14
CA PHE C 351 -38.86 -32.12 -35.04
C PHE C 351 -37.67 -31.18 -34.90
N LYS C 352 -37.13 -30.73 -36.04
CA LYS C 352 -35.93 -29.91 -36.04
C LYS C 352 -36.20 -28.56 -35.38
N CYS C 353 -35.28 -28.16 -34.51
CA CYS C 353 -35.34 -26.89 -33.81
C CYS C 353 -34.16 -26.02 -34.21
N TYR C 354 -34.44 -24.77 -34.58
CA TYR C 354 -33.44 -23.86 -35.11
C TYR C 354 -32.99 -22.89 -34.01
N GLY C 355 -31.68 -22.82 -33.80
CA GLY C 355 -31.11 -21.99 -32.75
C GLY C 355 -31.14 -22.63 -31.38
N VAL C 356 -31.74 -23.80 -31.25
CA VAL C 356 -31.92 -24.49 -29.98
C VAL C 356 -31.92 -25.99 -30.25
N SER C 357 -31.98 -26.78 -29.16
CA SER C 357 -32.04 -28.22 -29.19
C SER C 357 -33.35 -28.69 -28.55
N PRO C 358 -33.95 -29.78 -29.06
CA PRO C 358 -35.25 -30.22 -28.54
C PRO C 358 -35.27 -30.47 -27.03
N THR C 359 -34.31 -31.23 -26.51
CA THR C 359 -34.26 -31.50 -25.08
C THR C 359 -33.68 -30.34 -24.27
N LYS C 360 -33.00 -29.42 -24.94
CA LYS C 360 -32.50 -28.23 -24.25
C LYS C 360 -33.64 -27.30 -23.86
N LEU C 361 -34.75 -27.33 -24.60
CA LEU C 361 -35.86 -26.43 -24.33
C LEU C 361 -36.59 -26.76 -23.02
N ASN C 362 -36.38 -27.95 -22.48
CA ASN C 362 -37.00 -28.31 -21.20
C ASN C 362 -36.48 -27.47 -20.05
N ASP C 363 -35.31 -26.85 -20.20
CA ASP C 363 -34.76 -25.96 -19.19
C ASP C 363 -34.88 -24.49 -19.55
N LEU C 364 -35.64 -24.17 -20.60
CA LEU C 364 -35.80 -22.80 -21.05
C LEU C 364 -37.24 -22.33 -20.87
N CYS C 365 -37.39 -21.01 -20.77
CA CYS C 365 -38.69 -20.37 -20.62
C CYS C 365 -38.80 -19.21 -21.61
N PHE C 366 -40.03 -18.97 -22.07
CA PHE C 366 -40.28 -17.98 -23.10
C PHE C 366 -41.41 -17.05 -22.68
N THR C 367 -41.49 -15.90 -23.36
CA THR C 367 -42.52 -14.91 -23.05
C THR C 367 -43.91 -15.41 -23.43
N ASN C 368 -44.06 -15.92 -24.66
CA ASN C 368 -45.36 -16.35 -25.15
C ASN C 368 -45.15 -17.34 -26.28
N VAL C 369 -45.70 -18.54 -26.13
CA VAL C 369 -45.59 -19.61 -27.12
C VAL C 369 -46.90 -19.72 -27.87
N TYR C 370 -46.82 -19.78 -29.20
CA TYR C 370 -47.98 -19.91 -30.06
C TYR C 370 -47.87 -21.20 -30.86
N ALA C 371 -48.93 -22.01 -30.84
CA ALA C 371 -48.96 -23.29 -31.54
C ALA C 371 -49.48 -23.03 -32.96
N ASP C 372 -48.55 -22.96 -33.92
CA ASP C 372 -48.90 -22.69 -35.31
C ASP C 372 -49.22 -23.99 -36.02
N SER C 373 -50.46 -24.14 -36.45
CA SER C 373 -50.95 -25.36 -37.09
C SER C 373 -51.30 -25.05 -38.54
N PHE C 374 -50.72 -25.82 -39.46
CA PHE C 374 -51.01 -25.66 -40.88
C PHE C 374 -50.63 -26.95 -41.61
N VAL C 375 -51.18 -27.09 -42.81
CA VAL C 375 -50.99 -28.29 -43.63
C VAL C 375 -50.35 -27.89 -44.95
N ILE C 376 -49.28 -28.60 -45.33
CA ILE C 376 -48.58 -28.40 -46.59
C ILE C 376 -48.20 -29.76 -47.14
N ARG C 377 -47.52 -29.75 -48.30
CA ARG C 377 -46.97 -30.95 -48.88
C ARG C 377 -45.68 -31.34 -48.18
N GLY C 378 -45.22 -32.57 -48.45
CA GLY C 378 -44.00 -33.04 -47.83
C GLY C 378 -42.76 -32.30 -48.30
N ASP C 379 -42.69 -31.99 -49.59
CA ASP C 379 -41.51 -31.32 -50.14
C ASP C 379 -41.36 -29.90 -49.62
N GLU C 380 -42.44 -29.27 -49.17
CA GLU C 380 -42.42 -27.86 -48.77
C GLU C 380 -42.13 -27.68 -47.28
N VAL C 381 -41.95 -28.77 -46.52
CA VAL C 381 -41.65 -28.64 -45.09
C VAL C 381 -40.26 -28.02 -44.89
N ARG C 382 -39.36 -28.20 -45.86
CA ARG C 382 -38.01 -27.65 -45.74
C ARG C 382 -38.03 -26.13 -45.67
N GLN C 383 -39.05 -25.48 -46.24
CA GLN C 383 -39.10 -24.03 -46.28
C GLN C 383 -39.43 -23.40 -44.93
N ILE C 384 -39.84 -24.19 -43.95
CA ILE C 384 -40.22 -23.67 -42.64
C ILE C 384 -38.95 -23.63 -41.80
N ALA C 385 -38.20 -22.54 -41.93
CA ALA C 385 -36.98 -22.31 -41.16
C ALA C 385 -36.65 -20.83 -41.23
N PRO C 386 -35.90 -20.31 -40.25
CA PRO C 386 -35.52 -18.89 -40.31
C PRO C 386 -34.70 -18.58 -41.56
N GLY C 387 -34.99 -17.43 -42.16
CA GLY C 387 -34.27 -17.01 -43.35
C GLY C 387 -34.47 -17.89 -44.56
N GLN C 388 -35.70 -18.35 -44.81
CA GLN C 388 -36.01 -19.20 -45.95
C GLN C 388 -37.09 -18.55 -46.80
N THR C 389 -36.90 -18.61 -48.12
CA THR C 389 -37.83 -18.05 -49.09
C THR C 389 -38.59 -19.17 -49.79
N GLY C 390 -39.49 -18.77 -50.69
CA GLY C 390 -40.30 -19.72 -51.42
C GLY C 390 -41.76 -19.31 -51.50
N LYS C 391 -42.60 -20.14 -52.11
CA LYS C 391 -44.01 -19.83 -52.22
C LYS C 391 -44.67 -19.78 -50.84
N ILE C 392 -44.70 -20.91 -50.14
CA ILE C 392 -45.36 -20.97 -48.84
C ILE C 392 -44.58 -20.22 -47.77
N ALA C 393 -43.27 -20.06 -47.96
CA ALA C 393 -42.48 -19.34 -46.96
C ALA C 393 -42.80 -17.85 -46.97
N ASP C 394 -42.93 -17.26 -48.16
CA ASP C 394 -43.12 -15.82 -48.28
C ASP C 394 -44.59 -15.41 -48.40
N TYR C 395 -45.48 -16.32 -48.78
CA TYR C 395 -46.87 -15.97 -49.03
C TYR C 395 -47.86 -16.60 -48.06
N ASN C 396 -47.44 -17.57 -47.25
CA ASN C 396 -48.35 -18.27 -46.36
C ASN C 396 -47.99 -18.09 -44.89
N TYR C 397 -46.73 -18.31 -44.53
CA TYR C 397 -46.31 -18.24 -43.13
C TYR C 397 -44.82 -17.98 -43.10
N LYS C 398 -44.42 -16.80 -42.66
CA LYS C 398 -43.03 -16.37 -42.70
C LYS C 398 -42.50 -16.19 -41.28
N LEU C 399 -41.32 -16.76 -41.02
CA LEU C 399 -40.56 -16.65 -39.79
C LEU C 399 -39.40 -15.68 -39.97
N PRO C 400 -39.09 -14.88 -38.96
CA PRO C 400 -37.99 -13.92 -39.10
C PRO C 400 -36.64 -14.61 -39.20
N ASP C 401 -35.65 -13.84 -39.64
CA ASP C 401 -34.30 -14.38 -39.79
C ASP C 401 -33.71 -14.79 -38.44
N ASP C 402 -34.18 -14.18 -37.34
CA ASP C 402 -33.74 -14.52 -35.99
C ASP C 402 -34.77 -15.34 -35.24
N PHE C 403 -35.65 -16.03 -35.97
CA PHE C 403 -36.70 -16.82 -35.33
C PHE C 403 -36.10 -17.95 -34.50
N THR C 404 -36.60 -18.09 -33.27
CA THR C 404 -36.22 -19.18 -32.38
C THR C 404 -37.44 -20.03 -32.11
N GLY C 405 -37.34 -21.33 -32.37
CA GLY C 405 -38.47 -22.21 -32.20
C GLY C 405 -38.21 -23.56 -32.85
N CYS C 406 -39.29 -24.30 -33.07
CA CYS C 406 -39.19 -25.65 -33.61
C CYS C 406 -40.25 -25.85 -34.68
N VAL C 407 -39.90 -26.67 -35.67
CA VAL C 407 -40.81 -27.03 -36.77
C VAL C 407 -41.00 -28.54 -36.71
N ILE C 408 -42.24 -28.97 -36.49
CA ILE C 408 -42.58 -30.38 -36.40
C ILE C 408 -43.73 -30.66 -37.36
N ALA C 409 -43.55 -31.67 -38.21
CA ALA C 409 -44.50 -31.99 -39.26
C ALA C 409 -45.11 -33.37 -39.03
N TRP C 410 -46.42 -33.47 -39.23
CA TRP C 410 -47.17 -34.71 -39.05
C TRP C 410 -47.67 -35.17 -40.42
N ASN C 411 -47.24 -36.35 -40.83
CA ASN C 411 -47.69 -36.92 -42.11
C ASN C 411 -49.11 -37.45 -41.96
N SER C 412 -50.06 -36.75 -42.56
CA SER C 412 -51.46 -37.16 -42.47
C SER C 412 -51.99 -37.60 -43.83
N TYR C 482 -48.91 -32.64 -45.15
CA TYR C 482 -48.18 -32.73 -43.88
C TYR C 482 -48.74 -31.75 -42.85
N ARG C 483 -49.17 -32.27 -41.71
CA ARG C 483 -49.77 -31.46 -40.65
C ARG C 483 -48.65 -30.91 -39.78
N VAL C 484 -48.08 -29.79 -40.22
CA VAL C 484 -46.92 -29.20 -39.56
C VAL C 484 -47.39 -28.37 -38.37
N VAL C 485 -46.78 -28.61 -37.21
CA VAL C 485 -47.03 -27.84 -36.01
C VAL C 485 -45.72 -27.15 -35.63
N VAL C 486 -45.73 -25.82 -35.66
CA VAL C 486 -44.53 -25.03 -35.40
C VAL C 486 -44.72 -24.29 -34.08
N LEU C 487 -43.77 -24.50 -33.16
CA LEU C 487 -43.78 -23.82 -31.86
C LEU C 487 -43.01 -22.51 -32.01
N SER C 488 -43.73 -21.45 -32.34
CA SER C 488 -43.15 -20.13 -32.54
C SER C 488 -43.39 -19.28 -31.30
N PHE C 489 -42.32 -18.89 -30.61
CA PHE C 489 -42.41 -18.04 -29.43
C PHE C 489 -41.69 -16.73 -29.68
N GLU C 490 -42.22 -15.67 -29.07
CA GLU C 490 -41.67 -14.33 -29.20
C GLU C 490 -41.16 -13.86 -27.83
N LEU C 491 -40.18 -12.97 -27.86
CA LEU C 491 -39.54 -12.46 -26.66
C LEU C 491 -39.89 -10.98 -26.50
N LEU C 492 -40.07 -10.56 -25.25
CA LEU C 492 -40.37 -9.18 -24.88
C LEU C 492 -41.79 -8.79 -25.31
N HIS C 493 -42.46 -7.97 -24.51
CA HIS C 493 -41.95 -7.39 -23.28
C HIS C 493 -42.86 -7.67 -22.08
N ALA C 494 -42.27 -8.27 -21.03
CA ALA C 494 -42.74 -8.55 -19.67
C ALA C 494 -42.99 -10.03 -19.41
N PRO C 495 -43.89 -10.71 -20.13
CA PRO C 495 -44.28 -12.07 -19.71
C PRO C 495 -43.14 -13.06 -19.78
N ALA C 496 -43.20 -14.04 -18.88
CA ALA C 496 -42.36 -15.24 -18.92
C ALA C 496 -43.22 -16.44 -18.53
N THR C 497 -44.42 -16.51 -19.11
CA THR C 497 -45.47 -17.39 -18.63
C THR C 497 -45.43 -18.80 -19.22
N VAL C 498 -44.59 -19.06 -20.21
CA VAL C 498 -44.48 -20.39 -20.83
C VAL C 498 -43.04 -20.85 -20.70
N CYS C 499 -42.84 -21.91 -19.92
CA CYS C 499 -41.52 -22.49 -19.68
C CYS C 499 -41.59 -24.01 -19.76
N GLY C 500 -40.48 -24.62 -20.14
CA GLY C 500 -40.36 -26.06 -20.15
C GLY C 500 -40.07 -26.60 -18.77
N PRO C 501 -40.47 -27.84 -18.50
CA PRO C 501 -40.24 -28.44 -17.18
C PRO C 501 -38.81 -28.98 -17.08
N LYS C 502 -38.07 -28.49 -16.08
CA LYS C 502 -36.72 -28.98 -15.83
C LYS C 502 -36.79 -30.24 -14.98
N LYS C 503 -36.05 -31.26 -15.41
CA LYS C 503 -36.01 -32.52 -14.67
C LYS C 503 -35.33 -32.31 -13.32
N SER C 504 -35.92 -32.90 -12.28
CA SER C 504 -35.41 -32.77 -10.91
C SER C 504 -35.06 -34.15 -10.38
N THR C 505 -33.91 -34.23 -9.73
CA THR C 505 -33.44 -35.46 -9.11
C THR C 505 -33.79 -35.47 -7.63
N ASN C 506 -33.32 -36.50 -6.92
CA ASN C 506 -33.60 -36.62 -5.50
C ASN C 506 -32.81 -35.58 -4.71
N LEU C 507 -33.07 -35.54 -3.41
CA LEU C 507 -32.39 -34.62 -2.50
C LEU C 507 -31.38 -35.40 -1.67
N VAL C 508 -30.15 -34.90 -1.62
CA VAL C 508 -29.05 -35.54 -0.89
C VAL C 508 -28.78 -34.72 0.36
N LYS C 509 -28.70 -35.40 1.50
CA LYS C 509 -28.52 -34.74 2.79
C LYS C 509 -27.17 -35.13 3.39
N ASN C 510 -26.58 -34.20 4.13
CA ASN C 510 -25.33 -34.41 4.86
C ASN C 510 -24.17 -34.78 3.95
N LYS C 511 -24.18 -34.26 2.72
CA LYS C 511 -23.09 -34.51 1.78
C LYS C 511 -22.85 -33.25 0.96
N CYS C 512 -21.61 -33.11 0.49
CA CYS C 512 -21.22 -31.95 -0.32
C CYS C 512 -21.57 -32.21 -1.78
N VAL C 513 -22.63 -31.57 -2.26
CA VAL C 513 -23.15 -31.77 -3.60
C VAL C 513 -23.29 -30.42 -4.28
N ASN C 514 -23.83 -30.44 -5.50
CA ASN C 514 -24.05 -29.24 -6.29
C ASN C 514 -25.52 -28.85 -6.24
N PHE C 515 -25.79 -27.59 -5.92
CA PHE C 515 -27.13 -27.07 -5.83
C PHE C 515 -27.43 -26.24 -7.08
N ASN C 516 -28.49 -26.60 -7.80
CA ASN C 516 -29.02 -25.77 -8.89
C ASN C 516 -30.52 -25.66 -8.67
N PHE C 517 -30.93 -24.76 -7.78
CA PHE C 517 -32.30 -24.62 -7.36
C PHE C 517 -32.93 -23.44 -8.11
N ASN C 518 -33.95 -23.74 -8.92
CA ASN C 518 -34.61 -22.73 -9.74
C ASN C 518 -33.58 -21.97 -10.56
N GLY C 519 -33.17 -20.80 -10.06
CA GLY C 519 -32.11 -20.04 -10.69
C GLY C 519 -30.84 -20.01 -9.87
N LEU C 520 -30.96 -20.29 -8.56
CA LEU C 520 -29.81 -20.26 -7.67
C LEU C 520 -28.88 -21.43 -7.97
N THR C 521 -27.57 -21.17 -7.85
CA THR C 521 -26.56 -22.19 -8.05
C THR C 521 -25.53 -22.10 -6.94
N GLY C 522 -25.04 -23.26 -6.50
CA GLY C 522 -24.03 -23.30 -5.47
C GLY C 522 -23.72 -24.74 -5.08
N THR C 523 -22.76 -24.85 -4.16
CA THR C 523 -22.37 -26.13 -3.60
C THR C 523 -22.33 -26.04 -2.08
N GLY C 524 -22.60 -27.15 -1.42
CA GLY C 524 -22.57 -27.17 0.03
C GLY C 524 -23.23 -28.42 0.58
N VAL C 525 -23.56 -28.35 1.87
CA VAL C 525 -24.16 -29.46 2.60
C VAL C 525 -25.62 -29.10 2.87
N LEU C 526 -26.53 -30.00 2.48
CA LEU C 526 -27.96 -29.77 2.59
C LEU C 526 -28.52 -30.55 3.78
N THR C 527 -29.19 -29.86 4.68
CA THR C 527 -29.80 -30.48 5.85
C THR C 527 -31.20 -29.91 6.03
N GLU C 528 -31.82 -30.20 7.16
CA GLU C 528 -33.11 -29.64 7.51
C GLU C 528 -32.94 -28.33 8.27
N SER C 529 -34.02 -27.55 8.33
CA SER C 529 -33.99 -26.23 8.94
C SER C 529 -35.11 -26.11 9.97
N ASN C 530 -34.81 -25.40 11.06
CA ASN C 530 -35.78 -25.13 12.12
C ASN C 530 -36.36 -23.73 12.05
N LYS C 531 -36.00 -22.94 11.05
CA LYS C 531 -36.47 -21.57 10.93
C LYS C 531 -37.89 -21.54 10.36
N LYS C 532 -38.34 -20.35 9.97
CA LYS C 532 -39.64 -20.15 9.33
C LYS C 532 -39.44 -19.46 7.99
N PHE C 533 -40.53 -19.30 7.25
CA PHE C 533 -40.50 -18.62 5.96
C PHE C 533 -41.91 -18.17 5.62
N LEU C 534 -42.01 -16.97 5.05
CA LEU C 534 -43.30 -16.49 4.57
C LEU C 534 -43.68 -17.20 3.27
N PRO C 535 -44.97 -17.36 3.00
CA PRO C 535 -45.39 -18.13 1.81
C PRO C 535 -44.79 -17.61 0.50
N PHE C 536 -44.69 -16.29 0.34
CA PHE C 536 -44.08 -15.74 -0.87
C PHE C 536 -42.57 -15.76 -0.83
N GLN C 537 -41.96 -15.96 0.34
CA GLN C 537 -40.51 -15.97 0.46
C GLN C 537 -39.95 -17.28 -0.07
N GLN C 538 -38.92 -17.19 -0.91
CA GLN C 538 -38.33 -18.37 -1.53
C GLN C 538 -37.07 -18.86 -0.84
N PHE C 539 -36.26 -17.97 -0.28
CA PHE C 539 -35.03 -18.37 0.39
C PHE C 539 -34.60 -17.25 1.32
N GLY C 540 -33.62 -17.57 2.17
CA GLY C 540 -33.11 -16.64 3.14
C GLY C 540 -31.67 -16.23 2.85
N ARG C 541 -31.19 -15.26 3.62
CA ARG C 541 -29.84 -14.75 3.46
C ARG C 541 -29.29 -14.35 4.83
N ASP C 542 -27.97 -14.21 4.89
CA ASP C 542 -27.27 -13.91 6.14
C ASP C 542 -26.89 -12.43 6.18
N ILE C 543 -26.19 -12.05 7.26
CA ILE C 543 -25.77 -10.66 7.42
C ILE C 543 -24.73 -10.26 6.38
N ALA C 544 -24.09 -11.22 5.73
CA ALA C 544 -23.14 -10.96 4.67
C ALA C 544 -23.78 -10.97 3.29
N ASP C 545 -25.11 -11.04 3.23
CA ASP C 545 -25.86 -11.10 1.98
C ASP C 545 -25.43 -12.30 1.13
N THR C 546 -25.37 -13.46 1.77
CA THR C 546 -25.08 -14.72 1.11
C THR C 546 -26.19 -15.71 1.41
N THR C 547 -26.42 -16.63 0.48
CA THR C 547 -27.48 -17.62 0.64
C THR C 547 -27.24 -18.47 1.87
N ASP C 548 -28.28 -18.63 2.68
CA ASP C 548 -28.18 -19.39 3.93
C ASP C 548 -29.22 -20.47 4.10
N ALA C 549 -30.35 -20.41 3.40
CA ALA C 549 -31.38 -21.43 3.50
C ALA C 549 -32.23 -21.41 2.25
N VAL C 550 -32.70 -22.59 1.85
CA VAL C 550 -33.52 -22.74 0.64
C VAL C 550 -34.68 -23.68 0.97
N ARG C 551 -35.87 -23.32 0.49
CA ARG C 551 -37.04 -24.16 0.66
C ARG C 551 -37.25 -25.03 -0.58
N ASP C 552 -37.81 -26.21 -0.35
CA ASP C 552 -38.10 -27.12 -1.45
C ASP C 552 -39.48 -26.81 -2.03
N PRO C 553 -39.59 -26.53 -3.33
CA PRO C 553 -40.90 -26.17 -3.90
C PRO C 553 -41.98 -27.24 -3.73
N GLN C 554 -41.63 -28.52 -3.77
CA GLN C 554 -42.64 -29.55 -3.61
C GLN C 554 -43.01 -29.74 -2.15
N THR C 555 -42.05 -30.14 -1.33
CA THR C 555 -42.24 -30.22 0.11
C THR C 555 -41.80 -28.87 0.69
N LEU C 556 -42.78 -28.02 1.00
CA LEU C 556 -42.48 -26.64 1.36
C LEU C 556 -41.82 -26.55 2.72
N GLU C 557 -40.61 -27.08 2.83
CA GLU C 557 -39.80 -26.98 4.03
C GLU C 557 -38.42 -26.46 3.65
N ILE C 558 -37.85 -25.66 4.53
CA ILE C 558 -36.61 -24.97 4.26
C ILE C 558 -35.43 -25.86 4.60
N LEU C 559 -34.32 -25.66 3.89
CA LEU C 559 -33.12 -26.47 4.05
C LEU C 559 -31.90 -25.56 4.21
N ASP C 560 -31.03 -25.92 5.15
CA ASP C 560 -29.81 -25.15 5.39
C ASP C 560 -28.76 -25.46 4.33
N ILE C 561 -27.82 -24.53 4.19
CA ILE C 561 -26.68 -24.69 3.29
C ILE C 561 -25.41 -24.40 4.08
N THR C 562 -24.48 -25.36 4.07
CA THR C 562 -23.19 -25.20 4.73
C THR C 562 -22.10 -25.50 3.71
N PRO C 563 -21.16 -24.58 3.50
CA PRO C 563 -20.14 -24.80 2.47
C PRO C 563 -19.27 -26.01 2.79
N CYS C 564 -18.81 -26.67 1.72
CA CYS C 564 -17.96 -27.84 1.88
C CYS C 564 -16.67 -27.45 2.58
N SER C 565 -16.21 -28.33 3.47
CA SER C 565 -15.13 -27.98 4.39
C SER C 565 -13.83 -27.69 3.65
N PHE C 566 -13.08 -26.72 4.17
CA PHE C 566 -11.79 -26.33 3.63
C PHE C 566 -10.83 -26.12 4.80
N GLY C 567 -9.62 -25.70 4.48
CA GLY C 567 -8.60 -25.42 5.47
C GLY C 567 -7.23 -25.86 4.99
N GLY C 568 -6.21 -25.19 5.50
CA GLY C 568 -4.86 -25.54 5.14
C GLY C 568 -4.34 -26.75 5.89
N VAL C 569 -3.28 -27.35 5.36
CA VAL C 569 -2.63 -28.48 5.99
C VAL C 569 -1.28 -28.03 6.52
N SER C 570 -0.84 -28.69 7.59
CA SER C 570 0.45 -28.40 8.21
C SER C 570 1.18 -29.70 8.45
N VAL C 571 2.47 -29.73 8.13
CA VAL C 571 3.31 -30.92 8.28
C VAL C 571 4.23 -30.70 9.47
N ILE C 572 4.11 -31.56 10.47
CA ILE C 572 4.99 -31.53 11.63
C ILE C 572 6.11 -32.54 11.39
N THR C 573 7.35 -32.07 11.42
CA THR C 573 8.48 -32.91 11.11
C THR C 573 9.60 -32.71 12.13
N PRO C 574 10.38 -33.74 12.40
CA PRO C 574 11.62 -33.56 13.16
C PRO C 574 12.77 -33.22 12.22
N GLY C 575 13.93 -32.97 12.82
CA GLY C 575 15.12 -32.78 12.03
C GLY C 575 15.42 -34.01 11.19
N THR C 576 15.76 -33.79 9.92
CA THR C 576 16.08 -34.93 9.05
C THR C 576 17.35 -35.63 9.50
N ASN C 577 18.12 -35.01 10.39
CA ASN C 577 19.31 -35.65 10.95
C ASN C 577 18.99 -36.93 11.70
N THR C 578 17.79 -37.05 12.25
CA THR C 578 17.44 -38.16 13.13
C THR C 578 16.39 -39.10 12.55
N SER C 579 15.47 -38.63 11.74
CA SER C 579 14.40 -39.48 11.23
C SER C 579 13.80 -38.85 9.97
N ASN C 580 13.01 -39.66 9.26
CA ASN C 580 12.24 -39.22 8.11
C ASN C 580 10.76 -39.54 8.29
N GLN C 581 10.29 -39.57 9.53
CA GLN C 581 8.91 -39.90 9.86
C GLN C 581 8.21 -38.62 10.32
N VAL C 582 7.05 -38.34 9.73
CA VAL C 582 6.35 -37.08 9.96
C VAL C 582 4.89 -37.35 10.30
N ALA C 583 4.25 -36.32 10.87
CA ALA C 583 2.84 -36.34 11.20
C ALA C 583 2.19 -35.06 10.67
N VAL C 584 0.95 -35.18 10.24
CA VAL C 584 0.25 -34.07 9.58
C VAL C 584 -0.98 -33.68 10.37
N LEU C 585 -1.27 -32.39 10.37
CA LEU C 585 -2.48 -31.81 10.95
C LEU C 585 -3.04 -30.81 9.96
N TYR C 586 -4.37 -30.70 9.90
CA TYR C 586 -4.96 -29.90 8.84
C TYR C 586 -6.29 -29.29 9.26
N GLN C 587 -6.50 -28.04 8.82
CA GLN C 587 -7.82 -27.46 8.60
C GLN C 587 -8.60 -27.15 9.88
N GLY C 588 -8.10 -27.58 11.04
CA GLY C 588 -8.92 -27.49 12.22
C GLY C 588 -10.23 -28.23 12.10
N VAL C 589 -10.26 -29.31 11.32
CA VAL C 589 -11.48 -30.05 11.05
C VAL C 589 -11.62 -31.16 12.08
N ASN C 590 -12.81 -31.26 12.69
CA ASN C 590 -13.05 -32.22 13.74
C ASN C 590 -13.02 -33.65 13.19
N CYS C 591 -12.56 -34.59 14.02
CA CYS C 591 -12.49 -35.98 13.58
C CYS C 591 -13.85 -36.67 13.60
N THR C 592 -14.88 -36.00 14.11
CA THR C 592 -16.23 -36.41 13.77
C THR C 592 -16.64 -35.91 12.39
N GLU C 593 -15.79 -35.12 11.74
CA GLU C 593 -16.00 -34.65 10.38
C GLU C 593 -14.95 -35.17 9.41
N VAL C 594 -13.95 -35.93 9.87
CA VAL C 594 -12.96 -36.48 8.96
C VAL C 594 -13.59 -37.54 8.06
N PRO C 595 -14.69 -38.22 8.43
CA PRO C 595 -15.40 -38.97 7.39
C PRO C 595 -15.87 -38.10 6.24
N VAL C 596 -16.26 -36.86 6.53
CA VAL C 596 -16.50 -35.90 5.46
C VAL C 596 -15.19 -35.51 4.79
N ALA C 597 -14.12 -35.37 5.58
CA ALA C 597 -12.81 -35.03 5.05
C ALA C 597 -12.09 -36.26 4.50
N ASN C 615 -3.02 -44.27 12.83
CA ASN C 615 -3.24 -43.60 14.10
C ASN C 615 -3.96 -42.26 13.90
N VAL C 616 -5.22 -42.22 14.31
CA VAL C 616 -6.09 -41.07 14.10
C VAL C 616 -6.50 -40.53 15.46
N PHE C 617 -6.32 -39.22 15.67
CA PHE C 617 -6.71 -38.56 16.91
C PHE C 617 -7.37 -37.23 16.59
N GLN C 618 -8.22 -36.78 17.51
CA GLN C 618 -8.90 -35.50 17.40
C GLN C 618 -8.40 -34.56 18.47
N THR C 619 -8.05 -33.34 18.07
CA THR C 619 -7.70 -32.28 19.00
C THR C 619 -8.47 -31.02 18.60
N ARG C 620 -8.36 -29.99 19.44
CA ARG C 620 -9.08 -28.75 19.19
C ARG C 620 -8.61 -28.04 17.93
N ALA C 621 -7.43 -28.40 17.41
CA ALA C 621 -6.87 -27.77 16.23
C ALA C 621 -7.02 -28.62 14.98
N GLY C 622 -7.82 -29.68 15.03
CA GLY C 622 -8.09 -30.52 13.88
C GLY C 622 -7.55 -31.93 14.06
N CYS C 623 -7.85 -32.76 13.07
CA CYS C 623 -7.42 -34.16 13.11
C CYS C 623 -5.91 -34.26 12.98
N LEU C 624 -5.31 -35.18 13.74
CA LEU C 624 -3.88 -35.43 13.72
C LEU C 624 -3.64 -36.85 13.22
N ILE C 625 -2.72 -37.00 12.27
CA ILE C 625 -2.47 -38.27 11.61
C ILE C 625 -1.04 -38.68 11.90
N GLY C 626 -0.86 -39.91 12.37
CA GLY C 626 0.46 -40.47 12.56
C GLY C 626 1.16 -40.11 13.85
N ALA C 627 0.41 -39.83 14.92
CA ALA C 627 1.00 -39.50 16.21
C ALA C 627 0.33 -40.33 17.29
N GLU C 628 1.12 -40.69 18.30
CA GLU C 628 0.66 -41.50 19.43
C GLU C 628 0.29 -40.56 20.58
N HIS C 629 -0.95 -40.64 21.03
CA HIS C 629 -1.45 -39.75 22.07
C HIS C 629 -1.13 -40.31 23.45
N VAL C 630 -0.50 -39.49 24.28
CA VAL C 630 -0.26 -39.82 25.67
C VAL C 630 -0.92 -38.76 26.53
N ASN C 631 -1.10 -39.09 27.81
CA ASN C 631 -1.75 -38.19 28.76
C ASN C 631 -0.95 -38.09 30.05
N ASN C 632 0.35 -37.87 29.89
CA ASN C 632 1.21 -37.24 30.88
C ASN C 632 1.67 -35.89 30.34
N SER C 633 2.10 -35.01 31.24
CA SER C 633 2.40 -33.62 30.88
C SER C 633 3.91 -33.40 30.84
N TYR C 634 4.40 -32.91 29.71
CA TYR C 634 5.80 -32.55 29.52
C TYR C 634 5.90 -31.10 29.06
N GLU C 635 7.14 -30.61 28.96
CA GLU C 635 7.38 -29.28 28.41
C GLU C 635 7.14 -29.29 26.91
N CYS C 636 6.56 -28.20 26.40
CA CYS C 636 6.24 -28.11 24.98
C CYS C 636 7.52 -28.10 24.14
N ASP C 637 7.47 -28.83 23.03
CA ASP C 637 8.59 -28.90 22.09
C ASP C 637 8.25 -28.29 20.75
N ILE C 638 7.17 -28.74 20.11
CA ILE C 638 6.73 -28.20 18.83
C ILE C 638 5.27 -27.75 18.97
N PRO C 639 5.01 -26.45 18.98
CA PRO C 639 3.63 -25.98 19.19
C PRO C 639 2.71 -26.42 18.06
N ILE C 640 1.45 -26.69 18.43
CA ILE C 640 0.41 -27.09 17.49
C ILE C 640 -0.79 -26.16 17.55
N GLY C 641 -1.32 -25.93 18.73
CA GLY C 641 -2.44 -25.02 18.92
C GLY C 641 -3.35 -25.52 20.02
N ALA C 642 -4.04 -24.56 20.66
CA ALA C 642 -4.99 -24.83 21.73
C ALA C 642 -4.36 -25.64 22.87
N GLY C 643 -3.12 -25.31 23.20
CA GLY C 643 -2.45 -25.94 24.32
C GLY C 643 -1.88 -27.31 24.04
N ILE C 644 -1.89 -27.76 22.80
CA ILE C 644 -1.39 -29.08 22.42
C ILE C 644 0.00 -28.92 21.82
N CYS C 645 0.93 -29.75 22.29
CA CYS C 645 2.31 -29.71 21.81
C CYS C 645 2.74 -31.12 21.43
N ALA C 646 3.63 -31.21 20.45
CA ALA C 646 4.11 -32.47 19.92
C ALA C 646 5.59 -32.63 20.24
N SER C 647 5.94 -33.75 20.87
CA SER C 647 7.32 -34.06 21.21
C SER C 647 7.91 -34.98 20.14
N TYR C 648 9.13 -34.67 19.72
CA TYR C 648 9.81 -35.45 18.69
C TYR C 648 11.17 -35.90 19.19
N GLN C 649 11.98 -36.48 18.31
CA GLN C 649 13.33 -36.94 18.64
C GLN C 649 14.27 -36.28 17.63
N THR C 650 14.72 -35.07 17.95
CA THR C 650 15.60 -34.33 17.05
C THR C 650 16.91 -33.99 17.75
N ALA C 662 10.17 -45.19 23.35
CA ALA C 662 9.14 -44.66 22.48
C ALA C 662 9.40 -45.03 21.02
N SER C 663 10.51 -45.73 20.78
CA SER C 663 10.94 -46.13 19.44
C SER C 663 11.09 -44.94 18.51
N GLN C 664 11.44 -43.78 19.08
CA GLN C 664 11.62 -42.55 18.33
C GLN C 664 10.38 -42.19 17.50
N SER C 665 9.20 -42.45 18.07
CA SER C 665 7.95 -42.16 17.38
C SER C 665 7.51 -40.74 17.68
N ILE C 666 6.32 -40.37 17.21
CA ILE C 666 5.77 -39.03 17.36
C ILE C 666 4.66 -39.07 18.40
N ILE C 667 4.74 -38.19 19.37
CA ILE C 667 3.76 -38.14 20.46
C ILE C 667 3.20 -36.74 20.59
N ALA C 668 1.91 -36.67 20.93
CA ALA C 668 1.22 -35.42 21.17
C ALA C 668 0.60 -35.45 22.56
N TYR C 669 0.72 -34.34 23.29
CA TYR C 669 0.27 -34.29 24.68
C TYR C 669 -0.30 -32.89 24.94
N THR C 670 -0.48 -32.58 26.22
CA THR C 670 -0.94 -31.27 26.66
C THR C 670 0.21 -30.54 27.36
N MET C 671 0.37 -29.27 27.04
CA MET C 671 1.49 -28.49 27.55
C MET C 671 1.45 -28.41 29.07
N SER C 672 2.64 -28.42 29.68
CA SER C 672 2.81 -28.25 31.10
C SER C 672 3.46 -26.89 31.36
N LEU C 673 2.93 -26.15 32.33
CA LEU C 673 3.38 -24.79 32.58
C LEU C 673 4.66 -24.72 33.39
N GLY C 674 5.15 -25.85 33.90
CA GLY C 674 6.39 -25.88 34.66
C GLY C 674 6.22 -26.63 35.97
N GLU C 675 7.36 -26.85 36.62
CA GLU C 675 7.38 -27.54 37.89
C GLU C 675 6.73 -26.69 38.98
N GLU C 676 6.09 -27.37 39.92
CA GLU C 676 5.41 -26.69 41.03
C GLU C 676 6.36 -26.50 42.20
N ASN C 677 5.97 -25.59 43.10
CA ASN C 677 6.78 -25.24 44.26
C ASN C 677 5.92 -25.27 45.50
N SER C 678 6.51 -25.70 46.61
CA SER C 678 5.83 -25.78 47.89
C SER C 678 6.44 -24.79 48.87
N VAL C 679 5.58 -24.20 49.71
CA VAL C 679 5.97 -23.13 50.61
C VAL C 679 5.48 -23.46 52.02
N ALA C 680 6.35 -23.24 53.01
CA ALA C 680 5.95 -23.37 54.40
C ALA C 680 5.10 -22.19 54.83
N TYR C 681 4.35 -22.37 55.91
CA TYR C 681 3.35 -21.40 56.36
C TYR C 681 3.52 -21.10 57.85
N SER C 682 4.76 -20.84 58.25
CA SER C 682 5.05 -20.67 59.67
C SER C 682 4.62 -19.31 60.20
N ASN C 683 4.43 -18.33 59.32
CA ASN C 683 3.92 -16.99 59.61
C ASN C 683 4.71 -16.25 60.68
N ASN C 684 5.86 -16.78 61.10
CA ASN C 684 6.74 -16.05 62.01
C ASN C 684 8.21 -16.25 61.68
N SER C 685 8.54 -16.63 60.45
CA SER C 685 9.90 -16.94 60.07
C SER C 685 10.30 -16.13 58.84
N ILE C 686 11.60 -16.13 58.55
CA ILE C 686 12.15 -15.39 57.42
C ILE C 686 13.46 -16.07 57.01
N ALA C 687 13.78 -16.00 55.72
CA ALA C 687 15.01 -16.57 55.18
C ALA C 687 15.89 -15.45 54.68
N ILE C 688 17.17 -15.51 55.02
CA ILE C 688 18.15 -14.50 54.61
C ILE C 688 19.31 -15.20 53.92
N PRO C 689 19.74 -14.73 52.75
CA PRO C 689 20.84 -15.38 52.05
C PRO C 689 22.14 -15.32 52.84
N THR C 690 22.92 -16.39 52.73
CA THR C 690 24.25 -16.44 53.32
C THR C 690 25.34 -16.57 52.26
N ASN C 691 24.98 -16.45 50.98
CA ASN C 691 25.92 -16.57 49.89
C ASN C 691 25.35 -15.87 48.68
N PHE C 692 26.23 -15.61 47.70
CA PHE C 692 25.82 -14.94 46.48
C PHE C 692 26.66 -15.47 45.32
N THR C 693 26.38 -14.97 44.13
CA THR C 693 27.12 -15.35 42.94
C THR C 693 27.07 -14.20 41.94
N ILE C 694 27.98 -14.24 40.97
CA ILE C 694 28.06 -13.22 39.93
C ILE C 694 27.71 -13.87 38.60
N SER C 695 26.70 -13.31 37.92
CA SER C 695 26.26 -13.81 36.64
C SER C 695 26.42 -12.74 35.57
N VAL C 696 26.79 -13.17 34.37
CA VAL C 696 26.94 -12.28 33.23
C VAL C 696 26.11 -12.85 32.09
N THR C 697 25.21 -12.03 31.54
CA THR C 697 24.29 -12.45 30.50
C THR C 697 24.43 -11.57 29.28
N THR C 698 23.90 -12.05 28.16
CA THR C 698 24.05 -11.40 26.86
C THR C 698 22.72 -10.89 26.35
N GLU C 699 22.76 -9.77 25.64
CA GLU C 699 21.59 -9.16 25.02
C GLU C 699 21.96 -8.65 23.64
N ILE C 700 21.07 -8.84 22.68
CA ILE C 700 21.31 -8.47 21.28
C ILE C 700 20.17 -7.60 20.80
N ILE C 701 20.50 -6.45 20.22
CA ILE C 701 19.51 -5.50 19.71
C ILE C 701 19.93 -5.04 18.33
N PRO C 702 19.13 -5.26 17.29
CA PRO C 702 19.45 -4.69 15.98
C PRO C 702 19.31 -3.17 16.00
N VAL C 703 20.10 -2.50 15.14
CA VAL C 703 20.14 -1.06 15.14
C VAL C 703 19.86 -0.49 13.75
N SER C 704 20.63 -0.90 12.75
CA SER C 704 20.59 -0.31 11.43
C SER C 704 20.00 -1.29 10.42
N MET C 705 19.96 -0.85 9.16
CA MET C 705 19.43 -1.65 8.06
C MET C 705 20.17 -1.28 6.78
N GLN C 706 20.14 -2.19 5.82
CA GLN C 706 20.81 -1.97 4.55
C GLN C 706 20.14 -0.86 3.76
N LYS C 707 20.95 -0.03 3.12
CA LYS C 707 20.45 1.12 2.35
C LYS C 707 20.32 0.74 0.88
N VAL C 708 19.18 1.05 0.28
CA VAL C 708 18.86 0.66 -1.09
C VAL C 708 18.42 1.89 -1.86
N SER C 709 18.93 2.02 -3.09
CA SER C 709 18.50 3.05 -4.03
C SER C 709 18.06 2.39 -5.32
N VAL C 710 16.93 2.84 -5.87
CA VAL C 710 16.31 2.21 -7.03
C VAL C 710 16.00 3.28 -8.06
N ASP C 711 16.36 3.02 -9.31
CA ASP C 711 15.99 3.89 -10.43
C ASP C 711 14.72 3.35 -11.06
N CYS C 712 13.62 4.11 -10.94
CA CYS C 712 12.32 3.62 -11.38
C CYS C 712 12.29 3.43 -12.89
N THR C 713 12.83 4.37 -13.65
CA THR C 713 12.73 4.31 -15.10
C THR C 713 13.46 3.09 -15.66
N MET C 714 14.68 2.82 -15.16
CA MET C 714 15.43 1.68 -15.66
C MET C 714 14.74 0.36 -15.33
N TYR C 715 14.16 0.25 -14.13
CA TYR C 715 13.47 -0.97 -13.76
C TYR C 715 12.21 -1.17 -14.59
N ILE C 716 11.45 -0.11 -14.83
CA ILE C 716 10.15 -0.26 -15.49
C ILE C 716 10.31 -0.40 -17.00
N CYS C 717 10.99 0.56 -17.63
CA CYS C 717 11.08 0.65 -19.09
C CYS C 717 12.53 0.73 -19.53
N GLY C 718 13.36 -0.17 -19.02
CA GLY C 718 14.79 -0.16 -19.29
C GLY C 718 15.17 -0.23 -20.75
N ASP C 719 16.12 0.62 -21.14
CA ASP C 719 16.65 0.71 -22.51
C ASP C 719 15.54 0.62 -23.56
N SER C 720 14.52 1.45 -23.39
CA SER C 720 13.42 1.54 -24.35
C SER C 720 12.84 2.95 -24.26
N GLU C 721 13.17 3.80 -25.24
CA GLU C 721 12.76 5.20 -25.17
C GLU C 721 11.26 5.35 -25.40
N GLU C 722 10.68 4.49 -26.24
CA GLU C 722 9.23 4.49 -26.44
C GLU C 722 8.49 4.13 -25.16
N CYS C 723 9.01 3.15 -24.40
CA CYS C 723 8.43 2.83 -23.11
C CYS C 723 8.52 4.02 -22.16
N SER C 724 9.62 4.76 -22.23
CA SER C 724 9.76 5.97 -21.41
C SER C 724 8.72 7.01 -21.78
N ASN C 725 8.49 7.20 -23.09
CA ASN C 725 7.48 8.16 -23.52
C ASN C 725 6.09 7.73 -23.05
N LEU C 726 5.79 6.44 -23.12
CA LEU C 726 4.52 5.94 -22.62
C LEU C 726 4.41 6.16 -21.10
N LEU C 727 5.50 5.95 -20.37
CA LEU C 727 5.50 6.14 -18.93
C LEU C 727 5.34 7.61 -18.56
N LEU C 728 5.79 8.53 -19.42
CA LEU C 728 5.67 9.95 -19.13
C LEU C 728 4.22 10.39 -18.94
N GLN C 729 3.26 9.63 -19.46
CA GLN C 729 1.85 9.94 -19.26
C GLN C 729 1.40 9.71 -17.82
N TYR C 730 2.19 9.03 -17.00
CA TYR C 730 1.81 8.73 -15.63
C TYR C 730 2.25 9.78 -14.62
N GLY C 731 2.91 10.85 -15.07
CA GLY C 731 3.24 11.94 -14.18
C GLY C 731 4.50 11.76 -13.37
N SER C 732 4.38 11.83 -12.05
CA SER C 732 5.54 11.86 -11.16
C SER C 732 5.53 10.69 -10.17
N PHE C 733 5.28 9.48 -10.67
CA PHE C 733 5.22 8.32 -9.78
C PHE C 733 6.59 7.93 -9.25
N CYS C 734 7.62 7.98 -10.10
CA CYS C 734 8.93 7.46 -9.72
C CYS C 734 9.61 8.35 -8.69
N THR C 735 9.39 9.67 -8.77
CA THR C 735 10.07 10.60 -7.87
C THR C 735 9.67 10.37 -6.42
N GLN C 736 8.39 10.06 -6.19
CA GLN C 736 7.95 9.81 -4.81
C GLN C 736 8.66 8.61 -4.21
N LEU C 737 8.76 7.52 -4.98
CA LEU C 737 9.46 6.33 -4.48
C LEU C 737 10.94 6.62 -4.23
N ASN C 738 11.57 7.38 -5.14
CA ASN C 738 12.97 7.73 -4.95
C ASN C 738 13.16 8.55 -3.69
N ARG C 739 12.25 9.51 -3.44
CA ARG C 739 12.35 10.34 -2.24
C ARG C 739 12.16 9.52 -0.98
N ALA C 740 11.20 8.57 -1.00
CA ALA C 740 10.98 7.73 0.17
C ALA C 740 12.22 6.88 0.47
N LEU C 741 12.81 6.29 -0.57
CA LEU C 741 14.01 5.49 -0.37
C LEU C 741 15.16 6.34 0.16
N HIS C 742 15.30 7.57 -0.35
CA HIS C 742 16.34 8.46 0.15
C HIS C 742 16.13 8.79 1.62
N GLU C 743 14.88 9.03 2.02
CA GLU C 743 14.58 9.30 3.42
C GLU C 743 14.94 8.11 4.30
N ILE C 744 14.65 6.90 3.84
CA ILE C 744 15.01 5.70 4.59
C ILE C 744 16.52 5.61 4.75
N ALA C 745 17.25 5.86 3.66
CA ALA C 745 18.71 5.77 3.70
C ALA C 745 19.29 6.79 4.68
N VAL C 746 18.75 8.00 4.70
CA VAL C 746 19.22 9.00 5.66
C VAL C 746 18.90 8.56 7.08
N GLU C 747 17.70 8.02 7.30
CA GLU C 747 17.29 7.61 8.64
C GLU C 747 18.19 6.52 9.20
N GLN C 748 18.71 5.64 8.34
CA GLN C 748 19.61 4.59 8.83
C GLN C 748 20.86 5.18 9.46
N ASP C 749 21.51 6.11 8.75
CA ASP C 749 22.71 6.75 9.29
C ASP C 749 22.38 7.57 10.54
N LYS C 750 21.21 8.21 10.55
CA LYS C 750 20.81 8.93 11.75
C LYS C 750 20.68 7.99 12.94
N ASN C 751 20.10 6.81 12.72
CA ASN C 751 19.98 5.82 13.80
C ASN C 751 21.34 5.41 14.32
N THR C 752 22.27 5.10 13.42
CA THR C 752 23.60 4.68 13.86
C THR C 752 24.30 5.78 14.64
N GLN C 753 24.22 7.02 14.14
CA GLN C 753 24.86 8.14 14.83
C GLN C 753 24.25 8.37 16.21
N GLU C 754 22.92 8.26 16.31
CA GLU C 754 22.27 8.42 17.60
C GLU C 754 22.70 7.35 18.59
N VAL C 755 22.81 6.10 18.11
CA VAL C 755 23.15 5.01 19.02
C VAL C 755 24.59 5.13 19.52
N PHE C 756 25.54 5.39 18.61
CA PHE C 756 26.94 5.23 18.98
C PHE C 756 27.63 6.53 19.40
N ALA C 757 27.54 7.58 18.59
CA ALA C 757 28.32 8.80 18.82
C ALA C 757 27.74 9.57 20.01
N GLN C 758 28.12 9.14 21.20
CA GLN C 758 27.70 9.80 22.44
C GLN C 758 28.84 10.34 23.27
N VAL C 759 30.09 9.96 22.98
CA VAL C 759 31.24 10.37 23.77
C VAL C 759 31.98 11.47 23.01
N LYS C 760 32.36 12.53 23.73
CA LYS C 760 32.99 13.68 23.09
C LYS C 760 34.42 13.37 22.64
N GLN C 761 35.14 12.55 23.41
CA GLN C 761 36.57 12.36 23.19
C GLN C 761 36.88 10.88 23.06
N ILE C 762 38.16 10.59 22.83
CA ILE C 762 38.64 9.22 22.62
C ILE C 762 39.63 8.90 23.72
N TYR C 763 39.29 7.92 24.55
CA TYR C 763 40.21 7.41 25.56
C TYR C 763 41.00 6.24 24.99
N LYS C 764 42.19 6.02 25.55
CA LYS C 764 43.08 4.96 25.11
C LYS C 764 43.14 3.85 26.15
N THR C 765 43.55 2.68 25.69
CA THR C 765 43.64 1.52 26.57
C THR C 765 44.69 1.78 27.64
N PRO C 766 44.37 1.57 28.91
CA PRO C 766 45.35 1.79 29.98
C PRO C 766 46.53 0.84 29.84
N PRO C 767 47.75 1.37 29.83
CA PRO C 767 48.93 0.49 29.72
C PRO C 767 49.08 -0.47 30.88
N ILE C 768 48.49 -0.16 32.04
CA ILE C 768 48.56 -1.04 33.18
C ILE C 768 47.42 -2.07 33.10
N LYS C 769 47.60 -3.18 33.80
CA LYS C 769 46.57 -4.20 33.91
C LYS C 769 46.26 -4.49 35.38
N ASP C 770 46.46 -3.50 36.24
CA ASP C 770 46.19 -3.64 37.67
C ASP C 770 44.74 -3.22 37.94
N PHE C 771 43.83 -4.13 37.63
CA PHE C 771 42.40 -3.91 37.85
C PHE C 771 41.90 -4.61 39.10
N GLY C 772 42.80 -4.89 40.04
CA GLY C 772 42.42 -5.60 41.26
C GLY C 772 41.99 -7.03 41.02
N GLY C 773 42.62 -7.71 40.06
CA GLY C 773 42.34 -9.10 39.77
C GLY C 773 41.32 -9.33 38.67
N PHE C 774 40.60 -8.30 38.25
CA PHE C 774 39.62 -8.46 37.18
C PHE C 774 40.32 -8.53 35.83
N ASN C 775 39.75 -9.33 34.93
CA ASN C 775 40.32 -9.60 33.63
C ASN C 775 39.49 -8.95 32.54
N PHE C 776 40.12 -8.13 31.71
CA PHE C 776 39.45 -7.47 30.59
C PHE C 776 40.16 -7.71 29.27
N SER C 777 41.05 -8.71 29.22
CA SER C 777 41.80 -8.97 28.00
C SER C 777 40.91 -9.46 26.87
N GLN C 778 39.84 -10.17 27.19
CA GLN C 778 38.97 -10.74 26.16
C GLN C 778 37.99 -9.72 25.58
N ILE C 779 37.91 -8.52 26.14
CA ILE C 779 36.96 -7.51 25.70
C ILE C 779 37.66 -6.28 25.13
N LEU C 780 38.76 -5.86 25.73
CA LEU C 780 39.51 -4.74 25.21
C LEU C 780 40.22 -5.12 23.91
N PRO C 781 40.46 -4.16 23.02
CA PRO C 781 41.09 -4.48 21.73
C PRO C 781 42.52 -4.96 21.91
N ASP C 782 42.93 -5.83 20.98
CA ASP C 782 44.29 -6.36 20.99
C ASP C 782 45.22 -5.41 20.24
N PRO C 783 46.27 -4.88 20.88
CA PRO C 783 47.17 -3.97 20.17
C PRO C 783 47.91 -4.60 19.00
N SER C 784 48.00 -5.93 18.94
CA SER C 784 48.78 -6.59 17.90
C SER C 784 47.95 -6.93 16.67
N LYS C 785 46.64 -7.12 16.82
CA LYS C 785 45.81 -7.53 15.70
C LYS C 785 45.75 -6.42 14.64
N PRO C 786 45.64 -6.80 13.36
CA PRO C 786 45.49 -5.78 12.31
C PRO C 786 44.21 -4.98 12.48
N SER C 787 43.08 -5.67 12.58
CA SER C 787 41.83 -5.01 12.94
C SER C 787 41.77 -4.87 14.45
N LYS C 788 41.17 -3.76 14.91
CA LYS C 788 41.18 -3.42 16.32
C LYS C 788 39.98 -3.95 17.09
N ARG C 789 39.43 -5.09 16.67
CA ARG C 789 38.37 -5.74 17.41
C ARG C 789 38.97 -6.55 18.58
N SER C 790 38.08 -7.16 19.36
CA SER C 790 38.46 -8.08 20.40
C SER C 790 38.09 -9.49 20.00
N ALA C 791 38.39 -10.45 20.88
CA ALA C 791 38.06 -11.85 20.59
C ALA C 791 36.56 -12.05 20.47
N ILE C 792 35.80 -11.48 21.41
CA ILE C 792 34.35 -11.61 21.38
C ILE C 792 33.77 -10.93 20.14
N GLU C 793 34.27 -9.75 19.80
CA GLU C 793 33.82 -9.06 18.60
C GLU C 793 34.15 -9.85 17.35
N ASP C 794 35.34 -10.45 17.31
CA ASP C 794 35.71 -11.27 16.16
C ASP C 794 34.79 -12.47 16.03
N LEU C 795 34.48 -13.13 17.14
CA LEU C 795 33.54 -14.26 17.09
C LEU C 795 32.17 -13.81 16.61
N LEU C 796 31.69 -12.67 17.12
CA LEU C 796 30.38 -12.17 16.70
C LEU C 796 30.35 -11.86 15.22
N PHE C 797 31.41 -11.24 14.71
CA PHE C 797 31.47 -10.92 13.28
C PHE C 797 31.53 -12.19 12.44
N ASN C 798 32.29 -13.20 12.89
CA ASN C 798 32.37 -14.44 12.14
C ASN C 798 31.08 -15.27 12.21
N LYS C 799 30.26 -15.03 13.23
CA LYS C 799 29.04 -15.82 13.40
C LYS C 799 28.00 -15.58 12.31
N VAL C 800 28.11 -14.50 11.55
CA VAL C 800 27.13 -14.20 10.51
C VAL C 800 27.82 -14.12 9.15
N THR C 801 28.86 -14.93 8.96
CA THR C 801 29.58 -14.92 7.69
C THR C 801 28.70 -15.35 6.53
N LEU C 802 27.65 -16.12 6.81
CA LEU C 802 26.73 -16.57 5.77
C LEU C 802 25.91 -15.39 5.21
N GLN C 827 23.96 -11.11 -7.93
CA GLN C 827 23.96 -9.91 -8.81
C GLN C 827 22.73 -9.06 -8.51
N LYS C 828 21.65 -9.26 -9.28
CA LYS C 828 20.39 -8.52 -9.04
C LYS C 828 20.68 -7.02 -9.04
N PHE C 829 21.58 -6.56 -9.92
CA PHE C 829 21.97 -5.12 -9.96
C PHE C 829 20.98 -4.37 -10.85
N ASN C 830 20.13 -5.09 -11.60
CA ASN C 830 19.19 -4.43 -12.53
C ASN C 830 18.61 -3.17 -11.89
N GLY C 831 19.19 -2.00 -12.18
CA GLY C 831 18.70 -0.76 -11.65
C GLY C 831 18.67 -0.68 -10.14
N LEU C 832 19.01 -1.77 -9.44
CA LEU C 832 19.02 -1.80 -7.99
C LEU C 832 20.45 -1.60 -7.50
N THR C 833 20.63 -0.73 -6.52
CA THR C 833 21.94 -0.40 -6.00
C THR C 833 21.91 -0.39 -4.48
N VAL C 834 23.06 -0.70 -3.89
CA VAL C 834 23.24 -0.68 -2.44
C VAL C 834 24.32 0.33 -2.10
N LEU C 835 24.03 1.23 -1.18
CA LEU C 835 25.02 2.25 -0.86
C LEU C 835 25.74 1.92 0.44
N PRO C 836 27.03 2.22 0.53
CA PRO C 836 27.77 1.89 1.75
C PRO C 836 27.35 2.79 2.91
N PRO C 837 27.47 2.31 4.14
CA PRO C 837 27.16 3.17 5.30
C PRO C 837 28.19 4.26 5.48
N LEU C 838 27.76 5.34 6.14
CA LEU C 838 28.65 6.47 6.37
C LEU C 838 29.81 6.09 7.29
N LEU C 839 29.56 5.30 8.31
CA LEU C 839 30.57 4.91 9.29
C LEU C 839 31.00 3.48 9.03
N THR C 840 32.31 3.27 8.90
CA THR C 840 32.86 1.93 8.71
C THR C 840 32.88 1.18 10.04
N ASP C 841 33.09 -0.14 9.94
CA ASP C 841 33.12 -0.97 11.15
C ASP C 841 34.27 -0.59 12.07
N GLU C 842 35.38 -0.12 11.50
CA GLU C 842 36.51 0.31 12.33
C GLU C 842 36.13 1.48 13.22
N MET C 843 35.38 2.45 12.68
CA MET C 843 34.95 3.59 13.48
C MET C 843 33.99 3.17 14.59
N ILE C 844 33.09 2.23 14.29
CA ILE C 844 32.18 1.72 15.31
C ILE C 844 32.95 1.03 16.42
N ALA C 845 33.93 0.20 16.05
CA ALA C 845 34.74 -0.48 17.05
C ALA C 845 35.53 0.52 17.89
N ALA C 846 36.04 1.59 17.25
CA ALA C 846 36.77 2.61 17.98
C ALA C 846 35.86 3.33 18.97
N TYR C 847 34.63 3.64 18.56
CA TYR C 847 33.67 4.26 19.48
C TYR C 847 33.39 3.37 20.67
N THR C 848 33.15 2.09 20.40
CA THR C 848 32.85 1.14 21.48
C THR C 848 34.02 1.02 22.44
N SER C 849 35.24 0.89 21.90
CA SER C 849 36.42 0.78 22.74
C SER C 849 36.64 2.04 23.57
N ALA C 850 36.42 3.21 22.97
CA ALA C 850 36.56 4.46 23.71
C ALA C 850 35.57 4.52 24.85
N LEU C 851 34.31 4.16 24.60
CA LEU C 851 33.30 4.15 25.66
C LEU C 851 33.71 3.22 26.79
N LEU C 852 34.11 1.99 26.44
CA LEU C 852 34.46 1.00 27.46
C LEU C 852 35.65 1.45 28.28
N ALA C 853 36.72 1.89 27.60
CA ALA C 853 37.93 2.31 28.31
C ALA C 853 37.66 3.51 29.20
N GLY C 854 36.91 4.49 28.69
CA GLY C 854 36.58 5.65 29.50
C GLY C 854 35.79 5.28 30.74
N THR C 855 34.78 4.43 30.58
CA THR C 855 33.99 4.00 31.73
C THR C 855 34.87 3.31 32.75
N ILE C 856 35.65 2.32 32.32
CA ILE C 856 36.47 1.53 33.24
C ILE C 856 37.47 2.41 33.96
N THR C 857 38.10 3.33 33.24
CA THR C 857 39.14 4.15 33.84
C THR C 857 38.56 5.20 34.78
N ALA C 858 37.45 5.83 34.41
CA ALA C 858 36.97 7.01 35.13
C ALA C 858 35.95 6.70 36.21
N GLY C 859 35.04 5.75 36.00
CA GLY C 859 34.01 5.51 36.99
C GLY C 859 32.90 6.55 36.94
N TRP C 860 32.76 7.34 38.00
CA TRP C 860 31.72 8.35 38.08
C TRP C 860 32.18 9.72 37.61
N THR C 861 33.41 9.84 37.11
CA THR C 861 33.94 11.09 36.58
C THR C 861 34.19 10.98 35.08
N PHE C 862 33.34 10.24 34.37
CA PHE C 862 33.58 9.94 32.97
C PHE C 862 33.56 11.20 32.11
N GLY C 863 32.40 11.84 32.00
CA GLY C 863 32.26 13.01 31.18
C GLY C 863 32.51 14.32 31.91
N ALA C 864 33.70 14.49 32.46
CA ALA C 864 34.03 15.68 33.24
C ALA C 864 35.40 16.22 32.86
N GLY C 865 35.78 16.05 31.60
CA GLY C 865 37.05 16.58 31.11
C GLY C 865 38.26 16.04 31.83
N ALA C 866 38.91 16.88 32.63
CA ALA C 866 40.07 16.46 33.38
C ALA C 866 39.68 15.39 34.39
N ALA C 867 40.42 14.28 34.39
CA ALA C 867 40.09 13.16 35.26
C ALA C 867 41.36 12.38 35.56
N LEU C 868 41.29 11.57 36.62
CA LEU C 868 42.38 10.72 37.04
C LEU C 868 41.84 9.32 37.29
N GLN C 869 42.68 8.32 37.06
CA GLN C 869 42.26 6.92 37.16
C GLN C 869 41.74 6.61 38.56
N ILE C 870 40.44 6.30 38.64
CA ILE C 870 39.81 5.86 39.88
C ILE C 870 39.99 4.35 39.98
N PRO C 871 40.45 3.83 41.12
CA PRO C 871 40.65 2.38 41.24
C PRO C 871 39.36 1.61 41.05
N PHE C 872 39.47 0.43 40.43
CA PHE C 872 38.29 -0.36 40.09
C PHE C 872 37.55 -0.82 41.32
N ALA C 873 38.27 -1.21 42.37
CA ALA C 873 37.62 -1.71 43.58
C ALA C 873 36.71 -0.66 44.20
N MET C 874 37.07 0.61 44.10
CA MET C 874 36.20 1.66 44.63
C MET C 874 34.90 1.76 43.83
N GLN C 875 34.99 1.60 42.51
CA GLN C 875 33.78 1.57 41.69
C GLN C 875 32.91 0.39 42.07
N MET C 876 33.52 -0.78 42.27
CA MET C 876 32.75 -1.96 42.68
C MET C 876 32.10 -1.75 44.03
N ALA C 877 32.80 -1.12 44.98
CA ALA C 877 32.24 -0.83 46.29
C ALA C 877 31.05 0.11 46.18
N TYR C 878 31.17 1.13 45.32
CA TYR C 878 30.07 2.06 45.10
C TYR C 878 28.85 1.32 44.53
N ARG C 879 29.08 0.45 43.54
CA ARG C 879 27.99 -0.29 42.94
C ARG C 879 27.35 -1.23 43.95
N PHE C 880 28.16 -1.85 44.82
CA PHE C 880 27.63 -2.70 45.88
C PHE C 880 26.77 -1.89 46.84
N ASN C 881 27.21 -0.68 47.18
CA ASN C 881 26.38 0.22 47.98
C ASN C 881 25.09 0.57 47.25
N GLY C 882 25.11 0.52 45.92
CA GLY C 882 23.92 0.85 45.16
C GLY C 882 22.75 -0.08 45.45
N ILE C 883 23.02 -1.35 45.68
CA ILE C 883 21.98 -2.35 45.84
C ILE C 883 21.70 -2.68 47.30
N GLY C 884 22.24 -1.90 48.23
CA GLY C 884 21.96 -2.10 49.64
C GLY C 884 22.85 -3.06 50.37
N VAL C 885 24.03 -3.36 49.84
CA VAL C 885 25.00 -4.24 50.49
C VAL C 885 26.19 -3.39 50.91
N THR C 886 26.61 -3.56 52.17
CA THR C 886 27.70 -2.76 52.72
C THR C 886 29.00 -3.08 51.98
N GLN C 887 29.81 -2.04 51.78
CA GLN C 887 31.00 -2.15 50.93
C GLN C 887 32.03 -3.14 51.45
N ASN C 888 32.01 -3.47 52.75
CA ASN C 888 33.02 -4.35 53.30
C ASN C 888 32.98 -5.75 52.71
N VAL C 889 31.82 -6.17 52.18
CA VAL C 889 31.70 -7.50 51.59
C VAL C 889 32.65 -7.64 50.40
N LEU C 890 32.69 -6.62 49.54
CA LEU C 890 33.62 -6.66 48.42
C LEU C 890 35.07 -6.66 48.90
N TYR C 891 35.39 -5.81 49.87
CA TYR C 891 36.76 -5.75 50.35
C TYR C 891 37.18 -7.03 51.06
N GLU C 892 36.23 -7.86 51.46
CA GLU C 892 36.55 -9.14 52.10
C GLU C 892 36.44 -10.33 51.16
N ASN C 893 35.80 -10.19 50.00
CA ASN C 893 35.68 -11.29 49.05
C ASN C 893 36.10 -10.89 47.64
N GLN C 894 37.05 -9.94 47.54
CA GLN C 894 37.56 -9.49 46.25
C GLN C 894 38.02 -10.65 45.37
N LYS C 895 38.84 -11.55 45.92
CA LYS C 895 39.42 -12.62 45.11
C LYS C 895 38.33 -13.54 44.57
N LEU C 896 37.39 -13.93 45.43
CA LEU C 896 36.31 -14.82 44.99
C LEU C 896 35.44 -14.15 43.94
N ILE C 897 35.13 -12.86 44.14
CA ILE C 897 34.31 -12.15 43.16
C ILE C 897 35.01 -12.07 41.82
N ALA C 898 36.31 -11.76 41.82
CA ALA C 898 37.05 -11.68 40.58
C ALA C 898 37.11 -13.04 39.88
N ASN C 899 37.31 -14.11 40.65
CA ASN C 899 37.36 -15.44 40.06
C ASN C 899 36.02 -15.80 39.42
N GLN C 900 34.92 -15.50 40.11
CA GLN C 900 33.61 -15.80 39.54
C GLN C 900 33.36 -14.99 38.27
N PHE C 901 33.74 -13.71 38.28
CA PHE C 901 33.57 -12.88 37.10
C PHE C 901 34.36 -13.42 35.91
N ASN C 902 35.61 -13.81 36.15
CA ASN C 902 36.44 -14.37 35.08
C ASN C 902 35.85 -15.68 34.55
N LYS C 903 35.35 -16.54 35.45
CA LYS C 903 34.75 -17.79 35.02
C LYS C 903 33.51 -17.54 34.17
N ALA C 904 32.68 -16.57 34.57
CA ALA C 904 31.50 -16.24 33.78
C ALA C 904 31.88 -15.72 32.40
N ILE C 905 32.91 -14.88 32.31
CA ILE C 905 33.35 -14.38 31.02
C ILE C 905 33.85 -15.53 30.15
N GLY C 906 34.63 -16.44 30.73
CA GLY C 906 35.08 -17.59 29.96
C GLY C 906 33.94 -18.47 29.49
N LYS C 907 32.93 -18.66 30.34
CA LYS C 907 31.77 -19.46 29.93
C LYS C 907 31.04 -18.80 28.77
N ILE C 908 30.90 -17.47 28.80
CA ILE C 908 30.26 -16.77 27.69
C ILE C 908 31.06 -16.94 26.41
N GLN C 909 32.39 -16.84 26.50
CA GLN C 909 33.23 -17.01 25.32
C GLN C 909 33.07 -18.42 24.75
N ASP C 910 33.06 -19.43 25.62
CA ASP C 910 32.89 -20.81 25.16
C ASP C 910 31.53 -21.01 24.51
N GLY C 911 30.47 -20.46 25.12
CA GLY C 911 29.15 -20.58 24.53
C GLY C 911 29.04 -19.92 23.18
N LEU C 912 29.67 -18.74 23.03
CA LEU C 912 29.68 -18.08 21.72
C LEU C 912 30.44 -18.90 20.70
N SER C 913 31.57 -19.50 21.10
CA SER C 913 32.36 -20.28 20.16
C SER C 913 31.74 -21.62 19.83
N SER C 914 30.78 -22.10 20.64
CA SER C 914 30.19 -23.40 20.40
C SER C 914 29.09 -23.34 19.34
N THR C 915 28.04 -22.56 19.61
CA THR C 915 26.85 -22.53 18.76
C THR C 915 26.87 -21.29 17.86
N ALA C 916 26.35 -21.45 16.64
CA ALA C 916 26.32 -20.38 15.66
C ALA C 916 24.91 -19.87 15.38
N SER C 917 23.95 -20.17 16.25
CA SER C 917 22.56 -19.76 16.05
C SER C 917 22.10 -18.72 17.06
N ALA C 918 23.03 -17.97 17.65
CA ALA C 918 22.70 -17.01 18.69
C ALA C 918 22.39 -15.61 18.16
N LEU C 919 22.61 -15.35 16.87
CA LEU C 919 22.40 -14.03 16.29
C LEU C 919 21.17 -14.02 15.37
N GLY C 920 20.13 -14.75 15.79
CA GLY C 920 18.93 -14.87 14.98
C GLY C 920 18.21 -13.55 14.77
N LYS C 921 18.31 -12.63 15.74
CA LYS C 921 17.61 -11.36 15.60
C LYS C 921 18.14 -10.56 14.41
N LEU C 922 19.46 -10.53 14.22
CA LEU C 922 20.04 -9.86 13.06
C LEU C 922 19.88 -10.70 11.80
N GLN C 923 19.98 -12.02 11.92
CA GLN C 923 19.81 -12.89 10.77
C GLN C 923 18.43 -12.73 10.17
N ASP C 924 17.41 -12.51 11.01
CA ASP C 924 16.06 -12.33 10.51
C ASP C 924 15.94 -11.07 9.65
N VAL C 925 16.53 -9.96 10.10
CA VAL C 925 16.49 -8.73 9.32
C VAL C 925 17.19 -8.91 7.99
N VAL C 926 18.38 -9.54 8.02
CA VAL C 926 19.13 -9.75 6.78
C VAL C 926 18.33 -10.61 5.81
N ASN C 927 17.73 -11.70 6.32
CA ASN C 927 16.98 -12.61 5.48
C ASN C 927 15.73 -11.94 4.92
N GLN C 928 15.04 -11.14 5.71
CA GLN C 928 13.85 -10.45 5.23
C GLN C 928 14.18 -9.49 4.11
N ASN C 929 15.26 -8.70 4.28
CA ASN C 929 15.66 -7.78 3.21
C ASN C 929 16.04 -8.54 1.95
N ALA C 930 16.80 -9.62 2.11
CA ALA C 930 17.21 -10.41 0.94
C ALA C 930 16.01 -11.00 0.21
N GLN C 931 15.03 -11.51 0.97
CA GLN C 931 13.86 -12.12 0.35
C GLN C 931 13.01 -11.06 -0.36
N ALA C 932 12.88 -9.88 0.23
CA ALA C 932 12.13 -8.82 -0.44
C ALA C 932 12.79 -8.44 -1.76
N LEU C 933 14.12 -8.29 -1.75
CA LEU C 933 14.81 -7.97 -3.00
C LEU C 933 14.70 -9.11 -4.01
N ASN C 934 14.74 -10.36 -3.54
CA ASN C 934 14.57 -11.50 -4.43
C ASN C 934 13.21 -11.49 -5.10
N THR C 935 12.16 -11.20 -4.34
CA THR C 935 10.82 -11.13 -4.92
C THR C 935 10.72 -10.01 -5.93
N LEU C 936 11.29 -8.85 -5.60
CA LEU C 936 11.25 -7.73 -6.54
C LEU C 936 11.97 -8.08 -7.84
N VAL C 937 13.10 -8.77 -7.75
CA VAL C 937 13.83 -9.17 -8.95
C VAL C 937 13.02 -10.18 -9.74
N LYS C 938 12.47 -11.19 -9.07
CA LYS C 938 11.74 -12.25 -9.75
C LYS C 938 10.44 -11.76 -10.38
N GLN C 939 9.93 -10.62 -9.95
CA GLN C 939 8.71 -10.10 -10.53
C GLN C 939 8.84 -9.71 -12.00
N LEU C 940 10.06 -9.59 -12.53
CA LEU C 940 10.21 -9.10 -13.90
C LEU C 940 9.77 -10.12 -14.94
N SER C 941 9.82 -11.41 -14.61
CA SER C 941 9.52 -12.47 -15.59
C SER C 941 8.04 -12.60 -15.88
N SER C 942 7.17 -12.01 -15.07
CA SER C 942 5.74 -12.12 -15.31
C SER C 942 5.32 -11.30 -16.53
N ASN C 943 4.21 -11.71 -17.15
CA ASN C 943 3.66 -10.99 -18.29
C ASN C 943 2.35 -10.29 -17.97
N PHE C 944 1.70 -10.63 -16.86
CA PHE C 944 0.47 -9.98 -16.41
C PHE C 944 -0.63 -10.04 -17.46
N GLY C 945 -0.68 -11.13 -18.23
CA GLY C 945 -1.68 -11.29 -19.26
C GLY C 945 -1.29 -10.75 -20.62
N ALA C 946 -0.16 -10.07 -20.74
CA ALA C 946 0.29 -9.55 -22.02
C ALA C 946 0.79 -10.68 -22.90
N ILE C 947 1.24 -10.32 -24.11
CA ILE C 947 1.72 -11.32 -25.06
C ILE C 947 3.02 -11.95 -24.56
N SER C 948 3.96 -11.14 -24.08
CA SER C 948 5.26 -11.63 -23.64
C SER C 948 5.78 -10.73 -22.54
N SER C 949 6.93 -11.10 -21.99
CA SER C 949 7.59 -10.34 -20.94
C SER C 949 8.83 -9.60 -21.44
N VAL C 950 9.02 -9.54 -22.76
CA VAL C 950 10.16 -8.86 -23.36
C VAL C 950 9.62 -7.73 -24.25
N LEU C 951 10.13 -6.51 -24.02
CA LEU C 951 9.68 -5.38 -24.81
C LEU C 951 10.07 -5.52 -26.27
N ASN C 952 11.26 -6.04 -26.55
CA ASN C 952 11.72 -6.19 -27.93
C ASN C 952 10.82 -7.14 -28.72
N ASP C 953 10.35 -8.21 -28.07
CA ASP C 953 9.43 -9.12 -28.74
C ASP C 953 8.15 -8.42 -29.15
N ILE C 954 7.58 -7.60 -28.26
CA ILE C 954 6.37 -6.87 -28.58
C ILE C 954 6.63 -5.87 -29.70
N LEU C 955 7.77 -5.20 -29.66
CA LEU C 955 8.08 -4.22 -30.71
C LEU C 955 8.25 -4.89 -32.06
N SER C 956 8.92 -6.04 -32.11
CA SER C 956 9.21 -6.71 -33.37
C SER C 956 8.13 -7.69 -33.80
N ARG C 957 7.05 -7.83 -33.02
CA ARG C 957 6.00 -8.78 -33.35
C ARG C 957 4.65 -8.15 -33.65
N LEU C 958 4.31 -7.05 -32.98
CA LEU C 958 2.98 -6.46 -33.12
C LEU C 958 3.09 -5.03 -33.65
N ASP C 959 1.96 -4.53 -34.15
CA ASP C 959 1.86 -3.16 -34.62
C ASP C 959 1.73 -2.20 -33.44
N PRO C 960 2.08 -0.92 -33.65
CA PRO C 960 2.07 0.05 -32.55
C PRO C 960 0.74 0.14 -31.81
N PRO C 961 -0.41 0.17 -32.49
CA PRO C 961 -1.67 0.44 -31.77
C PRO C 961 -2.00 -0.54 -30.65
N GLU C 962 -1.55 -1.79 -30.74
CA GLU C 962 -1.78 -2.74 -29.65
C GLU C 962 -0.50 -3.07 -28.88
N ALA C 963 0.67 -2.89 -29.51
CA ALA C 963 1.91 -2.99 -28.76
C ALA C 963 1.94 -1.97 -27.63
N GLU C 964 1.37 -0.79 -27.87
CA GLU C 964 1.26 0.21 -26.80
C GLU C 964 0.39 -0.31 -25.67
N VAL C 965 -0.68 -1.04 -25.99
CA VAL C 965 -1.55 -1.60 -24.96
C VAL C 965 -0.79 -2.63 -24.12
N GLN C 966 -0.04 -3.51 -24.79
CA GLN C 966 0.75 -4.51 -24.06
C GLN C 966 1.79 -3.83 -23.17
N ILE C 967 2.45 -2.80 -23.70
CA ILE C 967 3.44 -2.08 -22.91
C ILE C 967 2.80 -1.42 -21.70
N ASP C 968 1.59 -0.87 -21.88
CA ASP C 968 0.87 -0.26 -20.77
C ASP C 968 0.54 -1.30 -19.70
N ARG C 969 0.13 -2.50 -20.12
CA ARG C 969 -0.14 -3.57 -19.17
C ARG C 969 1.10 -3.91 -18.35
N LEU C 970 2.24 -4.08 -19.03
CA LEU C 970 3.48 -4.38 -18.33
C LEU C 970 3.87 -3.27 -17.37
N ILE C 971 3.71 -2.02 -17.81
CA ILE C 971 4.05 -0.87 -16.97
C ILE C 971 3.20 -0.86 -15.71
N ASN C 972 1.89 -1.13 -15.85
CA ASN C 972 1.02 -1.15 -14.69
C ASN C 972 1.46 -2.23 -13.69
N GLY C 973 1.76 -3.42 -14.20
CA GLY C 973 2.19 -4.49 -13.30
C GLY C 973 3.46 -4.14 -12.54
N ARG C 974 4.47 -3.64 -13.27
CA ARG C 974 5.74 -3.33 -12.63
C ARG C 974 5.60 -2.17 -11.64
N LEU C 975 4.76 -1.19 -11.96
CA LEU C 975 4.50 -0.10 -11.02
C LEU C 975 3.87 -0.61 -9.74
N GLN C 976 2.90 -1.53 -9.86
CA GLN C 976 2.29 -2.09 -8.66
C GLN C 976 3.32 -2.81 -7.80
N ALA C 977 4.19 -3.61 -8.44
CA ALA C 977 5.22 -4.32 -7.69
C ALA C 977 6.13 -3.35 -6.94
N LEU C 978 6.58 -2.31 -7.63
CA LEU C 978 7.47 -1.33 -7.01
C LEU C 978 6.79 -0.65 -5.82
N ASN C 979 5.51 -0.27 -5.98
CA ASN C 979 4.80 0.40 -4.90
C ASN C 979 4.69 -0.50 -3.67
N THR C 980 4.35 -1.78 -3.89
CA THR C 980 4.23 -2.70 -2.76
C THR C 980 5.56 -2.84 -2.03
N TYR C 981 6.65 -2.99 -2.78
CA TYR C 981 7.97 -3.13 -2.17
C TYR C 981 8.30 -1.89 -1.32
N VAL C 982 8.03 -0.71 -1.87
CA VAL C 982 8.38 0.52 -1.15
C VAL C 982 7.57 0.63 0.15
N THR C 983 6.28 0.31 0.10
CA THR C 983 5.45 0.41 1.30
C THR C 983 5.93 -0.54 2.40
N GLN C 984 6.23 -1.78 2.03
CA GLN C 984 6.69 -2.74 3.03
C GLN C 984 8.04 -2.31 3.60
N GLN C 985 8.92 -1.76 2.77
CA GLN C 985 10.19 -1.24 3.27
C GLN C 985 9.97 -0.11 4.27
N LEU C 986 9.00 0.76 3.99
CA LEU C 986 8.70 1.85 4.92
C LEU C 986 8.30 1.31 6.29
N ILE C 987 7.40 0.32 6.30
CA ILE C 987 6.94 -0.23 7.58
C ILE C 987 8.10 -0.86 8.35
N ARG C 988 8.92 -1.65 7.64
CA ARG C 988 10.05 -2.30 8.30
C ARG C 988 11.04 -1.28 8.84
N ALA C 989 11.25 -0.18 8.11
CA ALA C 989 12.14 0.86 8.58
C ALA C 989 11.61 1.51 9.86
N ALA C 990 10.30 1.72 9.93
CA ALA C 990 9.73 2.27 11.16
C ALA C 990 9.99 1.34 12.35
N GLU C 991 9.79 0.03 12.15
CA GLU C 991 10.07 -0.91 13.24
C GLU C 991 11.55 -0.87 13.65
N ILE C 992 12.44 -0.81 12.67
CA ILE C 992 13.88 -0.77 12.97
C ILE C 992 14.23 0.50 13.73
N ARG C 993 13.59 1.62 13.39
CA ARG C 993 13.84 2.87 14.11
C ARG C 993 13.41 2.75 15.56
N ALA C 994 12.26 2.12 15.81
CA ALA C 994 11.84 1.92 17.20
C ALA C 994 12.86 1.07 17.96
N SER C 995 13.36 0.00 17.32
CA SER C 995 14.36 -0.83 17.97
C SER C 995 15.64 -0.04 18.27
N ALA C 996 16.06 0.82 17.33
CA ALA C 996 17.27 1.62 17.53
C ALA C 996 17.09 2.60 18.70
N ASN C 997 15.91 3.20 18.81
CA ASN C 997 15.65 4.08 19.94
C ASN C 997 15.75 3.32 21.26
N LEU C 998 15.19 2.10 21.31
CA LEU C 998 15.32 1.29 22.51
C LEU C 998 16.79 1.00 22.81
N ALA C 999 17.58 0.69 21.79
CA ALA C 999 18.99 0.39 22.00
C ALA C 999 19.73 1.60 22.55
N ALA C 1000 19.46 2.78 22.02
CA ALA C 1000 20.11 3.99 22.51
C ALA C 1000 19.74 4.26 23.97
N GLU C 1001 18.46 4.09 24.30
CA GLU C 1001 18.04 4.28 25.69
C GLU C 1001 18.75 3.30 26.61
N LYS C 1002 18.85 2.04 26.20
CA LYS C 1002 19.54 1.04 27.02
C LYS C 1002 21.01 1.39 27.20
N MET C 1003 21.67 1.82 26.12
CA MET C 1003 23.07 2.24 26.24
C MET C 1003 23.21 3.35 27.27
N SER C 1004 22.38 4.39 27.16
CA SER C 1004 22.51 5.53 28.07
C SER C 1004 22.23 5.12 29.51
N GLU C 1005 21.22 4.30 29.74
CA GLU C 1005 20.81 3.99 31.11
C GLU C 1005 21.58 2.85 31.74
N CYS C 1006 22.33 2.07 30.98
CA CYS C 1006 23.07 0.94 31.53
C CYS C 1006 24.58 1.13 31.50
N VAL C 1007 25.15 1.56 30.38
CA VAL C 1007 26.61 1.68 30.31
C VAL C 1007 27.09 2.85 31.15
N LEU C 1008 26.39 3.97 31.11
CA LEU C 1008 26.83 5.20 31.77
C LEU C 1008 26.32 5.35 33.20
N GLY C 1009 25.58 4.38 33.72
CA GLY C 1009 25.09 4.47 35.08
C GLY C 1009 24.45 3.17 35.51
N GLN C 1010 24.10 3.13 36.80
CA GLN C 1010 23.47 1.96 37.39
C GLN C 1010 21.96 2.15 37.41
N SER C 1011 21.24 1.14 36.97
CA SER C 1011 19.79 1.22 36.81
C SER C 1011 19.08 0.54 37.97
N LYS C 1012 18.00 1.17 38.43
CA LYS C 1012 17.16 0.61 39.49
C LYS C 1012 15.87 0.00 38.95
N ARG C 1013 15.61 0.10 37.66
CA ARG C 1013 14.43 -0.51 37.08
C ARG C 1013 14.58 -2.03 37.07
N VAL C 1014 13.54 -2.72 37.54
CA VAL C 1014 13.61 -4.18 37.69
C VAL C 1014 13.55 -4.84 36.32
N ASP C 1015 14.46 -5.79 36.09
CA ASP C 1015 14.50 -6.59 34.87
C ASP C 1015 14.70 -5.72 33.62
N PHE C 1016 15.37 -4.59 33.78
CA PHE C 1016 15.77 -3.78 32.65
C PHE C 1016 17.19 -4.09 32.20
N CYS C 1017 18.00 -4.70 33.06
CA CYS C 1017 19.39 -5.03 32.78
C CYS C 1017 19.66 -6.49 33.09
N GLY C 1018 18.71 -7.35 32.75
CA GLY C 1018 18.78 -8.75 33.09
C GLY C 1018 18.23 -9.03 34.48
N LYS C 1019 18.14 -10.32 34.81
CA LYS C 1019 17.58 -10.75 36.07
C LYS C 1019 18.56 -10.51 37.21
N GLY C 1020 18.08 -9.92 38.29
CA GLY C 1020 18.89 -9.64 39.46
C GLY C 1020 19.17 -8.16 39.61
N TYR C 1021 19.97 -7.85 40.63
CA TYR C 1021 20.36 -6.47 40.91
C TYR C 1021 21.48 -6.06 39.96
N HIS C 1022 21.26 -4.99 39.21
CA HIS C 1022 22.23 -4.55 38.22
C HIS C 1022 23.47 -3.98 38.87
N LEU C 1023 24.64 -4.32 38.32
CA LEU C 1023 25.91 -3.78 38.78
C LEU C 1023 26.58 -2.93 37.70
N MET C 1024 26.81 -3.48 36.51
CA MET C 1024 27.36 -2.73 35.40
C MET C 1024 27.13 -3.55 34.13
N SER C 1025 27.49 -2.95 32.99
CA SER C 1025 27.37 -3.64 31.71
C SER C 1025 28.40 -3.07 30.75
N PHE C 1026 28.73 -3.86 29.73
CA PHE C 1026 29.74 -3.48 28.75
C PHE C 1026 29.20 -3.69 27.34
N PRO C 1027 29.44 -2.75 26.44
CA PRO C 1027 28.96 -2.90 25.07
C PRO C 1027 29.97 -3.54 24.14
N GLN C 1028 29.45 -4.19 23.10
CA GLN C 1028 30.27 -4.78 22.06
C GLN C 1028 29.60 -4.55 20.70
N SER C 1029 30.43 -4.39 19.68
CA SER C 1029 29.91 -4.14 18.35
C SER C 1029 29.39 -5.43 17.71
N ALA C 1030 28.58 -5.26 16.68
CA ALA C 1030 28.01 -6.39 15.95
C ALA C 1030 27.53 -5.87 14.60
N PRO C 1031 27.40 -6.75 13.60
CA PRO C 1031 26.87 -6.30 12.30
C PRO C 1031 25.44 -5.81 12.40
N HIS C 1032 25.24 -4.50 12.19
CA HIS C 1032 23.91 -3.88 12.24
C HIS C 1032 23.26 -4.07 13.61
N GLY C 1033 24.04 -3.97 14.67
CA GLY C 1033 23.48 -4.13 16.00
C GLY C 1033 24.54 -3.97 17.07
N VAL C 1034 24.10 -4.18 18.32
CA VAL C 1034 24.95 -4.09 19.48
C VAL C 1034 24.76 -5.32 20.34
N VAL C 1035 25.72 -5.55 21.23
CA VAL C 1035 25.67 -6.65 22.19
C VAL C 1035 26.03 -6.10 23.57
N PHE C 1036 25.19 -6.39 24.56
CA PHE C 1036 25.41 -5.94 25.93
C PHE C 1036 25.72 -7.15 26.80
N LEU C 1037 26.65 -6.96 27.75
CA LEU C 1037 27.00 -7.98 28.72
C LEU C 1037 26.66 -7.45 30.11
N HIS C 1038 25.50 -7.84 30.63
CA HIS C 1038 25.03 -7.35 31.93
C HIS C 1038 25.60 -8.21 33.05
N VAL C 1039 26.15 -7.55 34.06
CA VAL C 1039 26.70 -8.21 35.25
C VAL C 1039 25.75 -7.92 36.40
N THR C 1040 25.20 -8.98 37.00
CA THR C 1040 24.19 -8.87 38.05
C THR C 1040 24.67 -9.55 39.32
N TYR C 1041 23.80 -9.52 40.34
CA TYR C 1041 24.08 -10.10 41.64
C TYR C 1041 22.92 -11.02 42.01
N VAL C 1042 23.23 -12.27 42.35
CA VAL C 1042 22.20 -13.25 42.66
C VAL C 1042 22.47 -13.90 44.01
N PRO C 1043 21.64 -13.67 45.02
CA PRO C 1043 21.84 -14.32 46.31
C PRO C 1043 21.57 -15.81 46.24
N THR C 1044 22.22 -16.56 47.13
CA THR C 1044 22.12 -18.00 47.16
C THR C 1044 22.21 -18.50 48.60
N GLN C 1045 21.87 -19.78 48.79
CA GLN C 1045 22.03 -20.49 50.07
C GLN C 1045 21.24 -19.80 51.19
N TYR C 1046 19.92 -19.83 51.02
CA TYR C 1046 19.03 -19.28 52.03
C TYR C 1046 18.97 -20.16 53.27
N LYS C 1047 18.90 -19.53 54.44
CA LYS C 1047 18.75 -20.22 55.71
C LYS C 1047 17.57 -19.63 56.47
N ASN C 1048 16.82 -20.49 57.15
CA ASN C 1048 15.63 -20.05 57.86
C ASN C 1048 16.00 -19.37 59.17
N PHE C 1049 15.14 -18.45 59.61
CA PHE C 1049 15.32 -17.75 60.87
C PHE C 1049 13.95 -17.36 61.42
N THR C 1050 13.92 -16.99 62.69
CA THR C 1050 12.71 -16.53 63.36
C THR C 1050 12.82 -15.03 63.58
N THR C 1051 11.75 -14.30 63.25
CA THR C 1051 11.77 -12.85 63.25
C THR C 1051 10.66 -12.28 64.12
N ALA C 1052 10.66 -10.96 64.25
CA ALA C 1052 9.67 -10.25 65.04
C ALA C 1052 9.59 -8.82 64.52
N PRO C 1053 8.45 -8.14 64.71
CA PRO C 1053 8.33 -6.77 64.16
C PRO C 1053 8.93 -5.70 65.06
N ALA C 1054 8.99 -5.95 66.37
CA ALA C 1054 9.45 -4.93 67.29
C ALA C 1054 9.99 -5.60 68.56
N ILE C 1055 10.71 -4.82 69.36
CA ILE C 1055 11.29 -5.28 70.61
C ILE C 1055 10.67 -4.47 71.73
N CYS C 1056 10.12 -5.15 72.73
CA CYS C 1056 9.43 -4.51 73.84
C CYS C 1056 10.39 -4.34 75.01
N HIS C 1057 10.80 -3.10 75.25
CA HIS C 1057 11.64 -2.77 76.39
C HIS C 1057 10.76 -2.39 77.57
N ASN C 1058 11.34 -1.77 78.60
CA ASN C 1058 10.61 -1.43 79.82
C ASN C 1058 9.64 -0.29 79.51
N GLY C 1059 8.53 -0.64 78.87
CA GLY C 1059 7.49 0.31 78.53
C GLY C 1059 7.60 0.93 77.16
N LYS C 1060 8.72 0.77 76.49
CA LYS C 1060 8.92 1.36 75.16
C LYS C 1060 9.04 0.26 74.11
N ALA C 1061 8.80 0.66 72.86
CA ALA C 1061 8.95 -0.23 71.71
C ALA C 1061 10.08 0.27 70.84
N HIS C 1062 10.83 -0.67 70.25
CA HIS C 1062 12.00 -0.34 69.46
C HIS C 1062 11.86 -0.93 68.07
N PHE C 1063 12.11 -0.13 67.05
CA PHE C 1063 12.14 -0.56 65.66
C PHE C 1063 13.53 -0.35 65.09
N PRO C 1064 14.03 -1.27 64.27
CA PRO C 1064 15.37 -1.10 63.70
C PRO C 1064 15.43 0.06 62.74
N ARG C 1065 16.60 0.71 62.69
CA ARG C 1065 16.80 1.80 61.74
C ARG C 1065 16.75 1.30 60.31
N GLU C 1066 17.50 0.24 60.01
CA GLU C 1066 17.49 -0.35 58.67
C GLU C 1066 17.91 -1.80 58.80
N GLY C 1067 16.95 -2.71 58.62
CA GLY C 1067 17.20 -4.13 58.75
C GLY C 1067 16.01 -4.81 59.37
N VAL C 1068 16.19 -6.08 59.73
CA VAL C 1068 15.14 -6.89 60.32
C VAL C 1068 15.66 -7.52 61.60
N PHE C 1069 14.75 -7.84 62.50
CA PHE C 1069 15.06 -8.53 63.74
C PHE C 1069 15.05 -10.04 63.48
N VAL C 1070 16.16 -10.70 63.79
CA VAL C 1070 16.27 -12.15 63.59
C VAL C 1070 16.80 -12.79 64.85
N SER C 1071 16.55 -14.09 64.97
CA SER C 1071 17.02 -14.85 66.12
C SER C 1071 17.14 -16.32 65.73
N ASN C 1072 18.11 -17.00 66.34
CA ASN C 1072 18.32 -18.43 66.13
C ASN C 1072 17.75 -19.26 67.28
N GLY C 1073 16.95 -18.65 68.15
CA GLY C 1073 16.37 -19.35 69.26
C GLY C 1073 16.66 -18.73 70.61
N THR C 1074 17.86 -18.19 70.78
CA THR C 1074 18.27 -17.60 72.06
C THR C 1074 18.63 -16.14 71.94
N HIS C 1075 19.42 -15.76 70.95
CA HIS C 1075 19.92 -14.38 70.82
C HIS C 1075 19.23 -13.70 69.64
N TRP C 1076 18.88 -12.43 69.83
CA TRP C 1076 18.20 -11.63 68.82
C TRP C 1076 19.19 -10.61 68.24
N PHE C 1077 19.25 -10.56 66.92
CA PHE C 1077 20.16 -9.67 66.20
C PHE C 1077 19.37 -8.84 65.20
N VAL C 1078 20.04 -7.79 64.70
CA VAL C 1078 19.52 -6.96 63.62
C VAL C 1078 20.50 -7.06 62.46
N THR C 1079 19.97 -7.36 61.27
CA THR C 1079 20.82 -7.63 60.11
C THR C 1079 20.17 -7.07 58.85
N GLN C 1080 20.99 -6.92 57.82
CA GLN C 1080 20.50 -6.46 56.52
C GLN C 1080 19.68 -7.55 55.84
N ARG C 1081 18.97 -7.16 54.79
CA ARG C 1081 17.93 -8.01 54.21
C ARG C 1081 18.45 -8.98 53.15
N ASN C 1082 19.58 -8.69 52.50
CA ASN C 1082 20.05 -9.52 51.40
C ASN C 1082 21.43 -10.11 51.67
N PHE C 1083 21.82 -10.20 52.95
CA PHE C 1083 23.05 -10.86 53.33
C PHE C 1083 23.04 -11.05 54.84
N TYR C 1084 23.44 -12.23 55.30
CA TYR C 1084 23.43 -12.53 56.72
C TYR C 1084 24.68 -11.94 57.38
N GLU C 1085 24.46 -11.01 58.31
CA GLU C 1085 25.54 -10.37 59.05
C GLU C 1085 24.99 -9.86 60.37
N PRO C 1086 24.84 -10.72 61.38
CA PRO C 1086 24.18 -10.31 62.61
C PRO C 1086 25.02 -9.34 63.42
N GLN C 1087 24.33 -8.49 64.18
CA GLN C 1087 24.95 -7.58 65.12
C GLN C 1087 24.17 -7.61 66.41
N ILE C 1088 24.86 -7.34 67.53
CA ILE C 1088 24.19 -7.29 68.82
C ILE C 1088 23.24 -6.10 68.85
N ILE C 1089 22.05 -6.31 69.42
CA ILE C 1089 21.04 -5.27 69.43
C ILE C 1089 21.47 -4.15 70.39
N THR C 1090 21.38 -2.91 69.91
CA THR C 1090 21.89 -1.78 70.66
C THR C 1090 20.97 -0.58 70.45
N THR C 1091 20.99 0.34 71.41
CA THR C 1091 20.17 1.55 71.32
C THR C 1091 20.59 2.44 70.15
N ASP C 1092 21.79 2.24 69.60
CA ASP C 1092 22.19 2.98 68.41
C ASP C 1092 21.52 2.43 67.15
N ASN C 1093 21.29 1.12 67.09
CA ASN C 1093 20.72 0.49 65.91
C ASN C 1093 19.22 0.69 65.78
N THR C 1094 18.51 1.00 66.87
CA THR C 1094 17.07 1.03 66.87
C THR C 1094 16.54 2.46 66.81
N PHE C 1095 15.22 2.57 66.94
CA PHE C 1095 14.49 3.82 66.91
C PHE C 1095 13.25 3.67 67.77
N VAL C 1096 13.08 4.55 68.75
CA VAL C 1096 12.08 4.39 69.80
C VAL C 1096 10.87 5.25 69.46
N SER C 1097 9.67 4.66 69.56
CA SER C 1097 8.43 5.38 69.34
C SER C 1097 7.28 4.55 69.89
N GLY C 1098 6.44 5.18 70.70
CA GLY C 1098 5.24 4.53 71.20
C GLY C 1098 5.49 3.68 72.42
N ASP C 1099 4.51 2.82 72.70
CA ASP C 1099 4.52 1.92 73.85
C ASP C 1099 4.40 0.47 73.37
N CYS C 1100 4.22 -0.44 74.33
CA CYS C 1100 4.16 -1.87 74.05
C CYS C 1100 2.73 -2.39 73.98
N ASP C 1101 1.79 -1.59 73.48
CA ASP C 1101 0.38 -1.96 73.46
C ASP C 1101 -0.18 -2.16 72.05
N VAL C 1102 0.13 -1.26 71.13
CA VAL C 1102 -0.53 -1.27 69.83
C VAL C 1102 0.14 -2.24 68.85
N VAL C 1103 1.44 -2.47 68.96
CA VAL C 1103 2.14 -3.34 68.03
C VAL C 1103 1.69 -4.78 68.23
N ILE C 1104 1.35 -5.45 67.13
CA ILE C 1104 0.88 -6.83 67.16
C ILE C 1104 2.06 -7.74 66.88
N GLY C 1105 2.37 -8.63 67.81
CA GLY C 1105 3.50 -9.52 67.68
C GLY C 1105 4.78 -9.04 68.33
N ILE C 1106 4.71 -8.02 69.19
CA ILE C 1106 5.91 -7.51 69.84
C ILE C 1106 6.48 -8.61 70.75
N VAL C 1107 7.80 -8.55 70.96
CA VAL C 1107 8.54 -9.62 71.63
C VAL C 1107 9.33 -9.04 72.78
N ASN C 1108 9.27 -9.71 73.93
CA ASN C 1108 10.04 -9.32 75.10
C ASN C 1108 11.53 -9.55 74.85
N ASN C 1109 12.34 -8.54 75.14
CA ASN C 1109 13.80 -8.65 75.06
C ASN C 1109 14.40 -7.42 75.75
N THR C 1110 15.71 -7.27 75.65
CA THR C 1110 16.44 -6.18 76.31
C THR C 1110 17.30 -5.46 75.27
N VAL C 1111 17.26 -4.13 75.31
CA VAL C 1111 18.10 -3.28 74.47
C VAL C 1111 19.26 -2.78 75.32
N TYR C 1112 20.47 -2.91 74.80
CA TYR C 1112 21.69 -2.63 75.55
C TYR C 1112 22.31 -1.31 75.12
N ASP C 1113 23.16 -0.77 75.99
CA ASP C 1113 23.84 0.50 75.74
C ASP C 1113 25.28 0.42 76.26
N PRO C 1114 26.27 0.58 75.38
CA PRO C 1114 27.68 0.53 75.83
C PRO C 1114 28.17 1.79 76.50
N LEU C 1115 27.35 2.85 76.57
CA LEU C 1115 27.80 4.09 77.19
C LEU C 1115 28.01 3.93 78.68
N GLN C 1116 27.09 3.24 79.36
CA GLN C 1116 27.19 3.09 80.82
C GLN C 1116 28.44 2.33 81.26
N PRO C 1117 28.82 1.19 80.65
CA PRO C 1117 30.04 0.50 81.10
C PRO C 1117 31.29 1.37 80.98
N GLU C 1118 31.36 2.26 80.00
CA GLU C 1118 32.47 3.21 79.95
C GLU C 1118 32.29 4.34 80.96
N LEU C 1119 31.05 4.74 81.24
CA LEU C 1119 30.80 5.84 82.16
C LEU C 1119 31.20 5.47 83.58
N ASP C 1120 30.89 4.26 84.02
CA ASP C 1120 31.20 3.84 85.37
C ASP C 1120 32.59 3.23 85.51
N SER C 1121 33.38 3.21 84.43
CA SER C 1121 34.74 2.70 84.49
C SER C 1121 35.76 3.84 84.36
C1 NAG D . 19.41 34.81 68.02
C2 NAG D . 19.10 35.43 66.67
C3 NAG D . 19.21 36.94 66.78
C4 NAG D . 18.50 37.48 68.01
C5 NAG D . 18.51 36.57 69.26
C6 NAG D . 17.37 36.86 70.21
C7 NAG D . 21.29 35.03 65.59
C8 NAG D . 21.97 34.41 64.40
N2 NAG D . 19.94 34.90 65.62
O3 NAG D . 18.66 37.52 65.60
O4 NAG D . 19.11 38.73 68.40
O5 NAG D . 18.43 35.18 68.92
O6 NAG D . 16.12 36.85 69.53
O7 NAG D . 21.91 35.62 66.46
C1 NAG D . 20.56 38.76 68.34
C2 NAG D . 21.01 40.05 69.05
C3 NAG D . 22.54 40.16 69.03
C4 NAG D . 23.18 38.89 69.60
C5 NAG D . 22.67 37.68 68.84
C6 NAG D . 23.19 36.37 69.41
C7 NAG D . 19.45 41.94 69.09
C8 NAG D . 19.04 41.45 70.44
N2 NAG D . 20.40 41.22 68.48
O3 NAG D . 22.93 41.29 69.80
O4 NAG D . 24.60 38.97 69.46
O5 NAG D . 21.23 37.61 68.93
O6 NAG D . 22.12 35.50 69.77
O7 NAG D . 18.95 42.92 68.57
C1 NAG E . -12.96 -11.46 52.87
C2 NAG E . -14.02 -10.99 51.87
C3 NAG E . -15.34 -10.65 52.57
C4 NAG E . -15.79 -11.80 53.45
C5 NAG E . -14.68 -12.10 54.46
C6 NAG E . -15.02 -13.25 55.38
C7 NAG E . -14.08 -9.47 49.94
C8 NAG E . -13.45 -8.26 49.30
N2 NAG E . -13.54 -9.86 51.10
O3 NAG E . -16.34 -10.36 51.61
O4 NAG E . -17.00 -11.49 54.12
O5 NAG E . -13.50 -12.46 53.75
O6 NAG E . -13.84 -13.87 55.88
O7 NAG E . -15.03 -10.06 49.43
C1 NAG E . -18.04 -12.36 53.61
C2 NAG E . -19.00 -12.71 54.75
C3 NAG E . -20.15 -13.56 54.24
C4 NAG E . -20.85 -12.86 53.07
C5 NAG E . -19.82 -12.55 51.99
C6 NAG E . -20.40 -11.80 50.81
C7 NAG E . -18.25 -12.92 57.08
C8 NAG E . -17.49 -13.76 58.06
N2 NAG E . -18.29 -13.39 55.83
O3 NAG E . -21.07 -13.80 55.30
O4 NAG E . -21.89 -13.67 52.55
O5 NAG E . -18.78 -11.74 52.54
O6 NAG E . -19.95 -12.32 49.58
O7 NAG E . -18.81 -11.88 57.40
C1 BMA E . -23.15 -13.20 53.08
C2 BMA E . -23.78 -12.18 52.09
C3 BMA E . -25.14 -11.74 52.61
C4 BMA E . -26.03 -12.95 52.99
C5 BMA E . -25.27 -13.87 53.95
C6 BMA E . -26.06 -15.11 54.32
O2 BMA E . -23.99 -12.79 50.82
O3 BMA E . -25.81 -10.91 51.67
O4 BMA E . -27.22 -12.49 53.60
O5 BMA E . -24.05 -14.28 53.32
O6 BMA E . -25.43 -16.24 53.71
C1 NAG F . -7.93 9.94 59.53
C2 NAG F . -8.06 9.74 61.03
C3 NAG F . -8.99 8.57 61.33
C4 NAG F . -10.33 8.77 60.63
C5 NAG F . -10.11 9.02 59.14
C6 NAG F . -11.40 9.35 58.41
C7 NAG F . -6.35 10.20 62.72
C8 NAG F . -4.98 9.85 63.23
N2 NAG F . -6.76 9.52 61.64
O3 NAG F . -9.16 8.46 62.74
O4 NAG F . -11.15 7.60 60.78
O5 NAG F . -9.23 10.13 58.95
O6 NAG F . -11.68 10.74 58.47
O7 NAG F . -7.06 11.03 63.27
C1 NAG F . -12.05 7.77 61.89
C2 NAG F . -13.31 6.95 61.65
C3 NAG F . -14.24 7.04 62.86
C4 NAG F . -13.50 6.65 64.13
C5 NAG F . -12.24 7.50 64.27
C6 NAG F . -11.39 7.10 65.46
C7 NAG F . -14.71 6.57 59.68
C8 NAG F . -15.36 7.18 58.47
N2 NAG F . -14.00 7.39 60.45
O3 NAG F . -15.35 6.18 62.65
O4 NAG F . -14.33 6.83 65.27
O5 NAG F . -11.41 7.35 63.11
O6 NAG F . -10.08 6.74 65.05
O7 NAG F . -14.84 5.37 59.94
C1 BMA F . -14.73 5.52 65.73
C2 BMA F . -15.12 5.61 67.23
C3 BMA F . -15.71 4.29 67.70
C4 BMA F . -16.80 3.78 66.75
C5 BMA F . -16.26 3.72 65.32
C6 BMA F . -17.30 3.28 64.31
O2 BMA F . -16.11 6.61 67.43
O3 BMA F . -16.22 4.40 69.03
O4 BMA F . -17.23 2.49 67.15
O5 BMA F . -15.83 5.03 64.95
O6 BMA F . -18.20 4.36 64.09
C1 NAG G . -43.26 -16.56 14.18
C2 NAG G . -42.36 -16.99 15.35
C3 NAG G . -43.10 -17.98 16.24
C4 NAG G . -44.45 -17.42 16.68
C5 NAG G . -45.24 -16.94 15.46
C6 NAG G . -46.53 -16.25 15.84
C7 NAG G . -39.94 -17.36 15.47
C8 NAG G . -38.75 -18.03 14.83
N2 NAG G . -41.11 -17.56 14.86
O3 NAG G . -42.29 -18.27 17.38
O4 NAG G . -45.19 -18.44 17.33
O5 NAG G . -44.47 -16.00 14.70
O6 NAG G . -46.38 -14.83 15.80
O7 NAG G . -39.84 -16.69 16.48
C1 NAG G . -45.25 -18.15 18.74
C2 NAG G . -46.64 -18.58 19.25
C3 NAG G . -46.73 -18.38 20.76
C4 NAG G . -45.59 -19.11 21.46
C5 NAG G . -44.25 -18.64 20.88
C6 NAG G . -43.06 -19.37 21.44
C7 NAG G . -48.67 -18.45 17.88
C8 NAG G . -49.67 -17.54 17.25
N2 NAG G . -47.69 -17.86 18.57
O3 NAG G . -47.97 -18.89 21.22
O4 NAG G . -45.62 -18.84 22.85
O5 NAG G . -44.24 -18.86 19.47
O6 NAG G . -42.18 -18.48 22.13
O7 NAG G . -48.73 -19.67 17.77
C1 BMA G . -45.96 -20.08 23.52
C2 BMA G . -45.88 -19.86 25.05
C3 BMA G . -46.33 -21.13 25.77
C4 BMA G . -47.71 -21.58 25.26
C5 BMA G . -47.67 -21.76 23.73
C6 BMA G . -49.01 -22.13 23.14
O2 BMA G . -46.75 -18.81 25.45
O3 BMA G . -46.36 -20.96 27.17
O4 BMA G . -48.07 -22.80 25.87
O5 BMA G . -47.27 -20.50 23.14
O6 BMA G . -49.92 -21.06 23.39
C1 MAN G . -45.25 -21.69 27.74
C2 MAN G . -45.54 -21.94 29.23
C3 MAN G . -45.42 -20.63 30.03
C4 MAN G . -44.09 -19.93 29.73
C5 MAN G . -43.95 -19.71 28.22
C6 MAN G . -42.63 -19.06 27.83
O2 MAN G . -44.59 -22.83 29.81
O3 MAN G . -45.57 -20.85 31.42
O4 MAN G . -44.03 -18.68 30.40
O5 MAN G . -44.03 -20.97 27.54
O6 MAN G . -42.49 -17.84 28.55
C1 MAN G . -51.22 -21.40 22.87
C2 MAN G . -52.10 -20.11 22.89
C3 MAN G . -52.51 -19.77 24.33
C4 MAN G . -53.11 -21.00 25.03
C5 MAN G . -52.09 -22.15 25.00
C6 MAN G . -52.59 -23.42 25.66
O2 MAN G . -53.31 -20.30 22.17
O3 MAN G . -53.43 -18.69 24.37
O4 MAN G . -53.43 -20.69 26.38
O5 MAN G . -51.80 -22.46 23.62
O6 MAN G . -52.63 -23.20 27.06
C1 NAG H . 34.17 28.70 42.11
C2 NAG H . 35.28 29.52 41.46
C3 NAG H . 35.19 30.97 41.91
C4 NAG H . 33.81 31.53 41.63
C5 NAG H . 32.74 30.61 42.24
C6 NAG H . 31.33 31.02 41.88
C7 NAG H . 37.29 28.20 40.91
C8 NAG H . 38.62 27.72 41.40
N2 NAG H . 36.60 28.96 41.77
O3 NAG H . 36.17 31.74 41.21
O4 NAG H . 33.68 32.83 42.18
O5 NAG H . 32.90 29.26 41.77
O6 NAG H . 30.53 29.88 41.57
O7 NAG H . 36.86 27.92 39.80
C1 NAG H . 33.52 33.80 41.13
C2 NAG H . 33.35 35.18 41.77
C3 NAG H . 33.22 36.24 40.69
C4 NAG H . 34.40 36.17 39.73
C5 NAG H . 34.54 34.76 39.17
C6 NAG H . 35.77 34.59 38.31
C7 NAG H . 32.16 35.90 43.80
C8 NAG H . 30.90 35.80 44.59
N2 NAG H . 32.19 35.20 42.66
O3 NAG H . 33.16 37.53 41.31
O4 NAG H . 34.20 37.09 38.65
O5 NAG H . 34.66 33.82 40.25
O6 NAG H . 36.28 33.27 38.39
O7 NAG H . 33.12 36.57 44.17
C1 NAG I . 14.40 39.28 35.93
C2 NAG I . 15.23 39.90 34.81
C3 NAG I . 15.22 41.41 34.93
C4 NAG I . 13.79 41.94 35.03
C5 NAG I . 13.02 41.20 36.12
C6 NAG I . 11.56 41.57 36.17
C7 NAG I . 17.40 39.37 33.77
C8 NAG I . 18.77 38.81 33.98
N2 NAG I . 16.60 39.39 34.84
O3 NAG I . 15.88 42.00 33.81
O4 NAG I . 13.81 43.33 35.33
O5 NAG I . 13.08 39.78 35.87
O6 NAG I . 11.08 41.58 37.51
O7 NAG I . 17.02 39.76 32.67
C1 NAG I . 13.39 44.05 34.15
C2 NAG I . 14.42 45.14 33.86
C3 NAG I . 14.03 45.91 32.60
C4 NAG I . 13.79 44.95 31.43
C5 NAG I . 12.82 43.85 31.83
C6 NAG I . 12.68 42.77 30.78
C7 NAG I . 15.66 46.73 35.25
C8 NAG I . 15.62 47.63 36.45
N2 NAG I . 14.55 46.05 34.98
O3 NAG I . 15.05 46.84 32.27
O4 NAG I . 13.25 45.66 30.33
O5 NAG I . 13.28 43.19 33.02
O6 NAG I . 13.60 41.72 30.97
O7 NAG I . 16.67 46.64 34.54
C1 BMA I . 14.19 45.68 29.24
C2 BMA I . 13.36 45.62 27.94
C3 BMA I . 14.24 45.86 26.72
C4 BMA I . 15.14 47.09 26.91
C5 BMA I . 15.93 46.96 28.23
C6 BMA I . 16.78 48.19 28.52
O2 BMA I . 12.36 46.64 27.93
O3 BMA I . 13.45 46.01 25.55
O4 BMA I . 16.05 47.21 25.83
O5 BMA I . 15.00 46.84 29.31
O6 BMA I . 15.90 49.23 28.92
C1 MAN I . 13.68 44.91 24.66
C2 MAN I . 13.07 45.27 23.28
C3 MAN I . 11.54 45.22 23.35
C4 MAN I . 11.07 43.88 23.91
C5 MAN I . 11.68 43.65 25.30
C6 MAN I . 11.31 42.31 25.89
O2 MAN I . 13.43 44.32 22.27
O3 MAN I . 10.95 45.48 22.09
O4 MAN I . 9.65 43.88 24.02
O5 MAN I . 13.13 43.70 25.18
O6 MAN I . 9.98 42.00 25.52
C1 MAN I . 16.65 50.42 29.22
C2 MAN I . 15.73 51.38 30.01
C3 MAN I . 14.64 51.92 29.08
C4 MAN I . 15.25 52.52 27.81
C5 MAN I . 16.12 51.46 27.11
C6 MAN I . 16.82 51.99 25.88
O2 MAN I . 16.43 52.52 30.48
O3 MAN I . 13.82 52.89 29.73
O4 MAN I . 14.22 52.95 26.92
O5 MAN I . 17.13 51.01 28.03
O6 MAN I . 15.86 52.69 25.08
C1 NAG J . 38.01 0.10 -10.85
C2 NAG J . 39.21 -0.35 -10.02
C3 NAG J . 40.36 -0.74 -10.93
C4 NAG J . 39.90 -1.82 -11.91
C5 NAG J . 38.69 -1.32 -12.68
C6 NAG J . 38.11 -2.36 -13.61
C7 NAG J . 39.99 0.42 -7.82
C8 NAG J . 40.39 1.59 -6.99
N2 NAG J . 39.63 0.68 -9.08
O3 NAG J . 41.45 -1.21 -10.14
O4 NAG J . 40.96 -2.16 -12.80
O5 NAG J . 37.64 -0.94 -11.78
O6 NAG J . 39.01 -2.66 -14.68
O7 NAG J . 39.98 -0.73 -7.37
C1 NAG J . 41.55 -3.42 -12.40
C2 NAG J . 43.07 -3.26 -12.34
C3 NAG J . 43.72 -4.56 -11.86
C4 NAG J . 43.11 -5.02 -10.55
C5 NAG J . 41.59 -5.13 -10.67
C6 NAG J . 40.91 -5.46 -9.38
C7 NAG J . 44.73 -2.18 -13.78
C8 NAG J . 45.14 -1.86 -15.18
N2 NAG J . 43.60 -2.87 -13.63
O3 NAG J . 45.12 -4.36 -11.70
O4 NAG J . 43.64 -6.28 -10.17
O5 NAG J . 41.05 -3.86 -11.12
O6 NAG J . 39.66 -4.80 -9.25
O7 NAG J . 45.41 -1.84 -12.81
C1 NAG K . 46.18 15.46 39.02
C2 NAG K . 45.64 16.37 37.92
C3 NAG K . 46.00 15.81 36.55
C4 NAG K . 47.50 15.60 36.45
C5 NAG K . 47.98 14.70 37.58
C6 NAG K . 49.47 14.51 37.60
C7 NAG K . 43.58 17.68 37.75
C8 NAG K . 42.09 17.69 37.93
N2 NAG K . 44.20 16.54 38.06
O3 NAG K . 45.56 16.72 35.55
O4 NAG K . 47.83 15.03 35.19
O5 NAG K . 47.61 15.28 38.84
O6 NAG K . 49.83 13.18 37.25
O7 NAG K . 44.19 18.67 37.33
C1 NAG K . 48.51 16.02 34.39
C2 NAG K . 48.30 15.70 32.91
C3 NAG K . 48.94 16.78 32.04
C4 NAG K . 48.45 18.16 32.44
C5 NAG K . 48.66 18.38 33.94
C6 NAG K . 48.08 19.69 34.42
C7 NAG K . 48.48 13.71 31.49
C8 NAG K . 49.14 12.37 31.33
N2 NAG K . 48.84 14.39 32.59
O3 NAG K . 48.65 16.54 30.68
O4 NAG K . 49.15 19.16 31.72
O5 NAG K . 48.01 17.34 34.68
O6 NAG K . 47.32 19.50 35.61
O7 NAG K . 47.68 14.14 30.68
C1 NAG L . 51.00 -0.01 60.63
C2 NAG L . 51.80 -0.18 61.92
C3 NAG L . 52.63 -1.46 61.85
C4 NAG L . 51.73 -2.66 61.54
C5 NAG L . 50.89 -2.38 60.29
C6 NAG L . 49.88 -3.46 60.01
C7 NAG L . 52.39 1.89 63.09
C8 NAG L . 53.37 3.02 63.20
N2 NAG L . 52.65 0.97 62.15
O3 NAG L . 53.29 -1.66 63.09
O4 NAG L . 52.53 -3.80 61.31
O5 NAG L . 50.16 -1.15 60.43
O6 NAG L . 48.62 -3.16 60.58
O7 NAG L . 51.40 1.82 63.80
C1 NAG L . 52.42 -4.72 62.43
C2 NAG L . 53.48 -5.81 62.26
C3 NAG L . 53.43 -6.78 63.44
C4 NAG L . 53.54 -6.02 64.75
C5 NAG L . 52.49 -4.93 64.82
C6 NAG L . 52.62 -4.05 66.05
C7 NAG L . 53.91 -6.14 59.87
C8 NAG L . 53.62 -6.99 58.67
N2 NAG L . 53.31 -6.51 61.00
O3 NAG L . 54.49 -7.72 63.32
O4 NAG L . 53.37 -6.91 65.85
O5 NAG L . 52.60 -4.05 63.69
O6 NAG L . 52.27 -2.70 65.77
O7 NAG L . 54.64 -5.16 59.81
C1 NAG M . 5.62 45.66 -10.52
C2 NAG M . 6.09 46.96 -11.16
C3 NAG M . 6.26 48.05 -10.11
C4 NAG M . 4.97 48.22 -9.32
C5 NAG M . 4.53 46.88 -8.73
C6 NAG M . 3.20 46.94 -8.02
C7 NAG M . 7.45 46.97 -13.20
C8 NAG M . 8.81 46.72 -13.80
N2 NAG M . 7.34 46.77 -11.89
O3 NAG M . 6.59 49.28 -10.74
O4 NAG M . 5.16 49.15 -8.26
O5 NAG M . 4.40 45.90 -9.77
O6 NAG M . 3.15 46.04 -6.92
O7 NAG M . 6.51 47.36 -13.89
C1 NAG M . 4.40 50.35 -8.52
C2 NAG M . 5.10 51.54 -7.88
C3 NAG M . 4.33 52.82 -8.15
C4 NAG M . 4.09 53.00 -9.63
C5 NAG M . 3.44 51.75 -10.23
C6 NAG M . 3.29 51.80 -11.72
C7 NAG M . 6.47 51.37 -5.85
C8 NAG M . 6.48 51.14 -4.36
N2 NAG M . 5.28 51.33 -6.45
O3 NAG M . 5.07 53.93 -7.63
O4 NAG M . 3.23 54.11 -9.85
O5 NAG M . 4.23 50.59 -9.93
O6 NAG M . 4.33 51.07 -12.37
O7 NAG M . 7.51 51.58 -6.47
C1 BMA M . 3.96 55.23 -10.38
C2 BMA M . 2.94 56.24 -10.98
C3 BMA M . 3.63 57.54 -11.35
C4 BMA M . 4.52 58.07 -10.21
C5 BMA M . 5.51 56.98 -9.80
C6 BMA M . 6.43 57.41 -8.66
O2 BMA M . 1.94 56.56 -10.02
O3 BMA M . 2.69 58.54 -11.73
O4 BMA M . 5.22 59.21 -10.63
O5 BMA M . 4.76 55.84 -9.36
O6 BMA M . 6.95 58.69 -8.98
C1 NAG N . 29.83 -19.05 49.39
C2 NAG N . 30.84 -18.65 50.45
C3 NAG N . 32.26 -18.90 49.95
C4 NAG N . 32.41 -20.35 49.48
C5 NAG N . 31.32 -20.68 48.46
C6 NAG N . 31.33 -22.12 48.03
C7 NAG N . 30.98 -16.80 52.05
C8 NAG N . 30.73 -15.33 52.27
N2 NAG N . 30.67 -17.26 50.84
O3 NAG N . 33.18 -18.62 50.99
O4 NAG N . 33.68 -20.54 48.87
O5 NAG N . 30.03 -20.42 49.02
O6 NAG N . 31.50 -22.25 46.63
O7 NAG N . 31.43 -17.52 52.93
C1 NAG N . 34.58 -21.12 49.84
C2 NAG N . 35.61 -22.00 49.11
C3 NAG N . 36.62 -22.57 50.11
C4 NAG N . 37.24 -21.44 50.92
C5 NAG N . 36.17 -20.58 51.57
C6 NAG N . 36.72 -19.37 52.28
C7 NAG N . 34.89 -23.13 47.06
C8 NAG N . 34.16 -24.32 46.48
N2 NAG N . 34.95 -23.07 48.39
O3 NAG N . 37.62 -23.29 49.40
O4 NAG N . 38.08 -21.98 51.93
O5 NAG N . 35.27 -20.09 50.56
O6 NAG N . 36.14 -18.17 51.80
O7 NAG N . 35.40 -22.28 46.34
C1 NAG O . 43.36 -13.39 32.73
C2 NAG O . 43.20 -14.20 31.45
C3 NAG O . 44.47 -15.00 31.18
C4 NAG O . 45.69 -14.07 31.17
C5 NAG O . 45.72 -13.19 32.42
C6 NAG O . 46.79 -12.13 32.37
C7 NAG O . 40.87 -14.79 31.00
C8 NAG O . 39.79 -15.81 31.19
N2 NAG O . 42.05 -15.09 31.54
O3 NAG O . 44.35 -15.67 29.93
O4 NAG O . 46.88 -14.85 31.16
O5 NAG O . 44.47 -12.51 32.59
O6 NAG O . 46.78 -11.32 33.54
O7 NAG O . 40.66 -13.73 30.41
C1 NAG O . 47.39 -15.10 29.84
C2 NAG O . 47.78 -16.58 29.77
C3 NAG O . 48.28 -16.94 28.38
C4 NAG O . 47.27 -16.52 27.31
C5 NAG O . 46.92 -15.04 27.48
C6 NAG O . 45.83 -14.58 26.54
C7 NAG O . 48.48 -17.19 32.04
C8 NAG O . 49.64 -17.51 32.93
N2 NAG O . 48.78 -16.90 30.77
O3 NAG O . 48.51 -18.34 28.30
O4 NAG O . 47.84 -16.71 26.03
O5 NAG O . 46.43 -14.80 28.81
O6 NAG O . 44.56 -15.06 26.94
O7 NAG O . 47.32 -17.20 32.45
C1 BMA O . 47.10 -17.69 25.28
C2 BMA O . 47.45 -17.47 23.81
C3 BMA O . 46.85 -18.56 22.94
C4 BMA O . 47.21 -19.95 23.48
C5 BMA O . 46.79 -20.06 24.96
C6 BMA O . 47.22 -21.37 25.59
O2 BMA O . 48.86 -17.52 23.60
O3 BMA O . 47.26 -18.43 21.58
O4 BMA O . 46.56 -20.96 22.72
O5 BMA O . 47.45 -19.01 25.69
O6 BMA O . 48.58 -21.23 25.97
C1 MAN O . 46.21 -17.81 20.80
C2 MAN O . 46.56 -17.99 19.29
C3 MAN O . 47.68 -17.03 18.88
C4 MAN O . 47.35 -15.59 19.29
C5 MAN O . 47.14 -15.55 20.81
C6 MAN O . 46.80 -14.17 21.33
O2 MAN O . 45.45 -17.67 18.45
O3 MAN O . 47.93 -17.08 17.47
O4 MAN O . 48.41 -14.73 18.94
O5 MAN O . 46.04 -16.44 21.15
O6 MAN O . 46.99 -14.17 22.74
C1 MAN O . 49.15 -22.51 26.32
C2 MAN O . 50.53 -22.23 26.97
C3 MAN O . 51.50 -21.71 25.91
C4 MAN O . 51.56 -22.67 24.72
C5 MAN O . 50.15 -22.85 24.13
C6 MAN O . 50.10 -23.85 22.99
O2 MAN O . 51.11 -23.42 27.49
O3 MAN O . 52.80 -21.51 26.45
O4 MAN O . 52.41 -22.15 23.72
O5 MAN O . 49.26 -23.34 25.17
O6 MAN O . 49.96 -23.13 21.77
C1 NAG P . -16.89 -30.62 15.67
C2 NAG P . -17.64 -30.80 14.35
C3 NAG P . -19.12 -31.06 14.61
C4 NAG P . -19.33 -32.17 15.64
C5 NAG P . -18.44 -31.93 16.86
C6 NAG P . -18.48 -33.05 17.88
C7 NAG P . -17.73 -29.60 12.20
C8 NAG P . -17.50 -28.30 11.49
N2 NAG P . -17.47 -29.61 13.51
O3 NAG P . -19.76 -31.40 13.39
O4 NAG P . -20.70 -32.15 16.05
O5 NAG P . -17.07 -31.78 16.47
O6 NAG P . -18.75 -34.30 17.27
O7 NAG P . -18.13 -30.60 11.60
C1 NAG P . -21.47 -33.38 15.89
C2 NAG P . -21.52 -33.82 14.41
C3 NAG P . -22.29 -35.14 14.29
C4 NAG P . -21.73 -36.19 15.24
C5 NAG P . -21.70 -35.65 16.66
C6 NAG P . -21.08 -36.60 17.65
C7 NAG P . -22.08 -32.78 12.26
C8 NAG P . -22.78 -31.64 11.57
N2 NAG P . -22.14 -32.79 13.58
O3 NAG P . -22.22 -35.61 12.95
O4 NAG P . -22.54 -37.36 15.20
O5 NAG P . -20.91 -34.44 16.70
O6 NAG P . -21.89 -36.75 18.80
O7 NAG P . -21.47 -33.64 11.62
C1 NAG Q . 7.55 -9.35 79.42
C2 NAG Q . 7.88 -7.96 79.93
C3 NAG Q . 7.05 -7.66 81.17
C4 NAG Q . 5.57 -7.90 80.91
C5 NAG Q . 5.33 -9.26 80.25
C6 NAG Q . 3.91 -9.44 79.77
C7 NAG Q . 10.11 -7.06 79.46
C8 NAG Q . 11.55 -7.02 79.89
N2 NAG Q . 9.29 -7.82 80.20
O3 NAG Q . 7.27 -6.31 81.56
O4 NAG Q . 4.86 -7.91 82.14
O5 NAG Q . 6.18 -9.43 79.10
O6 NAG Q . 3.35 -10.66 80.25
O7 NAG Q . 9.70 -6.43 78.48
C1 NAG Q . 4.23 -6.64 82.42
C2 NAG Q . 3.35 -6.82 83.65
C3 NAG Q . 2.69 -5.49 84.04
C4 NAG Q . 3.74 -4.40 84.18
C5 NAG Q . 4.59 -4.31 82.92
C6 NAG Q . 5.73 -3.32 83.04
C7 NAG Q . 2.49 -9.10 83.85
C8 NAG Q . 1.35 -10.03 83.56
N2 NAG Q . 2.35 -7.84 83.45
O3 NAG Q . 1.98 -5.65 85.26
O4 NAG Q . 3.11 -3.14 84.41
O5 NAG Q . 5.18 -5.59 82.64
O6 NAG Q . 6.88 -3.78 82.33
O7 NAG Q . 3.50 -9.48 84.45
C1 NAG R . 22.38 -51.94 -42.74
C2 NAG R . 22.04 -50.60 -43.41
C3 NAG R . 22.82 -50.47 -44.72
C4 NAG R . 24.31 -50.66 -44.47
C5 NAG R . 24.56 -51.99 -43.75
C6 NAG R . 26.01 -52.19 -43.37
C7 NAG R . 19.82 -49.66 -42.97
C8 NAG R . 18.36 -49.68 -43.36
N2 NAG R . 20.61 -50.49 -43.65
O3 NAG R . 22.57 -49.18 -45.28
O4 NAG R . 25.00 -50.66 -45.71
O5 NAG R . 23.80 -52.03 -42.53
O6 NAG R . 26.21 -51.95 -41.98
O7 NAG R . 20.24 -48.93 -42.08
C1 NAG R . 25.82 -49.47 -45.80
C2 NAG R . 26.39 -49.36 -47.20
C3 NAG R . 27.23 -48.10 -47.34
C4 NAG R . 26.43 -46.88 -46.92
C5 NAG R . 25.84 -47.09 -45.53
C6 NAG R . 24.91 -45.97 -45.10
C7 NAG R . 26.82 -51.43 -48.47
C8 NAG R . 27.76 -52.58 -48.68
N2 NAG R . 27.19 -50.54 -47.54
O3 NAG R . 27.67 -47.96 -48.69
O4 NAG R . 27.26 -45.72 -46.91
O5 NAG R . 25.07 -48.29 -45.49
O6 NAG R . 23.56 -46.41 -45.03
O7 NAG R . 25.78 -51.30 -49.11
C1 NAG S . -48.65 19.47 1.97
C2 NAG S . -47.21 19.78 2.37
C3 NAG S . -47.17 20.99 3.29
C4 NAG S . -47.88 22.17 2.63
C5 NAG S . -49.29 21.77 2.22
C6 NAG S . -50.01 22.86 1.46
C7 NAG S . -45.29 18.39 3.00
C8 NAG S . -44.83 17.17 3.72
N2 NAG S . -46.60 18.62 3.03
O3 NAG S . -45.81 21.34 3.56
O4 NAG S . -47.94 23.27 3.53
O5 NAG S . -49.24 20.62 1.36
O6 NAG S . -51.09 22.33 0.69
O7 NAG S . -44.50 19.13 2.41
C1 NAG T . -67.30 -11.39 -10.75
C2 NAG T . -68.68 -12.05 -10.83
C3 NAG T . -68.59 -13.37 -11.60
C4 NAG T . -67.98 -13.13 -12.97
C5 NAG T . -66.63 -12.42 -12.83
C6 NAG T . -66.03 -12.03 -14.17
C7 NAG T . -70.26 -11.60 -9.01
C8 NAG T . -70.87 -10.57 -9.93
N2 NAG T . -69.22 -12.28 -9.50
O3 NAG T . -69.90 -13.91 -11.74
O4 NAG T . -67.78 -14.37 -13.64
O5 NAG T . -66.79 -11.21 -12.08
O6 NAG T . -67.03 -11.71 -15.11
O7 NAG T . -70.71 -11.80 -7.89
C1 NAG U . -17.85 35.34 6.55
C2 NAG U . -16.84 34.22 6.25
C3 NAG U . -15.47 34.81 5.91
C4 NAG U . -15.59 35.89 4.83
C5 NAG U . -16.65 36.92 5.22
C6 NAG U . -16.89 37.96 4.16
C7 NAG U . -16.24 32.05 7.22
C8 NAG U . -16.21 31.22 8.48
N2 NAG U . -16.74 33.29 7.35
O3 NAG U . -14.58 33.79 5.47
O4 NAG U . -14.34 36.53 4.65
O5 NAG U . -17.89 36.26 5.46
O6 NAG U . -17.63 39.05 4.68
O7 NAG U . -15.84 31.61 6.15
C1 NAG V . 6.84 37.67 54.12
C2 NAG V . 7.99 38.57 54.60
C3 NAG V . 7.44 39.79 55.33
C4 NAG V . 6.42 40.51 54.47
C5 NAG V . 5.33 39.54 54.02
C6 NAG V . 4.33 40.17 53.08
C7 NAG V . 10.20 38.16 55.59
C8 NAG V . 11.00 37.29 56.52
N2 NAG V . 8.91 37.83 55.45
O3 NAG V . 8.51 40.67 55.65
O4 NAG V . 5.83 41.58 55.21
O5 NAG V . 5.93 38.43 53.34
O6 NAG V . 4.15 39.37 51.92
O7 NAG V . 10.70 39.11 55.01
C1 NAG W . 2.25 22.17 69.21
C2 NAG W . 2.01 20.94 70.09
C3 NAG W . 1.75 19.72 69.21
C4 NAG W . 0.62 20.00 68.23
C5 NAG W . 0.91 21.28 67.44
C6 NAG W . -0.23 21.69 66.55
C7 NAG W . 3.13 21.06 72.27
C8 NAG W . 4.37 20.72 73.05
N2 NAG W . 3.13 20.70 70.98
O3 NAG W . 1.42 18.60 70.03
O4 NAG W . 0.49 18.91 67.32
O5 NAG W . 1.13 22.37 68.35
O6 NAG W . -0.46 23.09 66.60
O7 NAG W . 2.16 21.61 72.79
C1 NAG X . -53.78 -6.30 -32.93
C2 NAG X . -54.06 -5.59 -34.26
C3 NAG X . -52.88 -5.77 -35.21
C4 NAG X . -51.59 -5.32 -34.55
C5 NAG X . -51.41 -6.05 -33.21
C6 NAG X . -50.20 -5.56 -32.44
C7 NAG X . -56.49 -5.56 -34.61
C8 NAG X . -57.65 -6.18 -35.33
N2 NAG X . -55.29 -6.08 -34.87
O3 NAG X . -53.10 -5.00 -36.40
O4 NAG X . -50.48 -5.61 -35.39
O5 NAG X . -52.55 -5.83 -32.37
O6 NAG X . -49.24 -6.59 -32.28
O7 NAG X . -56.64 -4.62 -33.83
C1 NAG Y . -27.03 27.47 -51.94
C2 NAG Y . -27.18 27.06 -53.40
C3 NAG Y . -28.64 26.75 -53.71
C4 NAG Y . -29.18 25.71 -52.73
C5 NAG Y . -28.93 26.17 -51.28
C6 NAG Y . -29.33 25.13 -50.26
C7 NAG Y . -25.59 27.95 -55.05
C8 NAG Y . -24.88 26.64 -54.95
N2 NAG Y . -26.69 28.10 -54.29
O3 NAG Y . -28.75 26.25 -55.04
O4 NAG Y . -30.58 25.54 -52.92
O5 NAG Y . -27.53 26.43 -51.09
O6 NAG Y . -28.18 24.53 -49.67
O7 NAG Y . -25.19 28.85 -55.79
C1 NAG Z . -3.72 27.70 56.91
C2 NAG Z . -4.88 26.70 56.76
C3 NAG Z . -6.21 27.45 56.79
C4 NAG Z . -6.31 28.33 58.04
C5 NAG Z . -5.09 29.24 58.14
C6 NAG Z . -5.05 30.05 59.41
C7 NAG Z . -5.28 24.72 55.38
C8 NAG Z . -5.04 24.06 54.05
N2 NAG Z . -4.74 25.93 55.54
O3 NAG Z . -7.28 26.51 56.78
O4 NAG Z . -7.48 29.12 57.98
O5 NAG Z . -3.89 28.45 58.11
O6 NAG Z . -4.57 31.36 59.19
O7 NAG Z . -5.93 24.18 56.27
C1 NAG AA . 7.72 20.29 -47.22
C2 NAG AA . 6.60 19.25 -47.28
C3 NAG AA . 7.03 17.97 -46.58
C4 NAG AA . 8.36 17.47 -47.15
C5 NAG AA . 9.41 18.58 -47.08
C6 NAG AA . 10.71 18.20 -47.73
C7 NAG AA . 4.42 20.39 -47.41
C8 NAG AA . 3.23 20.87 -46.64
N2 NAG AA . 5.38 19.77 -46.70
O3 NAG AA . 6.02 16.97 -46.77
O4 NAG AA . 8.82 16.35 -46.41
O5 NAG AA . 8.92 19.74 -47.78
O6 NAG AA . 11.67 17.79 -46.76
O7 NAG AA . 4.52 20.56 -48.61
C1 NAG BA . 6.76 50.20 -49.34
C2 NAG BA . 7.29 49.28 -50.44
C3 NAG BA . 6.13 48.59 -51.17
C4 NAG BA . 5.22 47.89 -50.18
C5 NAG BA . 4.76 48.86 -49.10
C6 NAG BA . 3.93 48.20 -48.02
C7 NAG BA . 7.72 51.03 -52.14
C8 NAG BA . 8.76 51.64 -53.04
N2 NAG BA . 8.14 50.00 -51.38
O3 NAG BA . 6.65 47.65 -52.11
O4 NAG BA . 4.09 47.36 -50.85
O5 NAG BA . 5.90 49.44 -48.45
O6 NAG BA . 2.58 48.63 -48.08
O7 NAG BA . 6.57 51.46 -52.10
C1 NAG CA . 50.07 13.35 2.51
C2 NAG CA . 51.18 13.76 3.48
C3 NAG CA . 52.38 14.29 2.69
C4 NAG CA . 52.83 13.29 1.65
C5 NAG CA . 51.65 12.89 0.76
C6 NAG CA . 52.00 11.80 -0.23
C7 NAG CA . 51.08 14.76 5.71
C8 NAG CA . 50.50 15.86 6.54
N2 NAG CA . 50.71 14.75 4.43
O3 NAG CA . 53.45 14.56 3.60
O4 NAG CA . 53.87 13.84 0.85
O5 NAG CA . 50.58 12.39 1.56
O6 NAG CA . 51.43 10.55 0.16
O7 NAG CA . 51.86 13.94 6.17
C1 NAG DA . 28.46 -21.60 -60.60
C2 NAG DA . 29.75 -21.87 -59.82
C3 NAG DA . 30.78 -20.78 -60.09
C4 NAG DA . 31.00 -20.63 -61.58
C5 NAG DA . 29.67 -20.42 -62.30
C6 NAG DA . 29.81 -20.40 -63.82
C7 NAG DA . 29.22 -23.13 -57.78
C8 NAG DA . 28.96 -23.05 -56.30
N2 NAG DA . 29.47 -21.97 -58.39
O3 NAG DA . 32.00 -21.10 -59.44
O4 NAG DA . 31.86 -19.52 -61.84
O5 NAG DA . 28.77 -21.49 -61.99
O6 NAG DA . 28.80 -19.60 -64.41
O7 NAG DA . 29.18 -24.20 -58.38
C1 NAG EA . 49.33 0.96 44.35
C2 NAG EA . 49.05 0.19 45.64
C3 NAG EA . 50.31 0.12 46.49
C4 NAG EA . 51.47 -0.46 45.68
C5 NAG EA . 51.65 0.34 44.39
C6 NAG EA . 52.71 -0.24 43.48
C7 NAG EA . 46.82 0.18 46.66
C8 NAG EA . 45.81 0.97 47.45
N2 NAG EA . 47.97 0.81 46.39
O3 NAG EA . 50.06 -0.71 47.63
O4 NAG EA . 52.68 -0.40 46.44
O5 NAG EA . 50.42 0.35 43.65
O6 NAG EA . 53.93 0.48 43.57
O7 NAG EA . 46.60 -0.97 46.29
C1 NAG FA . 21.49 34.57 0.87
C2 NAG FA . 20.77 34.93 2.16
C3 NAG FA . 19.31 35.27 1.88
C4 NAG FA . 19.22 36.37 0.81
C5 NAG FA . 20.01 35.96 -0.43
C6 NAG FA . 20.07 37.04 -1.47
C7 NAG FA . 21.51 33.95 4.28
C8 NAG FA . 21.49 32.72 5.15
N2 NAG FA . 20.85 33.84 3.12
O3 NAG FA . 18.69 35.73 3.08
O4 NAG FA . 17.87 36.59 0.45
O5 NAG FA . 21.37 35.65 -0.08
O6 NAG FA . 19.62 36.56 -2.74
O7 NAG FA . 22.09 34.97 4.62
C1 NAG GA . 31.72 27.85 -30.18
C2 NAG GA . 30.66 26.79 -30.50
C3 NAG GA . 31.32 25.53 -31.06
C4 NAG GA . 32.23 25.88 -32.23
C5 NAG GA . 33.23 26.96 -31.82
C6 NAG GA . 34.10 27.42 -32.96
C7 NAG GA . 28.55 26.59 -29.26
C8 NAG GA . 27.91 26.21 -27.96
N2 NAG GA . 29.89 26.48 -29.32
O3 NAG GA . 30.32 24.62 -31.48
O4 NAG GA . 32.93 24.72 -32.66
O5 NAG GA . 32.52 28.10 -31.34
O6 NAG GA . 35.15 28.26 -32.50
O7 NAG GA . 27.89 26.99 -30.21
C1 NAG HA . 13.44 -23.88 58.25
C2 NAG HA . 13.09 -25.34 58.54
C3 NAG HA . 11.81 -25.73 57.80
C4 NAG HA . 10.69 -24.75 58.13
C5 NAG HA . 11.15 -23.31 57.88
C6 NAG HA . 10.12 -22.28 58.31
C7 NAG HA . 15.11 -26.63 59.06
C8 NAG HA . 16.17 -27.55 58.52
N2 NAG HA . 14.19 -26.22 58.19
O3 NAG HA . 11.43 -27.05 58.17
O4 NAG HA . 9.56 -25.03 57.32
O5 NAG HA . 12.35 -23.04 58.63
O6 NAG HA . 10.36 -21.03 57.69
O7 NAG HA . 15.09 -26.28 60.23
C1 NAG IA . 22.64 -18.12 68.35
C2 NAG IA . 23.24 -19.17 69.27
C3 NAG IA . 24.12 -18.51 70.31
C4 NAG IA . 25.17 -17.64 69.64
C5 NAG IA . 24.52 -16.66 68.66
C6 NAG IA . 25.54 -15.89 67.85
C7 NAG IA . 22.09 -21.29 69.74
C8 NAG IA . 20.97 -21.96 70.46
N2 NAG IA . 22.19 -19.97 69.90
O3 NAG IA . 24.75 -19.52 71.11
O4 NAG IA . 25.90 -16.91 70.62
O5 NAG IA . 23.69 -17.37 67.73
O6 NAG IA . 26.15 -16.72 66.86
O7 NAG IA . 22.88 -21.92 69.03
C1 NAG JA . 1.50 -16.29 63.55
C2 NAG JA . 1.57 -14.98 64.35
C3 NAG JA . 1.22 -15.23 65.81
C4 NAG JA . -0.11 -15.95 65.92
C5 NAG JA . -0.10 -17.22 65.07
C6 NAG JA . -1.43 -17.93 65.04
C7 NAG JA . 3.12 -13.08 64.47
C8 NAG JA . 4.54 -12.62 64.31
N2 NAG JA . 2.89 -14.36 64.22
O3 NAG JA . 1.16 -13.99 66.51
O4 NAG JA . -0.35 -16.31 67.28
O5 NAG JA . 0.21 -16.88 63.71
O6 NAG JA . -1.59 -18.68 63.85
O7 NAG JA . 2.23 -12.31 64.81
C1 NAG KA . -3.23 -41.97 30.69
C2 NAG KA . -3.19 -42.30 32.19
C3 NAG KA . -3.34 -43.80 32.41
C4 NAG KA . -4.59 -44.31 31.72
C5 NAG KA . -4.59 -43.92 30.25
C6 NAG KA . -5.86 -44.30 29.53
C7 NAG KA . -1.93 -41.08 33.90
C8 NAG KA . -0.57 -40.66 34.40
N2 NAG KA . -1.95 -41.82 32.79
O3 NAG KA . -3.40 -44.08 33.80
O4 NAG KA . -4.66 -45.73 31.83
O5 NAG KA . -4.45 -42.49 30.13
O6 NAG KA . -6.90 -43.35 29.78
O7 NAG KA . -2.96 -40.75 34.49
C1 NAG LA . 22.18 -32.12 10.12
C2 NAG LA . 23.43 -31.56 10.80
C3 NAG LA . 23.95 -30.35 10.05
C4 NAG LA . 24.16 -30.67 8.57
C5 NAG LA . 22.87 -31.25 7.99
C6 NAG LA . 23.04 -31.71 6.55
C7 NAG LA . 23.16 -32.13 13.18
C8 NAG LA . 22.86 -31.60 14.55
N2 NAG LA . 23.16 -31.23 12.19
O3 NAG LA . 25.18 -29.92 10.63
O4 NAG LA . 24.51 -29.49 7.86
O5 NAG LA . 22.47 -32.41 8.74
O6 NAG LA . 22.22 -32.83 6.27
O7 NAG LA . 23.40 -33.31 12.98
C1 NAG MA . -51.37 -37.25 -29.85
C2 NAG MA . -50.95 -38.62 -29.32
C3 NAG MA . -51.96 -39.12 -28.29
C4 NAG MA . -52.14 -38.08 -27.19
C5 NAG MA . -52.50 -36.73 -27.80
C6 NAG MA . -52.56 -35.61 -26.77
C7 NAG MA . -49.67 -39.82 -31.04
C8 NAG MA . -49.71 -40.84 -32.14
N2 NAG MA . -50.82 -39.58 -30.41
O3 NAG MA . -51.50 -40.34 -27.73
O4 NAG MA . -53.18 -38.48 -26.31
O5 NAG MA . -51.50 -36.34 -28.76
O6 NAG MA . -53.80 -35.65 -26.06
O7 NAG MA . -48.63 -39.23 -30.74
C1 NAG NA . 33.96 -31.72 -11.11
C2 NAG NA . 34.86 -32.66 -11.90
C3 NAG NA . 36.06 -33.08 -11.05
C4 NAG NA . 36.79 -31.85 -10.52
C5 NAG NA . 35.81 -30.95 -9.78
C6 NAG NA . 36.43 -29.65 -9.30
C7 NAG NA . 33.51 -33.88 -13.55
C8 NAG NA . 32.81 -35.17 -13.86
N2 NAG NA . 34.12 -33.83 -12.36
O3 NAG NA . 36.95 -33.87 -11.85
O4 NAG NA . 37.82 -32.26 -9.61
O5 NAG NA . 34.72 -30.59 -10.66
O6 NAG NA . 35.75 -29.14 -8.16
O7 NAG NA . 33.54 -32.94 -14.34
C1 NAG OA . 3.49 -38.20 -52.27
C2 NAG OA . 4.33 -37.31 -53.17
C3 NAG OA . 3.48 -36.80 -54.34
C4 NAG OA . 2.83 -37.96 -55.07
C5 NAG OA . 2.06 -38.85 -54.08
C6 NAG OA . 1.49 -40.09 -54.73
C7 NAG OA . 6.09 -36.25 -51.85
C8 NAG OA . 6.53 -35.01 -51.12
N2 NAG OA . 4.89 -36.20 -52.43
O3 NAG OA . 4.31 -36.06 -55.24
O4 NAG OA . 1.93 -37.48 -56.06
O5 NAG OA . 2.93 -39.28 -53.03
O6 NAG OA . 1.73 -41.24 -53.92
O7 NAG OA . 6.81 -37.25 -51.90
C1 NAG PA . -0.42 -34.04 -34.45
C2 NAG PA . -1.67 -33.82 -33.61
C3 NAG PA . -2.10 -32.36 -33.67
C4 NAG PA . -0.95 -31.44 -33.29
C5 NAG PA . 0.28 -31.76 -34.14
C6 NAG PA . 1.50 -30.98 -33.71
C7 NAG PA . -2.96 -35.91 -33.52
C8 NAG PA . -4.11 -36.67 -34.08
N2 NAG PA . -2.75 -34.69 -34.03
O3 NAG PA . -3.20 -32.15 -32.79
O4 NAG PA . -1.32 -30.08 -33.49
O5 NAG PA . 0.62 -33.15 -34.01
O6 NAG PA . 2.70 -31.72 -33.95
O7 NAG PA . -2.25 -36.36 -32.62
#